data_6VOA
#
_entry.id   6VOA
#
loop_
_entity.id
_entity.type
_entity.pdbx_description
1 polymer 'Bardet-Biedl syndrome 18 protein'
2 polymer 'Bardet-Biedl syndrome 2 protein homolog'
3 polymer 'Bardet-Biedl syndrome 4 protein homolog'
4 polymer 'Bardet-Biedl syndrome 5 protein homolog'
5 polymer 'Bardet-Biedl syndrome 7 protein homolog'
6 polymer 'Tetratricopeptide repeat domain 8'
7 polymer 'Bardet-Biedl syndrome 9'
8 polymer 'ADP-ribosylation factor-like protein 6'
9 polymer 'BBS1 domain-containing protein'
#
loop_
_entity_poly.entity_id
_entity_poly.type
_entity_poly.pdbx_seq_one_letter_code
_entity_poly.pdbx_strand_id
1 'polypeptide(L)' MAETKSMFREVLPKQGQLYVEDITTMVLCKPKLLPLKSLTLEKLEKMQQAAQDTIHQQEMTEKEQKITH H
2 'polypeptide(L)'
;MLQPVFTLKLRHKISPRMVAVGRYDGTHPCLAAATQAGKVFIHNPHSRSQHLGAPRVLQSPLESDVSLLNINQTVSCLTA
GVLNPELGYDALLVGTQTNLLAYDVYNNSDLFYREVADGASAIVLGTLGDITSPLAIIGGNCALQGFNHEGNDLFWTVTG
DNVHSLALCDFDGDGKKELLVGSEDFDIRVFKEDEIVAEMSETEIITSLCPMYGSRFGYALSNGTVGVYDKTARYWRIKS
KNQAMSIHAFDLNSDGVCELITGWSNGKVDARSDRTGEVIFKDNFSSAIAGVVEGDYRMEGCQQLICCSVDGEIRGYLPG
TAEMRGNLMDISVEQDLIRELSQKKQNLLLELRNYEENAKAELSSPLNEADGHRGVIPANTKHHTALSVSLGSEAQAAHA
ELCISTSNDTIIRAVLIFAEGVFAGESHVVHPSVHHLSSSVRIPITPPKDIPVDLHLKTFVGYRSSTQFHVFELTRQLPR
FSMYALTSPDPASEPLSYVNFIIAERAQRVVMWLNQNFLLPEDTNIQNAPFQVCFTSLRNGGQLYIKIKLSGEITVNTDD
IDLAGDIIQSMASFFAIEDLQVEADFPVYFEELRKVLVKVDEYHSVHQKLSADMADNSNLIRSLLVQAEDARLMRDMKTM
KNRYKELYDLNKDLLNGYKIRCNNHTELLGSLKAVNQAIQRAGHLRVGKPKNQVITACRDAIRSNNINMLFRIMRVGTAS
S
;
B
3 'polypeptide(L)'
;MAEEKLSARTQLPVSAESQKPVLKKAPEFPILEKQNWLIHLYYIQKDYEACKAVIKEQLQETHGLCEYAIYVQALIFRLE
GNIQESLRLFQMCAFLSPQCADNLKQVARSLFLLGKHKAAIEVYNEAAKLNQKDWEICHNLGVCYIYLKQFDKAQDQLHN
ALHLNRHDLTYIMLGKIFLLKGDLDKAIEIYKKAVEFSPENTELLTTLGLLYLQLGIYQKAFEHLGNTLTYDPTNYKAIL
AAGSMMQTHGDFDVALTKYKVVACAVIESPPLWNNIGMCFFGKKKYVAAISCLKRANYLAPLDWKILYNLGLVHLTMQQY
ASAFHFLSAAINFQPKMGELYMLLAVALTNLEDSENAKRAYEEAVRLDKCNPLVNLNYAVLLYNQGEKRDALAQYQEMEK
KVNLLKYSSSLEFDPEMVEVAQKLGAALQVGEALVWTKPVKDPKSKHQTASTSKAAGFQQPLGSNQALGQAMSSAATCRK
LSSGAGGTSQLTKPPSLPLEPEPTVEAQPTEASAQTREK
;
E
4 'polypeptide(L)'
;MSVLDALWEDRDVRFDVSSQQMKTRPGEVLIDCLDSVEDTKGNNGDRGRLLVTNLRIVWHSLALPRVNLSIGYNCILNIT
TRTANSKLRGQTEALYVLTKCNSTRFEFIFTNLVPGSPRLYTSLIAVHRAYETSKMYRDFKLRSALIQNKQLRLLPQENV
YNKINGVWNLSSDQGNLGTFFITNVRIVWHANMNDSFNVSIPYLQIRSVKIRDSKFGLALVIESSQQSGGYVLGFKIDPV
EKLQESVKEINSLHKVYSANPIFGVDYEMEEKPQPLEALTVKQIQDDVEIDSDDHTDAFVAYFADGNKQQDREPVFSEEL
GLAIEKLKDGFTLQGLWEVMN
;
G
5 'polypeptide(L)'
;MDLNLNRADYLQVGVTSQKTMKLLPASKHRATQKVVVGDHDGIVMCFGMKKGEAVTVFKTLPGQKIARLELGGALNTPQE
KIFIAAGSEIRGFTKRGKQFLSFETNLTESIKAMHISGSDLFLSASYIYNHYCDCKDQHYYLSGDKINDVICLPVERLLR
EVPVLACQDRVLRVLQGSDVTYEIEVPGPPTVLALHNGNGGDSGEDLLFGTSDGKLGLIQITTSKPIHKWEIRNEKKRGG
ILCVDSFDIVGDGVKDLLVGRDDGMVEVYGFDNANEPVLRFDHTLSESVTSIQGGCVGKDGYDEIVVSTYSGWITGLTTE
PVHKESGPGEELKFNQEMQNKISSLRSELEQLQYKVLQEREKYQQSSQSSKAKSAVPSFSVNDKFTLNKDDASYSLILEV
QTAIDNVLIQSDVPIDLLDVDKNSAVVSFSSCDSESNDNFLLATYRCQANTTRLELKIRSIEGQYGTLQAYVTPRIQPKT
CQVRQYHIKPLSLHQRTHFIDHDRPMNTLTLTGQFSFSELHSWVVFCMPEVPEKPPAGECVTFYFQNTFLDTQLESTYRK
GEGVFKSDNISTISILKDVLSKEATKRKINLNISYEINEVSVKHTLKLIHPKLEYQLLLAKKVQLIDALKELQVHEGNTN
FLIPEYRCILEEADHLQEEYKKQPAHLERLYGMITDLFIDKFKFKGTNVKTKVPLLLEILDSYDQNALIAFFDAA
;
C
6 'polypeptide(L)'
;MEPLLLAWSYFRRRRFQLCADLCTQMLEKSPCDQAAWILKARALTEMVYVDEIDVDEEGIAEMILDENAIAQVPRPGTSL
KLPGTNQTGGPSPAVRPVTQAGRPITGFLRPSTQSGRPGTIEQAIKTPRTAYTARPIASSSGRFVRLGTASMLTSPDGPF
INLSRLNLAKYAQKPKLAKALFEYIFHHENDVKTALDLAALSTEHSQYKDWWWKVQIGKCYYRLGLYREAEKQFKSALKQ
QEMVDTFLYLAKVYISLDQPLTALNLFKQGLDKFPGEVTLLCGIARIYEEMNNISSATEYYKEVLKQDNTHVEAIACIGS
NHFYTDQPEVALRFYRRLLQMGVYNCQLFNNLGLCCFYAQQYDMTLTSFERALSLAENEEEVADVWYNLGHVAVGTGDTN
LAHQCFRLALVSNNQHAEAYNNLAVLEMRRGHVEQAKALLQTASSLAPHMYEPHFNFATISDKIGDLQRSYAAAKKSEAA
FPDHVDTQHLIKQLEQHFAML
;
F
7 'polypeptide(L)'
;MSLFKARDWWSTVLGDKEEFDQGCLCLADVDNTGNGQDKIIVGSFMGYLRIFNPHPVKTGDGAQAEDLLLEVHLRDPILQ
VEVGKFVSGTEMLHLAVLHSRKLCVYSVSGTLGNVEHGNQYQIKLMYEHNLQRTACNMTYGSFGGVKGRDLICIQSVDGM
LMVFEQESYAFGRFLPGSLLPGPLAYSSRTDSFITVSSCHQVESYKYQVLAFATDADKRQETEQQKHGSGKRLVVDWTLN
IGEQAIDICIVSFIQSASSVFVLGERNFFCLKDNGQIQFMKKLDYSPSCFLPYCSVSEGTINTLIGNHNNMLHIYQDVTL
KWATQLPHVPVAVRVGCLHDLKGVIVTLSDDGHLQCSYLGTDPSLFQAPKVESRELNYDELDMELKELQKVIKNVNKSQD
VWPLTEREDDLKVSAMVSPNFDSVSQATDVEVGADLVPSVTVKVTLKNRVALQKIKLSIYVQPPLVLTGDQFTFEFMAPE
MTRTVGFSVYLKGSYSPPELEGNAVVSYSRPTERNPDGIPRVSQCKFRLPLKLVCLPGQPSKTASHKLTIDTNKSPVSLL
SLFPGFAKQSEDDQVNVMGFRFLGGSQVTLLASKTSQRYRIQSEQFEDLWLITNELIIRLQEYFEKQGIKDFTCSFSGSV
PLEEYFELIDHHFELRINGEKLEELLSERAVQFRAIQRRLLTRFKDKTPAPLQHLDTLLDGTYKQVIALADAVEENQDNL
FQSFTRLKSATHLVILLIGLWQKLSADQIAILEAAFLPLQQDTQELGWEETVDAALSHLLKTCLSKSSKEQALNLNSQLG
IPKDTSQLKKHITLFCDRLAKGGRLCLSTDAAAPQTMVMPGGCATIPESDLEGRSIDQDSSELFTNHKHLMVETPVPEVS
PLQGVTE
;
I
8 'polypeptide(L)'
;MGLLDRLSGLLGLKKKEVHVLCLGLDNSGKTTIINKLKPSNAQSQDIVPTIGFSIQKFKSSSLSFTVFDMSGQGRYRNLW
EHYYKEGQAIIFVIDSSDKLRMVVAKEELRTLLNHPDIKHRRIPILFFANKMDLRDALTSVKVSQLLCLEDIKDKPWHIC
ASDAIKGEGLQEGVDWLQDQIQSVKT
;
A
9 'polypeptide(L)'
;MAATSSSDSDGGKGESEANSKWLDSLSDSMANIHTFSACLALADFHGDGEYKLAMGDLGPDGRQPRLKVLKGHTLVSQKP
LPDLPAAAVTFLMASHEPRTPALAIASGPCVYVYKNLKPYFKFSLPSLPTNPLEQDLWNQAKEDQIDPLTLKEMLEGIRE
KAEVPLSVQSLRFLPLELSEMEAFVNQHKSKSIRRQTVITTMTTLKKNLADEDAVSCLVLGTENKELLVLDPEAFTILAK
MSLPSVPAFLEASGQFDVEFRLAAACRNGSIYILRRDSKRPKYCIELGAQPVGLVGVHKVLVVGSNQDSLHGFTYKGKRL
WTVQMPAAILAMNLLEQHSRGLQAVMAALANEEVRIYHDKVLLNVIRTPEAVTSLCFGRYGREDNTLIMTTLGGGLIIKI
LKRTAVFAEGGGEAGPPPSQAIKLNVPRKTRLYVDQTLREREAGTAMHRTFQADLYLLRLRAARAYVQALESSLSPVSLT
AREPLKLHAVVQGLGPTFKLTLHLQNTSTARPILGLVVCFLYNEVLYALPRAFFKVPLLVPGLNYPLETFVKSLSDKGIS
DIIKVLVLREGQSTPLLSAHINMPMSEGLAAD
;
D
#
# COMPACT_ATOMS: atom_id res chain seq x y z
N MET A 7 11.34 75.47 7.49
CA MET A 7 10.15 74.63 7.22
C MET A 7 10.35 73.90 5.90
N PHE A 8 11.47 73.17 5.75
CA PHE A 8 11.70 72.38 4.51
C PHE A 8 11.63 70.88 4.83
N ARG A 9 10.94 70.11 3.98
CA ARG A 9 10.80 68.64 4.20
C ARG A 9 11.80 67.92 3.31
N GLU A 10 12.53 66.95 3.87
CA GLU A 10 13.55 66.19 3.09
C GLU A 10 12.86 65.46 1.94
N VAL A 11 13.43 65.52 0.74
CA VAL A 11 12.80 64.88 -0.45
C VAL A 11 13.24 63.42 -0.56
N LEU A 12 12.31 62.51 -0.85
CA LEU A 12 12.62 61.07 -0.95
C LEU A 12 12.55 60.63 -2.41
N PRO A 13 13.45 59.76 -2.90
CA PRO A 13 13.37 59.27 -4.26
C PRO A 13 12.05 58.51 -4.45
N LYS A 14 11.40 58.69 -5.59
CA LYS A 14 10.08 58.05 -5.85
C LYS A 14 10.27 56.72 -6.58
N GLN A 15 11.51 56.34 -6.86
CA GLN A 15 11.77 55.09 -7.64
C GLN A 15 12.56 54.10 -6.78
N GLY A 16 12.07 52.87 -6.69
CA GLY A 16 12.75 51.83 -5.90
C GLY A 16 13.76 51.03 -6.68
N GLN A 17 14.36 50.02 -6.06
CA GLN A 17 15.33 49.15 -6.76
C GLN A 17 14.56 47.98 -7.39
N LEU A 18 14.76 47.71 -8.67
CA LEU A 18 14.01 46.63 -9.37
C LEU A 18 14.98 45.56 -9.85
N TYR A 19 14.73 44.29 -9.56
CA TYR A 19 15.60 43.19 -10.04
C TYR A 19 15.49 43.09 -11.56
N VAL A 20 16.60 42.85 -12.25
CA VAL A 20 16.62 42.76 -13.74
C VAL A 20 17.03 41.35 -14.16
N GLU A 21 17.34 40.47 -13.20
CA GLU A 21 17.57 39.08 -13.52
C GLU A 21 17.37 38.25 -12.26
N ASP A 22 16.89 37.02 -12.45
CA ASP A 22 16.67 36.09 -11.34
C ASP A 22 17.93 35.24 -11.19
N ILE A 23 18.61 35.38 -10.06
CA ILE A 23 19.84 34.67 -9.77
C ILE A 23 19.57 33.66 -8.68
N THR A 24 19.98 32.40 -8.90
CA THR A 24 19.74 31.33 -7.95
C THR A 24 20.49 31.58 -6.65
N THR A 25 19.76 31.94 -5.60
CA THR A 25 20.35 32.20 -4.29
C THR A 25 19.94 31.08 -3.33
N MET A 26 20.85 30.73 -2.44
CA MET A 26 20.56 29.71 -1.44
C MET A 26 19.44 30.17 -0.53
N VAL A 27 18.41 29.34 -0.40
CA VAL A 27 17.23 29.68 0.37
C VAL A 27 17.45 29.28 1.83
N LEU A 28 16.82 30.01 2.74
CA LEU A 28 16.85 29.69 4.15
C LEU A 28 15.60 28.94 4.54
N CYS A 29 15.71 28.15 5.60
CA CYS A 29 14.53 27.51 6.17
C CYS A 29 13.59 28.58 6.71
N LYS A 30 12.37 28.18 7.01
CA LYS A 30 11.39 29.21 7.30
C LYS A 30 11.05 29.25 8.78
N PRO A 31 10.69 30.41 9.31
CA PRO A 31 10.40 30.52 10.74
C PRO A 31 9.32 29.55 11.17
N LYS A 32 9.52 28.96 12.35
CA LYS A 32 8.77 27.79 12.80
C LYS A 32 7.89 28.16 13.99
N LEU A 33 6.59 28.24 13.77
CA LEU A 33 5.64 28.48 14.86
C LEU A 33 5.53 27.21 15.70
N LEU A 34 5.95 27.30 16.94
CA LEU A 34 5.90 26.16 17.84
C LEU A 34 4.45 25.76 18.07
N PRO A 35 4.05 24.55 17.70
CA PRO A 35 2.66 24.15 17.91
C PRO A 35 2.33 24.03 19.40
N LEU A 36 1.14 24.45 19.77
CA LEU A 36 0.69 24.33 21.14
C LEU A 36 0.39 22.87 21.47
N LYS A 37 0.06 22.61 22.72
CA LYS A 37 -0.23 21.26 23.19
C LYS A 37 -1.68 21.16 23.62
N SER A 38 -2.16 19.94 23.73
CA SER A 38 -3.48 19.69 24.29
C SER A 38 -3.38 19.64 25.80
N LEU A 39 -4.47 19.31 26.48
CA LEU A 39 -4.42 19.09 27.91
C LEU A 39 -4.08 17.64 28.25
N THR A 40 -4.61 16.72 27.45
CA THR A 40 -4.27 15.31 27.63
C THR A 40 -2.78 15.06 27.42
N LEU A 41 -2.18 15.73 26.43
CA LEU A 41 -0.76 15.54 26.17
C LEU A 41 0.08 16.07 27.32
N GLU A 42 -0.26 17.25 27.85
CA GLU A 42 0.46 17.77 29.00
C GLU A 42 0.31 16.85 30.20
N LYS A 43 -0.90 16.35 30.44
CA LYS A 43 -1.12 15.46 31.57
C LYS A 43 -0.32 14.17 31.41
N LEU A 44 -0.26 13.63 30.20
CA LEU A 44 0.49 12.40 29.96
C LEU A 44 1.98 12.61 30.16
N GLU A 45 2.52 13.72 29.64
CA GLU A 45 3.94 14.00 29.83
C GLU A 45 4.27 14.22 31.31
N LYS A 46 3.40 14.92 32.04
CA LYS A 46 3.66 15.14 33.44
C LYS A 46 3.55 13.86 34.26
N MET A 47 2.62 12.97 33.90
CA MET A 47 2.53 11.68 34.59
C MET A 47 3.71 10.79 34.24
N GLN A 48 4.26 10.95 33.04
CA GLN A 48 5.45 10.20 32.65
C GLN A 48 6.69 10.70 33.39
N GLN A 49 6.82 12.00 33.61
CA GLN A 49 7.97 12.54 34.32
C GLN A 49 7.85 12.44 35.83
N ALA A 50 6.63 12.41 36.37
CA ALA A 50 6.48 12.24 37.81
C ALA A 50 6.95 10.87 38.26
N ALA A 51 6.72 9.84 37.45
CA ALA A 51 7.24 8.52 37.78
C ALA A 51 8.76 8.51 37.81
N GLN A 52 9.39 9.17 36.84
CA GLN A 52 10.85 9.32 36.87
C GLN A 52 11.30 10.03 38.14
N ASP A 53 10.60 11.10 38.51
CA ASP A 53 11.01 11.86 39.70
C ASP A 53 10.90 11.02 40.96
N THR A 54 9.80 10.27 41.12
CA THR A 54 9.67 9.41 42.28
C THR A 54 10.70 8.29 42.27
N ILE A 55 11.05 7.78 41.08
CA ILE A 55 12.09 6.75 41.00
C ILE A 55 13.42 7.31 41.48
N HIS A 56 13.76 8.53 41.07
CA HIS A 56 15.01 9.14 41.50
C HIS A 56 14.97 9.60 42.95
N GLN A 57 13.80 9.84 43.52
CA GLN A 57 13.71 10.42 44.86
C GLN A 57 13.65 9.38 45.97
N GLN A 58 13.46 8.11 45.65
CA GLN A 58 13.38 7.06 46.67
C GLN A 58 14.71 6.91 47.41
N LEU B 2 -23.72 -16.87 -30.99
CA LEU B 2 -23.32 -15.47 -31.11
C LEU B 2 -21.81 -15.33 -31.01
N GLN B 3 -21.36 -14.14 -30.66
CA GLN B 3 -19.94 -13.84 -30.48
C GLN B 3 -19.81 -13.03 -29.20
N PRO B 4 -18.83 -13.34 -28.36
CA PRO B 4 -18.65 -12.55 -27.12
C PRO B 4 -18.30 -11.11 -27.43
N VAL B 5 -19.22 -10.19 -27.09
CA VAL B 5 -19.02 -8.78 -27.41
C VAL B 5 -17.83 -8.21 -26.67
N PHE B 6 -17.44 -8.78 -25.54
CA PHE B 6 -16.18 -8.40 -24.92
C PHE B 6 -15.61 -9.58 -24.16
N THR B 7 -14.29 -9.59 -23.98
CA THR B 7 -13.62 -10.62 -23.19
C THR B 7 -12.51 -9.97 -22.37
N LEU B 8 -12.19 -10.59 -21.24
CA LEU B 8 -11.08 -10.13 -20.41
C LEU B 8 -10.69 -11.24 -19.44
N LYS B 9 -9.46 -11.16 -18.95
CA LYS B 9 -8.91 -12.15 -18.04
C LYS B 9 -8.55 -11.47 -16.72
N LEU B 10 -9.20 -11.90 -15.63
CA LEU B 10 -8.92 -11.40 -14.30
C LEU B 10 -8.13 -12.43 -13.53
N ARG B 11 -7.01 -12.02 -12.95
CA ARG B 11 -6.05 -12.93 -12.35
C ARG B 11 -6.53 -13.56 -11.05
N HIS B 12 -7.74 -13.25 -10.58
CA HIS B 12 -8.20 -13.70 -9.28
C HIS B 12 -9.25 -14.79 -9.43
N LYS B 13 -9.10 -15.86 -8.64
CA LYS B 13 -10.10 -16.92 -8.61
C LYS B 13 -11.40 -16.36 -8.04
N ILE B 14 -12.48 -16.52 -8.80
CA ILE B 14 -13.79 -16.04 -8.36
C ILE B 14 -14.52 -17.17 -7.64
N SER B 15 -15.02 -16.86 -6.45
CA SER B 15 -15.84 -17.84 -5.77
C SER B 15 -17.16 -18.02 -6.53
N PRO B 16 -17.67 -19.25 -6.64
CA PRO B 16 -18.71 -19.54 -7.63
C PRO B 16 -19.98 -18.69 -7.50
N ARG B 17 -20.68 -18.79 -6.38
CA ARG B 17 -21.99 -18.17 -6.27
C ARG B 17 -21.91 -16.73 -5.76
N MET B 18 -20.74 -16.12 -5.74
CA MET B 18 -20.54 -14.78 -5.21
C MET B 18 -20.09 -13.86 -6.34
N VAL B 19 -21.05 -13.34 -7.09
CA VAL B 19 -20.80 -12.42 -8.20
C VAL B 19 -21.96 -11.43 -8.26
N ALA B 20 -21.65 -10.17 -8.56
CA ALA B 20 -22.70 -9.18 -8.73
C ALA B 20 -22.21 -8.07 -9.66
N VAL B 21 -23.16 -7.42 -10.31
CA VAL B 21 -22.89 -6.25 -11.14
C VAL B 21 -23.65 -5.07 -10.52
N GLY B 22 -22.95 -3.98 -10.26
CA GLY B 22 -23.57 -2.84 -9.62
C GLY B 22 -22.92 -1.54 -10.05
N ARG B 23 -23.75 -0.52 -10.23
CA ARG B 23 -23.27 0.81 -10.64
C ARG B 23 -22.80 1.57 -9.40
N TYR B 24 -21.63 1.15 -8.91
CA TYR B 24 -21.11 1.67 -7.65
C TYR B 24 -20.74 3.14 -7.72
N ASP B 25 -20.51 3.67 -8.92
CA ASP B 25 -20.31 5.10 -9.09
C ASP B 25 -21.60 5.85 -9.32
N GLY B 26 -22.74 5.18 -9.20
CA GLY B 26 -24.04 5.76 -9.50
C GLY B 26 -24.49 5.53 -10.93
N THR B 27 -23.58 5.77 -11.89
CA THR B 27 -23.90 5.61 -13.32
C THR B 27 -22.86 4.75 -14.04
N HIS B 28 -21.87 4.21 -13.32
CA HIS B 28 -20.79 3.44 -13.93
C HIS B 28 -20.82 2.02 -13.40
N PRO B 29 -21.35 1.07 -14.17
CA PRO B 29 -21.47 -0.31 -13.66
C PRO B 29 -20.12 -0.99 -13.54
N CYS B 30 -19.98 -1.78 -12.47
CA CYS B 30 -18.74 -2.47 -12.15
C CYS B 30 -19.09 -3.86 -11.65
N LEU B 31 -18.07 -4.71 -11.55
CA LEU B 31 -18.22 -6.10 -11.13
C LEU B 31 -17.65 -6.28 -9.73
N ALA B 32 -18.42 -6.92 -8.85
CA ALA B 32 -17.97 -7.31 -7.54
C ALA B 32 -17.95 -8.83 -7.45
N ALA B 33 -16.84 -9.39 -6.99
CA ALA B 33 -16.74 -10.84 -6.94
C ALA B 33 -15.80 -11.27 -5.82
N ALA B 34 -16.21 -12.28 -5.07
CA ALA B 34 -15.38 -12.80 -3.99
C ALA B 34 -14.12 -13.45 -4.56
N THR B 35 -13.17 -13.72 -3.67
CA THR B 35 -11.90 -14.31 -4.04
C THR B 35 -11.39 -15.11 -2.86
N GLN B 36 -10.32 -15.88 -3.10
CA GLN B 36 -9.61 -16.54 -2.02
C GLN B 36 -9.11 -15.53 -0.99
N ALA B 37 -8.80 -16.03 0.20
CA ALA B 37 -8.30 -15.29 1.35
C ALA B 37 -9.34 -14.36 1.96
N GLY B 38 -10.58 -14.39 1.49
CA GLY B 38 -11.59 -13.50 2.02
C GLY B 38 -11.42 -12.07 1.60
N LYS B 39 -11.21 -11.86 0.29
CA LYS B 39 -11.13 -10.52 -0.28
C LYS B 39 -12.10 -10.42 -1.45
N VAL B 40 -12.74 -9.27 -1.58
CA VAL B 40 -13.73 -9.04 -2.62
C VAL B 40 -13.15 -8.05 -3.61
N PHE B 41 -13.06 -8.44 -4.88
CA PHE B 41 -12.48 -7.53 -5.86
C PHE B 41 -13.56 -6.85 -6.67
N ILE B 42 -13.21 -5.66 -7.17
CA ILE B 42 -14.08 -4.78 -7.94
C ILE B 42 -13.38 -4.46 -9.24
N HIS B 43 -14.00 -4.84 -10.36
CA HIS B 43 -13.53 -4.48 -11.69
C HIS B 43 -14.34 -3.29 -12.18
N ASN B 44 -13.66 -2.17 -12.45
CA ASN B 44 -14.39 -0.93 -12.75
C ASN B 44 -15.02 -0.96 -14.14
N PRO B 45 -14.26 -1.10 -15.25
CA PRO B 45 -14.98 -1.04 -16.52
C PRO B 45 -15.74 -2.32 -16.83
N ASP B 65 -9.32 -1.39 -13.98
CA ASP B 65 -8.39 -1.91 -12.99
C ASP B 65 -9.15 -2.57 -11.84
N VAL B 66 -8.53 -3.59 -11.25
CA VAL B 66 -9.15 -4.35 -10.17
C VAL B 66 -8.74 -3.74 -8.83
N SER B 67 -9.71 -3.50 -7.96
CA SER B 67 -9.49 -2.94 -6.64
C SER B 67 -9.93 -3.94 -5.59
N LEU B 68 -9.08 -4.20 -4.61
CA LEU B 68 -9.36 -5.20 -3.59
C LEU B 68 -10.02 -4.56 -2.38
N LEU B 69 -10.90 -5.33 -1.74
CA LEU B 69 -11.51 -4.95 -0.46
C LEU B 69 -11.26 -6.08 0.51
N ASN B 70 -10.60 -5.76 1.63
CA ASN B 70 -10.21 -6.75 2.63
C ASN B 70 -11.41 -7.02 3.54
N ILE B 71 -12.20 -8.02 3.17
CA ILE B 71 -13.18 -8.54 4.11
C ILE B 71 -12.47 -9.26 5.25
N ASN B 72 -11.28 -9.80 4.98
CA ASN B 72 -10.48 -10.51 5.98
C ASN B 72 -11.28 -11.63 6.64
N GLN B 73 -12.17 -12.24 5.87
CA GLN B 73 -13.10 -13.22 6.43
C GLN B 73 -13.78 -13.94 5.27
N THR B 74 -13.99 -15.24 5.44
CA THR B 74 -14.47 -16.09 4.35
C THR B 74 -15.89 -15.67 3.95
N VAL B 75 -16.02 -15.09 2.76
CA VAL B 75 -17.31 -14.63 2.28
C VAL B 75 -18.20 -15.82 1.93
N SER B 76 -19.51 -15.66 2.08
CA SER B 76 -20.46 -16.69 1.71
C SER B 76 -21.63 -16.18 0.87
N CYS B 77 -21.86 -14.87 0.81
CA CYS B 77 -22.86 -14.29 -0.08
C CYS B 77 -22.33 -12.98 -0.63
N LEU B 78 -22.91 -12.54 -1.74
CA LEU B 78 -22.55 -11.27 -2.32
C LEU B 78 -23.59 -10.86 -3.34
N THR B 79 -24.11 -9.64 -3.22
CA THR B 79 -25.05 -9.10 -4.20
C THR B 79 -24.81 -7.60 -4.31
N ALA B 80 -25.69 -6.92 -5.02
CA ALA B 80 -25.58 -5.47 -5.19
C ALA B 80 -26.92 -4.96 -5.70
N GLY B 81 -27.42 -3.91 -5.07
CA GLY B 81 -28.68 -3.34 -5.48
C GLY B 81 -28.88 -1.97 -4.91
N VAL B 82 -30.12 -1.49 -5.01
CA VAL B 82 -30.51 -0.18 -4.50
C VAL B 82 -31.14 -0.40 -3.13
N LEU B 83 -30.48 0.07 -2.08
CA LEU B 83 -30.94 -0.14 -0.72
C LEU B 83 -31.64 1.09 -0.14
N ASN B 84 -31.26 2.28 -0.59
CA ASN B 84 -31.97 3.51 -0.27
C ASN B 84 -32.29 4.23 -1.57
N PRO B 85 -33.54 4.22 -2.03
CA PRO B 85 -33.86 4.81 -3.34
C PRO B 85 -33.71 6.32 -3.40
N GLU B 86 -33.33 6.98 -2.30
CA GLU B 86 -33.13 8.43 -2.34
C GLU B 86 -31.96 8.79 -3.24
N LEU B 87 -30.92 7.96 -3.26
CA LEU B 87 -29.79 8.16 -4.15
C LEU B 87 -29.76 7.04 -5.19
N GLY B 88 -28.99 7.26 -6.26
CA GLY B 88 -28.97 6.34 -7.38
C GLY B 88 -27.71 5.50 -7.45
N TYR B 89 -27.24 5.01 -6.30
CA TYR B 89 -26.04 4.20 -6.23
C TYR B 89 -26.40 2.78 -5.82
N ASP B 90 -25.66 1.82 -6.36
CA ASP B 90 -25.80 0.42 -5.95
C ASP B 90 -24.96 0.16 -4.71
N ALA B 91 -25.53 -0.55 -3.75
CA ALA B 91 -24.87 -0.88 -2.51
C ALA B 91 -24.32 -2.30 -2.59
N LEU B 92 -23.02 -2.46 -2.38
CA LEU B 92 -22.37 -3.76 -2.44
C LEU B 92 -22.61 -4.47 -1.11
N LEU B 93 -23.32 -5.59 -1.15
CA LEU B 93 -23.56 -6.39 0.03
C LEU B 93 -22.58 -7.55 0.09
N VAL B 94 -22.13 -7.87 1.30
CA VAL B 94 -21.18 -8.96 1.53
C VAL B 94 -21.65 -9.70 2.78
N GLY B 95 -22.00 -10.96 2.62
CA GLY B 95 -22.43 -11.78 3.74
C GLY B 95 -21.35 -12.75 4.17
N THR B 96 -21.29 -13.00 5.47
CA THR B 96 -20.37 -13.97 6.04
C THR B 96 -21.14 -14.78 7.05
N GLN B 97 -20.64 -15.98 7.36
CA GLN B 97 -21.35 -16.93 8.20
C GLN B 97 -21.60 -16.38 9.60
N THR B 98 -21.11 -15.17 9.89
CA THR B 98 -21.46 -14.51 11.15
C THR B 98 -21.66 -13.00 11.01
N ASN B 99 -21.65 -12.44 9.80
CA ASN B 99 -21.72 -10.99 9.63
C ASN B 99 -22.49 -10.66 8.35
N LEU B 100 -22.82 -9.39 8.19
CA LEU B 100 -23.43 -8.89 6.97
C LEU B 100 -23.12 -7.41 6.81
N LEU B 101 -22.60 -7.01 5.66
CA LEU B 101 -22.05 -5.69 5.48
C LEU B 101 -22.57 -5.06 4.20
N ALA B 102 -23.20 -3.89 4.31
CA ALA B 102 -23.49 -3.09 3.15
C ALA B 102 -22.40 -2.04 2.98
N TYR B 103 -22.06 -1.74 1.74
CA TYR B 103 -20.88 -0.95 1.46
C TYR B 103 -21.18 0.00 0.30
N ASP B 104 -21.00 1.29 0.53
CA ASP B 104 -21.06 2.29 -0.53
C ASP B 104 -19.65 2.51 -1.06
N VAL B 105 -19.31 1.80 -2.15
CA VAL B 105 -17.93 1.77 -2.61
C VAL B 105 -17.46 3.16 -3.03
N TYR B 106 -18.37 3.96 -3.60
CA TYR B 106 -18.00 5.28 -4.09
C TYR B 106 -17.45 6.15 -2.97
N ASN B 107 -18.29 6.47 -1.98
CA ASN B 107 -17.86 7.12 -0.75
C ASN B 107 -17.75 6.01 0.29
N ASN B 108 -16.53 5.49 0.47
CA ASN B 108 -16.39 4.25 1.23
C ASN B 108 -16.87 4.48 2.65
N SER B 109 -18.03 3.90 2.96
CA SER B 109 -18.73 4.15 4.21
C SER B 109 -19.76 3.06 4.39
N ASP B 110 -19.74 2.42 5.56
CA ASP B 110 -20.64 1.31 5.81
C ASP B 110 -22.06 1.81 5.93
N LEU B 111 -22.94 1.31 5.07
CA LEU B 111 -24.37 1.58 5.25
C LEU B 111 -24.88 0.92 6.52
N PHE B 112 -24.53 -0.35 6.72
CA PHE B 112 -24.79 -1.03 7.98
C PHE B 112 -23.92 -2.27 8.06
N TYR B 113 -23.29 -2.48 9.20
CA TYR B 113 -22.49 -3.67 9.47
C TYR B 113 -23.19 -4.42 10.61
N ARG B 114 -24.09 -5.32 10.25
CA ARG B 114 -24.86 -6.07 11.22
C ARG B 114 -24.18 -7.41 11.49
N GLU B 115 -24.35 -7.89 12.72
CA GLU B 115 -23.84 -9.19 13.11
C GLU B 115 -25.02 -10.13 13.30
N VAL B 116 -25.08 -11.18 12.48
CA VAL B 116 -26.27 -12.01 12.38
C VAL B 116 -26.28 -13.12 13.41
N ALA B 117 -25.17 -13.86 13.52
CA ALA B 117 -25.00 -14.99 14.42
C ALA B 117 -25.82 -16.18 13.97
N ASP B 118 -26.63 -16.01 12.93
CA ASP B 118 -27.30 -17.11 12.27
C ASP B 118 -26.65 -17.51 10.96
N GLY B 119 -25.82 -16.65 10.40
CA GLY B 119 -25.11 -16.94 9.17
C GLY B 119 -25.72 -16.24 7.98
N ALA B 120 -24.95 -16.23 6.90
CA ALA B 120 -25.36 -15.68 5.61
C ALA B 120 -25.07 -16.76 4.57
N SER B 121 -26.06 -17.61 4.31
CA SER B 121 -25.91 -18.66 3.31
C SER B 121 -26.53 -18.30 1.97
N ALA B 122 -27.48 -17.35 1.93
CA ALA B 122 -28.07 -16.88 0.69
C ALA B 122 -28.81 -15.58 0.92
N ILE B 123 -28.52 -14.55 0.12
CA ILE B 123 -29.13 -13.24 0.31
C ILE B 123 -29.68 -12.74 -1.02
N VAL B 124 -30.67 -11.86 -0.91
CA VAL B 124 -31.25 -11.15 -2.04
C VAL B 124 -31.42 -9.68 -1.66
N LEU B 125 -31.99 -8.90 -2.56
CA LEU B 125 -32.20 -7.48 -2.33
C LEU B 125 -33.39 -7.05 -3.19
N GLY B 126 -34.50 -6.72 -2.55
CA GLY B 126 -35.64 -6.24 -3.28
C GLY B 126 -36.74 -5.80 -2.33
N THR B 127 -37.93 -5.64 -2.90
CA THR B 127 -39.10 -5.18 -2.16
C THR B 127 -40.04 -6.36 -1.93
N LEU B 128 -40.33 -6.65 -0.67
CA LEU B 128 -41.27 -7.70 -0.31
C LEU B 128 -42.70 -7.15 -0.41
N GLY B 129 -43.67 -7.92 0.07
CA GLY B 129 -45.06 -7.51 0.02
C GLY B 129 -45.49 -6.64 1.17
N ASP B 130 -46.03 -5.44 0.86
CA ASP B 130 -46.49 -4.49 1.87
C ASP B 130 -45.34 -4.01 2.75
N ILE B 131 -44.20 -3.73 2.11
CA ILE B 131 -43.05 -3.12 2.77
C ILE B 131 -42.49 -2.07 1.85
N THR B 132 -42.44 -0.83 2.31
CA THR B 132 -42.09 0.31 1.48
C THR B 132 -40.59 0.60 1.50
N SER B 133 -39.77 -0.40 1.79
CA SER B 133 -38.32 -0.23 1.86
C SER B 133 -37.62 -1.47 1.32
N PRO B 134 -36.76 -1.32 0.32
CA PRO B 134 -36.04 -2.49 -0.22
C PRO B 134 -35.21 -3.19 0.84
N LEU B 135 -35.58 -4.44 1.13
CA LEU B 135 -34.96 -5.21 2.18
C LEU B 135 -33.76 -6.00 1.66
N ALA B 136 -32.78 -6.19 2.54
CA ALA B 136 -31.64 -7.05 2.26
C ALA B 136 -31.86 -8.39 2.97
N ILE B 137 -32.74 -9.21 2.38
CA ILE B 137 -33.09 -10.49 2.99
C ILE B 137 -31.84 -11.37 3.07
N ILE B 138 -31.85 -12.28 4.04
CA ILE B 138 -30.70 -13.14 4.33
C ILE B 138 -31.22 -14.49 4.77
N GLY B 139 -30.38 -15.51 4.65
CA GLY B 139 -30.75 -16.85 5.05
C GLY B 139 -29.61 -17.57 5.76
N GLY B 140 -29.86 -18.04 6.97
CA GLY B 140 -28.80 -18.64 7.76
C GLY B 140 -29.06 -20.09 8.11
N ASN B 141 -28.96 -20.43 9.39
CA ASN B 141 -29.17 -21.81 9.82
C ASN B 141 -30.60 -22.25 9.53
N CYS B 142 -31.58 -21.61 10.16
CA CYS B 142 -32.98 -21.92 9.88
C CYS B 142 -33.85 -20.67 9.87
N ALA B 143 -33.28 -19.47 9.92
CA ALA B 143 -34.06 -18.26 10.09
C ALA B 143 -33.63 -17.21 9.09
N LEU B 144 -34.60 -16.58 8.45
CA LEU B 144 -34.38 -15.47 7.55
C LEU B 144 -34.47 -14.15 8.31
N GLN B 145 -33.99 -13.09 7.66
CA GLN B 145 -33.99 -11.78 8.27
C GLN B 145 -34.16 -10.73 7.18
N GLY B 146 -34.28 -9.48 7.59
CA GLY B 146 -34.43 -8.38 6.65
C GLY B 146 -33.98 -7.06 7.23
N PHE B 147 -33.29 -6.25 6.42
CA PHE B 147 -32.69 -5.01 6.90
C PHE B 147 -32.90 -3.90 5.88
N ASN B 148 -33.20 -2.71 6.36
CA ASN B 148 -33.38 -1.55 5.50
C ASN B 148 -32.04 -0.84 5.30
N HIS B 149 -32.08 0.39 4.78
CA HIS B 149 -30.86 1.10 4.48
C HIS B 149 -30.02 1.42 5.71
N GLU B 150 -30.59 1.28 6.91
CA GLU B 150 -29.85 1.53 8.13
C GLU B 150 -29.51 0.27 8.90
N GLY B 151 -30.18 -0.84 8.60
CA GLY B 151 -29.92 -2.09 9.28
C GLY B 151 -30.92 -2.48 10.35
N ASN B 152 -32.16 -2.02 10.25
CA ASN B 152 -33.18 -2.35 11.24
C ASN B 152 -33.92 -3.61 10.81
N ASP B 153 -34.07 -4.54 11.74
CA ASP B 153 -34.80 -5.77 11.47
C ASP B 153 -36.26 -5.46 11.16
N LEU B 154 -36.66 -5.66 9.91
CA LEU B 154 -38.05 -5.47 9.50
C LEU B 154 -38.74 -6.75 9.08
N PHE B 155 -38.02 -7.85 8.94
CA PHE B 155 -38.59 -9.12 8.50
C PHE B 155 -37.79 -10.25 9.11
N TRP B 156 -38.48 -11.24 9.65
CA TRP B 156 -37.79 -12.36 10.30
C TRP B 156 -38.75 -13.53 10.39
N THR B 157 -38.34 -14.68 9.87
CA THR B 157 -39.14 -15.89 9.94
C THR B 157 -38.22 -17.10 9.90
N VAL B 158 -38.74 -18.22 10.37
CA VAL B 158 -37.96 -19.45 10.52
C VAL B 158 -38.39 -20.44 9.45
N THR B 159 -37.43 -21.21 8.94
CA THR B 159 -37.68 -22.20 7.90
C THR B 159 -37.19 -23.57 8.36
N GLY B 160 -37.39 -24.56 7.49
CA GLY B 160 -37.11 -25.95 7.83
C GLY B 160 -35.65 -26.25 8.12
N ASP B 161 -34.79 -26.08 7.12
CA ASP B 161 -33.38 -26.39 7.27
C ASP B 161 -32.52 -25.27 6.69
N ASN B 162 -31.23 -25.53 6.52
CA ASN B 162 -30.31 -24.51 6.00
C ASN B 162 -30.80 -23.95 4.67
N VAL B 163 -31.02 -22.65 4.64
CA VAL B 163 -31.40 -21.96 3.41
C VAL B 163 -30.20 -21.92 2.49
N HIS B 164 -30.40 -22.26 1.21
CA HIS B 164 -29.32 -22.30 0.25
C HIS B 164 -29.49 -21.32 -0.91
N SER B 165 -30.69 -20.76 -1.08
CA SER B 165 -30.94 -19.88 -2.22
C SER B 165 -32.23 -19.12 -1.96
N LEU B 166 -32.27 -17.86 -2.37
CA LEU B 166 -33.47 -17.05 -2.16
C LEU B 166 -33.68 -16.23 -3.43
N ALA B 167 -34.92 -16.00 -3.84
CA ALA B 167 -35.19 -15.03 -4.91
C ALA B 167 -36.56 -14.42 -4.69
N LEU B 168 -36.85 -13.31 -5.36
CA LEU B 168 -38.12 -12.59 -5.17
C LEU B 168 -38.99 -12.75 -6.40
N CYS B 169 -40.12 -13.43 -6.30
CA CYS B 169 -41.02 -13.68 -7.45
C CYS B 169 -42.45 -13.48 -7.01
N ASP B 170 -43.30 -12.86 -7.84
CA ASP B 170 -44.69 -12.59 -7.42
C ASP B 170 -45.57 -13.81 -7.64
N PHE B 171 -45.39 -14.88 -6.88
CA PHE B 171 -46.31 -16.02 -7.03
C PHE B 171 -47.66 -15.42 -6.65
N ASP B 172 -48.75 -15.78 -7.32
CA ASP B 172 -50.11 -15.33 -6.89
C ASP B 172 -50.58 -14.05 -7.60
N GLY B 173 -49.73 -13.40 -8.38
CA GLY B 173 -50.15 -12.23 -9.19
C GLY B 173 -50.77 -11.04 -8.45
N ASP B 174 -50.26 -10.59 -7.30
CA ASP B 174 -50.95 -9.48 -6.60
C ASP B 174 -50.10 -8.21 -6.55
N GLY B 175 -48.96 -8.18 -7.25
CA GLY B 175 -48.14 -6.96 -7.37
C GLY B 175 -47.10 -6.76 -6.27
N LYS B 176 -47.09 -7.59 -5.24
CA LYS B 176 -46.06 -7.49 -4.19
C LYS B 176 -45.33 -8.83 -4.19
N LYS B 177 -44.01 -8.85 -4.33
CA LYS B 177 -43.33 -10.14 -4.54
C LYS B 177 -43.12 -10.95 -3.28
N GLU B 178 -43.55 -12.21 -3.28
CA GLU B 178 -43.24 -13.13 -2.16
C GLU B 178 -41.82 -13.63 -2.39
N LEU B 179 -41.17 -14.22 -1.39
CA LEU B 179 -39.75 -14.62 -1.53
C LEU B 179 -39.75 -16.14 -1.55
N LEU B 180 -38.91 -16.72 -2.40
CA LEU B 180 -38.83 -18.18 -2.53
C LEU B 180 -37.57 -18.68 -1.86
N VAL B 181 -37.73 -19.55 -0.86
CA VAL B 181 -36.68 -20.10 -0.01
C VAL B 181 -36.43 -21.55 -0.42
N GLY B 182 -35.17 -21.86 -0.67
CA GLY B 182 -34.76 -23.23 -0.95
C GLY B 182 -34.07 -23.86 0.24
N SER B 183 -34.77 -24.72 0.96
CA SER B 183 -34.23 -25.31 2.16
C SER B 183 -33.33 -26.50 1.84
N GLU B 184 -32.37 -26.74 2.73
CA GLU B 184 -31.55 -27.95 2.65
C GLU B 184 -32.38 -29.22 2.80
N ASP B 185 -33.63 -29.10 3.26
CA ASP B 185 -34.58 -30.21 3.40
C ASP B 185 -35.16 -30.66 2.06
N PHE B 186 -34.62 -30.12 0.96
CA PHE B 186 -34.98 -30.43 -0.42
C PHE B 186 -36.27 -29.74 -0.83
N ASP B 187 -36.81 -28.84 -0.01
CA ASP B 187 -38.09 -28.19 -0.28
C ASP B 187 -37.88 -26.77 -0.78
N ILE B 188 -38.87 -26.28 -1.53
CA ILE B 188 -38.93 -24.90 -1.98
C ILE B 188 -40.22 -24.32 -1.43
N ARG B 189 -40.11 -23.39 -0.49
CA ARG B 189 -41.27 -22.75 0.08
C ARG B 189 -41.36 -21.32 -0.42
N VAL B 190 -42.58 -20.78 -0.45
CA VAL B 190 -42.79 -19.39 -0.83
C VAL B 190 -43.38 -18.65 0.36
N PHE B 191 -42.71 -17.59 0.77
CA PHE B 191 -43.05 -16.84 1.97
C PHE B 191 -43.52 -15.44 1.58
N LYS B 192 -44.66 -15.02 2.10
CA LYS B 192 -45.11 -13.65 1.97
C LYS B 192 -44.38 -12.81 3.01
N GLU B 193 -44.83 -11.57 3.23
CA GLU B 193 -44.24 -10.75 4.28
C GLU B 193 -44.27 -11.47 5.63
N ASP B 194 -45.36 -12.12 5.93
CA ASP B 194 -45.47 -12.90 7.16
C ASP B 194 -45.96 -14.31 6.93
N GLU B 195 -46.88 -14.51 5.99
CA GLU B 195 -47.53 -15.80 5.81
C GLU B 195 -46.75 -16.69 4.84
N ILE B 196 -46.87 -17.99 5.02
CA ILE B 196 -46.38 -18.97 4.07
C ILE B 196 -47.51 -19.31 3.10
N VAL B 197 -47.18 -19.43 1.82
CA VAL B 197 -48.20 -19.64 0.80
C VAL B 197 -48.23 -21.10 0.37
N ALA B 198 -47.12 -21.60 -0.15
CA ALA B 198 -47.08 -22.96 -0.66
C ALA B 198 -45.66 -23.52 -0.54
N GLU B 199 -45.55 -24.82 -0.72
CA GLU B 199 -44.27 -25.52 -0.65
C GLU B 199 -44.30 -26.67 -1.64
N MET B 200 -43.32 -26.71 -2.54
CA MET B 200 -43.13 -27.81 -3.47
C MET B 200 -41.88 -28.59 -3.06
N SER B 201 -41.99 -29.90 -3.04
CA SER B 201 -40.94 -30.77 -2.53
C SER B 201 -40.08 -31.25 -3.70
N GLU B 202 -38.93 -30.61 -3.87
CA GLU B 202 -37.95 -31.06 -4.84
C GLU B 202 -37.17 -32.24 -4.25
N THR B 203 -36.08 -32.65 -4.92
CA THR B 203 -35.47 -33.93 -4.63
C THR B 203 -34.03 -33.83 -4.17
N GLU B 204 -33.50 -32.63 -3.94
CA GLU B 204 -32.13 -32.48 -3.45
C GLU B 204 -31.97 -31.06 -2.94
N ILE B 205 -30.82 -30.81 -2.30
CA ILE B 205 -30.55 -29.50 -1.72
C ILE B 205 -30.54 -28.46 -2.83
N ILE B 206 -31.46 -27.50 -2.75
CA ILE B 206 -31.51 -26.45 -3.75
C ILE B 206 -30.22 -25.66 -3.72
N THR B 207 -29.84 -25.08 -4.86
CA THR B 207 -28.62 -24.29 -4.94
C THR B 207 -28.82 -22.92 -5.59
N SER B 208 -29.85 -22.72 -6.42
CA SER B 208 -30.03 -21.43 -7.07
C SER B 208 -31.47 -21.32 -7.55
N LEU B 209 -32.09 -20.17 -7.30
CA LEU B 209 -33.36 -19.79 -7.88
C LEU B 209 -33.21 -18.47 -8.63
N CYS B 210 -33.99 -18.33 -9.69
CA CYS B 210 -33.97 -17.09 -10.46
C CYS B 210 -35.33 -16.82 -11.08
N PRO B 211 -36.00 -15.75 -10.68
CA PRO B 211 -37.21 -15.33 -11.39
C PRO B 211 -36.98 -14.23 -12.41
N MET B 212 -37.60 -14.34 -13.58
CA MET B 212 -37.77 -13.19 -14.47
C MET B 212 -39.15 -13.15 -15.12
N TYR B 213 -39.98 -14.16 -14.95
CA TYR B 213 -41.33 -14.20 -15.51
C TYR B 213 -42.32 -13.71 -14.46
N GLY B 214 -43.61 -13.87 -14.75
CA GLY B 214 -44.63 -13.46 -13.80
C GLY B 214 -44.64 -14.30 -12.55
N SER B 215 -44.99 -15.57 -12.68
CA SER B 215 -45.00 -16.52 -11.57
C SER B 215 -44.13 -17.73 -11.84
N ARG B 216 -43.26 -17.64 -12.84
CA ARG B 216 -42.37 -18.71 -13.26
C ARG B 216 -40.99 -18.44 -12.70
N PHE B 217 -40.37 -19.46 -12.11
CA PHE B 217 -39.01 -19.32 -11.60
C PHE B 217 -38.17 -20.55 -11.98
N GLY B 218 -36.91 -20.31 -12.32
CA GLY B 218 -36.00 -21.37 -12.68
C GLY B 218 -35.16 -21.77 -11.48
N TYR B 219 -35.06 -23.08 -11.26
CA TYR B 219 -34.39 -23.62 -10.09
C TYR B 219 -33.31 -24.60 -10.49
N ALA B 220 -32.34 -24.77 -9.59
CA ALA B 220 -31.28 -25.75 -9.74
C ALA B 220 -31.14 -26.56 -8.46
N LEU B 221 -30.54 -27.74 -8.59
CA LEU B 221 -30.32 -28.63 -7.45
C LEU B 221 -28.85 -29.02 -7.38
N SER B 222 -28.51 -29.98 -6.53
CA SER B 222 -27.17 -30.54 -6.51
C SER B 222 -27.09 -31.90 -7.17
N ASN B 223 -28.22 -32.45 -7.62
CA ASN B 223 -28.18 -33.58 -8.54
C ASN B 223 -27.58 -33.15 -9.88
N GLY B 224 -27.90 -31.94 -10.30
CA GLY B 224 -27.56 -31.46 -11.62
C GLY B 224 -28.81 -31.05 -12.36
N THR B 225 -29.95 -31.18 -11.68
CA THR B 225 -31.25 -30.93 -12.30
C THR B 225 -31.49 -29.43 -12.37
N VAL B 226 -31.65 -28.92 -13.59
CA VAL B 226 -32.08 -27.55 -13.80
C VAL B 226 -33.50 -27.59 -14.36
N GLY B 227 -34.40 -26.81 -13.76
CA GLY B 227 -35.79 -26.89 -14.13
C GLY B 227 -36.49 -25.56 -13.99
N VAL B 228 -37.79 -25.58 -14.30
CA VAL B 228 -38.63 -24.40 -14.35
C VAL B 228 -39.95 -24.70 -13.67
N TYR B 229 -40.47 -23.73 -12.92
CA TYR B 229 -41.69 -23.88 -12.17
C TYR B 229 -42.69 -22.80 -12.53
N ASP B 230 -43.93 -23.22 -12.79
CA ASP B 230 -45.09 -22.35 -12.71
C ASP B 230 -45.48 -22.25 -11.25
N LYS B 231 -46.71 -21.82 -10.95
CA LYS B 231 -47.16 -21.71 -9.57
C LYS B 231 -46.78 -22.92 -8.72
N THR B 232 -47.31 -24.10 -9.03
CA THR B 232 -47.02 -25.29 -8.25
C THR B 232 -46.84 -26.50 -9.16
N ALA B 233 -46.11 -26.34 -10.25
CA ALA B 233 -45.83 -27.44 -11.16
C ALA B 233 -44.62 -27.09 -12.01
N ARG B 234 -43.96 -28.12 -12.52
CA ARG B 234 -42.74 -27.96 -13.29
C ARG B 234 -43.05 -27.97 -14.78
N TYR B 235 -42.74 -26.87 -15.46
CA TYR B 235 -42.81 -26.85 -16.92
C TYR B 235 -41.90 -27.93 -17.51
N TRP B 236 -40.61 -27.82 -17.27
CA TRP B 236 -39.64 -28.79 -17.75
C TRP B 236 -38.58 -29.03 -16.69
N ARG B 237 -37.65 -29.93 -17.00
CA ARG B 237 -36.56 -30.30 -16.11
C ARG B 237 -35.56 -31.11 -16.92
N ILE B 238 -34.27 -30.85 -16.70
CA ILE B 238 -33.23 -31.65 -17.32
C ILE B 238 -32.15 -31.94 -16.28
N LYS B 239 -31.77 -33.21 -16.18
CA LYS B 239 -30.74 -33.65 -15.24
C LYS B 239 -29.52 -34.07 -16.04
N SER B 240 -28.36 -33.55 -15.66
CA SER B 240 -27.12 -33.88 -16.35
C SER B 240 -25.98 -34.07 -15.35
N LYS B 241 -24.76 -34.17 -15.85
CA LYS B 241 -23.59 -34.07 -14.99
C LYS B 241 -23.26 -32.60 -14.75
N ASN B 242 -22.17 -32.36 -14.02
CA ASN B 242 -21.61 -31.02 -13.84
C ASN B 242 -22.66 -30.04 -13.31
N GLN B 243 -23.13 -30.32 -12.10
CA GLN B 243 -24.28 -29.60 -11.53
C GLN B 243 -24.12 -28.09 -11.67
N ALA B 244 -25.23 -27.42 -11.95
CA ALA B 244 -25.20 -26.00 -12.27
C ALA B 244 -24.71 -25.18 -11.09
N MET B 245 -23.84 -24.21 -11.38
CA MET B 245 -23.34 -23.34 -10.34
C MET B 245 -24.20 -22.08 -10.22
N SER B 246 -24.55 -21.47 -11.35
CA SER B 246 -25.29 -20.22 -11.34
C SER B 246 -26.28 -20.17 -12.48
N ILE B 247 -27.55 -19.95 -12.16
CA ILE B 247 -28.60 -19.78 -13.15
C ILE B 247 -29.12 -18.35 -13.07
N HIS B 248 -29.50 -17.82 -14.23
CA HIS B 248 -29.99 -16.45 -14.33
C HIS B 248 -30.77 -16.32 -15.63
N ALA B 249 -31.96 -15.77 -15.54
CA ALA B 249 -32.87 -15.68 -16.68
C ALA B 249 -32.59 -14.40 -17.46
N PHE B 250 -32.35 -14.54 -18.76
CA PHE B 250 -32.09 -13.43 -19.66
C PHE B 250 -32.85 -13.68 -20.96
N ASP B 251 -32.75 -12.73 -21.89
CA ASP B 251 -33.50 -12.77 -23.20
C ASP B 251 -32.48 -12.86 -24.31
N LEU B 252 -31.81 -13.98 -24.45
CA LEU B 252 -30.71 -14.02 -25.43
C LEU B 252 -31.20 -13.79 -26.86
N ASN B 253 -32.22 -14.51 -27.30
CA ASN B 253 -32.73 -14.38 -28.67
C ASN B 253 -33.56 -13.12 -28.86
N SER B 254 -33.80 -12.40 -27.77
CA SER B 254 -34.58 -11.17 -27.77
C SER B 254 -35.98 -11.35 -28.36
N ASP B 255 -36.63 -12.46 -28.01
CA ASP B 255 -37.96 -12.75 -28.51
C ASP B 255 -38.99 -12.17 -27.55
N GLY B 256 -38.50 -11.40 -26.58
CA GLY B 256 -39.38 -10.77 -25.58
C GLY B 256 -39.68 -11.61 -24.35
N VAL B 257 -39.32 -12.89 -24.34
CA VAL B 257 -39.52 -13.79 -23.16
C VAL B 257 -38.14 -14.23 -22.70
N CYS B 258 -37.87 -14.20 -21.40
CA CYS B 258 -36.55 -14.54 -20.83
C CYS B 258 -36.27 -16.03 -20.94
N GLU B 259 -35.00 -16.43 -20.96
CA GLU B 259 -34.63 -17.87 -21.07
C GLU B 259 -33.70 -18.25 -19.92
N LEU B 260 -33.63 -19.51 -19.52
CA LEU B 260 -32.73 -19.79 -18.38
C LEU B 260 -31.25 -19.86 -18.80
N ILE B 261 -30.47 -18.78 -18.69
CA ILE B 261 -29.02 -18.94 -18.77
C ILE B 261 -28.51 -19.76 -17.60
N THR B 262 -27.55 -20.64 -17.89
CA THR B 262 -27.03 -21.55 -16.88
C THR B 262 -25.52 -21.67 -17.07
N GLY B 263 -24.78 -21.73 -15.96
CA GLY B 263 -23.37 -22.01 -16.03
C GLY B 263 -23.00 -23.26 -15.26
N TRP B 264 -22.56 -24.30 -15.97
CA TRP B 264 -22.39 -25.61 -15.36
C TRP B 264 -20.98 -25.76 -14.78
N SER B 265 -20.74 -26.91 -14.14
CA SER B 265 -19.49 -27.13 -13.44
C SER B 265 -18.32 -27.39 -14.39
N ASN B 266 -18.60 -27.69 -15.66
CA ASN B 266 -17.52 -27.94 -16.61
C ASN B 266 -17.10 -26.69 -17.36
N GLY B 267 -18.04 -25.77 -17.59
CA GLY B 267 -17.74 -24.55 -18.31
C GLY B 267 -18.86 -24.17 -19.27
N LYS B 268 -19.71 -25.13 -19.59
CA LYS B 268 -20.76 -24.92 -20.58
C LYS B 268 -21.77 -23.90 -20.08
N VAL B 269 -22.07 -22.92 -20.91
CA VAL B 269 -23.14 -21.95 -20.68
C VAL B 269 -24.20 -22.23 -21.72
N ASP B 270 -25.33 -22.82 -21.31
CA ASP B 270 -26.39 -23.18 -22.23
C ASP B 270 -27.62 -22.33 -21.95
N ALA B 271 -27.87 -21.35 -22.82
CA ALA B 271 -29.10 -20.60 -22.77
C ALA B 271 -30.23 -21.45 -23.32
N ARG B 272 -31.11 -21.90 -22.43
CA ARG B 272 -32.25 -22.73 -22.78
C ARG B 272 -33.50 -21.86 -22.86
N SER B 273 -34.65 -22.50 -23.02
CA SER B 273 -35.93 -21.81 -23.10
C SER B 273 -36.75 -22.11 -21.88
N ASP B 274 -37.67 -21.20 -21.55
CA ASP B 274 -38.63 -21.51 -20.50
C ASP B 274 -39.80 -22.30 -21.01
N ARG B 275 -39.62 -22.89 -22.20
CA ARG B 275 -40.59 -23.79 -22.81
C ARG B 275 -39.88 -25.11 -23.09
N THR B 276 -40.30 -26.16 -22.38
CA THR B 276 -39.87 -27.57 -22.55
C THR B 276 -38.35 -27.71 -22.56
N GLY B 277 -37.61 -26.69 -22.14
CA GLY B 277 -36.17 -26.78 -21.96
C GLY B 277 -35.39 -27.23 -23.17
N GLU B 278 -35.42 -26.45 -24.25
CA GLU B 278 -34.69 -26.75 -25.47
C GLU B 278 -33.52 -25.77 -25.61
N VAL B 279 -32.31 -26.31 -25.74
CA VAL B 279 -31.11 -25.49 -25.78
C VAL B 279 -31.15 -24.58 -26.99
N ILE B 280 -31.03 -23.28 -26.76
CA ILE B 280 -31.04 -22.29 -27.83
C ILE B 280 -29.63 -21.79 -28.13
N PHE B 281 -28.91 -21.34 -27.11
CA PHE B 281 -27.54 -20.85 -27.29
C PHE B 281 -26.60 -21.68 -26.44
N LYS B 282 -25.34 -21.78 -26.87
CA LYS B 282 -24.39 -22.59 -26.13
C LYS B 282 -22.99 -21.98 -26.26
N ASP B 283 -22.23 -22.11 -25.18
CA ASP B 283 -20.85 -21.61 -25.13
C ASP B 283 -20.08 -22.48 -24.15
N ASN B 284 -18.76 -22.34 -24.16
CA ASN B 284 -17.90 -23.13 -23.29
C ASN B 284 -16.76 -22.28 -22.77
N PHE B 285 -16.17 -22.73 -21.66
CA PHE B 285 -15.08 -22.04 -21.00
C PHE B 285 -13.90 -22.98 -20.80
N SER B 286 -12.90 -22.53 -20.05
CA SER B 286 -11.78 -23.39 -19.67
C SER B 286 -11.93 -23.98 -18.27
N SER B 287 -12.58 -23.26 -17.36
CA SER B 287 -12.85 -23.73 -16.02
C SER B 287 -14.36 -23.71 -15.80
N ALA B 288 -14.78 -23.97 -14.55
CA ALA B 288 -16.19 -23.91 -14.22
C ALA B 288 -16.70 -22.48 -14.37
N ILE B 289 -18.02 -22.34 -14.31
CA ILE B 289 -18.66 -21.04 -14.41
C ILE B 289 -19.04 -20.58 -13.02
N ALA B 290 -18.42 -19.49 -12.58
CA ALA B 290 -18.79 -18.90 -11.30
C ALA B 290 -20.17 -18.26 -11.38
N GLY B 291 -20.32 -17.24 -12.23
CA GLY B 291 -21.58 -16.54 -12.26
C GLY B 291 -21.98 -15.92 -13.57
N VAL B 292 -23.27 -16.05 -13.91
CA VAL B 292 -23.85 -15.38 -15.06
C VAL B 292 -24.75 -14.27 -14.53
N VAL B 293 -24.47 -13.03 -14.94
CA VAL B 293 -25.18 -11.87 -14.42
C VAL B 293 -25.38 -10.85 -15.54
N GLU B 294 -26.50 -10.13 -15.48
CA GLU B 294 -26.80 -9.12 -16.48
C GLU B 294 -26.38 -7.75 -15.96
N GLY B 295 -25.89 -6.92 -16.87
CA GLY B 295 -25.42 -5.58 -16.54
C GLY B 295 -24.75 -4.91 -17.71
N ASP B 296 -25.05 -3.64 -17.95
CA ASP B 296 -24.65 -2.96 -19.17
C ASP B 296 -23.27 -2.34 -18.98
N TYR B 297 -22.23 -3.14 -19.23
CA TYR B 297 -20.85 -2.63 -19.15
C TYR B 297 -20.63 -1.51 -20.15
N ARG B 298 -20.80 -1.81 -21.43
CA ARG B 298 -20.38 -0.94 -22.53
C ARG B 298 -21.20 0.33 -22.63
N MET B 299 -22.11 0.58 -21.70
CA MET B 299 -22.88 1.83 -21.66
C MET B 299 -23.64 2.04 -22.97
N GLU B 300 -24.44 1.05 -23.34
CA GLU B 300 -25.23 1.08 -24.56
C GLU B 300 -26.72 1.26 -24.29
N GLY B 301 -27.11 1.46 -23.04
CA GLY B 301 -28.50 1.62 -22.69
C GLY B 301 -29.32 0.34 -22.71
N CYS B 302 -28.72 -0.79 -23.04
CA CYS B 302 -29.39 -2.08 -23.04
C CYS B 302 -28.57 -3.07 -22.23
N GLN B 303 -29.27 -3.95 -21.51
CA GLN B 303 -28.60 -4.91 -20.65
C GLN B 303 -27.70 -5.84 -21.46
N GLN B 304 -26.76 -6.46 -20.76
CA GLN B 304 -25.82 -7.42 -21.34
C GLN B 304 -25.95 -8.74 -20.61
N LEU B 305 -25.05 -9.66 -20.92
CA LEU B 305 -24.94 -10.93 -20.20
C LEU B 305 -23.46 -11.23 -20.01
N ILE B 306 -22.98 -11.12 -18.78
CA ILE B 306 -21.59 -11.39 -18.45
C ILE B 306 -21.51 -12.77 -17.82
N CYS B 307 -20.59 -13.59 -18.33
CA CYS B 307 -20.27 -14.89 -17.76
C CYS B 307 -18.89 -14.78 -17.15
N CYS B 308 -18.77 -15.17 -15.89
CA CYS B 308 -17.54 -15.06 -15.13
C CYS B 308 -17.16 -16.46 -14.67
N SER B 309 -15.95 -16.88 -15.01
CA SER B 309 -15.50 -18.22 -14.68
C SER B 309 -14.98 -18.28 -13.25
N VAL B 310 -14.67 -19.49 -12.81
CA VAL B 310 -14.02 -19.67 -11.52
C VAL B 310 -12.57 -19.22 -11.59
N ASP B 311 -11.91 -19.48 -12.72
CA ASP B 311 -10.50 -19.11 -12.87
C ASP B 311 -10.31 -17.65 -13.21
N GLY B 312 -11.37 -16.89 -13.43
CA GLY B 312 -11.29 -15.46 -13.54
C GLY B 312 -11.30 -14.87 -14.93
N GLU B 313 -11.91 -15.54 -15.90
CA GLU B 313 -12.11 -14.96 -17.23
C GLU B 313 -13.57 -14.53 -17.38
N ILE B 314 -13.77 -13.32 -17.88
CA ILE B 314 -15.09 -12.73 -18.04
C ILE B 314 -15.35 -12.56 -19.54
N ARG B 315 -16.59 -12.84 -19.95
CA ARG B 315 -16.97 -12.65 -21.34
C ARG B 315 -18.41 -12.18 -21.40
N GLY B 316 -18.66 -11.19 -22.26
CA GLY B 316 -19.96 -10.54 -22.30
C GLY B 316 -20.61 -10.52 -23.66
N TYR B 317 -21.88 -10.92 -23.69
CA TYR B 317 -22.69 -11.01 -24.89
C TYR B 317 -23.84 -10.01 -24.83
N LEU B 318 -24.20 -9.46 -25.99
CA LEU B 318 -25.40 -8.69 -26.26
C LEU B 318 -26.46 -9.58 -26.90
N PRO B 319 -27.75 -9.33 -26.66
CA PRO B 319 -28.79 -10.18 -27.25
C PRO B 319 -28.98 -9.94 -28.74
N ILE B 338 -30.61 -30.41 -36.45
CA ILE B 338 -31.37 -29.95 -37.61
C ILE B 338 -31.82 -31.14 -38.45
N ARG B 339 -31.26 -32.31 -38.14
CA ARG B 339 -31.56 -33.53 -38.87
C ARG B 339 -32.18 -34.62 -38.02
N GLU B 340 -32.26 -34.44 -36.70
CA GLU B 340 -32.70 -35.50 -35.79
C GLU B 340 -34.10 -36.00 -36.10
N LEU B 341 -34.94 -35.17 -36.72
CA LEU B 341 -36.31 -35.60 -37.00
C LEU B 341 -36.34 -36.68 -38.08
N SER B 342 -35.42 -36.63 -39.04
CA SER B 342 -35.27 -37.74 -39.97
C SER B 342 -34.85 -39.01 -39.24
N GLN B 343 -34.04 -38.87 -38.19
CA GLN B 343 -33.70 -40.02 -37.37
C GLN B 343 -34.93 -40.57 -36.67
N LYS B 344 -35.82 -39.69 -36.19
CA LYS B 344 -37.07 -40.18 -35.62
C LYS B 344 -37.92 -40.90 -36.65
N LYS B 345 -37.95 -40.38 -37.88
CA LYS B 345 -38.64 -41.07 -38.96
C LYS B 345 -38.06 -42.47 -39.17
N GLN B 346 -36.74 -42.58 -39.13
CA GLN B 346 -36.11 -43.89 -39.30
C GLN B 346 -36.44 -44.82 -38.14
N ASN B 347 -36.51 -44.28 -36.92
CA ASN B 347 -36.92 -45.10 -35.78
C ASN B 347 -38.35 -45.60 -35.95
N LEU B 348 -39.23 -44.74 -36.46
CA LEU B 348 -40.60 -45.17 -36.72
C LEU B 348 -40.64 -46.27 -37.77
N LEU B 349 -39.84 -46.13 -38.83
CA LEU B 349 -39.78 -47.16 -39.85
C LEU B 349 -39.21 -48.46 -39.29
N LEU B 350 -38.26 -48.36 -38.35
CA LEU B 350 -37.73 -49.55 -37.71
C LEU B 350 -38.79 -50.25 -36.87
N GLU B 351 -39.59 -49.46 -36.14
CA GLU B 351 -40.71 -50.03 -35.40
C GLU B 351 -41.66 -50.76 -36.34
N LEU B 352 -41.97 -50.13 -37.49
CA LEU B 352 -42.82 -50.78 -38.48
C LEU B 352 -42.20 -52.08 -38.98
N ARG B 353 -40.87 -52.08 -39.17
CA ARG B 353 -40.18 -53.31 -39.54
C ARG B 353 -40.36 -54.39 -38.49
N ASN B 354 -40.29 -54.00 -37.21
CA ASN B 354 -40.47 -54.97 -36.14
C ASN B 354 -41.88 -55.56 -36.17
N TYR B 355 -42.88 -54.69 -36.31
CA TYR B 355 -44.26 -55.17 -36.32
C TYR B 355 -44.57 -56.00 -37.56
N GLU B 356 -43.89 -55.73 -38.69
CA GLU B 356 -44.11 -56.56 -39.87
C GLU B 356 -43.40 -57.90 -39.75
N GLU B 357 -42.22 -57.92 -39.11
CA GLU B 357 -41.57 -59.18 -38.80
C GLU B 357 -42.45 -60.04 -37.89
N ASN B 358 -43.09 -59.42 -36.90
CA ASN B 358 -44.02 -60.14 -36.05
C ASN B 358 -45.20 -60.68 -36.86
N ALA B 359 -45.85 -59.81 -37.63
CA ALA B 359 -46.98 -60.22 -38.45
C ALA B 359 -46.90 -59.61 -39.84
N GLY B 375 -34.78 -65.54 -27.82
CA GLY B 375 -35.21 -64.60 -26.80
C GLY B 375 -36.63 -64.12 -26.99
N VAL B 376 -37.55 -65.06 -27.27
CA VAL B 376 -38.94 -64.74 -27.49
C VAL B 376 -39.73 -65.11 -26.24
N ILE B 377 -40.83 -64.40 -26.02
CA ILE B 377 -41.62 -64.54 -24.80
C ILE B 377 -43.10 -64.57 -25.16
N PRO B 378 -43.91 -65.38 -24.49
CA PRO B 378 -45.37 -65.30 -24.68
C PRO B 378 -45.85 -63.86 -24.54
N ALA B 379 -46.64 -63.42 -25.53
CA ALA B 379 -47.00 -62.01 -25.61
C ALA B 379 -47.93 -61.56 -24.49
N ASN B 380 -48.55 -62.50 -23.77
CA ASN B 380 -49.52 -62.16 -22.73
C ASN B 380 -48.89 -62.08 -21.33
N THR B 381 -47.58 -61.81 -21.32
CA THR B 381 -46.78 -61.71 -20.08
C THR B 381 -47.09 -60.38 -19.40
N LYS B 382 -47.64 -60.44 -18.18
CA LYS B 382 -48.03 -59.21 -17.45
C LYS B 382 -47.17 -59.12 -16.19
N HIS B 383 -46.53 -57.97 -15.96
CA HIS B 383 -45.77 -57.80 -14.70
C HIS B 383 -46.72 -57.23 -13.64
N HIS B 384 -46.93 -57.95 -12.53
CA HIS B 384 -47.84 -57.49 -11.46
C HIS B 384 -47.05 -57.24 -10.19
N THR B 385 -47.18 -56.05 -9.60
CA THR B 385 -46.38 -55.69 -8.40
C THR B 385 -47.17 -55.91 -7.12
N ALA B 386 -46.50 -55.77 -5.96
CA ALA B 386 -47.17 -55.72 -4.67
C ALA B 386 -46.23 -55.12 -3.64
N LEU B 387 -46.73 -54.15 -2.89
CA LEU B 387 -45.97 -53.54 -1.81
C LEU B 387 -46.34 -54.18 -0.48
N SER B 388 -45.34 -54.25 0.40
CA SER B 388 -45.54 -54.74 1.76
C SER B 388 -44.41 -54.17 2.61
N VAL B 389 -44.38 -54.53 3.88
CA VAL B 389 -43.37 -54.04 4.80
C VAL B 389 -42.96 -55.17 5.73
N SER B 390 -41.65 -55.32 5.92
CA SER B 390 -41.09 -56.40 6.73
C SER B 390 -40.30 -55.84 7.90
N LEU B 391 -40.47 -56.46 9.07
CA LEU B 391 -39.83 -55.99 10.29
C LEU B 391 -38.51 -56.72 10.54
N GLY B 392 -38.55 -58.04 10.67
CA GLY B 392 -37.38 -58.83 10.97
C GLY B 392 -36.57 -59.22 9.76
N ALA B 398 -37.28 -55.00 8.26
CA ALA B 398 -37.03 -53.58 8.50
C ALA B 398 -36.89 -52.81 7.19
N HIS B 399 -37.80 -53.07 6.25
CA HIS B 399 -37.74 -52.42 4.95
C HIS B 399 -39.09 -52.55 4.26
N ALA B 400 -39.39 -51.61 3.37
CA ALA B 400 -40.59 -51.68 2.54
C ALA B 400 -40.27 -52.53 1.32
N GLU B 401 -40.84 -53.73 1.27
CA GLU B 401 -40.54 -54.66 0.19
C GLU B 401 -41.49 -54.45 -0.96
N LEU B 402 -40.97 -54.57 -2.18
CA LEU B 402 -41.76 -54.45 -3.40
C LEU B 402 -41.48 -55.69 -4.22
N CYS B 403 -42.49 -56.55 -4.37
CA CYS B 403 -42.33 -57.81 -5.09
C CYS B 403 -42.94 -57.70 -6.47
N ILE B 404 -42.18 -58.16 -7.47
CA ILE B 404 -42.60 -58.13 -8.86
C ILE B 404 -42.60 -59.55 -9.39
N SER B 405 -43.64 -59.92 -10.13
CA SER B 405 -43.77 -61.33 -10.62
C SER B 405 -44.33 -61.38 -12.04
N THR B 406 -44.39 -62.57 -12.63
CA THR B 406 -44.92 -62.74 -14.01
C THR B 406 -45.67 -64.07 -14.11
N SER B 407 -46.98 -64.03 -14.39
CA SER B 407 -47.82 -65.23 -14.36
C SER B 407 -47.48 -66.18 -15.51
N ASN B 408 -46.20 -66.49 -15.66
CA ASN B 408 -45.73 -67.37 -16.73
C ASN B 408 -44.57 -68.20 -16.18
N ASP B 409 -43.86 -68.86 -17.08
CA ASP B 409 -42.61 -69.51 -16.75
C ASP B 409 -41.41 -68.60 -17.01
N THR B 410 -41.64 -67.38 -17.46
CA THR B 410 -40.56 -66.44 -17.73
C THR B 410 -39.90 -66.02 -16.43
N ILE B 411 -38.72 -65.38 -16.56
CA ILE B 411 -37.89 -65.04 -15.42
C ILE B 411 -37.62 -63.53 -15.45
N ILE B 412 -37.25 -63.00 -14.29
CA ILE B 412 -36.91 -61.55 -14.15
C ILE B 412 -35.40 -61.44 -13.97
N ARG B 413 -34.68 -61.19 -15.06
CA ARG B 413 -33.23 -61.21 -15.06
C ARG B 413 -32.64 -60.04 -14.26
N ALA B 414 -33.28 -58.88 -14.30
CA ALA B 414 -32.77 -57.71 -13.58
C ALA B 414 -33.89 -56.68 -13.47
N VAL B 415 -33.82 -55.88 -12.41
CA VAL B 415 -34.78 -54.81 -12.18
C VAL B 415 -34.02 -53.52 -11.91
N LEU B 416 -34.40 -52.45 -12.58
CA LEU B 416 -33.66 -51.19 -12.39
C LEU B 416 -34.58 -50.08 -11.88
N ILE B 417 -34.97 -50.07 -10.60
CA ILE B 417 -35.88 -49.05 -10.02
C ILE B 417 -35.25 -47.67 -10.18
N PHE B 418 -36.03 -46.66 -10.54
CA PHE B 418 -35.52 -45.29 -10.66
C PHE B 418 -36.41 -44.35 -9.85
N ALA B 419 -35.87 -43.76 -8.79
CA ALA B 419 -36.48 -42.85 -7.83
C ALA B 419 -35.51 -41.73 -7.52
N GLU B 420 -36.05 -40.54 -7.28
CA GLU B 420 -35.20 -39.35 -7.19
C GLU B 420 -34.44 -39.29 -5.88
N GLY B 421 -35.16 -39.21 -4.76
CA GLY B 421 -34.54 -39.01 -3.46
C GLY B 421 -34.47 -40.19 -2.53
N VAL B 422 -34.98 -41.33 -2.93
CA VAL B 422 -35.04 -42.45 -1.97
C VAL B 422 -33.66 -43.09 -2.02
N PHE B 423 -33.35 -43.74 -3.13
CA PHE B 423 -32.06 -44.46 -3.25
C PHE B 423 -30.89 -43.51 -3.38
N ALA B 424 -29.71 -43.92 -2.93
CA ALA B 424 -28.48 -43.11 -3.14
C ALA B 424 -28.22 -43.22 -4.62
N GLY B 425 -27.92 -42.12 -5.31
CA GLY B 425 -27.86 -42.16 -6.79
C GLY B 425 -29.27 -42.05 -7.32
N GLU B 426 -29.53 -42.41 -8.56
CA GLU B 426 -30.93 -42.34 -8.99
C GLU B 426 -31.48 -43.75 -9.14
N SER B 427 -30.63 -44.78 -9.08
CA SER B 427 -31.10 -46.16 -9.40
C SER B 427 -30.90 -47.07 -8.18
N HIS B 428 -31.42 -48.30 -8.26
CA HIS B 428 -30.99 -49.34 -7.31
C HIS B 428 -31.08 -50.66 -8.02
N VAL B 429 -30.17 -50.92 -8.92
CA VAL B 429 -30.37 -52.15 -9.72
C VAL B 429 -30.31 -53.38 -8.87
N VAL B 430 -31.38 -54.17 -8.84
CA VAL B 430 -31.39 -55.41 -8.08
C VAL B 430 -30.75 -56.47 -8.96
N HIS B 431 -29.81 -57.23 -8.42
CA HIS B 431 -29.13 -58.26 -9.22
C HIS B 431 -29.32 -59.68 -8.71
N PRO B 432 -29.80 -60.59 -9.64
CA PRO B 432 -29.95 -61.96 -9.15
C PRO B 432 -28.93 -62.86 -9.86
N SER B 433 -28.18 -63.66 -9.12
CA SER B 433 -27.19 -64.51 -9.77
C SER B 433 -27.89 -65.62 -10.53
N VAL B 434 -27.19 -66.16 -11.53
CA VAL B 434 -27.79 -67.11 -12.46
C VAL B 434 -28.37 -68.32 -11.75
N HIS B 435 -27.83 -68.66 -10.57
CA HIS B 435 -28.38 -69.77 -9.80
C HIS B 435 -29.58 -69.36 -8.95
N HIS B 436 -29.87 -68.07 -8.87
CA HIS B 436 -30.92 -67.56 -7.99
C HIS B 436 -32.16 -67.09 -8.73
N LEU B 437 -32.15 -67.13 -10.06
CA LEU B 437 -33.25 -66.58 -10.84
C LEU B 437 -34.54 -67.34 -10.58
N SER B 438 -35.65 -66.60 -10.55
CA SER B 438 -36.97 -67.17 -10.37
C SER B 438 -38.00 -66.18 -10.90
N SER B 439 -39.27 -66.52 -10.76
CA SER B 439 -40.34 -65.67 -11.29
C SER B 439 -40.44 -64.36 -10.51
N SER B 440 -40.71 -64.45 -9.21
CA SER B 440 -40.96 -63.28 -8.37
C SER B 440 -39.68 -62.84 -7.69
N VAL B 441 -39.39 -61.54 -7.78
CA VAL B 441 -38.22 -60.96 -7.13
C VAL B 441 -38.66 -59.80 -6.25
N ARG B 442 -38.05 -59.68 -5.08
CA ARG B 442 -38.38 -58.66 -4.11
C ARG B 442 -37.26 -57.65 -4.02
N ILE B 443 -37.60 -56.37 -3.96
CA ILE B 443 -36.64 -55.29 -3.77
C ILE B 443 -36.93 -54.63 -2.43
N PRO B 444 -35.95 -54.53 -1.54
CA PRO B 444 -36.16 -53.77 -0.30
C PRO B 444 -35.89 -52.29 -0.49
N ILE B 445 -36.75 -51.44 0.07
CA ILE B 445 -36.63 -49.99 -0.05
C ILE B 445 -36.61 -49.40 1.35
N THR B 446 -35.77 -48.37 1.53
CA THR B 446 -35.65 -47.65 2.79
C THR B 446 -35.52 -46.16 2.51
N PRO B 447 -36.63 -45.47 2.29
CA PRO B 447 -36.56 -44.03 2.07
C PRO B 447 -35.99 -43.34 3.29
N PRO B 448 -35.35 -42.19 3.12
CA PRO B 448 -34.75 -41.49 4.25
C PRO B 448 -35.75 -40.60 4.98
N LYS B 449 -36.83 -40.23 4.31
CA LYS B 449 -37.83 -39.33 4.88
C LYS B 449 -39.19 -39.67 4.30
N ASP B 450 -40.24 -39.12 4.92
CA ASP B 450 -41.62 -39.43 4.56
C ASP B 450 -42.12 -38.40 3.54
N ILE B 451 -41.77 -38.65 2.29
CA ILE B 451 -42.30 -37.87 1.17
C ILE B 451 -42.75 -38.87 0.10
N PRO B 452 -43.96 -38.74 -0.45
CA PRO B 452 -44.45 -39.73 -1.41
C PRO B 452 -43.60 -39.73 -2.67
N VAL B 453 -43.03 -40.88 -2.99
CA VAL B 453 -42.13 -41.00 -4.12
C VAL B 453 -42.77 -41.92 -5.15
N ASP B 454 -42.28 -41.80 -6.40
CA ASP B 454 -42.84 -42.54 -7.52
C ASP B 454 -41.72 -43.31 -8.21
N LEU B 455 -41.59 -44.59 -7.87
CA LEU B 455 -40.61 -45.44 -8.53
C LEU B 455 -41.04 -45.73 -9.96
N HIS B 456 -40.09 -45.63 -10.88
CA HIS B 456 -40.29 -46.02 -12.28
C HIS B 456 -39.52 -47.31 -12.48
N LEU B 457 -40.18 -48.43 -12.20
CA LEU B 457 -39.53 -49.73 -12.33
C LEU B 457 -39.37 -50.10 -13.80
N LYS B 458 -38.26 -50.76 -14.10
CA LYS B 458 -37.98 -51.27 -15.44
C LYS B 458 -37.51 -52.71 -15.27
N THR B 459 -38.48 -53.63 -15.25
CA THR B 459 -38.17 -55.06 -14.99
C THR B 459 -37.71 -55.73 -16.28
N PHE B 460 -36.46 -56.21 -16.30
CA PHE B 460 -35.92 -56.93 -17.44
C PHE B 460 -36.48 -58.34 -17.40
N VAL B 461 -37.36 -58.64 -18.35
CA VAL B 461 -38.08 -59.93 -18.40
C VAL B 461 -37.48 -60.77 -19.51
N GLY B 462 -37.18 -62.05 -19.22
CA GLY B 462 -36.66 -62.93 -20.24
C GLY B 462 -36.46 -64.31 -19.68
N TYR B 463 -35.98 -65.21 -20.54
CA TYR B 463 -35.77 -66.60 -20.16
C TYR B 463 -34.43 -66.74 -19.44
N ARG B 464 -34.03 -67.98 -19.16
CA ARG B 464 -32.81 -68.21 -18.39
C ARG B 464 -31.57 -67.93 -19.23
N SER B 465 -31.37 -68.68 -20.30
CA SER B 465 -30.19 -68.55 -21.14
C SER B 465 -30.58 -67.74 -22.37
N SER B 466 -30.59 -66.42 -22.21
CA SER B 466 -30.98 -65.52 -23.29
C SER B 466 -29.94 -64.43 -23.43
N THR B 467 -29.79 -63.92 -24.65
CA THR B 467 -28.91 -62.81 -24.94
C THR B 467 -29.68 -61.54 -25.29
N GLN B 468 -31.01 -61.58 -25.27
CA GLN B 468 -31.82 -60.41 -25.58
C GLN B 468 -33.23 -60.67 -25.07
N PHE B 469 -33.78 -59.73 -24.30
CA PHE B 469 -35.07 -59.93 -23.66
C PHE B 469 -35.69 -58.59 -23.31
N HIS B 470 -36.99 -58.62 -23.00
CA HIS B 470 -37.80 -57.41 -22.95
C HIS B 470 -37.53 -56.60 -21.69
N VAL B 471 -37.98 -55.35 -21.71
CA VAL B 471 -37.87 -54.43 -20.58
C VAL B 471 -39.25 -53.85 -20.36
N PHE B 472 -39.97 -54.37 -19.35
CA PHE B 472 -41.35 -53.93 -19.03
C PHE B 472 -41.29 -52.76 -18.05
N GLU B 473 -41.89 -51.61 -18.44
CA GLU B 473 -41.87 -50.41 -17.61
C GLU B 473 -43.14 -50.33 -16.77
N LEU B 474 -43.01 -49.83 -15.53
CA LEU B 474 -44.14 -49.85 -14.56
C LEU B 474 -43.89 -48.78 -13.48
N THR B 475 -44.92 -48.00 -13.15
CA THR B 475 -44.84 -46.89 -12.21
C THR B 475 -45.58 -47.27 -10.94
N ARG B 476 -44.89 -47.18 -9.80
CA ARG B 476 -45.51 -47.51 -8.52
C ARG B 476 -45.11 -46.45 -7.50
N GLN B 477 -46.09 -45.90 -6.80
CA GLN B 477 -45.85 -44.79 -5.88
C GLN B 477 -45.82 -45.31 -4.44
N LEU B 478 -44.67 -45.16 -3.80
CA LEU B 478 -44.60 -45.32 -2.36
C LEU B 478 -45.26 -44.12 -1.70
N PRO B 479 -46.26 -44.33 -0.83
CA PRO B 479 -46.96 -43.19 -0.21
C PRO B 479 -46.03 -42.41 0.70
N ARG B 480 -46.57 -41.32 1.24
CA ARG B 480 -45.79 -40.44 2.10
C ARG B 480 -45.22 -41.20 3.29
N PHE B 481 -46.10 -41.81 4.08
CA PHE B 481 -45.68 -42.61 5.24
C PHE B 481 -45.58 -44.08 4.85
N SER B 482 -44.67 -44.36 3.94
CA SER B 482 -44.47 -45.74 3.47
C SER B 482 -43.98 -46.64 4.60
N MET B 483 -43.23 -46.07 5.54
CA MET B 483 -42.79 -46.80 6.72
C MET B 483 -43.90 -46.88 7.75
N TYR B 484 -43.56 -47.23 9.00
CA TYR B 484 -44.51 -47.34 10.09
C TYR B 484 -45.56 -48.43 9.81
N ALA B 485 -45.04 -49.66 9.74
CA ALA B 485 -45.90 -50.82 9.63
C ALA B 485 -46.91 -50.88 10.78
N LEU B 486 -48.10 -51.37 10.48
CA LEU B 486 -49.12 -51.53 11.50
C LEU B 486 -48.81 -52.73 12.38
N SER B 497 -45.63 -38.40 24.94
CA SER B 497 -45.74 -37.17 24.17
C SER B 497 -46.91 -37.25 23.20
N TYR B 498 -47.83 -36.29 23.28
CA TYR B 498 -48.96 -36.32 22.36
C TYR B 498 -49.37 -34.92 21.97
N VAL B 499 -49.91 -34.81 20.76
CA VAL B 499 -50.52 -33.60 20.25
C VAL B 499 -51.99 -33.88 19.96
N ASN B 500 -52.85 -32.94 20.32
CA ASN B 500 -54.29 -33.13 20.19
C ASN B 500 -54.91 -31.95 19.47
N PHE B 501 -55.93 -32.25 18.65
CA PHE B 501 -56.68 -31.22 17.95
C PHE B 501 -57.97 -31.86 17.44
N ILE B 502 -58.84 -31.01 16.91
CA ILE B 502 -60.16 -31.43 16.44
C ILE B 502 -60.19 -31.42 14.93
N ILE B 503 -61.02 -32.28 14.36
CA ILE B 503 -61.18 -32.39 12.91
C ILE B 503 -62.62 -32.04 12.58
N ALA B 504 -62.91 -31.92 11.29
CA ALA B 504 -64.21 -31.42 10.89
C ALA B 504 -65.32 -32.45 11.15
N GLU B 505 -65.30 -33.56 10.42
CA GLU B 505 -66.31 -34.61 10.50
C GLU B 505 -65.81 -35.81 9.71
N ARG B 506 -66.71 -36.77 9.48
CA ARG B 506 -66.51 -37.87 8.53
C ARG B 506 -65.30 -38.74 8.91
N ALA B 507 -65.47 -39.45 10.03
CA ALA B 507 -64.50 -40.47 10.41
C ALA B 507 -64.18 -41.41 9.26
N GLN B 508 -65.14 -41.65 8.37
CA GLN B 508 -64.87 -42.42 7.15
C GLN B 508 -63.80 -41.73 6.32
N ARG B 509 -63.85 -40.40 6.22
CA ARG B 509 -62.81 -39.69 5.48
C ARG B 509 -61.47 -39.78 6.19
N VAL B 510 -61.47 -39.90 7.52
CA VAL B 510 -60.22 -40.15 8.23
C VAL B 510 -59.68 -41.54 7.88
N VAL B 511 -60.57 -42.52 7.77
CA VAL B 511 -60.16 -43.84 7.31
C VAL B 511 -59.55 -43.74 5.92
N MET B 512 -60.13 -42.90 5.08
CA MET B 512 -59.61 -42.71 3.72
C MET B 512 -58.20 -42.12 3.75
N TRP B 513 -58.02 -41.06 4.54
CA TRP B 513 -56.68 -40.46 4.67
C TRP B 513 -55.68 -41.49 5.17
N LEU B 514 -56.04 -42.27 6.18
CA LEU B 514 -55.12 -43.25 6.74
C LEU B 514 -54.82 -44.37 5.73
N ASN B 515 -55.79 -44.72 4.89
CA ASN B 515 -55.59 -45.78 3.93
C ASN B 515 -54.85 -45.32 2.68
N GLN B 516 -54.84 -44.02 2.41
CA GLN B 516 -54.17 -43.50 1.22
C GLN B 516 -52.80 -42.90 1.51
N ASN B 517 -52.38 -42.86 2.78
CA ASN B 517 -51.06 -42.35 3.14
C ASN B 517 -50.28 -43.34 3.99
N PHE B 518 -50.72 -44.59 4.06
CA PHE B 518 -50.05 -45.60 4.85
C PHE B 518 -50.23 -46.94 4.17
N LEU B 519 -49.26 -47.83 4.37
CA LEU B 519 -49.30 -49.16 3.76
C LEU B 519 -49.90 -50.16 4.75
N LEU B 520 -51.18 -49.94 5.04
CA LEU B 520 -51.89 -50.83 5.95
C LEU B 520 -52.18 -52.17 5.27
N SER B 551 -66.24 -37.19 19.37
CA SER B 551 -66.34 -35.75 19.16
C SER B 551 -65.53 -35.26 17.96
N GLY B 552 -64.67 -36.10 17.41
CA GLY B 552 -63.85 -35.70 16.27
C GLY B 552 -62.51 -35.15 16.69
N GLU B 553 -61.95 -35.69 17.77
CA GLU B 553 -60.66 -35.26 18.29
C GLU B 553 -59.61 -36.31 17.97
N ILE B 554 -58.50 -35.87 17.39
CA ILE B 554 -57.43 -36.76 16.93
C ILE B 554 -56.30 -36.69 17.93
N THR B 555 -55.97 -37.83 18.54
CA THR B 555 -54.83 -37.92 19.44
C THR B 555 -53.69 -38.63 18.71
N VAL B 556 -52.59 -37.90 18.52
CA VAL B 556 -51.36 -38.45 17.97
C VAL B 556 -50.36 -38.53 19.11
N ASN B 557 -49.84 -39.74 19.35
CA ASN B 557 -49.00 -40.02 20.51
C ASN B 557 -47.55 -40.28 20.10
N THR B 558 -47.04 -39.50 19.16
CA THR B 558 -45.66 -39.67 18.69
C THR B 558 -44.72 -38.87 19.57
N ASP B 559 -43.71 -39.54 20.13
CA ASP B 559 -42.65 -38.82 20.81
C ASP B 559 -41.82 -37.99 19.85
N ASP B 560 -41.83 -38.31 18.57
CA ASP B 560 -41.17 -37.49 17.56
C ASP B 560 -42.06 -36.32 17.20
N ILE B 561 -41.46 -35.15 17.04
CA ILE B 561 -42.22 -33.94 16.76
C ILE B 561 -42.32 -33.65 15.26
N ASP B 562 -41.27 -33.95 14.50
CA ASP B 562 -41.33 -33.77 13.05
C ASP B 562 -42.39 -34.69 12.44
N LEU B 563 -42.53 -35.90 12.99
CA LEU B 563 -43.53 -36.84 12.49
C LEU B 563 -44.94 -36.33 12.74
N ALA B 564 -45.19 -35.81 13.95
CA ALA B 564 -46.51 -35.26 14.25
C ALA B 564 -46.80 -34.03 13.39
N GLY B 565 -45.78 -33.20 13.16
CA GLY B 565 -45.94 -32.07 12.25
C GLY B 565 -46.33 -32.52 10.86
N ASP B 566 -45.64 -33.53 10.34
CA ASP B 566 -45.97 -34.06 9.02
C ASP B 566 -47.40 -34.59 8.98
N ILE B 567 -47.80 -35.33 10.01
CA ILE B 567 -49.15 -35.90 10.04
C ILE B 567 -50.19 -34.79 10.05
N ILE B 568 -49.97 -33.77 10.89
CA ILE B 568 -50.96 -32.70 11.01
C ILE B 568 -51.07 -31.91 9.70
N GLN B 569 -49.92 -31.57 9.10
CA GLN B 569 -49.97 -30.80 7.86
C GLN B 569 -50.58 -31.61 6.72
N SER B 570 -50.27 -32.90 6.65
CA SER B 570 -50.85 -33.74 5.60
C SER B 570 -52.36 -33.89 5.78
N MET B 571 -52.81 -34.11 7.03
CA MET B 571 -54.23 -34.26 7.28
C MET B 571 -54.98 -32.96 7.07
N ALA B 572 -54.32 -31.82 7.27
CA ALA B 572 -54.95 -30.53 6.99
C ALA B 572 -55.07 -30.32 5.48
N SER B 573 -54.00 -30.55 4.73
CA SER B 573 -54.07 -30.45 3.28
C SER B 573 -55.00 -31.48 2.68
N PHE B 574 -55.30 -32.55 3.41
CA PHE B 574 -56.19 -33.59 2.89
C PHE B 574 -57.66 -33.22 3.12
N PHE B 575 -58.01 -32.74 4.31
CA PHE B 575 -59.37 -32.37 4.64
C PHE B 575 -59.70 -30.93 4.24
N ALA B 576 -58.86 -30.28 3.46
CA ALA B 576 -59.08 -28.91 2.99
C ALA B 576 -59.33 -27.97 4.16
N ILE B 577 -58.32 -27.85 5.02
CA ILE B 577 -58.40 -27.03 6.23
C ILE B 577 -57.42 -25.88 6.10
N GLU B 578 -57.87 -24.68 6.46
CA GLU B 578 -57.05 -23.49 6.36
C GLU B 578 -56.29 -23.19 7.66
N ASP B 579 -57.01 -23.16 8.78
CA ASP B 579 -56.41 -22.80 10.05
C ASP B 579 -56.72 -23.88 11.09
N LEU B 580 -55.86 -23.98 12.09
CA LEU B 580 -56.01 -25.00 13.12
C LEU B 580 -55.05 -24.69 14.26
N GLN B 581 -55.48 -25.01 15.49
CA GLN B 581 -54.67 -24.85 16.68
C GLN B 581 -54.61 -26.18 17.42
N VAL B 582 -53.47 -26.48 18.02
CA VAL B 582 -53.24 -27.80 18.59
C VAL B 582 -53.02 -27.70 20.10
N GLU B 583 -52.89 -28.86 20.75
CA GLU B 583 -52.51 -28.97 22.16
C GLU B 583 -51.46 -30.07 22.23
N ALA B 584 -50.19 -29.68 22.28
CA ALA B 584 -49.07 -30.61 22.14
C ALA B 584 -48.22 -30.63 23.40
N ASP B 585 -47.76 -31.83 23.76
CA ASP B 585 -46.85 -32.02 24.88
C ASP B 585 -45.69 -32.89 24.42
N PHE B 586 -44.48 -32.38 24.59
CA PHE B 586 -43.25 -33.14 24.27
C PHE B 586 -42.26 -32.95 25.41
N PRO B 587 -42.51 -33.62 26.55
CA PRO B 587 -41.67 -33.38 27.74
C PRO B 587 -40.18 -33.62 27.51
N VAL B 588 -39.84 -34.83 27.04
CA VAL B 588 -38.44 -35.20 26.90
C VAL B 588 -37.73 -34.35 25.85
N TYR B 589 -38.47 -33.76 24.92
CA TYR B 589 -37.89 -32.87 23.92
C TYR B 589 -37.83 -31.43 24.41
N PHE B 590 -38.88 -30.98 25.10
CA PHE B 590 -38.88 -29.62 25.61
C PHE B 590 -37.80 -29.41 26.65
N GLU B 591 -37.58 -30.40 27.53
CA GLU B 591 -36.53 -30.24 28.53
C GLU B 591 -35.15 -30.23 27.89
N GLU B 592 -34.95 -31.00 26.82
CA GLU B 592 -33.69 -30.96 26.09
C GLU B 592 -33.46 -29.58 25.47
N LEU B 593 -34.51 -29.02 24.86
CA LEU B 593 -34.39 -27.66 24.32
C LEU B 593 -34.10 -26.66 25.43
N ARG B 594 -34.69 -26.84 26.60
CA ARG B 594 -34.41 -25.97 27.72
C ARG B 594 -32.94 -26.04 28.13
N LYS B 595 -32.39 -27.26 28.18
CA LYS B 595 -30.98 -27.41 28.55
C LYS B 595 -30.08 -26.76 27.49
N VAL B 596 -30.45 -26.88 26.21
CA VAL B 596 -29.69 -26.20 25.16
C VAL B 596 -29.74 -24.68 25.35
N LEU B 597 -30.92 -24.16 25.65
CA LEU B 597 -31.07 -22.73 25.90
C LEU B 597 -30.22 -22.28 27.08
N VAL B 598 -30.12 -23.13 28.10
CA VAL B 598 -29.27 -22.82 29.25
C VAL B 598 -27.81 -22.78 28.82
N LYS B 599 -27.38 -23.76 28.03
CA LYS B 599 -25.99 -23.80 27.57
C LYS B 599 -25.62 -22.63 26.66
N VAL B 600 -26.61 -22.00 26.02
CA VAL B 600 -26.34 -20.95 25.04
C VAL B 600 -25.52 -19.81 25.67
N ASP B 601 -26.00 -19.25 26.78
CA ASP B 601 -25.35 -18.07 27.34
C ASP B 601 -23.96 -18.41 27.89
N GLU B 602 -23.82 -19.60 28.46
CA GLU B 602 -22.50 -20.05 28.90
C GLU B 602 -21.53 -20.10 27.73
N TYR B 603 -21.97 -20.65 26.58
CA TYR B 603 -21.12 -20.65 25.40
C TYR B 603 -20.76 -19.24 24.98
N HIS B 604 -21.74 -18.33 25.04
CA HIS B 604 -21.47 -16.93 24.68
C HIS B 604 -20.37 -16.34 25.56
N SER B 605 -20.49 -16.51 26.87
CA SER B 605 -19.51 -15.97 27.79
C SER B 605 -18.12 -16.56 27.55
N VAL B 606 -18.06 -17.88 27.36
CA VAL B 606 -16.77 -18.53 27.10
C VAL B 606 -16.14 -17.97 25.83
N HIS B 607 -16.95 -17.79 24.78
CA HIS B 607 -16.43 -17.23 23.54
C HIS B 607 -15.90 -15.83 23.76
N GLN B 608 -16.60 -15.01 24.54
CA GLN B 608 -16.13 -13.65 24.80
C GLN B 608 -14.80 -13.66 25.55
N LYS B 609 -14.68 -14.50 26.56
CA LYS B 609 -13.42 -14.60 27.31
C LYS B 609 -12.28 -15.00 26.39
N LEU B 610 -12.49 -16.05 25.60
CA LEU B 610 -11.43 -16.53 24.72
C LEU B 610 -11.06 -15.50 23.67
N SER B 611 -12.06 -14.74 23.18
CA SER B 611 -11.79 -13.71 22.20
C SER B 611 -10.93 -12.59 22.78
N ALA B 612 -11.25 -12.14 23.99
CA ALA B 612 -10.43 -11.13 24.64
C ALA B 612 -9.01 -11.63 24.84
N ASP B 613 -8.86 -12.87 25.30
CA ASP B 613 -7.53 -13.42 25.54
C ASP B 613 -6.72 -13.49 24.25
N MET B 614 -7.34 -13.99 23.18
CA MET B 614 -6.63 -14.11 21.91
C MET B 614 -6.29 -12.75 21.32
N ALA B 615 -7.15 -11.75 21.54
CA ALA B 615 -6.81 -10.40 21.09
C ALA B 615 -5.58 -9.87 21.84
N ASP B 616 -5.53 -10.10 23.15
CA ASP B 616 -4.36 -9.68 23.92
C ASP B 616 -3.11 -10.35 23.39
N ASN B 617 -3.17 -11.66 23.16
CA ASN B 617 -2.00 -12.37 22.66
C ASN B 617 -1.60 -11.91 21.26
N SER B 618 -2.58 -11.55 20.42
CA SER B 618 -2.26 -11.06 19.10
C SER B 618 -1.56 -9.71 19.15
N ASN B 619 -1.99 -8.85 20.08
CA ASN B 619 -1.28 -7.58 20.26
C ASN B 619 0.14 -7.82 20.73
N LEU B 620 0.33 -8.76 21.66
CA LEU B 620 1.67 -9.14 22.08
C LEU B 620 2.51 -9.60 20.89
N ILE B 621 1.92 -10.41 20.00
CA ILE B 621 2.66 -10.94 18.86
C ILE B 621 3.05 -9.83 17.90
N ARG B 622 2.16 -8.85 17.69
CA ARG B 622 2.51 -7.73 16.82
C ARG B 622 3.66 -6.92 17.40
N SER B 623 3.58 -6.61 18.69
CA SER B 623 4.69 -5.90 19.33
C SER B 623 5.98 -6.69 19.22
N LEU B 624 5.88 -8.00 19.40
CA LEU B 624 7.04 -8.87 19.33
C LEU B 624 7.61 -8.88 17.92
N LEU B 625 6.74 -8.88 16.92
CA LEU B 625 7.19 -8.88 15.54
C LEU B 625 7.98 -7.60 15.27
N VAL B 626 7.46 -6.48 15.75
CA VAL B 626 8.15 -5.21 15.56
C VAL B 626 9.42 -5.18 16.39
N GLN B 627 9.33 -5.66 17.62
CA GLN B 627 10.49 -5.71 18.51
C GLN B 627 11.55 -6.63 17.92
N ALA B 628 11.11 -7.77 17.39
CA ALA B 628 12.02 -8.74 16.79
C ALA B 628 12.72 -8.17 15.57
N GLU B 629 11.98 -7.42 14.77
CA GLU B 629 12.51 -6.81 13.56
C GLU B 629 13.62 -5.81 13.87
N ASP B 630 13.45 -5.05 14.94
CA ASP B 630 14.44 -4.05 15.33
C ASP B 630 15.79 -4.68 15.67
N ALA B 631 15.74 -5.81 16.37
CA ALA B 631 16.98 -6.51 16.74
C ALA B 631 17.71 -6.97 15.49
N ARG B 632 16.97 -7.48 14.53
CA ARG B 632 17.54 -7.95 13.28
C ARG B 632 18.20 -6.80 12.52
N LEU B 633 17.54 -5.64 12.53
CA LEU B 633 18.07 -4.47 11.85
C LEU B 633 19.37 -4.02 12.49
N MET B 634 19.37 -3.86 13.81
CA MET B 634 20.58 -3.44 14.50
C MET B 634 21.60 -4.56 14.64
N ARG B 635 21.30 -5.74 14.10
CA ARG B 635 22.20 -6.90 14.12
C ARG B 635 22.55 -7.30 15.55
N ASP B 636 21.52 -7.45 16.36
CA ASP B 636 21.64 -8.02 17.71
C ASP B 636 20.96 -9.39 17.65
N MET B 637 21.73 -10.42 17.31
CA MET B 637 21.16 -11.72 17.00
C MET B 637 20.61 -12.42 18.24
N LYS B 638 21.20 -12.17 19.40
CA LYS B 638 20.74 -12.85 20.62
C LYS B 638 19.31 -12.43 20.96
N THR B 639 19.06 -11.11 21.00
CA THR B 639 17.71 -10.65 21.30
C THR B 639 16.74 -11.01 20.19
N MET B 640 17.21 -11.11 18.95
CA MET B 640 16.35 -11.56 17.86
C MET B 640 15.89 -12.99 18.10
N LYS B 641 16.83 -13.87 18.45
CA LYS B 641 16.46 -15.25 18.75
C LYS B 641 15.53 -15.30 19.97
N ASN B 642 15.73 -14.41 20.93
CA ASN B 642 14.85 -14.37 22.11
C ASN B 642 13.43 -13.99 21.70
N ARG B 643 13.30 -12.95 20.87
CA ARG B 643 11.98 -12.54 20.39
C ARG B 643 11.30 -13.66 19.63
N TYR B 644 12.07 -14.40 18.83
CA TYR B 644 11.44 -15.47 18.06
C TYR B 644 11.04 -16.66 18.94
N LYS B 645 11.80 -16.93 20.00
CA LYS B 645 11.37 -17.93 20.97
C LYS B 645 10.06 -17.52 21.64
N GLU B 646 9.98 -16.25 22.05
CA GLU B 646 8.74 -15.74 22.64
C GLU B 646 7.58 -15.86 21.67
N LEU B 647 7.82 -15.55 20.39
CA LEU B 647 6.78 -15.65 19.38
C LEU B 647 6.32 -17.09 19.20
N TYR B 648 7.27 -18.03 19.19
CA TYR B 648 6.91 -19.44 19.08
C TYR B 648 6.01 -19.88 20.24
N ASP B 649 6.38 -19.50 21.46
CA ASP B 649 5.57 -19.88 22.61
C ASP B 649 4.17 -19.25 22.54
N LEU B 650 4.09 -17.97 22.18
CA LEU B 650 2.79 -17.33 22.07
C LEU B 650 1.95 -17.98 20.98
N ASN B 651 2.57 -18.37 19.87
CA ASN B 651 1.83 -19.03 18.80
C ASN B 651 1.27 -20.37 19.26
N LYS B 652 2.04 -21.12 20.04
CA LYS B 652 1.53 -22.40 20.51
C LYS B 652 0.36 -22.20 21.46
N ASP B 653 0.49 -21.25 22.39
CA ASP B 653 -0.65 -20.93 23.27
C ASP B 653 -1.86 -20.49 22.46
N LEU B 654 -1.65 -19.67 21.43
CA LEU B 654 -2.76 -19.16 20.64
C LEU B 654 -3.42 -20.26 19.83
N LEU B 655 -2.64 -21.24 19.35
CA LEU B 655 -3.24 -22.35 18.61
C LEU B 655 -4.05 -23.25 19.54
N ASN B 656 -3.59 -23.45 20.78
CA ASN B 656 -4.41 -24.19 21.73
C ASN B 656 -5.73 -23.46 21.98
N GLY B 657 -5.65 -22.15 22.24
CA GLY B 657 -6.86 -21.37 22.42
C GLY B 657 -7.74 -21.38 21.18
N TYR B 658 -7.14 -21.44 20.00
CA TYR B 658 -7.89 -21.50 18.75
C TYR B 658 -8.69 -22.79 18.65
N LYS B 659 -8.05 -23.92 18.98
CA LYS B 659 -8.79 -25.18 18.99
C LYS B 659 -9.96 -25.12 19.96
N ILE B 660 -9.69 -24.63 21.18
CA ILE B 660 -10.76 -24.55 22.18
C ILE B 660 -11.91 -23.69 21.67
N ARG B 661 -11.59 -22.50 21.16
CA ARG B 661 -12.61 -21.57 20.70
C ARG B 661 -13.37 -22.13 19.51
N CYS B 662 -12.70 -22.87 18.63
CA CYS B 662 -13.37 -23.43 17.48
C CYS B 662 -14.37 -24.51 17.89
N ASN B 663 -13.98 -25.38 18.82
CA ASN B 663 -14.92 -26.38 19.30
C ASN B 663 -16.11 -25.72 19.99
N ASN B 664 -15.85 -24.69 20.81
CA ASN B 664 -16.93 -23.98 21.48
C ASN B 664 -17.86 -23.31 20.48
N HIS B 665 -17.31 -22.70 19.42
CA HIS B 665 -18.13 -22.02 18.42
C HIS B 665 -18.97 -23.02 17.64
N THR B 666 -18.41 -24.19 17.33
CA THR B 666 -19.20 -25.22 16.66
C THR B 666 -20.37 -25.67 17.53
N GLU B 667 -20.10 -25.90 18.83
CA GLU B 667 -21.19 -26.28 19.74
C GLU B 667 -22.24 -25.19 19.84
N LEU B 668 -21.81 -23.93 19.88
CA LEU B 668 -22.77 -22.83 19.99
C LEU B 668 -23.62 -22.70 18.74
N LEU B 669 -23.02 -22.90 17.57
CA LEU B 669 -23.81 -22.86 16.33
C LEU B 669 -24.81 -24.00 16.30
N GLY B 670 -24.39 -25.20 16.74
CA GLY B 670 -25.34 -26.29 16.85
C GLY B 670 -26.49 -25.96 17.78
N SER B 671 -26.20 -25.31 18.91
CA SER B 671 -27.26 -24.95 19.86
C SER B 671 -28.21 -23.93 19.26
N LEU B 672 -27.67 -22.94 18.52
CA LEU B 672 -28.53 -21.94 17.89
C LEU B 672 -29.43 -22.58 16.84
N LYS B 673 -28.87 -23.46 16.01
CA LYS B 673 -29.70 -24.15 15.02
C LYS B 673 -30.73 -25.03 15.70
N ALA B 674 -30.40 -25.61 16.86
CA ALA B 674 -31.39 -26.39 17.59
C ALA B 674 -32.54 -25.53 18.09
N VAL B 675 -32.22 -24.35 18.63
CA VAL B 675 -33.27 -23.42 19.07
C VAL B 675 -34.18 -23.04 17.92
N ASN B 676 -33.58 -22.71 16.76
CA ASN B 676 -34.38 -22.27 15.63
C ASN B 676 -35.22 -23.41 15.05
N GLN B 677 -34.65 -24.62 15.01
CA GLN B 677 -35.43 -25.78 14.58
C GLN B 677 -36.55 -26.08 15.56
N ALA B 678 -36.35 -25.80 16.84
CA ALA B 678 -37.43 -25.96 17.80
C ALA B 678 -38.57 -24.98 17.52
N ILE B 679 -38.22 -23.72 17.29
CA ILE B 679 -39.24 -22.73 16.91
C ILE B 679 -39.99 -23.20 15.65
N GLN B 680 -39.25 -23.69 14.67
CA GLN B 680 -39.86 -24.05 13.39
C GLN B 680 -40.71 -25.30 13.51
N ARG B 681 -40.34 -26.22 14.41
CA ARG B 681 -41.14 -27.42 14.60
C ARG B 681 -42.37 -27.15 15.45
N ALA B 682 -42.29 -26.16 16.36
CA ALA B 682 -43.47 -25.75 17.10
C ALA B 682 -44.47 -25.07 16.17
N GLY B 683 -44.00 -24.09 15.38
CA GLY B 683 -44.89 -23.43 14.45
C GLY B 683 -45.42 -24.37 13.38
N HIS B 684 -44.55 -25.26 12.89
CA HIS B 684 -44.90 -26.19 11.83
C HIS B 684 -46.07 -27.09 12.22
N LEU B 685 -46.29 -27.29 13.52
CA LEU B 685 -47.36 -28.15 13.99
C LEU B 685 -48.74 -27.52 13.81
N ARG B 686 -48.81 -26.28 13.37
CA ARG B 686 -50.07 -25.54 13.26
C ARG B 686 -50.22 -25.02 11.83
N VAL B 687 -51.43 -25.08 11.32
CA VAL B 687 -51.73 -24.72 9.93
C VAL B 687 -52.30 -23.31 9.88
N GLY B 688 -51.90 -22.56 8.86
CA GLY B 688 -52.45 -21.25 8.65
C GLY B 688 -51.90 -20.22 9.62
N LYS B 689 -52.72 -19.19 9.87
CA LYS B 689 -52.32 -18.12 10.78
C LYS B 689 -51.85 -18.59 12.14
N PRO B 690 -52.49 -19.58 12.81
CA PRO B 690 -51.99 -20.03 14.12
C PRO B 690 -50.52 -20.44 14.10
N LYS B 691 -49.98 -20.71 12.91
CA LYS B 691 -48.55 -20.93 12.79
C LYS B 691 -47.78 -19.65 13.04
N ASN B 692 -48.01 -18.64 12.18
CA ASN B 692 -47.22 -17.42 12.20
C ASN B 692 -47.09 -16.85 13.62
N GLN B 693 -48.23 -16.70 14.30
CA GLN B 693 -48.25 -16.20 15.67
C GLN B 693 -47.16 -16.82 16.50
N VAL B 694 -47.18 -18.16 16.61
CA VAL B 694 -46.21 -18.87 17.44
C VAL B 694 -44.81 -18.36 17.14
N ILE B 695 -44.42 -18.38 15.87
CA ILE B 695 -43.07 -17.96 15.48
C ILE B 695 -42.75 -16.62 16.09
N THR B 696 -43.58 -15.61 15.80
CA THR B 696 -43.38 -14.29 16.36
C THR B 696 -43.23 -14.38 17.87
N ALA B 697 -44.24 -14.95 18.53
CA ALA B 697 -44.21 -15.07 19.98
C ALA B 697 -42.93 -15.76 20.43
N CYS B 698 -42.56 -16.84 19.75
CA CYS B 698 -41.37 -17.59 20.15
C CYS B 698 -40.15 -16.68 20.14
N ARG B 699 -39.99 -15.89 19.08
CA ARG B 699 -38.86 -14.96 19.06
C ARG B 699 -38.99 -13.94 20.17
N ASP B 700 -40.20 -13.41 20.37
CA ASP B 700 -40.40 -12.46 21.46
C ASP B 700 -40.28 -13.13 22.81
N ALA B 701 -40.26 -14.47 22.86
CA ALA B 701 -40.01 -15.18 24.10
C ALA B 701 -38.53 -15.53 24.29
N ILE B 702 -37.70 -15.31 23.28
CA ILE B 702 -36.26 -15.52 23.44
C ILE B 702 -35.55 -14.21 23.77
N ARG B 703 -35.96 -13.11 23.13
CA ARG B 703 -35.37 -11.83 23.44
C ARG B 703 -35.64 -11.40 24.88
N SER B 704 -36.60 -12.04 25.54
CA SER B 704 -36.91 -11.74 26.94
C SER B 704 -36.51 -12.85 27.90
N ASN B 705 -36.02 -13.98 27.39
CA ASN B 705 -35.55 -15.10 28.21
C ASN B 705 -36.65 -15.64 29.12
N ASN B 706 -37.91 -15.47 28.71
CA ASN B 706 -39.04 -16.03 29.45
C ASN B 706 -39.26 -17.46 28.97
N ILE B 707 -38.41 -18.36 29.47
CA ILE B 707 -38.34 -19.72 28.93
C ILE B 707 -39.62 -20.50 29.25
N ASN B 708 -40.18 -20.31 30.44
CA ASN B 708 -41.41 -21.01 30.78
C ASN B 708 -42.57 -20.56 29.91
N MET B 709 -42.73 -19.24 29.74
CA MET B 709 -43.77 -18.74 28.85
C MET B 709 -43.48 -19.16 27.41
N LEU B 710 -42.20 -19.16 27.01
CA LEU B 710 -41.81 -19.68 25.71
C LEU B 710 -42.37 -21.08 25.49
N PHE B 711 -42.09 -21.99 26.43
CA PHE B 711 -42.59 -23.35 26.32
C PHE B 711 -44.11 -23.39 26.32
N ARG B 712 -44.76 -22.47 27.04
CA ARG B 712 -46.21 -22.41 27.00
C ARG B 712 -46.71 -22.00 25.62
N ILE B 713 -45.94 -21.20 24.89
CA ILE B 713 -46.34 -20.82 23.54
C ILE B 713 -46.25 -22.02 22.61
N MET B 714 -45.20 -22.83 22.75
CA MET B 714 -45.04 -24.02 21.93
C MET B 714 -45.83 -25.21 22.44
N ARG B 715 -46.47 -25.09 23.60
CA ARG B 715 -47.28 -26.17 24.15
C ARG B 715 -48.75 -26.05 23.77
N VAL B 716 -49.34 -24.87 23.94
CA VAL B 716 -50.75 -24.65 23.61
C VAL B 716 -50.92 -23.65 22.48
N GLY B 717 -50.07 -22.62 22.41
CA GLY B 717 -50.18 -21.62 21.37
C GLY B 717 -50.95 -20.38 21.79
N LEU C 32 32.47 -9.93 -32.92
CA LEU C 32 32.54 -9.09 -31.73
C LEU C 32 31.35 -8.16 -31.64
N GLU C 33 30.75 -7.82 -32.77
CA GLU C 33 29.63 -6.89 -32.75
C GLU C 33 28.58 -7.30 -33.75
N LYS C 34 27.95 -8.44 -33.49
CA LYS C 34 26.93 -8.95 -34.39
C LYS C 34 25.73 -8.03 -34.49
N GLN C 35 25.14 -7.61 -33.37
CA GLN C 35 23.96 -6.75 -33.42
C GLN C 35 24.19 -5.29 -33.02
N ASN C 36 25.15 -4.64 -33.68
CA ASN C 36 25.48 -3.26 -33.38
C ASN C 36 24.36 -2.24 -33.66
N TRP C 37 23.66 -2.43 -34.77
CA TRP C 37 22.60 -1.50 -35.20
C TRP C 37 21.31 -1.51 -34.38
N LEU C 38 20.81 -2.70 -34.06
CA LEU C 38 19.58 -2.87 -33.31
C LEU C 38 19.72 -2.11 -32.00
N ILE C 39 20.87 -2.25 -31.36
CA ILE C 39 21.13 -1.55 -30.11
C ILE C 39 21.03 -0.05 -30.30
N HIS C 40 21.59 0.46 -31.41
CA HIS C 40 21.52 1.88 -31.67
C HIS C 40 20.09 2.34 -31.92
N LEU C 41 19.30 1.53 -32.61
CA LEU C 41 17.91 1.90 -32.88
C LEU C 41 17.05 1.82 -31.63
N TYR C 42 17.34 0.89 -30.71
CA TYR C 42 16.62 0.87 -29.45
C TYR C 42 17.03 2.02 -28.55
N TYR C 43 18.30 2.42 -28.58
CA TYR C 43 18.75 3.51 -27.72
C TYR C 43 18.29 4.87 -28.25
N ILE C 44 18.21 4.92 -29.57
CA ILE C 44 17.80 6.09 -30.32
C ILE C 44 16.34 6.46 -30.07
N GLN C 45 15.51 5.45 -29.84
CA GLN C 45 14.09 5.69 -29.63
C GLN C 45 13.73 5.87 -28.16
N LYS C 46 14.73 6.17 -27.33
CA LYS C 46 14.52 6.37 -25.90
C LYS C 46 13.75 5.20 -25.29
N ASP C 47 14.29 4.00 -25.46
CA ASP C 47 13.71 2.82 -24.83
C ASP C 47 14.41 2.49 -23.52
N TYR C 48 15.72 2.23 -23.57
CA TYR C 48 16.56 2.00 -22.41
C TYR C 48 16.15 0.76 -21.63
N GLU C 49 15.16 0.03 -22.12
CA GLU C 49 14.72 -1.22 -21.49
C GLU C 49 15.02 -2.42 -22.38
N ALA C 50 14.51 -2.43 -23.61
CA ALA C 50 14.88 -3.48 -24.54
C ALA C 50 16.33 -3.34 -24.98
N CYS C 51 16.81 -2.10 -25.11
CA CYS C 51 18.20 -1.87 -25.46
C CYS C 51 19.13 -2.49 -24.42
N LYS C 52 18.79 -2.35 -23.14
CA LYS C 52 19.62 -2.94 -22.09
C LYS C 52 19.61 -4.46 -22.17
N ALA C 53 18.45 -5.06 -22.45
CA ALA C 53 18.38 -6.51 -22.56
C ALA C 53 19.21 -7.00 -23.74
N VAL C 54 19.13 -6.32 -24.88
CA VAL C 54 19.91 -6.72 -26.04
C VAL C 54 21.40 -6.53 -25.76
N ILE C 55 21.76 -5.46 -25.05
CA ILE C 55 23.15 -5.24 -24.66
C ILE C 55 23.64 -6.40 -23.81
N LYS C 56 22.86 -6.78 -22.81
CA LYS C 56 23.27 -7.86 -21.92
C LYS C 56 23.40 -9.18 -22.68
N GLU C 57 22.47 -9.45 -23.59
CA GLU C 57 22.54 -10.68 -24.38
C GLU C 57 23.78 -10.68 -25.26
N GLN C 58 24.04 -9.57 -25.95
CA GLN C 58 25.22 -9.49 -26.81
C GLN C 58 26.50 -9.67 -26.01
N LEU C 59 26.57 -9.05 -24.82
CA LEU C 59 27.78 -9.16 -24.02
C LEU C 59 27.97 -10.58 -23.50
N GLN C 60 26.88 -11.21 -23.03
CA GLN C 60 26.97 -12.59 -22.58
C GLN C 60 27.40 -13.52 -23.69
N GLU C 61 26.99 -13.23 -24.93
CA GLU C 61 27.40 -14.08 -26.05
C GLU C 61 28.86 -13.84 -26.44
N THR C 62 29.28 -12.59 -26.46
CA THR C 62 30.60 -12.22 -26.96
C THR C 62 31.67 -12.14 -25.89
N HIS C 63 31.31 -12.31 -24.62
CA HIS C 63 32.27 -12.27 -23.51
C HIS C 63 33.05 -10.95 -23.50
N GLY C 64 32.41 -9.87 -23.91
CA GLY C 64 33.07 -8.59 -24.00
C GLY C 64 33.66 -8.35 -25.38
N LEU C 65 34.48 -7.30 -25.45
CA LEU C 65 35.13 -6.84 -26.68
C LEU C 65 34.13 -6.32 -27.71
N CYS C 66 32.90 -6.01 -27.29
CA CYS C 66 31.91 -5.48 -28.22
C CYS C 66 32.14 -4.02 -28.54
N GLU C 67 32.51 -3.23 -27.54
CA GLU C 67 32.87 -1.82 -27.68
C GLU C 67 31.68 -0.95 -28.04
N TYR C 68 30.51 -1.56 -28.23
CA TYR C 68 29.30 -0.78 -28.46
C TYR C 68 28.13 -1.28 -27.62
N ALA C 69 28.27 -2.40 -26.93
CA ALA C 69 27.35 -2.74 -25.85
C ALA C 69 27.79 -2.08 -24.55
N ILE C 70 29.07 -1.73 -24.47
CA ILE C 70 29.58 -0.98 -23.32
C ILE C 70 29.37 0.51 -23.52
N TYR C 71 29.58 0.99 -24.75
CA TYR C 71 29.43 2.42 -25.03
C TYR C 71 28.00 2.88 -24.82
N VAL C 72 27.04 2.20 -25.45
CA VAL C 72 25.64 2.60 -25.32
C VAL C 72 25.15 2.40 -23.89
N GLN C 73 25.62 1.35 -23.21
CA GLN C 73 25.24 1.15 -21.81
C GLN C 73 25.74 2.28 -20.94
N ALA C 74 26.97 2.74 -21.18
CA ALA C 74 27.50 3.87 -20.42
C ALA C 74 26.74 5.15 -20.74
N LEU C 75 26.37 5.36 -22.00
CA LEU C 75 25.56 6.52 -22.34
C LEU C 75 24.20 6.48 -21.66
N ILE C 76 23.62 5.28 -21.55
CA ILE C 76 22.35 5.13 -20.85
C ILE C 76 22.51 5.45 -19.37
N PHE C 77 23.57 4.94 -18.76
CA PHE C 77 23.87 5.29 -17.37
C PHE C 77 23.99 6.79 -17.20
N ARG C 78 24.74 7.45 -18.08
CA ARG C 78 24.88 8.89 -18.04
C ARG C 78 23.54 9.61 -18.22
N LEU C 79 22.63 9.01 -18.99
CA LEU C 79 21.30 9.61 -19.12
C LEU C 79 20.56 9.58 -17.79
N GLU C 80 20.65 8.46 -17.07
CA GLU C 80 20.23 8.46 -15.68
C GLU C 80 21.18 9.33 -14.86
N GLY C 81 20.85 9.53 -13.59
CA GLY C 81 21.67 10.38 -12.75
C GLY C 81 23.10 9.92 -12.65
N ASN C 82 23.31 8.60 -12.68
CA ASN C 82 24.63 8.02 -12.45
C ASN C 82 25.64 8.50 -13.49
N ILE C 83 26.75 9.06 -13.02
CA ILE C 83 27.90 9.37 -13.86
C ILE C 83 29.17 8.69 -13.36
N GLN C 84 29.03 7.59 -12.63
CA GLN C 84 30.17 6.80 -12.17
C GLN C 84 30.34 5.53 -12.99
N GLU C 85 29.28 4.73 -13.11
CA GLU C 85 29.33 3.57 -13.99
C GLU C 85 29.52 3.98 -15.44
N SER C 86 28.99 5.14 -15.84
CA SER C 86 29.27 5.66 -17.17
C SER C 86 30.76 5.88 -17.36
N LEU C 87 31.42 6.48 -16.36
CA LEU C 87 32.87 6.69 -16.45
C LEU C 87 33.61 5.37 -16.50
N ARG C 88 33.21 4.40 -15.68
CA ARG C 88 33.86 3.09 -15.69
C ARG C 88 33.75 2.43 -17.07
N LEU C 89 32.54 2.44 -17.65
CA LEU C 89 32.35 1.77 -18.93
C LEU C 89 33.01 2.53 -20.07
N PHE C 90 33.09 3.86 -19.99
CA PHE C 90 33.86 4.60 -20.97
C PHE C 90 35.36 4.33 -20.82
N GLN C 91 35.82 4.09 -19.59
CA GLN C 91 37.19 3.63 -19.39
C GLN C 91 37.42 2.29 -20.08
N MET C 92 36.47 1.37 -19.95
CA MET C 92 36.60 0.08 -20.62
C MET C 92 36.59 0.23 -22.13
N CYS C 93 35.72 1.09 -22.66
CA CYS C 93 35.70 1.34 -24.10
C CYS C 93 36.98 1.99 -24.60
N ALA C 94 37.61 2.84 -23.79
CA ALA C 94 38.90 3.40 -24.17
C ALA C 94 40.00 2.35 -24.13
N PHE C 95 39.93 1.45 -23.14
CA PHE C 95 40.90 0.36 -23.05
C PHE C 95 40.79 -0.57 -24.26
N LEU C 96 39.56 -0.80 -24.74
CA LEU C 96 39.37 -1.67 -25.89
C LEU C 96 39.94 -1.05 -27.16
N SER C 97 39.70 0.24 -27.36
CA SER C 97 40.19 0.97 -28.54
C SER C 97 41.12 2.08 -28.04
N PRO C 98 42.39 1.76 -27.79
CA PRO C 98 43.29 2.75 -27.20
C PRO C 98 43.50 3.98 -28.09
N GLN C 99 43.43 3.79 -29.40
CA GLN C 99 43.66 4.89 -30.34
C GLN C 99 42.40 5.47 -30.97
N CYS C 100 41.38 5.72 -30.14
CA CYS C 100 40.14 6.31 -30.61
C CYS C 100 39.95 7.64 -29.89
N ALA C 101 39.67 8.71 -30.62
CA ALA C 101 39.52 10.01 -29.98
C ALA C 101 38.16 10.16 -29.31
N ASP C 102 37.12 9.55 -29.86
CA ASP C 102 35.79 9.71 -29.27
C ASP C 102 35.70 9.08 -27.89
N ASN C 103 36.38 7.95 -27.67
CA ASN C 103 36.34 7.32 -26.35
C ASN C 103 37.05 8.18 -25.31
N LEU C 104 38.20 8.76 -25.67
CA LEU C 104 38.87 9.67 -24.75
C LEU C 104 38.04 10.91 -24.49
N LYS C 105 37.36 11.42 -25.53
CA LYS C 105 36.46 12.54 -25.34
C LYS C 105 35.36 12.18 -24.35
N GLN C 106 34.78 10.99 -24.49
CA GLN C 106 33.71 10.58 -23.58
C GLN C 106 34.20 10.39 -22.17
N VAL C 107 35.43 9.89 -22.00
CA VAL C 107 35.95 9.72 -20.64
C VAL C 107 36.21 11.08 -20.00
N ALA C 108 36.80 12.01 -20.76
CA ALA C 108 37.02 13.34 -20.23
C ALA C 108 35.72 14.04 -19.94
N ARG C 109 34.67 13.77 -20.74
CA ARG C 109 33.37 14.34 -20.47
C ARG C 109 32.76 13.76 -19.21
N SER C 110 32.93 12.46 -18.98
CA SER C 110 32.44 11.87 -17.74
C SER C 110 33.19 12.42 -16.54
N LEU C 111 34.47 12.74 -16.71
CA LEU C 111 35.19 13.46 -15.65
C LEU C 111 34.57 14.83 -15.42
N PHE C 112 34.43 15.61 -16.49
CA PHE C 112 33.92 16.98 -16.39
C PHE C 112 32.50 17.04 -15.85
N LEU C 113 31.72 15.97 -16.00
CA LEU C 113 30.41 15.92 -15.37
C LEU C 113 30.53 15.82 -13.86
N LEU C 114 31.63 15.23 -13.38
CA LEU C 114 32.00 15.34 -11.98
C LEU C 114 32.76 16.66 -11.79
N GLY C 115 33.39 16.84 -10.64
CA GLY C 115 34.02 18.11 -10.38
C GLY C 115 35.43 18.27 -10.91
N LYS C 116 36.01 17.21 -11.47
CA LYS C 116 37.42 17.22 -11.83
C LYS C 116 37.58 17.79 -13.22
N HIS C 117 38.11 19.00 -13.31
CA HIS C 117 38.31 19.65 -14.60
C HIS C 117 39.74 19.58 -15.09
N LYS C 118 40.73 19.53 -14.18
CA LYS C 118 42.13 19.38 -14.61
C LYS C 118 42.34 18.05 -15.30
N ALA C 119 41.82 16.97 -14.73
CA ALA C 119 41.91 15.67 -15.37
C ALA C 119 41.12 15.64 -16.66
N ALA C 120 39.97 16.32 -16.68
CA ALA C 120 39.21 16.43 -17.92
C ALA C 120 40.05 17.11 -19.01
N ILE C 121 40.79 18.16 -18.63
CA ILE C 121 41.66 18.83 -19.59
C ILE C 121 42.76 17.89 -20.07
N GLU C 122 43.35 17.14 -19.14
CA GLU C 122 44.47 16.28 -19.50
C GLU C 122 44.02 15.07 -20.33
N VAL C 123 42.75 14.71 -20.27
CA VAL C 123 42.24 13.67 -21.15
C VAL C 123 41.78 14.23 -22.49
N TYR C 124 41.20 15.44 -22.49
CA TYR C 124 40.90 16.12 -23.74
C TYR C 124 42.15 16.40 -24.55
N ASN C 125 43.28 16.62 -23.89
CA ASN C 125 44.52 16.83 -24.62
C ASN C 125 44.90 15.59 -25.41
N GLU C 126 44.89 14.43 -24.76
CA GLU C 126 45.15 13.18 -25.46
C GLU C 126 44.12 12.94 -26.56
N ALA C 127 42.85 13.28 -26.29
CA ALA C 127 41.82 13.15 -27.32
C ALA C 127 42.07 14.09 -28.49
N ALA C 128 42.82 15.16 -28.27
CA ALA C 128 43.15 16.12 -29.32
C ALA C 128 44.39 15.71 -30.11
N LYS C 129 45.36 15.08 -29.45
CA LYS C 129 46.53 14.59 -30.15
C LYS C 129 46.25 13.33 -30.97
N LEU C 130 44.99 12.91 -31.03
CA LEU C 130 44.54 11.91 -31.99
C LEU C 130 43.59 12.49 -33.02
N ASN C 131 43.12 13.72 -32.83
CA ASN C 131 42.19 14.36 -33.76
C ASN C 131 42.30 15.87 -33.53
N GLN C 132 42.85 16.58 -34.51
CA GLN C 132 43.10 18.01 -34.40
C GLN C 132 42.14 18.83 -35.27
N LYS C 133 40.91 18.33 -35.47
CA LYS C 133 40.01 18.99 -36.40
C LYS C 133 38.57 19.04 -35.91
N ASP C 134 38.32 18.89 -34.61
CA ASP C 134 36.97 18.89 -34.07
C ASP C 134 36.78 20.04 -33.09
N TRP C 135 35.57 20.60 -33.09
CA TRP C 135 35.24 21.73 -32.24
C TRP C 135 34.90 21.32 -30.81
N GLU C 136 34.48 20.06 -30.59
CA GLU C 136 34.01 19.67 -29.27
C GLU C 136 35.13 19.68 -28.25
N ILE C 137 36.32 19.20 -28.63
CA ILE C 137 37.45 19.22 -27.72
C ILE C 137 37.78 20.64 -27.30
N CYS C 138 37.78 21.59 -28.24
CA CYS C 138 38.14 22.96 -27.92
C CYS C 138 37.06 23.63 -27.08
N HIS C 139 35.78 23.38 -27.39
CA HIS C 139 34.71 23.95 -26.58
C HIS C 139 34.75 23.43 -25.15
N ASN C 140 35.02 22.13 -24.98
CA ASN C 140 35.07 21.56 -23.65
C ASN C 140 36.31 22.00 -22.89
N LEU C 141 37.44 22.17 -23.57
CA LEU C 141 38.61 22.74 -22.92
C LEU C 141 38.33 24.18 -22.49
N GLY C 142 37.59 24.92 -23.31
CA GLY C 142 37.20 26.27 -22.91
C GLY C 142 36.36 26.26 -21.65
N VAL C 143 35.32 25.42 -21.61
CA VAL C 143 34.43 25.43 -20.45
C VAL C 143 35.14 24.87 -19.22
N CYS C 144 36.18 24.05 -19.42
CA CYS C 144 36.96 23.56 -18.28
C CYS C 144 37.89 24.65 -17.74
N TYR C 145 38.69 25.26 -18.62
CA TYR C 145 39.53 26.37 -18.21
C TYR C 145 38.72 27.51 -17.63
N ILE C 146 37.43 27.61 -17.97
CA ILE C 146 36.56 28.60 -17.33
C ILE C 146 36.38 28.26 -15.86
N TYR C 147 36.04 27.01 -15.54
CA TYR C 147 35.94 26.59 -14.16
C TYR C 147 37.27 26.64 -13.43
N LEU C 148 38.38 26.63 -14.16
CA LEU C 148 39.71 26.73 -13.55
C LEU C 148 40.23 28.16 -13.50
N LYS C 149 39.42 29.15 -13.89
CA LYS C 149 39.78 30.56 -13.84
C LYS C 149 41.03 30.89 -14.64
N GLN C 150 41.40 30.04 -15.59
CA GLN C 150 42.47 30.35 -16.53
C GLN C 150 41.80 30.96 -17.75
N PHE C 151 41.81 32.28 -17.84
CA PHE C 151 41.00 32.98 -18.84
C PHE C 151 41.71 33.19 -20.16
N ASP C 152 43.04 33.29 -20.15
CA ASP C 152 43.78 33.39 -21.41
C ASP C 152 43.64 32.10 -22.22
N LYS C 153 43.91 30.95 -21.59
CA LYS C 153 43.82 29.68 -22.30
C LYS C 153 42.38 29.37 -22.70
N ALA C 154 41.43 29.63 -21.80
CA ALA C 154 40.02 29.43 -22.14
C ALA C 154 39.60 30.29 -23.32
N GLN C 155 39.98 31.57 -23.29
CA GLN C 155 39.61 32.48 -24.38
C GLN C 155 40.19 32.02 -25.70
N ASP C 156 41.48 31.68 -25.72
CA ASP C 156 42.10 31.24 -26.96
C ASP C 156 41.49 29.93 -27.46
N GLN C 157 41.22 29.00 -26.55
CA GLN C 157 40.64 27.73 -26.94
C GLN C 157 39.24 27.91 -27.51
N LEU C 158 38.47 28.84 -26.95
CA LEU C 158 37.12 29.06 -27.48
C LEU C 158 37.14 29.83 -28.78
N HIS C 159 38.12 30.72 -28.98
CA HIS C 159 38.32 31.31 -30.30
C HIS C 159 38.59 30.22 -31.33
N ASN C 160 39.45 29.26 -30.98
CA ASN C 160 39.70 28.12 -31.85
C ASN C 160 38.41 27.35 -32.12
N ALA C 161 37.64 27.08 -31.06
CA ALA C 161 36.39 26.34 -31.22
C ALA C 161 35.43 27.06 -32.15
N LEU C 162 35.44 28.40 -32.15
CA LEU C 162 34.67 29.13 -33.15
C LEU C 162 35.24 28.91 -34.55
N HIS C 163 36.56 29.04 -34.70
CA HIS C 163 37.15 28.99 -36.03
C HIS C 163 36.97 27.62 -36.68
N LEU C 164 36.96 26.55 -35.88
CA LEU C 164 36.70 25.23 -36.44
C LEU C 164 35.24 25.07 -36.87
N ASN C 165 34.31 25.32 -35.95
CA ASN C 165 32.89 25.24 -36.27
C ASN C 165 32.12 26.07 -35.27
N ARG C 166 31.52 27.15 -35.74
CA ARG C 166 30.83 28.09 -34.84
C ARG C 166 29.55 27.45 -34.29
N HIS C 167 29.44 27.44 -32.97
CA HIS C 167 28.25 26.94 -32.28
C HIS C 167 27.78 27.97 -31.26
N ASP C 168 26.50 27.87 -30.91
CA ASP C 168 25.89 28.84 -30.01
C ASP C 168 26.51 28.77 -28.61
N LEU C 169 26.74 27.55 -28.10
CA LEU C 169 27.26 27.41 -26.75
C LEU C 169 28.67 27.97 -26.61
N THR C 170 29.48 27.86 -27.66
CA THR C 170 30.80 28.49 -27.63
C THR C 170 30.68 30.00 -27.53
N TYR C 171 29.74 30.59 -28.27
CA TYR C 171 29.50 32.03 -28.16
C TYR C 171 29.06 32.40 -26.76
N ILE C 172 28.19 31.60 -26.15
CA ILE C 172 27.73 31.88 -24.79
C ILE C 172 28.88 31.82 -23.81
N MET C 173 29.75 30.81 -23.93
CA MET C 173 30.88 30.70 -23.00
C MET C 173 31.87 31.83 -23.20
N LEU C 174 32.08 32.27 -24.44
CA LEU C 174 32.97 33.40 -24.68
C LEU C 174 32.40 34.68 -24.09
N GLY C 175 31.10 34.91 -24.27
CA GLY C 175 30.47 36.04 -23.60
C GLY C 175 30.60 35.98 -22.10
N LYS C 176 30.46 34.78 -21.52
CA LYS C 176 30.62 34.62 -20.09
C LYS C 176 32.04 34.94 -19.66
N ILE C 177 33.04 34.53 -20.45
CA ILE C 177 34.42 34.86 -20.16
C ILE C 177 34.61 36.38 -20.17
N PHE C 178 34.10 37.03 -21.22
CA PHE C 178 34.31 38.47 -21.35
C PHE C 178 33.51 39.26 -20.34
N LEU C 179 32.48 38.66 -19.74
CA LEU C 179 31.75 39.32 -18.66
C LEU C 179 32.45 39.14 -17.33
N LEU C 180 32.88 37.90 -17.02
CA LEU C 180 33.56 37.64 -15.77
C LEU C 180 34.88 38.41 -15.69
N LYS C 181 35.71 38.28 -16.73
CA LYS C 181 37.02 38.94 -16.73
C LYS C 181 36.86 40.46 -16.76
N GLY C 182 36.23 40.98 -17.80
CA GLY C 182 36.24 42.41 -18.00
C GLY C 182 34.89 43.08 -18.07
N ASP C 183 34.62 43.77 -19.18
CA ASP C 183 33.48 44.66 -19.31
C ASP C 183 32.57 44.18 -20.44
N LEU C 184 31.37 44.76 -20.46
CA LEU C 184 30.42 44.49 -21.54
C LEU C 184 30.87 45.05 -22.87
N ASP C 185 31.85 45.97 -22.88
CA ASP C 185 32.38 46.48 -24.13
C ASP C 185 32.94 45.36 -24.99
N LYS C 186 33.41 44.28 -24.36
CA LYS C 186 33.91 43.12 -25.10
C LYS C 186 32.83 42.08 -25.36
N ALA C 187 31.73 42.12 -24.61
CA ALA C 187 30.68 41.11 -24.76
C ALA C 187 29.60 41.52 -25.75
N ILE C 188 29.39 42.82 -25.95
CA ILE C 188 28.35 43.26 -26.88
C ILE C 188 28.68 42.83 -28.30
N GLU C 189 29.95 42.96 -28.70
CA GLU C 189 30.36 42.54 -30.03
C GLU C 189 30.13 41.05 -30.23
N ILE C 190 30.51 40.24 -29.24
CA ILE C 190 30.39 38.79 -29.38
C ILE C 190 28.92 38.38 -29.44
N TYR C 191 28.09 38.95 -28.57
CA TYR C 191 26.68 38.57 -28.59
C TYR C 191 25.98 39.06 -29.84
N LYS C 192 26.37 40.24 -30.36
CA LYS C 192 25.78 40.70 -31.62
C LYS C 192 26.17 39.77 -32.76
N LYS C 193 27.45 39.42 -32.85
CA LYS C 193 27.90 38.50 -33.88
C LYS C 193 27.23 37.13 -33.74
N ALA C 194 26.93 36.72 -32.51
CA ALA C 194 26.27 35.44 -32.28
C ALA C 194 24.83 35.47 -32.77
N VAL C 195 24.05 36.46 -32.31
CA VAL C 195 22.66 36.58 -32.75
C VAL C 195 22.56 36.87 -34.24
N GLU C 196 23.66 37.33 -34.87
CA GLU C 196 23.63 37.60 -36.30
C GLU C 196 23.15 36.39 -37.09
N PHE C 197 23.68 35.21 -36.78
CA PHE C 197 23.22 33.98 -37.40
C PHE C 197 22.52 33.10 -36.38
N SER C 198 21.58 32.29 -36.86
CA SER C 198 20.68 31.52 -36.02
C SER C 198 20.03 32.41 -34.97
N PRO C 199 19.18 33.36 -35.38
CA PRO C 199 18.69 34.38 -34.45
C PRO C 199 17.45 33.95 -33.69
N GLU C 200 17.15 32.65 -33.69
CA GLU C 200 15.96 32.13 -33.03
C GLU C 200 16.24 31.58 -31.64
N ASN C 201 17.49 31.64 -31.18
CA ASN C 201 17.84 31.17 -29.84
C ASN C 201 17.43 32.21 -28.82
N THR C 202 16.55 31.82 -27.89
CA THR C 202 16.05 32.78 -26.91
C THR C 202 17.14 33.22 -25.94
N GLU C 203 18.07 32.31 -25.61
CA GLU C 203 19.13 32.63 -24.66
C GLU C 203 19.99 33.79 -25.18
N LEU C 204 20.40 33.72 -26.44
CA LEU C 204 21.28 34.75 -27.00
C LEU C 204 20.57 36.11 -27.04
N LEU C 205 19.36 36.14 -27.61
CA LEU C 205 18.59 37.38 -27.66
C LEU C 205 18.40 37.97 -26.26
N THR C 206 17.98 37.14 -25.31
CA THR C 206 17.69 37.64 -23.97
C THR C 206 18.95 38.14 -23.28
N THR C 207 20.07 37.44 -23.45
CA THR C 207 21.30 37.87 -22.79
C THR C 207 21.83 39.16 -23.42
N LEU C 208 21.71 39.31 -24.73
CA LEU C 208 22.12 40.56 -25.36
C LEU C 208 21.21 41.71 -24.92
N GLY C 209 19.92 41.45 -24.77
CA GLY C 209 19.02 42.48 -24.26
C GLY C 209 19.35 42.87 -22.83
N LEU C 210 19.65 41.87 -21.99
CA LEU C 210 20.07 42.15 -20.62
C LEU C 210 21.34 43.01 -20.61
N LEU C 211 22.31 42.67 -21.46
CA LEU C 211 23.55 43.44 -21.48
C LEU C 211 23.32 44.84 -22.03
N TYR C 212 22.32 45.02 -22.89
CA TYR C 212 21.93 46.38 -23.28
C TYR C 212 21.33 47.14 -22.09
N LEU C 213 20.50 46.47 -21.28
CA LEU C 213 20.03 47.10 -20.06
C LEU C 213 21.19 47.51 -19.16
N GLN C 214 22.19 46.65 -19.03
CA GLN C 214 23.34 46.94 -18.17
C GLN C 214 24.04 48.22 -18.58
N LEU C 215 23.91 48.65 -19.84
CA LEU C 215 24.44 49.90 -20.31
C LEU C 215 23.31 50.90 -20.51
N GLY C 216 23.66 52.07 -21.06
CA GLY C 216 22.68 53.14 -21.16
C GLY C 216 21.57 52.89 -22.16
N ILE C 217 21.81 52.01 -23.14
CA ILE C 217 20.85 51.79 -24.20
C ILE C 217 19.63 51.09 -23.63
N TYR C 218 18.46 51.72 -23.81
CA TYR C 218 17.18 51.12 -23.43
C TYR C 218 16.32 50.76 -24.63
N GLN C 219 16.71 51.17 -25.83
CA GLN C 219 15.92 50.97 -27.04
C GLN C 219 16.19 49.62 -27.68
N LYS C 220 17.46 49.34 -27.99
CA LYS C 220 17.79 48.04 -28.56
C LYS C 220 17.54 46.91 -27.57
N ALA C 221 17.62 47.21 -26.27
CA ALA C 221 17.23 46.23 -25.26
C ALA C 221 15.77 45.85 -25.43
N PHE C 222 14.89 46.84 -25.57
CA PHE C 222 13.48 46.57 -25.81
C PHE C 222 13.29 45.83 -27.14
N GLU C 223 14.07 46.20 -28.15
CA GLU C 223 13.99 45.52 -29.44
C GLU C 223 14.26 44.02 -29.30
N HIS C 224 15.36 43.67 -28.63
CA HIS C 224 15.72 42.26 -28.50
C HIS C 224 14.80 41.51 -27.54
N LEU C 225 14.33 42.17 -26.48
CA LEU C 225 13.39 41.50 -25.58
C LEU C 225 12.06 41.23 -26.28
N GLY C 226 11.60 42.17 -27.12
CA GLY C 226 10.43 41.89 -27.93
C GLY C 226 10.66 40.82 -28.96
N ASN C 227 11.87 40.79 -29.55
CA ASN C 227 12.22 39.70 -30.45
C ASN C 227 12.11 38.35 -29.76
N THR C 228 12.58 38.28 -28.52
CA THR C 228 12.43 37.06 -27.73
C THR C 228 10.97 36.76 -27.46
N LEU C 229 10.20 37.77 -27.09
CA LEU C 229 8.82 37.55 -26.67
C LEU C 229 7.93 37.14 -27.85
N THR C 230 8.30 37.52 -29.07
CA THR C 230 7.58 37.02 -30.24
C THR C 230 7.66 35.50 -30.31
N TYR C 231 8.87 34.95 -30.21
CA TYR C 231 9.03 33.50 -30.19
C TYR C 231 8.34 32.90 -28.97
N ASP C 232 8.80 33.26 -27.78
CA ASP C 232 8.24 32.73 -26.54
C ASP C 232 7.48 33.84 -25.82
N PRO C 233 6.16 33.82 -25.80
CA PRO C 233 5.42 34.90 -25.12
C PRO C 233 5.52 34.84 -23.61
N THR C 234 5.66 33.65 -23.03
CA THR C 234 5.65 33.46 -21.58
C THR C 234 7.05 33.29 -21.00
N ASN C 235 8.08 33.83 -21.66
CA ASN C 235 9.45 33.69 -21.19
C ASN C 235 9.64 34.51 -19.92
N TYR C 236 9.85 33.82 -18.80
CA TYR C 236 9.91 34.49 -17.50
C TYR C 236 11.14 35.39 -17.40
N LYS C 237 12.30 34.88 -17.82
CA LYS C 237 13.53 35.64 -17.74
C LYS C 237 13.52 36.88 -18.61
N ALA C 238 12.68 36.91 -19.65
CA ALA C 238 12.55 38.09 -20.50
C ALA C 238 11.41 39.00 -20.06
N ILE C 239 10.31 38.41 -19.58
CA ILE C 239 9.21 39.21 -19.04
C ILE C 239 9.69 40.02 -17.84
N LEU C 240 10.54 39.44 -17.00
CA LEU C 240 11.03 40.16 -15.83
C LEU C 240 11.78 41.42 -16.23
N ALA C 241 12.70 41.29 -17.19
CA ALA C 241 13.50 42.44 -17.60
C ALA C 241 12.66 43.46 -18.38
N ALA C 242 11.71 42.98 -19.19
CA ALA C 242 10.84 43.91 -19.90
C ALA C 242 9.99 44.72 -18.93
N GLY C 243 9.42 44.05 -17.92
CA GLY C 243 8.67 44.77 -16.91
C GLY C 243 9.52 45.74 -16.12
N SER C 244 10.76 45.36 -15.84
CA SER C 244 11.69 46.28 -15.17
C SER C 244 11.88 47.54 -16.01
N MET C 245 12.23 47.37 -17.28
CA MET C 245 12.42 48.53 -18.16
C MET C 245 11.18 49.38 -18.22
N MET C 246 10.00 48.75 -18.28
CA MET C 246 8.76 49.50 -18.33
C MET C 246 8.56 50.32 -17.06
N GLN C 247 8.71 49.68 -15.90
CA GLN C 247 8.60 50.39 -14.63
C GLN C 247 9.55 51.59 -14.58
N THR C 248 10.75 51.45 -15.15
CA THR C 248 11.71 52.54 -15.08
C THR C 248 11.16 53.80 -15.75
N HIS C 249 10.54 53.66 -16.91
CA HIS C 249 9.92 54.79 -17.60
C HIS C 249 8.43 54.86 -17.33
N GLY C 250 8.07 54.96 -16.05
CA GLY C 250 6.68 55.15 -15.68
C GLY C 250 5.81 53.97 -16.07
N ASP C 251 4.61 54.30 -16.57
CA ASP C 251 3.63 53.37 -17.16
C ASP C 251 3.62 52.01 -16.45
N PHE C 252 3.33 52.06 -15.14
CA PHE C 252 3.39 50.87 -14.30
C PHE C 252 2.34 49.83 -14.66
N ASP C 253 1.22 50.23 -15.29
CA ASP C 253 0.18 49.26 -15.60
C ASP C 253 0.63 48.28 -16.68
N VAL C 254 1.43 48.73 -17.64
CA VAL C 254 1.92 47.82 -18.67
C VAL C 254 2.83 46.76 -18.06
N ALA C 255 3.72 47.16 -17.17
CA ALA C 255 4.57 46.20 -16.48
C ALA C 255 3.75 45.29 -15.58
N LEU C 256 2.68 45.82 -14.98
CA LEU C 256 1.82 44.99 -14.15
C LEU C 256 1.13 43.91 -14.98
N THR C 257 0.73 44.25 -16.22
CA THR C 257 0.15 43.24 -17.08
C THR C 257 1.20 42.22 -17.53
N LYS C 258 2.40 42.69 -17.86
CA LYS C 258 3.50 41.78 -18.17
C LYS C 258 3.72 40.79 -17.04
N TYR C 259 3.66 41.25 -15.79
CA TYR C 259 3.84 40.35 -14.66
C TYR C 259 2.64 39.44 -14.45
N LYS C 260 1.43 39.93 -14.74
CA LYS C 260 0.26 39.08 -14.71
C LYS C 260 0.38 37.93 -15.70
N VAL C 261 1.13 38.15 -16.79
CA VAL C 261 1.31 37.09 -17.79
C VAL C 261 2.01 35.88 -17.18
N VAL C 262 2.93 36.08 -16.24
CA VAL C 262 3.79 35.01 -15.74
C VAL C 262 3.59 34.75 -14.25
N ALA C 263 2.58 35.38 -13.64
CA ALA C 263 2.42 35.28 -12.19
C ALA C 263 2.18 33.84 -11.75
N CYS C 264 1.37 33.08 -12.50
CA CYS C 264 1.03 31.73 -12.09
C CYS C 264 2.16 30.75 -12.35
N ALA C 265 2.98 30.98 -13.38
CA ALA C 265 4.10 30.10 -13.66
C ALA C 265 5.10 30.12 -12.51
N VAL C 266 5.42 31.31 -12.01
CA VAL C 266 6.29 31.47 -10.86
C VAL C 266 5.49 32.23 -9.80
N ILE C 267 4.82 31.47 -8.93
CA ILE C 267 3.94 32.09 -7.93
C ILE C 267 4.70 32.54 -6.70
N GLU C 268 5.88 31.97 -6.45
CA GLU C 268 6.71 32.34 -5.30
C GLU C 268 8.13 32.60 -5.82
N SER C 269 8.37 33.83 -6.25
CA SER C 269 9.71 34.25 -6.67
C SER C 269 9.95 35.67 -6.18
N PRO C 270 10.96 35.88 -5.35
CA PRO C 270 11.18 37.20 -4.75
C PRO C 270 11.32 38.32 -5.77
N PRO C 271 12.05 38.13 -6.88
CA PRO C 271 12.17 39.24 -7.84
C PRO C 271 10.84 39.68 -8.43
N LEU C 272 9.99 38.74 -8.80
CA LEU C 272 8.69 39.10 -9.38
C LEU C 272 7.87 39.91 -8.40
N TRP C 273 7.79 39.47 -7.14
CA TRP C 273 6.98 40.18 -6.17
C TRP C 273 7.61 41.52 -5.78
N ASN C 274 8.92 41.63 -5.82
CA ASN C 274 9.55 42.92 -5.58
C ASN C 274 9.20 43.90 -6.69
N ASN C 275 9.26 43.45 -7.94
CA ASN C 275 8.87 44.31 -9.06
C ASN C 275 7.39 44.66 -9.00
N ILE C 276 6.55 43.72 -8.56
CA ILE C 276 5.12 44.01 -8.46
C ILE C 276 4.85 45.01 -7.34
N GLY C 277 5.58 44.89 -6.23
CA GLY C 277 5.45 45.87 -5.17
C GLY C 277 5.92 47.24 -5.58
N MET C 278 6.96 47.32 -6.41
CA MET C 278 7.38 48.62 -6.92
C MET C 278 6.37 49.17 -7.93
N CYS C 279 5.71 48.28 -8.69
CA CYS C 279 4.60 48.71 -9.53
C CYS C 279 3.50 49.36 -8.70
N PHE C 280 3.06 48.65 -7.65
CA PHE C 280 2.00 49.18 -6.78
C PHE C 280 2.44 50.38 -5.97
N PHE C 281 3.75 50.56 -5.78
CA PHE C 281 4.24 51.76 -5.11
C PHE C 281 4.33 52.94 -6.06
N GLY C 282 4.51 52.68 -7.35
CA GLY C 282 4.48 53.73 -8.34
C GLY C 282 3.15 54.47 -8.35
N LYS C 283 2.05 53.74 -8.48
CA LYS C 283 0.73 54.36 -8.52
C LYS C 283 0.10 54.46 -7.13
N LYS C 284 0.89 54.95 -6.18
CA LYS C 284 0.41 55.41 -4.87
C LYS C 284 -0.46 54.37 -4.14
N LYS C 285 -0.26 53.08 -4.44
CA LYS C 285 -0.91 52.01 -3.68
C LYS C 285 0.12 51.49 -2.69
N TYR C 286 0.32 52.26 -1.62
CA TYR C 286 1.44 52.00 -0.71
C TYR C 286 1.20 50.75 0.13
N VAL C 287 -0.05 50.51 0.54
CA VAL C 287 -0.33 49.33 1.35
C VAL C 287 -0.23 48.06 0.52
N ALA C 288 -0.84 48.08 -0.67
CA ALA C 288 -0.75 46.93 -1.57
C ALA C 288 0.64 46.75 -2.16
N ALA C 289 1.56 47.68 -1.88
CA ALA C 289 2.96 47.51 -2.21
C ALA C 289 3.77 46.98 -1.04
N ILE C 290 3.48 47.46 0.17
CA ILE C 290 4.08 46.87 1.36
C ILE C 290 3.73 45.40 1.46
N SER C 291 2.52 45.02 1.05
CA SER C 291 2.12 43.62 1.10
C SER C 291 3.00 42.77 0.21
N CYS C 292 3.13 43.14 -1.07
CA CYS C 292 3.94 42.37 -2.00
C CYS C 292 5.42 42.38 -1.59
N LEU C 293 5.91 43.52 -1.11
CA LEU C 293 7.32 43.61 -0.74
C LEU C 293 7.62 42.76 0.49
N LYS C 294 6.71 42.74 1.47
CA LYS C 294 6.92 41.90 2.64
C LYS C 294 6.81 40.43 2.28
N ARG C 295 5.92 40.08 1.35
CA ARG C 295 5.85 38.69 0.90
C ARG C 295 7.15 38.28 0.21
N ALA C 296 7.70 39.15 -0.63
CA ALA C 296 8.97 38.84 -1.28
C ALA C 296 10.12 38.78 -0.28
N ASN C 297 10.06 39.61 0.77
CA ASN C 297 11.11 39.60 1.78
C ASN C 297 11.06 38.34 2.62
N TYR C 298 9.86 37.82 2.87
CA TYR C 298 9.74 36.57 3.63
C TYR C 298 10.36 35.42 2.86
N LEU C 299 10.23 35.41 1.53
CA LEU C 299 10.77 34.34 0.71
C LEU C 299 12.24 34.52 0.38
N ALA C 300 12.86 35.61 0.83
CA ALA C 300 14.28 35.85 0.63
C ALA C 300 14.78 36.90 1.61
N PRO C 301 15.06 36.52 2.86
CA PRO C 301 15.44 37.52 3.87
C PRO C 301 16.84 38.08 3.70
N LEU C 302 17.61 37.61 2.73
CA LEU C 302 18.98 38.05 2.53
C LEU C 302 19.14 38.89 1.26
N ASP C 303 18.05 39.40 0.70
CA ASP C 303 18.08 40.11 -0.57
C ASP C 303 17.94 41.61 -0.30
N TRP C 304 19.04 42.35 -0.52
CA TRP C 304 19.10 43.73 -0.06
C TRP C 304 18.14 44.64 -0.82
N LYS C 305 17.76 44.28 -2.05
CA LYS C 305 16.90 45.16 -2.83
C LYS C 305 15.51 45.24 -2.22
N ILE C 306 14.96 44.12 -1.75
CA ILE C 306 13.65 44.14 -1.12
C ILE C 306 13.70 44.89 0.20
N LEU C 307 14.82 44.78 0.93
CA LEU C 307 14.94 45.52 2.18
C LEU C 307 15.01 47.01 1.93
N TYR C 308 15.76 47.42 0.90
CA TYR C 308 15.83 48.83 0.53
C TYR C 308 14.46 49.35 0.11
N ASN C 309 13.71 48.54 -0.65
CA ASN C 309 12.39 48.97 -1.09
C ASN C 309 11.43 49.09 0.08
N LEU C 310 11.47 48.15 1.02
CA LEU C 310 10.63 48.25 2.20
C LEU C 310 10.97 49.49 3.01
N GLY C 311 12.27 49.77 3.19
CA GLY C 311 12.66 50.98 3.88
C GLY C 311 12.16 52.23 3.19
N LEU C 312 12.28 52.28 1.87
CA LEU C 312 11.84 53.46 1.12
C LEU C 312 10.33 53.66 1.25
N VAL C 313 9.57 52.57 1.13
CA VAL C 313 8.11 52.70 1.19
C VAL C 313 7.67 53.09 2.60
N HIS C 314 8.32 52.54 3.63
CA HIS C 314 7.98 52.93 4.99
C HIS C 314 8.43 54.35 5.30
N LEU C 315 9.42 54.86 4.58
CA LEU C 315 9.72 56.30 4.65
C LEU C 315 8.59 57.10 4.02
N THR C 316 8.17 56.72 2.81
CA THR C 316 7.10 57.44 2.13
C THR C 316 5.80 57.38 2.92
N MET C 317 5.52 56.24 3.55
CA MET C 317 4.33 56.10 4.39
C MET C 317 4.47 56.83 5.73
N GLN C 318 5.61 57.47 5.99
CA GLN C 318 5.85 58.19 7.23
C GLN C 318 5.64 57.29 8.44
N GLN C 319 6.44 56.24 8.52
CA GLN C 319 6.45 55.35 9.67
C GLN C 319 7.73 55.44 10.48
N TYR C 320 8.88 55.49 9.81
CA TYR C 320 10.13 55.99 10.38
C TYR C 320 10.70 55.10 11.47
N ALA C 321 9.94 54.07 11.84
CA ALA C 321 10.37 53.12 12.85
C ALA C 321 10.73 51.81 12.15
N SER C 322 10.01 51.52 11.08
CA SER C 322 10.26 50.32 10.29
C SER C 322 11.27 50.64 9.21
N ALA C 323 11.15 51.84 8.64
CA ALA C 323 12.06 52.30 7.61
C ALA C 323 13.51 52.18 8.06
N PHE C 324 13.81 52.64 9.28
CA PHE C 324 15.16 52.49 9.81
C PHE C 324 15.56 51.03 9.88
N HIS C 325 14.65 50.16 10.31
CA HIS C 325 14.97 48.74 10.46
C HIS C 325 15.33 48.11 9.13
N PHE C 326 14.50 48.30 8.12
CA PHE C 326 14.75 47.67 6.83
C PHE C 326 15.95 48.30 6.13
N LEU C 327 16.14 49.61 6.27
CA LEU C 327 17.30 50.24 5.66
C LEU C 327 18.59 49.82 6.34
N SER C 328 18.55 49.60 7.66
CA SER C 328 19.73 49.11 8.35
C SER C 328 20.04 47.67 7.95
N ALA C 329 19.01 46.86 7.73
CA ALA C 329 19.24 45.51 7.20
C ALA C 329 19.90 45.58 5.83
N ALA C 330 19.34 46.39 4.92
CA ALA C 330 19.92 46.49 3.58
C ALA C 330 21.32 47.08 3.62
N ILE C 331 21.63 47.88 4.63
CA ILE C 331 22.99 48.35 4.82
C ILE C 331 23.89 47.19 5.22
N ASN C 332 23.47 46.40 6.21
CA ASN C 332 24.23 45.23 6.63
C ASN C 332 24.39 44.20 5.53
N PHE C 333 23.60 44.28 4.45
CA PHE C 333 23.75 43.35 3.34
C PHE C 333 24.54 43.92 2.17
N GLN C 334 24.45 45.22 1.91
CA GLN C 334 25.29 45.88 0.92
C GLN C 334 25.75 47.22 1.48
N PRO C 335 26.88 47.25 2.19
CA PRO C 335 27.25 48.47 2.93
C PRO C 335 27.90 49.54 2.08
N LYS C 336 28.41 49.21 0.89
CA LYS C 336 29.11 50.19 0.05
C LYS C 336 28.16 50.89 -0.91
N MET C 337 27.08 51.45 -0.36
CA MET C 337 26.11 52.19 -1.16
C MET C 337 25.89 53.56 -0.52
N GLY C 338 25.46 54.51 -1.35
CA GLY C 338 25.30 55.87 -0.89
C GLY C 338 23.86 56.22 -0.54
N GLU C 339 22.92 55.69 -1.33
CA GLU C 339 21.52 56.01 -1.09
C GLU C 339 21.00 55.35 0.18
N LEU C 340 21.52 54.17 0.52
CA LEU C 340 21.09 53.48 1.74
C LEU C 340 21.34 54.33 2.97
N TYR C 341 22.54 54.88 3.10
CA TYR C 341 22.85 55.70 4.25
C TYR C 341 22.09 57.02 4.22
N MET C 342 21.82 57.56 3.04
CA MET C 342 20.98 58.75 2.94
C MET C 342 19.59 58.47 3.51
N LEU C 343 18.96 57.38 3.10
CA LEU C 343 17.62 57.06 3.58
C LEU C 343 17.64 56.71 5.06
N LEU C 344 18.69 56.04 5.53
CA LEU C 344 18.79 55.77 6.97
C LEU C 344 18.92 57.06 7.76
N ALA C 345 19.63 58.05 7.21
CA ALA C 345 19.76 59.32 7.90
C ALA C 345 18.44 60.09 7.87
N VAL C 346 17.69 59.98 6.78
CA VAL C 346 16.37 60.61 6.73
C VAL C 346 15.43 59.94 7.73
N ALA C 347 15.57 58.64 7.94
CA ALA C 347 14.79 57.97 8.98
C ALA C 347 15.25 58.35 10.39
N LEU C 348 16.53 58.62 10.58
CA LEU C 348 17.05 59.03 11.88
C LEU C 348 16.73 60.47 12.20
N THR C 349 16.52 61.31 11.19
CA THR C 349 16.16 62.71 11.44
C THR C 349 14.80 62.82 12.10
N ASN C 350 13.89 61.90 11.79
CA ASN C 350 12.55 61.89 12.37
C ASN C 350 12.43 60.93 13.54
N LEU C 351 13.56 60.40 14.01
CA LEU C 351 13.57 59.47 15.13
C LEU C 351 14.31 60.05 16.34
N GLU C 352 14.25 61.36 16.49
CA GLU C 352 14.89 62.06 17.59
C GLU C 352 16.35 61.66 17.80
N ASP C 353 17.07 61.51 16.70
CA ASP C 353 18.49 61.14 16.76
C ASP C 353 19.19 61.87 15.62
N SER C 354 19.72 63.06 15.91
CA SER C 354 20.34 63.89 14.89
C SER C 354 21.84 63.64 14.74
N GLU C 355 22.52 63.21 15.80
CA GLU C 355 23.95 62.90 15.69
C GLU C 355 24.18 61.68 14.82
N ASN C 356 23.36 60.64 15.02
CA ASN C 356 23.43 59.48 14.15
C ASN C 356 23.11 59.85 12.70
N ALA C 357 22.18 60.79 12.51
CA ALA C 357 21.89 61.27 11.16
C ALA C 357 23.09 62.00 10.58
N LYS C 358 23.78 62.79 11.40
CA LYS C 358 24.99 63.46 10.95
C LYS C 358 26.02 62.45 10.45
N ARG C 359 26.34 61.45 11.28
CA ARG C 359 27.37 60.50 10.89
C ARG C 359 26.93 59.64 9.71
N ALA C 360 25.64 59.32 9.63
CA ALA C 360 25.15 58.57 8.48
C ALA C 360 25.26 59.39 7.20
N TYR C 361 24.95 60.68 7.27
CA TYR C 361 25.09 61.54 6.09
C TYR C 361 26.55 61.68 5.70
N GLU C 362 27.45 61.72 6.68
CA GLU C 362 28.88 61.76 6.36
C GLU C 362 29.30 60.49 5.63
N GLU C 363 28.89 59.32 6.16
CA GLU C 363 29.14 58.06 5.47
C GLU C 363 28.61 58.10 4.04
N ALA C 364 27.39 58.62 3.87
CA ALA C 364 26.78 58.63 2.54
C ALA C 364 27.56 59.51 1.58
N VAL C 365 27.84 60.76 1.99
CA VAL C 365 28.52 61.69 1.10
C VAL C 365 29.92 61.19 0.77
N ARG C 366 30.55 60.48 1.70
CA ARG C 366 31.84 59.86 1.38
C ARG C 366 31.67 58.72 0.39
N LEU C 367 30.57 57.98 0.49
CA LEU C 367 30.36 56.78 -0.32
C LEU C 367 29.48 57.02 -1.54
N ASP C 368 29.01 58.25 -1.76
CA ASP C 368 28.21 58.56 -2.94
C ASP C 368 29.02 59.46 -3.86
N LYS C 369 28.84 59.25 -5.17
CA LYS C 369 29.60 59.97 -6.18
C LYS C 369 28.73 60.72 -7.18
N CYS C 370 27.61 60.13 -7.61
CA CYS C 370 26.83 60.68 -8.73
C CYS C 370 25.35 60.75 -8.40
N ASN C 371 25.00 61.11 -7.17
CA ASN C 371 23.60 61.32 -6.79
C ASN C 371 23.50 62.58 -5.93
N PRO C 372 23.00 63.68 -6.49
CA PRO C 372 22.93 64.94 -5.71
C PRO C 372 21.84 64.95 -4.66
N LEU C 373 20.91 63.98 -4.68
CA LEU C 373 19.86 63.95 -3.68
C LEU C 373 20.42 63.84 -2.27
N VAL C 374 21.50 63.07 -2.10
CA VAL C 374 22.13 62.94 -0.79
C VAL C 374 22.63 64.29 -0.31
N ASN C 375 23.33 65.02 -1.18
CA ASN C 375 23.85 66.33 -0.81
C ASN C 375 22.72 67.29 -0.46
N LEU C 376 21.65 67.31 -1.27
CA LEU C 376 20.55 68.22 -0.98
C LEU C 376 19.89 67.89 0.35
N ASN C 377 19.69 66.60 0.62
CA ASN C 377 19.06 66.22 1.89
C ASN C 377 19.95 66.53 3.08
N TYR C 378 21.27 66.39 2.93
CA TYR C 378 22.16 66.76 4.02
C TYR C 378 22.18 68.27 4.23
N ALA C 379 22.07 69.03 3.14
CA ALA C 379 21.94 70.48 3.26
C ALA C 379 20.66 70.85 3.98
N VAL C 380 19.57 70.14 3.70
CA VAL C 380 18.31 70.39 4.38
C VAL C 380 18.44 70.08 5.87
N LEU C 381 19.05 68.94 6.20
CA LEU C 381 19.28 68.60 7.60
C LEU C 381 20.10 69.69 8.29
N LEU C 382 21.18 70.14 7.65
CA LEU C 382 22.03 71.15 8.27
C LEU C 382 21.28 72.46 8.47
N TYR C 383 20.60 72.94 7.43
CA TYR C 383 19.87 74.20 7.53
C TYR C 383 18.78 74.13 8.59
N ASN C 384 18.12 72.97 8.72
CA ASN C 384 17.13 72.81 9.78
C ASN C 384 17.77 72.71 11.15
N GLN C 385 19.06 72.36 11.23
CA GLN C 385 19.77 72.35 12.50
C GLN C 385 20.23 73.73 12.93
N GLY C 386 19.93 74.77 12.15
CA GLY C 386 20.29 76.13 12.48
C GLY C 386 21.71 76.52 12.12
N GLU C 387 22.44 75.67 11.39
CA GLU C 387 23.81 75.99 11.05
C GLU C 387 23.89 77.04 9.95
N LYS C 388 23.37 76.71 8.77
CA LYS C 388 23.42 77.50 7.54
C LYS C 388 24.84 77.69 7.02
N ARG C 389 25.84 77.10 7.68
CA ARG C 389 27.23 77.24 7.23
C ARG C 389 27.64 76.07 6.34
N ASP C 390 27.57 74.85 6.88
CA ASP C 390 27.90 73.67 6.09
C ASP C 390 26.78 73.30 5.13
N ALA C 391 25.57 73.84 5.33
CA ALA C 391 24.51 73.67 4.34
C ALA C 391 24.94 74.22 2.99
N LEU C 392 25.66 75.35 2.99
CA LEU C 392 26.22 75.86 1.74
C LEU C 392 27.26 74.91 1.17
N ALA C 393 28.04 74.25 2.04
CA ALA C 393 29.02 73.28 1.54
C ALA C 393 28.32 72.12 0.84
N GLN C 394 27.23 71.61 1.43
CA GLN C 394 26.50 70.52 0.78
C GLN C 394 25.79 70.99 -0.48
N TYR C 395 25.29 72.23 -0.50
CA TYR C 395 24.70 72.76 -1.73
C TYR C 395 25.73 72.85 -2.84
N GLN C 396 26.94 73.33 -2.52
CA GLN C 396 27.99 73.41 -3.51
C GLN C 396 28.46 72.05 -3.96
N GLU C 397 28.47 71.06 -3.05
CA GLU C 397 28.79 69.69 -3.45
C GLU C 397 27.76 69.14 -4.43
N MET C 398 26.48 69.39 -4.15
CA MET C 398 25.43 68.96 -5.07
C MET C 398 25.58 69.62 -6.42
N GLU C 399 25.75 70.94 -6.44
CA GLU C 399 25.86 71.66 -7.71
C GLU C 399 27.13 71.29 -8.46
N LYS C 400 28.16 70.81 -7.76
CA LYS C 400 29.30 70.22 -8.44
C LYS C 400 28.94 68.85 -9.03
N LYS C 401 28.11 68.08 -8.34
CA LYS C 401 27.73 66.77 -8.85
C LYS C 401 26.93 66.89 -10.13
N VAL C 402 25.99 67.83 -10.20
CA VAL C 402 25.22 68.05 -11.42
C VAL C 402 26.03 68.86 -12.41
N SER C 408 18.98 65.14 -12.66
CA SER C 408 18.51 66.49 -13.01
C SER C 408 17.04 66.44 -13.40
N SER C 409 16.34 65.32 -13.17
CA SER C 409 14.95 65.20 -13.67
C SER C 409 13.85 65.31 -12.62
N SER C 410 14.09 64.95 -11.36
CA SER C 410 12.98 64.85 -10.36
C SER C 410 12.26 66.18 -10.15
N LEU C 411 10.95 66.14 -10.18
CA LEU C 411 10.16 67.38 -10.03
C LEU C 411 10.33 67.99 -8.64
N GLU C 412 10.43 67.18 -7.58
CA GLU C 412 10.45 67.77 -6.22
C GLU C 412 11.85 67.98 -5.71
N PHE C 413 12.86 67.44 -6.37
CA PHE C 413 14.23 67.74 -5.93
C PHE C 413 14.66 69.03 -6.62
N ASP C 414 13.93 69.45 -7.66
CA ASP C 414 14.23 70.75 -8.32
C ASP C 414 13.87 71.90 -7.39
N PRO C 415 12.66 71.91 -6.81
CA PRO C 415 12.23 73.05 -6.03
C PRO C 415 13.09 73.23 -4.78
N GLU C 416 13.37 72.12 -4.08
CA GLU C 416 14.13 72.22 -2.82
C GLU C 416 15.54 72.65 -3.18
N MET C 417 15.96 72.35 -4.40
CA MET C 417 17.28 72.83 -4.86
C MET C 417 17.26 74.36 -4.81
N VAL C 418 16.21 74.99 -5.36
CA VAL C 418 16.18 76.44 -5.47
C VAL C 418 15.74 77.08 -4.16
N GLU C 419 14.95 76.38 -3.35
CA GLU C 419 14.49 76.98 -2.10
C GLU C 419 15.60 76.98 -1.06
N VAL C 420 16.41 75.93 -1.00
CA VAL C 420 17.56 75.95 -0.11
C VAL C 420 18.67 76.84 -0.67
N ALA C 421 18.62 77.17 -1.97
CA ALA C 421 19.56 78.14 -2.52
C ALA C 421 19.19 79.55 -2.10
N GLN C 422 17.98 79.99 -2.47
CA GLN C 422 17.59 81.38 -2.23
C GLN C 422 17.55 81.71 -0.75
N LYS C 423 17.19 80.74 0.09
CA LYS C 423 17.16 80.93 1.53
C LYS C 423 18.50 80.71 2.20
N LEU C 424 19.60 80.78 1.43
CA LEU C 424 20.93 80.58 1.98
C LEU C 424 21.94 81.51 1.35
N ALA D 6 3.50 57.38 58.47
CA ALA D 6 4.54 56.95 59.40
C ALA D 6 5.29 55.73 58.86
N LEU D 7 4.56 54.64 58.64
CA LEU D 7 5.11 53.39 58.15
C LEU D 7 4.56 53.10 56.76
N TRP D 8 5.44 53.09 55.76
CA TRP D 8 5.04 52.86 54.38
C TRP D 8 5.74 51.66 53.75
N GLU D 9 6.75 51.10 54.40
CA GLU D 9 7.55 50.05 53.78
C GLU D 9 6.71 48.84 53.41
N ASP D 10 5.71 48.50 54.22
CA ASP D 10 4.84 47.36 53.95
C ASP D 10 3.47 47.76 53.45
N ARG D 11 3.33 48.99 52.92
CA ARG D 11 2.03 49.46 52.46
C ARG D 11 2.04 50.07 51.07
N ASP D 12 3.21 50.27 50.45
CA ASP D 12 3.29 50.90 49.15
C ASP D 12 4.26 50.13 48.27
N VAL D 13 4.39 50.58 47.03
CA VAL D 13 5.35 50.04 46.07
C VAL D 13 6.03 51.23 45.42
N ARG D 14 7.32 51.43 45.71
CA ARG D 14 8.04 52.61 45.31
C ARG D 14 9.17 52.27 44.35
N PHE D 15 9.44 53.20 43.44
CA PHE D 15 10.44 53.03 42.39
C PHE D 15 11.44 54.17 42.47
N ASP D 16 12.70 53.85 42.17
CA ASP D 16 13.81 54.79 42.28
C ASP D 16 13.88 55.39 43.69
N VAL D 17 13.88 54.49 44.67
CA VAL D 17 13.86 54.86 46.09
C VAL D 17 15.24 55.38 46.46
N SER D 18 15.32 56.17 47.53
CA SER D 18 16.57 56.76 47.99
C SER D 18 17.40 55.73 48.75
N SER D 19 18.68 56.05 48.92
CA SER D 19 19.60 55.14 49.60
C SER D 19 19.29 55.01 51.08
N GLN D 20 18.46 55.87 51.64
CA GLN D 20 18.10 55.82 53.05
C GLN D 20 16.83 55.02 53.31
N GLN D 21 15.83 55.16 52.45
CA GLN D 21 14.58 54.43 52.64
C GLN D 21 14.75 52.93 52.39
N MET D 22 15.82 52.52 51.71
CA MET D 22 16.12 51.11 51.57
C MET D 22 16.72 50.52 52.84
N LYS D 23 17.18 51.36 53.76
CA LYS D 23 17.82 50.86 54.97
C LYS D 23 16.79 50.29 55.92
N THR D 24 17.19 49.23 56.63
CA THR D 24 16.32 48.53 57.57
C THR D 24 15.72 49.47 58.60
N ARG D 25 14.39 49.57 58.60
CA ARG D 25 13.70 50.31 59.65
C ARG D 25 13.95 49.63 61.00
N PRO D 26 13.87 50.39 62.12
CA PRO D 26 14.06 49.80 63.45
C PRO D 26 13.37 48.46 63.66
N GLY D 27 12.06 48.40 63.44
CA GLY D 27 11.35 47.15 63.61
C GLY D 27 11.60 46.14 62.50
N GLU D 28 12.05 46.62 61.34
CA GLU D 28 12.40 45.74 60.23
C GLU D 28 13.67 44.95 60.54
N VAL D 29 13.87 43.87 59.79
CA VAL D 29 15.11 43.11 59.88
C VAL D 29 15.32 42.32 58.59
N LEU D 30 16.53 42.39 58.04
CA LEU D 30 16.87 41.62 56.86
C LEU D 30 16.86 40.14 57.17
N ILE D 31 16.50 39.33 56.17
CA ILE D 31 16.46 37.88 56.31
C ILE D 31 17.39 37.21 55.31
N ASP D 32 17.16 37.41 54.01
CA ASP D 32 17.95 36.76 52.98
C ASP D 32 18.25 37.74 51.85
N CYS D 33 19.33 37.45 51.13
CA CYS D 33 19.82 38.32 50.07
C CYS D 33 20.34 37.45 48.93
N LEU D 34 20.37 38.04 47.73
CA LEU D 34 20.92 37.34 46.57
C LEU D 34 21.41 38.34 45.55
N ASP D 35 22.66 38.18 45.12
CA ASP D 35 23.25 39.04 44.12
C ASP D 35 22.92 38.54 42.71
N SER D 36 23.15 39.40 41.73
CA SER D 36 23.03 39.09 40.31
C SER D 36 21.60 38.73 39.90
N VAL D 37 20.60 39.12 40.69
CA VAL D 37 19.21 38.90 40.31
C VAL D 37 18.80 39.99 39.33
N GLU D 38 18.71 39.63 38.05
CA GLU D 38 18.33 40.58 37.02
C GLU D 38 16.85 40.92 37.13
N ASP D 39 16.53 42.17 36.81
CA ASP D 39 15.15 42.64 36.81
C ASP D 39 14.57 42.55 35.40
N THR D 40 13.36 42.00 35.32
CA THR D 40 12.62 41.94 34.07
C THR D 40 11.16 42.30 34.35
N LYS D 41 10.40 42.44 33.26
CA LYS D 41 9.23 43.27 33.06
C LYS D 41 9.67 44.71 32.85
N GLY D 42 10.93 45.04 33.08
CA GLY D 42 11.54 46.24 32.56
C GLY D 42 12.79 45.85 31.78
N ASN D 43 12.77 46.00 30.47
CA ASN D 43 13.84 45.42 29.65
C ASN D 43 15.08 46.30 29.65
N ASN D 44 15.58 46.65 30.84
CA ASN D 44 16.85 47.32 30.96
C ASN D 44 18.03 46.36 30.94
N GLY D 45 17.77 45.05 31.06
CA GLY D 45 18.82 44.05 31.02
C GLY D 45 19.92 44.28 32.04
N ASP D 46 19.57 44.88 33.17
CA ASP D 46 20.54 45.26 34.19
C ASP D 46 20.40 44.36 35.41
N ARG D 47 21.53 43.98 35.99
CA ARG D 47 21.57 43.10 37.14
C ARG D 47 21.16 43.86 38.39
N GLY D 48 21.30 43.21 39.54
CA GLY D 48 20.97 43.85 40.79
C GLY D 48 21.22 42.92 41.97
N ARG D 49 20.50 43.21 43.05
CA ARG D 49 20.58 42.47 44.29
C ARG D 49 19.21 42.52 44.95
N LEU D 50 18.73 41.36 45.37
CA LEU D 50 17.40 41.20 45.92
C LEU D 50 17.50 40.93 47.41
N LEU D 51 16.61 41.54 48.18
CA LEU D 51 16.59 41.46 49.63
C LEU D 51 15.18 41.14 50.08
N VAL D 52 15.04 40.11 50.91
CA VAL D 52 13.74 39.74 51.47
C VAL D 52 13.79 40.14 52.94
N THR D 53 13.31 41.35 53.24
CA THR D 53 13.37 41.89 54.58
C THR D 53 12.20 41.38 55.42
N ASN D 54 11.99 42.00 56.57
CA ASN D 54 10.92 41.59 57.48
C ASN D 54 9.57 42.12 57.05
N LEU D 55 9.53 43.27 56.38
CA LEU D 55 8.29 43.92 56.00
C LEU D 55 8.11 44.11 54.50
N ARG D 56 9.16 43.99 53.70
CA ARG D 56 9.04 44.26 52.28
C ARG D 56 10.21 43.63 51.55
N ILE D 57 10.07 43.54 50.24
CA ILE D 57 11.12 43.02 49.37
C ILE D 57 11.72 44.18 48.59
N VAL D 58 13.05 44.22 48.53
CA VAL D 58 13.77 45.34 47.95
C VAL D 58 14.69 44.79 46.85
N TRP D 59 14.90 45.58 45.82
CA TRP D 59 15.83 45.20 44.76
C TRP D 59 16.57 46.44 44.31
N HIS D 60 17.91 46.40 44.38
CA HIS D 60 18.71 47.54 43.95
C HIS D 60 19.73 47.11 42.91
N SER D 61 19.98 48.00 41.94
CA SER D 61 20.61 47.61 40.68
C SER D 61 22.02 47.06 40.84
N LEU D 62 22.67 47.25 41.98
CA LEU D 62 23.99 46.71 42.31
C LEU D 62 25.10 47.31 41.47
N ALA D 63 24.78 48.11 40.47
CA ALA D 63 25.76 48.87 39.70
C ALA D 63 25.41 50.35 39.63
N LEU D 64 24.12 50.67 39.51
CA LEU D 64 23.61 52.03 39.67
C LEU D 64 22.55 51.94 40.76
N PRO D 65 22.97 51.91 42.03
CA PRO D 65 22.05 51.56 43.11
C PRO D 65 20.92 52.55 43.32
N ARG D 66 20.90 53.63 42.51
CA ARG D 66 19.79 54.57 42.57
C ARG D 66 18.50 53.90 42.09
N VAL D 67 18.49 53.40 40.86
CA VAL D 67 17.31 52.74 40.33
C VAL D 67 17.07 51.46 41.11
N ASN D 68 15.87 51.34 41.67
CA ASN D 68 15.57 50.24 42.57
C ASN D 68 14.05 50.11 42.72
N LEU D 69 13.66 49.08 43.47
CA LEU D 69 12.26 48.74 43.67
C LEU D 69 12.04 48.37 45.13
N SER D 70 10.90 48.78 45.67
CA SER D 70 10.50 48.44 47.02
C SER D 70 9.05 48.03 47.01
N ILE D 71 8.77 46.78 47.41
CA ILE D 71 7.44 46.20 47.32
C ILE D 71 7.02 45.72 48.71
N GLY D 72 5.92 46.27 49.23
CA GLY D 72 5.45 45.87 50.52
C GLY D 72 4.64 44.60 50.50
N TYR D 73 4.59 43.92 51.65
CA TYR D 73 3.92 42.63 51.75
C TYR D 73 2.41 42.75 51.90
N ASN D 74 1.91 43.89 52.37
CA ASN D 74 0.47 44.17 52.32
C ASN D 74 0.05 44.77 51.00
N CYS D 75 0.87 44.59 49.95
CA CYS D 75 0.52 45.03 48.62
C CYS D 75 0.88 43.98 47.56
N ILE D 76 1.08 42.73 47.95
CA ILE D 76 1.32 41.65 47.01
C ILE D 76 0.12 40.71 47.05
N LEU D 77 -0.21 40.15 45.89
CA LEU D 77 -1.31 39.22 45.73
C LEU D 77 -0.85 37.81 45.42
N ASN D 78 0.15 37.66 44.55
CA ASN D 78 0.61 36.35 44.10
C ASN D 78 2.11 36.38 43.91
N ILE D 79 2.77 35.31 44.35
CA ILE D 79 4.21 35.12 44.17
C ILE D 79 4.42 33.72 43.60
N THR D 80 5.00 33.66 42.41
CA THR D 80 5.13 32.41 41.67
C THR D 80 6.57 32.19 41.26
N THR D 81 7.07 30.98 41.49
CA THR D 81 8.43 30.60 41.10
C THR D 81 8.35 29.72 39.87
N ARG D 82 9.20 30.00 38.89
CA ARG D 82 9.17 29.34 37.57
C ARG D 82 10.52 28.68 37.31
N THR D 83 10.57 27.36 37.47
CA THR D 83 11.78 26.59 37.19
C THR D 83 11.77 26.14 35.73
N ALA D 84 12.65 26.71 34.92
CA ALA D 84 12.71 26.40 33.50
C ALA D 84 14.15 26.57 33.03
N ASN D 85 14.32 26.72 31.71
CA ASN D 85 15.63 26.92 31.08
C ASN D 85 16.54 25.73 31.37
N SER D 86 16.19 24.62 30.74
CA SER D 86 16.69 23.28 31.02
C SER D 86 18.11 23.06 30.53
N LYS D 87 18.47 21.78 30.33
CA LYS D 87 19.83 21.22 30.29
C LYS D 87 20.90 22.14 29.71
N LEU D 88 20.56 22.96 28.71
CA LEU D 88 21.51 23.90 28.12
C LEU D 88 22.38 24.54 29.19
N ARG D 89 21.77 24.91 30.32
CA ARG D 89 22.51 25.20 31.53
C ARG D 89 21.76 24.62 32.73
N GLY D 90 22.15 25.01 33.94
CA GLY D 90 21.47 24.52 35.12
C GLY D 90 20.06 25.07 35.23
N GLN D 91 19.26 24.41 36.08
CA GLN D 91 17.87 24.81 36.29
C GLN D 91 17.83 26.13 37.03
N THR D 92 17.58 27.21 36.31
CA THR D 92 17.46 28.54 36.91
C THR D 92 15.99 28.84 37.18
N GLU D 93 15.74 29.62 38.23
CA GLU D 93 14.39 29.96 38.62
C GLU D 93 14.05 31.38 38.19
N ALA D 94 12.84 31.81 38.54
CA ALA D 94 12.39 33.16 38.26
C ALA D 94 11.22 33.47 39.19
N LEU D 95 11.14 34.72 39.62
CA LEU D 95 10.12 35.16 40.58
C LEU D 95 9.16 36.12 39.90
N TYR D 96 7.87 35.78 39.95
CA TYR D 96 6.80 36.63 39.42
C TYR D 96 6.01 37.13 40.61
N VAL D 97 6.04 38.44 40.83
CA VAL D 97 5.28 39.07 41.91
C VAL D 97 4.21 39.96 41.31
N LEU D 98 2.97 39.77 41.77
CA LEU D 98 1.81 40.54 41.34
C LEU D 98 1.36 41.42 42.50
N THR D 99 1.24 42.71 42.25
CA THR D 99 1.01 43.70 43.30
C THR D 99 -0.16 44.60 42.93
N LYS D 100 -0.94 45.01 43.93
CA LYS D 100 -2.08 45.91 43.73
C LYS D 100 -2.07 46.93 44.85
N CYS D 101 -1.57 48.13 44.54
CA CYS D 101 -1.51 49.24 45.48
C CYS D 101 -2.45 50.34 45.04
N ASN D 102 -3.34 50.77 45.95
CA ASN D 102 -4.35 51.79 45.70
C ASN D 102 -4.98 51.67 44.31
N SER D 103 -5.44 50.45 44.02
CA SER D 103 -6.10 50.12 42.75
C SER D 103 -5.20 50.45 41.55
N THR D 104 -4.04 49.80 41.53
CA THR D 104 -3.12 49.85 40.41
C THR D 104 -2.28 48.58 40.45
N ARG D 105 -2.31 47.80 39.37
CA ARG D 105 -1.74 46.47 39.35
C ARG D 105 -0.40 46.49 38.64
N PHE D 106 0.65 46.12 39.36
CA PHE D 106 1.99 45.97 38.83
C PHE D 106 2.40 44.51 38.84
N GLU D 107 3.38 44.17 38.01
CA GLU D 107 3.98 42.85 38.02
C GLU D 107 5.48 42.99 37.79
N PHE D 108 6.26 42.34 38.64
CA PHE D 108 7.72 42.35 38.53
C PHE D 108 8.23 40.93 38.34
N ILE D 109 9.28 40.77 37.53
CA ILE D 109 9.90 39.48 37.28
C ILE D 109 11.36 39.58 37.68
N PHE D 110 11.86 38.55 38.34
CA PHE D 110 13.23 38.55 38.86
C PHE D 110 13.91 37.27 38.41
N THR D 111 14.92 37.40 37.55
CA THR D 111 15.60 36.28 36.93
C THR D 111 16.94 36.04 37.61
N ASN D 112 17.10 34.86 38.19
CA ASN D 112 18.38 34.49 38.79
C ASN D 112 19.35 34.11 37.67
N LEU D 113 20.33 34.97 37.41
CA LEU D 113 21.24 34.74 36.29
C LEU D 113 22.15 33.55 36.54
N VAL D 114 22.93 33.60 37.61
CA VAL D 114 23.85 32.52 37.95
C VAL D 114 23.05 31.38 38.57
N PRO D 115 23.01 30.19 37.96
CA PRO D 115 22.12 29.13 38.43
C PRO D 115 22.62 28.44 39.70
N GLY D 116 23.63 29.00 40.34
CA GLY D 116 24.26 28.38 41.48
C GLY D 116 23.71 28.73 42.84
N SER D 117 22.65 29.55 42.92
CA SER D 117 22.10 29.94 44.22
C SER D 117 20.66 30.41 44.09
N PRO D 118 19.70 29.52 43.86
CA PRO D 118 18.29 29.93 43.73
C PRO D 118 17.45 29.80 45.00
N ARG D 119 18.06 29.53 46.16
CA ARG D 119 17.28 29.18 47.34
C ARG D 119 16.43 30.36 47.83
N LEU D 120 16.85 31.59 47.56
CA LEU D 120 16.15 32.77 48.06
C LEU D 120 14.65 32.68 47.80
N TYR D 121 14.28 32.37 46.55
CA TYR D 121 12.88 32.39 46.12
C TYR D 121 11.99 31.51 46.99
N THR D 122 12.55 30.62 47.81
CA THR D 122 11.75 29.84 48.74
C THR D 122 11.42 30.64 50.00
N SER D 123 12.45 31.15 50.67
CA SER D 123 12.26 31.80 51.96
C SER D 123 11.24 32.93 51.88
N LEU D 124 11.33 33.74 50.83
CA LEU D 124 10.34 34.79 50.58
C LEU D 124 8.92 34.27 50.79
N ILE D 125 8.57 33.21 50.05
CA ILE D 125 7.24 32.64 50.18
C ILE D 125 6.91 32.40 51.65
N ALA D 126 7.81 31.72 52.35
CA ALA D 126 7.62 31.45 53.77
C ALA D 126 7.28 32.73 54.52
N VAL D 127 8.15 33.74 54.43
CA VAL D 127 7.96 34.90 55.27
C VAL D 127 6.67 35.61 54.88
N HIS D 128 6.27 35.51 53.61
CA HIS D 128 5.03 36.16 53.19
C HIS D 128 3.85 35.57 53.94
N ARG D 129 3.83 34.25 54.12
CA ARG D 129 2.81 33.63 54.95
C ARG D 129 2.85 34.22 56.36
N ALA D 130 4.06 34.31 56.93
CA ALA D 130 4.21 34.88 58.25
C ALA D 130 3.73 36.32 58.28
N TYR D 131 3.76 37.01 57.14
CA TYR D 131 3.27 38.38 57.12
C TYR D 131 1.76 38.42 57.18
N GLU D 132 1.08 37.45 56.55
CA GLU D 132 -0.37 37.48 56.50
C GLU D 132 -1.02 36.77 57.68
N THR D 133 -0.40 35.72 58.19
CA THR D 133 -0.92 35.06 59.39
C THR D 133 -0.82 35.94 60.62
N SER D 134 -0.13 37.09 60.53
CA SER D 134 0.05 38.01 61.65
C SER D 134 -0.35 39.41 61.17
N LYS D 135 -1.65 39.71 61.30
CA LYS D 135 -2.15 41.05 61.04
C LYS D 135 -2.78 41.70 62.26
N MET D 136 -3.07 40.93 63.31
CA MET D 136 -3.52 41.52 64.56
C MET D 136 -2.40 42.24 65.29
N TYR D 137 -1.18 42.19 64.77
CA TYR D 137 -0.05 42.91 65.36
C TYR D 137 0.07 44.34 64.85
N ARG D 138 -0.35 44.61 63.62
CA ARG D 138 -0.11 45.90 63.01
C ARG D 138 -1.30 46.42 62.23
N ASP D 139 -2.52 46.01 62.60
CA ASP D 139 -3.70 46.49 61.91
C ASP D 139 -4.86 46.56 62.89
N PHE D 140 -5.89 47.31 62.48
CA PHE D 140 -7.02 47.65 63.33
C PHE D 140 -8.26 46.90 62.86
N LYS D 141 -8.97 46.28 63.80
CA LYS D 141 -10.05 45.36 63.45
C LYS D 141 -11.23 45.54 64.41
N LEU D 142 -12.43 45.40 63.87
CA LEU D 142 -13.66 45.46 64.64
C LEU D 142 -14.27 44.07 64.82
N ARG D 143 -14.79 43.82 66.02
CA ARG D 143 -15.75 42.74 66.26
C ARG D 143 -15.20 41.37 65.87
N SER D 144 -13.88 41.19 65.97
CA SER D 144 -13.26 39.93 65.58
C SER D 144 -13.55 38.85 66.62
N ALA D 145 -12.95 37.67 66.40
CA ALA D 145 -13.08 36.53 67.30
C ALA D 145 -11.87 36.49 68.22
N LEU D 146 -11.89 37.38 69.21
CA LEU D 146 -10.77 37.54 70.14
C LEU D 146 -10.96 36.78 71.44
N ILE D 147 -12.16 36.77 71.98
CA ILE D 147 -12.39 36.28 73.34
C ILE D 147 -12.63 34.78 73.31
N GLN D 148 -11.98 34.09 74.24
CA GLN D 148 -12.30 32.69 74.55
C GLN D 148 -13.52 32.66 75.46
N ASN D 149 -13.76 31.52 76.12
CA ASN D 149 -14.90 31.35 77.01
C ASN D 149 -15.18 32.61 77.85
N LYS D 150 -14.17 33.09 78.57
CA LYS D 150 -14.27 34.38 79.24
C LYS D 150 -13.00 35.20 79.16
N GLN D 151 -11.92 34.70 78.56
CA GLN D 151 -10.62 35.35 78.57
C GLN D 151 -10.19 35.66 77.14
N LEU D 152 -9.05 36.35 77.03
CA LEU D 152 -8.53 36.78 75.74
C LEU D 152 -7.62 35.72 75.14
N ARG D 153 -7.70 35.56 73.82
CA ARG D 153 -6.81 34.69 73.09
C ARG D 153 -5.58 35.49 72.67
N LEU D 154 -4.43 35.17 73.26
CA LEU D 154 -3.23 35.97 73.08
C LEU D 154 -2.51 35.60 71.78
N LEU D 155 -1.91 36.60 71.15
CA LEU D 155 -1.02 36.37 70.03
C LEU D 155 0.24 35.65 70.53
N PRO D 156 1.12 35.19 69.62
CA PRO D 156 2.35 34.53 70.08
C PRO D 156 3.20 35.39 71.00
N GLN D 157 3.61 36.57 70.54
CA GLN D 157 4.42 37.47 71.36
C GLN D 157 3.53 38.54 71.98
N GLU D 158 2.74 38.11 72.96
CA GLU D 158 1.80 39.02 73.62
C GLU D 158 1.38 38.45 74.96
N ASN D 159 1.51 39.27 76.01
CA ASN D 159 0.95 38.95 77.32
C ASN D 159 0.22 40.18 77.84
N VAL D 160 -0.78 39.94 78.68
CA VAL D 160 -1.60 41.03 79.20
C VAL D 160 -0.86 41.75 80.31
N TYR D 161 -1.14 43.05 80.45
CA TYR D 161 -0.55 43.87 81.50
C TYR D 161 -1.55 44.20 82.60
N ASN D 162 -2.70 44.78 82.23
CA ASN D 162 -3.71 45.19 83.18
C ASN D 162 -5.06 44.60 82.79
N LYS D 163 -5.79 44.13 83.78
CA LYS D 163 -7.05 43.40 83.62
C LYS D 163 -8.12 44.19 84.37
N ILE D 164 -8.87 45.04 83.66
CA ILE D 164 -9.80 45.97 84.28
C ILE D 164 -11.22 45.57 83.87
N ASN D 165 -12.11 45.50 84.86
CA ASN D 165 -13.51 45.19 84.63
C ASN D 165 -14.37 46.43 84.75
N GLY D 166 -15.43 46.50 83.95
CA GLY D 166 -16.36 47.61 83.99
C GLY D 166 -15.85 48.86 83.31
N VAL D 167 -15.37 48.72 82.08
CA VAL D 167 -14.86 49.84 81.29
C VAL D 167 -15.85 50.12 80.17
N TRP D 168 -16.46 51.31 80.22
CA TRP D 168 -17.51 51.65 79.27
C TRP D 168 -16.92 52.02 77.91
N ASN D 169 -17.79 52.24 76.94
CA ASN D 169 -17.39 52.57 75.58
C ASN D 169 -18.28 53.72 75.11
N LEU D 170 -17.68 54.89 74.89
CA LEU D 170 -18.46 56.07 74.52
C LEU D 170 -18.58 56.20 73.00
N SER D 171 -19.00 55.10 72.38
CA SER D 171 -19.35 55.09 70.97
C SER D 171 -20.70 54.42 70.70
N SER D 172 -21.29 53.78 71.71
CA SER D 172 -22.60 53.15 71.58
C SER D 172 -23.53 53.69 72.66
N ASP D 173 -24.68 53.07 72.84
CA ASP D 173 -25.69 53.57 73.77
C ASP D 173 -25.97 52.63 74.93
N GLN D 174 -26.17 51.33 74.69
CA GLN D 174 -26.62 50.43 75.73
C GLN D 174 -25.85 49.12 75.84
N GLY D 175 -24.78 48.94 75.06
CA GLY D 175 -23.99 47.73 75.16
C GLY D 175 -22.56 47.98 75.58
N ASN D 176 -22.37 48.83 76.59
CA ASN D 176 -21.07 49.43 76.86
C ASN D 176 -20.19 48.60 77.80
N LEU D 177 -20.69 48.33 79.01
CA LEU D 177 -19.84 47.82 80.09
C LEU D 177 -19.09 46.56 79.67
N GLY D 178 -17.76 46.67 79.58
CA GLY D 178 -16.96 45.57 79.07
C GLY D 178 -15.53 45.64 79.55
N THR D 179 -14.88 44.49 79.60
CA THR D 179 -13.52 44.37 80.10
C THR D 179 -12.54 45.07 79.14
N PHE D 180 -11.38 45.43 79.69
CA PHE D 180 -10.35 46.20 78.99
C PHE D 180 -9.01 45.51 79.19
N PHE D 181 -8.50 44.86 78.14
CA PHE D 181 -7.23 44.14 78.19
C PHE D 181 -6.12 45.01 77.63
N ILE D 182 -5.01 45.09 78.37
CA ILE D 182 -3.84 45.88 77.99
C ILE D 182 -2.67 44.93 77.79
N THR D 183 -2.08 44.95 76.59
CA THR D 183 -0.97 44.08 76.24
C THR D 183 0.17 44.90 75.68
N ASN D 184 1.30 44.22 75.44
CA ASN D 184 2.50 44.89 74.95
C ASN D 184 2.48 45.14 73.45
N VAL D 185 1.53 44.58 72.72
CA VAL D 185 1.44 44.76 71.27
C VAL D 185 0.20 45.56 70.89
N ARG D 186 -0.92 45.30 71.55
CA ARG D 186 -2.18 45.96 71.22
C ARG D 186 -3.07 45.98 72.45
N ILE D 187 -4.07 46.87 72.41
CA ILE D 187 -5.01 47.03 73.51
C ILE D 187 -6.39 46.69 72.99
N VAL D 188 -7.13 45.88 73.74
CA VAL D 188 -8.44 45.43 73.27
C VAL D 188 -9.49 45.68 74.33
N TRP D 189 -10.74 45.78 73.87
CA TRP D 189 -11.88 45.92 74.77
C TRP D 189 -13.02 45.10 74.20
N HIS D 190 -13.53 44.16 74.99
CA HIS D 190 -14.74 43.44 74.62
C HIS D 190 -15.91 43.96 75.45
N ALA D 191 -17.09 43.42 75.20
CA ALA D 191 -18.32 44.05 75.66
C ALA D 191 -18.96 43.37 76.87
N ASN D 192 -18.48 42.20 77.29
CA ASN D 192 -18.94 41.54 78.51
C ASN D 192 -20.42 41.21 78.45
N MET D 193 -21.06 41.52 77.33
CA MET D 193 -22.48 41.26 77.12
C MET D 193 -22.68 41.21 75.62
N ASN D 194 -22.91 40.02 75.08
CA ASN D 194 -22.76 39.76 73.65
C ASN D 194 -21.35 40.13 73.21
N ASP D 195 -20.39 39.35 73.71
CA ASP D 195 -18.98 39.75 73.65
C ASP D 195 -18.43 39.54 72.25
N SER D 196 -19.10 40.13 71.26
CA SER D 196 -18.58 40.28 69.92
C SER D 196 -18.45 41.73 69.49
N PHE D 197 -18.80 42.67 70.37
CA PHE D 197 -18.53 44.09 70.13
C PHE D 197 -17.21 44.41 70.83
N ASN D 198 -16.13 43.95 70.22
CA ASN D 198 -14.80 44.19 70.77
C ASN D 198 -13.98 44.96 69.73
N VAL D 199 -13.08 45.81 70.24
CA VAL D 199 -12.19 46.60 69.41
C VAL D 199 -10.76 46.27 69.81
N SER D 200 -9.91 46.03 68.82
CA SER D 200 -8.52 45.61 69.03
C SER D 200 -7.62 46.62 68.33
N ILE D 201 -7.18 47.64 69.07
CA ILE D 201 -6.36 48.69 68.49
C ILE D 201 -4.89 48.37 68.71
N PRO D 202 -4.08 48.33 67.64
CA PRO D 202 -2.65 48.12 67.82
C PRO D 202 -1.92 49.42 68.12
N TYR D 203 -0.84 49.28 68.89
CA TYR D 203 0.00 50.43 69.20
C TYR D 203 0.52 51.10 67.94
N LEU D 204 0.70 50.33 66.87
CA LEU D 204 1.20 50.89 65.62
C LEU D 204 0.21 51.89 65.02
N GLN D 205 -1.08 51.65 65.19
CA GLN D 205 -2.09 52.55 64.63
C GLN D 205 -2.43 53.70 65.55
N ILE D 206 -2.09 53.61 66.83
CA ILE D 206 -2.35 54.71 67.76
C ILE D 206 -1.45 55.89 67.43
N ARG D 207 -2.01 57.10 67.51
CA ARG D 207 -1.28 58.33 67.28
C ARG D 207 -1.00 59.09 68.56
N SER D 208 -1.98 59.15 69.46
CA SER D 208 -1.82 59.86 70.72
C SER D 208 -2.94 59.44 71.66
N VAL D 209 -2.58 59.05 72.88
CA VAL D 209 -3.54 58.67 73.91
C VAL D 209 -3.63 59.82 74.91
N LYS D 210 -4.76 60.51 74.92
CA LYS D 210 -4.96 61.66 75.79
C LYS D 210 -6.33 61.54 76.45
N ILE D 211 -6.77 62.61 77.09
CA ILE D 211 -8.03 62.63 77.83
C ILE D 211 -8.78 63.90 77.46
N ARG D 212 -10.10 63.81 77.35
CA ARG D 212 -10.94 64.96 77.06
C ARG D 212 -12.22 64.92 77.88
N ALA D 219 -13.17 59.09 80.26
CA ALA D 219 -12.59 59.73 79.09
C ALA D 219 -11.19 59.17 78.81
N LEU D 220 -11.09 58.26 77.85
CA LEU D 220 -9.81 57.71 77.39
C LEU D 220 -9.81 57.83 75.88
N VAL D 221 -9.38 58.99 75.38
CA VAL D 221 -9.44 59.26 73.94
C VAL D 221 -8.21 58.68 73.27
N ILE D 222 -8.44 57.90 72.20
CA ILE D 222 -7.38 57.26 71.44
C ILE D 222 -7.60 57.57 69.96
N GLU D 223 -6.61 58.19 69.33
CA GLU D 223 -6.70 58.60 67.93
C GLU D 223 -5.90 57.65 67.05
N SER D 224 -6.36 57.51 65.80
CA SER D 224 -5.75 56.60 64.84
C SER D 224 -4.84 57.36 63.89
N SER D 225 -3.86 56.65 63.32
CA SER D 225 -2.76 57.29 62.61
C SER D 225 -3.01 57.36 61.10
N GLN D 226 -4.12 58.00 60.75
CA GLN D 226 -4.41 58.40 59.37
C GLN D 226 -4.53 57.23 58.41
N GLN D 227 -4.42 56.00 58.92
CA GLN D 227 -4.57 54.79 58.10
C GLN D 227 -5.92 54.13 58.31
N SER D 228 -6.34 53.98 59.56
CA SER D 228 -7.69 53.54 59.88
C SER D 228 -8.67 54.71 59.97
N GLY D 229 -8.32 55.85 59.36
CA GLY D 229 -9.14 57.03 59.45
C GLY D 229 -9.00 57.72 60.80
N GLY D 230 -9.74 58.82 60.95
CA GLY D 230 -9.75 59.54 62.20
C GLY D 230 -10.68 58.89 63.22
N TYR D 231 -10.34 57.68 63.64
CA TYR D 231 -11.21 56.90 64.52
C TYR D 231 -10.89 57.26 65.97
N VAL D 232 -11.69 58.15 66.53
CA VAL D 232 -11.54 58.53 67.93
C VAL D 232 -12.33 57.56 68.80
N LEU D 233 -11.64 56.92 69.74
CA LEU D 233 -12.23 55.93 70.63
C LEU D 233 -12.30 56.49 72.03
N GLY D 234 -13.49 56.45 72.63
CA GLY D 234 -13.69 56.98 73.96
C GLY D 234 -14.21 55.96 74.96
N PHE D 235 -13.51 55.82 76.08
CA PHE D 235 -13.87 54.87 77.13
C PHE D 235 -13.94 55.60 78.46
N LYS D 236 -14.73 55.06 79.38
CA LYS D 236 -14.92 55.66 80.70
C LYS D 236 -14.93 54.56 81.75
N ILE D 237 -14.31 54.85 82.90
CA ILE D 237 -14.09 53.84 83.93
C ILE D 237 -14.64 54.36 85.26
N ASP D 238 -14.39 53.62 86.34
CA ASP D 238 -14.69 53.97 87.71
C ASP D 238 -13.88 55.21 88.11
N PRO D 239 -14.01 55.73 89.37
CA PRO D 239 -13.25 56.92 89.77
C PRO D 239 -11.84 57.02 89.22
N VAL D 240 -11.44 58.24 88.87
CA VAL D 240 -10.45 58.49 87.83
C VAL D 240 -9.03 58.14 88.25
N GLU D 241 -8.85 57.66 89.48
CA GLU D 241 -7.50 57.29 89.92
C GLU D 241 -6.91 56.22 89.00
N LYS D 242 -7.58 55.05 88.95
CA LYS D 242 -7.19 54.00 88.02
C LYS D 242 -7.22 54.50 86.58
N LEU D 243 -8.02 55.52 86.29
CA LEU D 243 -8.09 56.05 84.94
C LEU D 243 -6.78 56.69 84.53
N GLN D 244 -6.31 57.68 85.30
CA GLN D 244 -5.01 58.28 84.98
C GLN D 244 -3.89 57.26 85.09
N GLU D 245 -4.00 56.31 86.01
CA GLU D 245 -3.00 55.25 86.09
C GLU D 245 -2.91 54.49 84.77
N SER D 246 -4.06 54.08 84.24
CA SER D 246 -4.08 53.36 82.98
C SER D 246 -3.58 54.23 81.83
N VAL D 247 -3.94 55.51 81.82
CA VAL D 247 -3.49 56.39 80.74
C VAL D 247 -1.96 56.52 80.75
N LYS D 248 -1.37 56.74 81.92
CA LYS D 248 0.07 56.93 81.98
C LYS D 248 0.80 55.63 81.63
N GLU D 249 0.29 54.49 82.11
CA GLU D 249 0.95 53.23 81.77
C GLU D 249 0.79 52.91 80.29
N ILE D 250 -0.34 53.29 79.69
CA ILE D 250 -0.55 53.08 78.26
C ILE D 250 0.42 53.93 77.46
N ASN D 251 0.61 55.18 77.86
CA ASN D 251 1.57 56.03 77.15
C ASN D 251 2.99 55.46 77.27
N SER D 252 3.35 54.97 78.46
CA SER D 252 4.68 54.39 78.63
C SER D 252 4.87 53.19 77.70
N LEU D 253 3.87 52.29 77.67
CA LEU D 253 3.97 51.12 76.80
C LEU D 253 4.02 51.53 75.33
N HIS D 254 3.23 52.54 74.95
CA HIS D 254 3.24 53.03 73.58
C HIS D 254 4.64 53.50 73.19
N LYS D 255 5.27 54.29 74.05
CA LYS D 255 6.59 54.82 73.72
C LYS D 255 7.64 53.71 73.69
N VAL D 256 7.60 52.79 74.66
CA VAL D 256 8.61 51.73 74.69
C VAL D 256 8.42 50.79 73.51
N TYR D 257 7.20 50.67 72.97
CA TYR D 257 7.02 49.89 71.76
C TYR D 257 7.52 50.64 70.54
N SER D 258 7.11 51.90 70.40
CA SER D 258 7.55 52.71 69.25
C SER D 258 9.05 52.87 69.20
N ALA D 259 9.75 52.67 70.31
CA ALA D 259 11.20 52.67 70.30
C ALA D 259 11.74 51.63 69.31
N ASN D 260 11.27 50.40 69.44
CA ASN D 260 11.61 49.32 68.51
C ASN D 260 10.36 48.51 68.18
N PRO D 261 9.79 48.70 66.98
CA PRO D 261 8.55 47.99 66.64
C PRO D 261 8.78 46.49 66.50
N ILE D 262 7.68 45.75 66.59
CA ILE D 262 7.73 44.29 66.67
C ILE D 262 7.31 43.65 65.35
N PHE D 263 6.13 44.01 64.83
CA PHE D 263 5.62 43.57 63.54
C PHE D 263 5.25 42.08 63.53
N GLY D 264 5.54 41.37 64.60
CA GLY D 264 5.11 39.99 64.79
C GLY D 264 5.39 39.01 63.66
N VAL D 265 6.31 39.35 62.76
CA VAL D 265 6.63 38.47 61.63
C VAL D 265 7.58 37.39 62.15
N ASP D 266 7.05 36.19 62.36
CA ASP D 266 7.86 35.09 62.88
C ASP D 266 8.68 34.44 61.77
N TYR D 267 9.79 33.83 62.16
CA TYR D 267 10.67 33.13 61.23
C TYR D 267 11.62 32.21 61.98
N THR D 296 9.05 60.58 38.02
CA THR D 296 9.74 59.51 37.26
C THR D 296 8.74 58.77 36.36
N ASP D 297 9.22 58.00 35.38
CA ASP D 297 8.32 57.14 34.55
C ASP D 297 8.53 55.67 34.89
N ALA D 298 9.15 55.34 36.01
CA ALA D 298 9.47 53.94 36.33
C ALA D 298 8.18 53.12 36.45
N PHE D 299 7.19 53.62 37.16
CA PHE D 299 5.98 52.78 37.31
C PHE D 299 5.56 52.35 35.92
N VAL D 300 5.58 53.24 34.92
CA VAL D 300 4.83 52.93 33.72
C VAL D 300 5.34 51.70 32.99
N ALA D 301 6.53 51.24 33.31
CA ALA D 301 7.11 50.07 32.67
C ALA D 301 6.87 48.78 33.45
N TYR D 302 6.01 48.82 34.48
CA TYR D 302 5.78 47.66 35.32
C TYR D 302 4.29 47.34 35.49
N PHE D 303 3.43 47.86 34.63
CA PHE D 303 2.00 47.61 34.75
C PHE D 303 1.69 46.15 34.45
N ALA D 304 0.85 45.55 35.28
CA ALA D 304 0.45 44.16 35.05
C ALA D 304 -0.55 44.05 33.90
N ASP D 305 -1.34 45.11 33.66
CA ASP D 305 -2.35 45.07 32.62
C ASP D 305 -1.73 45.37 31.25
N GLY D 306 -0.91 46.41 31.17
CA GLY D 306 -0.34 46.85 29.93
C GLY D 306 -0.92 48.19 29.52
N ASN D 307 -0.19 49.26 29.80
CA ASN D 307 -0.62 50.63 29.51
C ASN D 307 -1.99 50.92 30.11
N LYS D 308 -2.23 50.42 31.32
CA LYS D 308 -3.49 50.65 32.01
C LYS D 308 -3.24 50.77 33.51
N GLN D 309 -3.49 51.96 34.05
CA GLN D 309 -3.52 52.20 35.50
C GLN D 309 -4.87 52.86 35.79
N GLN D 310 -5.91 52.04 35.93
CA GLN D 310 -7.26 52.58 35.91
C GLN D 310 -8.24 51.46 36.22
N ASP D 311 -9.45 51.87 36.57
CA ASP D 311 -10.62 50.97 36.55
C ASP D 311 -11.85 51.85 36.46
N ARG D 312 -12.48 51.88 35.28
CA ARG D 312 -13.65 52.72 35.09
C ARG D 312 -14.77 52.28 36.01
N GLU D 313 -15.75 53.16 36.17
CA GLU D 313 -16.80 52.97 37.17
C GLU D 313 -17.59 51.70 36.87
N PRO D 314 -17.59 50.71 37.76
CA PRO D 314 -18.38 49.50 37.52
C PRO D 314 -19.86 49.76 37.50
N VAL D 315 -20.50 49.54 36.36
CA VAL D 315 -21.92 49.81 36.19
C VAL D 315 -22.60 48.50 35.80
N PHE D 316 -23.92 48.47 35.93
CA PHE D 316 -24.66 47.28 35.57
C PHE D 316 -24.60 47.05 34.07
N SER D 317 -24.85 45.80 33.67
CA SER D 317 -24.82 45.40 32.27
C SER D 317 -26.10 44.65 31.96
N GLU D 318 -26.93 45.24 31.10
CA GLU D 318 -28.18 44.58 30.73
C GLU D 318 -27.96 43.38 29.83
N GLU D 319 -26.81 43.32 29.14
CA GLU D 319 -26.56 42.21 28.23
C GLU D 319 -26.25 40.92 28.99
N LEU D 320 -25.35 41.00 29.97
CA LEU D 320 -24.91 39.80 30.69
C LEU D 320 -25.63 39.58 32.01
N GLY D 321 -26.16 40.63 32.62
CA GLY D 321 -26.75 40.50 33.93
C GLY D 321 -25.78 40.61 35.08
N LEU D 322 -24.55 41.05 34.82
CA LEU D 322 -23.51 41.15 35.83
C LEU D 322 -23.03 42.60 35.93
N ALA D 323 -22.44 42.93 37.07
CA ALA D 323 -21.78 44.21 37.23
C ALA D 323 -20.50 44.20 36.40
N ILE D 324 -20.43 45.08 35.41
CA ILE D 324 -19.35 45.06 34.45
C ILE D 324 -18.68 46.43 34.43
N GLU D 325 -17.40 46.45 34.11
CA GLU D 325 -16.70 47.72 34.03
C GLU D 325 -17.23 48.52 32.84
N LYS D 326 -17.33 49.84 33.03
CA LYS D 326 -17.88 50.71 32.01
C LYS D 326 -17.13 50.57 30.70
N LEU D 327 -17.86 50.63 29.59
CA LEU D 327 -17.28 50.43 28.27
C LEU D 327 -16.75 51.76 27.73
N LYS D 328 -15.76 51.65 26.84
CA LYS D 328 -14.90 52.78 26.51
C LYS D 328 -15.32 53.43 25.19
N ASP D 329 -16.33 54.30 25.29
CA ASP D 329 -16.63 55.32 24.28
C ASP D 329 -16.75 54.72 22.88
N GLY D 330 -17.77 53.90 22.69
CA GLY D 330 -18.09 53.33 21.39
C GLY D 330 -18.02 51.81 21.36
N PHE D 331 -17.21 51.22 22.22
CA PHE D 331 -17.08 49.77 22.27
C PHE D 331 -18.38 49.14 22.74
N THR D 332 -18.58 47.88 22.33
CA THR D 332 -19.75 47.11 22.72
C THR D 332 -19.30 45.73 23.17
N LEU D 333 -20.16 45.07 23.96
CA LEU D 333 -19.80 43.77 24.50
C LEU D 333 -19.66 42.73 23.40
N GLN D 334 -20.68 42.61 22.55
CA GLN D 334 -20.62 41.63 21.46
C GLN D 334 -19.62 42.01 20.38
N GLY D 335 -18.94 43.14 20.51
CA GLY D 335 -17.90 43.51 19.57
C GLY D 335 -16.53 43.30 20.17
N LEU D 336 -16.46 43.34 21.50
CA LEU D 336 -15.22 42.99 22.20
C LEU D 336 -15.06 41.48 22.33
N TRP D 337 -16.17 40.74 22.32
CA TRP D 337 -16.11 39.30 22.54
C TRP D 337 -15.60 38.57 21.31
N GLU D 338 -16.15 38.88 20.15
CA GLU D 338 -15.71 38.23 18.93
C GLU D 338 -14.28 38.65 18.59
N VAL D 339 -13.69 37.93 17.64
CA VAL D 339 -12.32 38.21 17.21
C VAL D 339 -12.31 38.81 15.82
N ASP E 2 -5.51 -23.59 -42.28
CA ASP E 2 -6.83 -22.96 -42.19
C ASP E 2 -7.73 -23.42 -43.34
N LEU E 3 -8.84 -24.07 -42.98
CA LEU E 3 -9.78 -24.56 -43.98
C LEU E 3 -11.13 -24.78 -43.32
N ASN E 4 -12.20 -24.54 -44.08
CA ASN E 4 -13.56 -24.64 -43.56
C ASN E 4 -14.37 -25.51 -44.49
N LEU E 5 -15.08 -26.49 -43.92
CA LEU E 5 -15.93 -27.40 -44.67
C LEU E 5 -17.32 -27.40 -44.03
N ASN E 6 -18.33 -27.08 -44.83
CA ASN E 6 -19.71 -27.02 -44.35
C ASN E 6 -20.32 -28.41 -44.41
N ARG E 7 -21.07 -28.78 -43.37
CA ARG E 7 -21.64 -30.11 -43.25
C ARG E 7 -22.99 -30.15 -43.95
N ALA E 8 -23.02 -30.66 -45.16
CA ALA E 8 -24.24 -30.84 -45.93
C ALA E 8 -24.62 -32.31 -45.92
N ASP E 9 -25.83 -32.61 -45.48
CA ASP E 9 -26.25 -34.00 -45.36
C ASP E 9 -26.93 -34.48 -46.64
N TYR E 10 -26.80 -35.78 -46.89
CA TYR E 10 -27.35 -36.45 -48.05
C TYR E 10 -28.24 -37.60 -47.57
N LEU E 11 -28.62 -38.46 -48.51
CA LEU E 11 -29.47 -39.61 -48.22
C LEU E 11 -28.93 -40.41 -47.02
N GLN E 12 -29.86 -40.98 -46.26
CA GLN E 12 -29.53 -41.84 -45.14
C GLN E 12 -29.81 -43.29 -45.52
N VAL E 13 -28.81 -44.15 -45.36
CA VAL E 13 -28.94 -45.57 -45.63
C VAL E 13 -28.86 -46.30 -44.29
N GLY E 14 -29.07 -47.61 -44.32
CA GLY E 14 -28.99 -48.42 -43.13
C GLY E 14 -27.60 -48.42 -42.52
N VAL E 15 -27.44 -49.25 -41.49
CA VAL E 15 -26.17 -49.32 -40.78
C VAL E 15 -25.11 -49.95 -41.69
N THR E 16 -23.93 -49.34 -41.71
CA THR E 16 -22.86 -49.73 -42.62
C THR E 16 -21.65 -50.22 -41.85
N SER E 17 -20.93 -51.17 -42.45
CA SER E 17 -19.69 -51.69 -41.90
C SER E 17 -18.52 -50.79 -42.33
N GLN E 18 -17.31 -51.27 -42.11
CA GLN E 18 -16.12 -50.49 -42.43
C GLN E 18 -15.84 -50.53 -43.92
N LYS E 19 -15.55 -49.35 -44.49
CA LYS E 19 -15.18 -49.19 -45.90
C LYS E 19 -16.24 -49.79 -46.81
N THR E 20 -17.46 -49.25 -46.69
CA THR E 20 -18.60 -49.73 -47.46
C THR E 20 -19.16 -48.62 -48.34
N MET E 21 -18.41 -47.55 -48.56
CA MET E 21 -18.83 -46.45 -49.41
C MET E 21 -17.77 -46.22 -50.48
N LYS E 22 -18.22 -45.84 -51.67
CA LYS E 22 -17.31 -45.58 -52.77
C LYS E 22 -17.91 -44.51 -53.67
N LEU E 23 -17.04 -43.91 -54.49
CA LEU E 23 -17.44 -42.87 -55.43
C LEU E 23 -17.08 -43.32 -56.83
N LEU E 24 -18.07 -43.37 -57.71
CA LEU E 24 -17.81 -43.69 -59.10
C LEU E 24 -17.11 -42.52 -59.77
N PRO E 25 -16.03 -42.75 -60.52
CA PRO E 25 -15.22 -41.62 -61.00
C PRO E 25 -15.93 -40.70 -61.96
N ALA E 26 -17.02 -41.13 -62.59
CA ALA E 26 -17.81 -40.30 -63.50
C ALA E 26 -16.94 -39.70 -64.61
N ARG E 30 -16.30 -34.40 -65.51
CA ARG E 30 -15.78 -33.40 -64.58
C ARG E 30 -16.85 -32.94 -63.60
N ALA E 31 -18.08 -33.45 -63.80
CA ALA E 31 -19.23 -33.03 -63.02
C ALA E 31 -19.31 -33.86 -61.74
N THR E 32 -20.46 -33.76 -61.05
CA THR E 32 -20.66 -34.47 -59.80
C THR E 32 -20.53 -35.98 -60.00
N GLN E 33 -19.78 -36.63 -59.11
CA GLN E 33 -19.66 -38.07 -59.15
C GLN E 33 -20.93 -38.72 -58.56
N LYS E 34 -20.90 -40.03 -58.43
CA LYS E 34 -22.00 -40.78 -57.85
C LYS E 34 -21.53 -41.54 -56.62
N VAL E 35 -22.39 -41.59 -55.61
CA VAL E 35 -22.09 -42.26 -54.35
C VAL E 35 -22.73 -43.64 -54.37
N VAL E 36 -21.98 -44.64 -53.93
CA VAL E 36 -22.49 -46.00 -53.82
C VAL E 36 -22.19 -46.53 -52.42
N VAL E 37 -23.20 -47.13 -51.79
CA VAL E 37 -23.12 -47.58 -50.40
C VAL E 37 -23.80 -48.93 -50.26
N GLY E 38 -23.48 -49.60 -49.16
CA GLY E 38 -24.05 -50.91 -48.86
C GLY E 38 -24.54 -51.05 -47.43
N ASP E 39 -25.82 -51.35 -47.26
CA ASP E 39 -26.44 -51.51 -45.96
C ASP E 39 -26.18 -52.91 -45.41
N HIS E 40 -26.31 -53.05 -44.09
CA HIS E 40 -26.15 -54.34 -43.43
C HIS E 40 -27.25 -55.32 -43.75
N ASP E 41 -28.23 -54.95 -44.57
CA ASP E 41 -29.24 -55.87 -45.04
C ASP E 41 -29.01 -56.34 -46.47
N GLY E 42 -27.95 -55.85 -47.11
CA GLY E 42 -27.62 -56.26 -48.47
C GLY E 42 -28.06 -55.29 -49.53
N ILE E 43 -28.74 -54.21 -49.18
CA ILE E 43 -29.33 -53.31 -50.16
C ILE E 43 -28.24 -52.33 -50.58
N VAL E 44 -27.44 -52.73 -51.56
CA VAL E 44 -26.47 -51.82 -52.15
C VAL E 44 -27.20 -50.84 -53.05
N MET E 45 -26.90 -49.55 -52.90
CA MET E 45 -27.58 -48.52 -53.66
C MET E 45 -26.59 -47.46 -54.09
N CYS E 46 -27.03 -46.59 -54.99
CA CYS E 46 -26.21 -45.52 -55.51
C CYS E 46 -27.10 -44.35 -55.89
N PHE E 47 -26.58 -43.14 -55.66
CA PHE E 47 -27.30 -41.92 -55.99
C PHE E 47 -26.31 -40.90 -56.55
N GLY E 48 -26.84 -39.77 -57.00
CA GLY E 48 -26.02 -38.76 -57.64
C GLY E 48 -26.15 -37.37 -57.07
N MET E 49 -27.23 -37.13 -56.33
CA MET E 49 -27.51 -35.84 -55.71
C MET E 49 -27.50 -34.72 -56.77
N LYS E 50 -28.47 -34.83 -57.67
CA LYS E 50 -28.59 -33.84 -58.75
C LYS E 50 -28.86 -32.45 -58.19
N LYS E 51 -29.95 -32.29 -57.46
CA LYS E 51 -30.28 -30.98 -56.88
C LYS E 51 -31.02 -31.24 -55.57
N GLY E 52 -30.26 -31.26 -54.46
CA GLY E 52 -30.85 -31.38 -53.15
C GLY E 52 -31.30 -32.78 -52.79
N GLU E 53 -31.99 -33.44 -53.72
CA GLU E 53 -32.60 -34.74 -53.47
C GLU E 53 -31.76 -35.85 -54.10
N ALA E 54 -31.82 -37.03 -53.48
CA ALA E 54 -31.05 -38.18 -53.96
C ALA E 54 -31.83 -38.88 -55.06
N VAL E 55 -31.34 -38.81 -56.29
CA VAL E 55 -31.93 -39.51 -57.42
C VAL E 55 -31.37 -40.93 -57.39
N THR E 56 -32.07 -41.82 -56.69
CA THR E 56 -31.56 -43.16 -56.45
C THR E 56 -31.42 -43.94 -57.76
N VAL E 57 -30.42 -44.81 -57.80
CA VAL E 57 -30.15 -45.66 -58.96
C VAL E 57 -29.94 -47.08 -58.47
N PHE E 58 -30.60 -48.03 -59.14
CA PHE E 58 -30.48 -49.48 -58.92
C PHE E 58 -30.32 -49.84 -57.44
N LYS E 59 -31.28 -49.39 -56.64
CA LYS E 59 -31.37 -49.83 -55.25
C LYS E 59 -31.79 -51.29 -55.24
N THR E 60 -30.83 -52.19 -54.99
CA THR E 60 -31.05 -53.62 -55.17
C THR E 60 -31.85 -54.18 -53.99
N LEU E 61 -31.96 -55.53 -53.96
CA LEU E 61 -32.72 -56.38 -53.06
C LEU E 61 -31.91 -56.72 -51.81
N PRO E 62 -32.57 -56.96 -50.68
CA PRO E 62 -31.84 -57.27 -49.44
C PRO E 62 -31.29 -58.69 -49.44
N GLY E 63 -30.16 -58.83 -48.75
CA GLY E 63 -29.47 -60.11 -48.63
C GLY E 63 -28.68 -60.18 -47.36
N GLN E 64 -27.46 -60.71 -47.45
CA GLN E 64 -26.58 -60.77 -46.30
C GLN E 64 -25.97 -59.39 -46.02
N LYS E 65 -25.30 -59.28 -44.88
CA LYS E 65 -24.70 -58.01 -44.49
C LYS E 65 -23.49 -57.72 -45.35
N ILE E 66 -23.52 -56.59 -46.07
CA ILE E 66 -22.43 -56.22 -46.96
C ILE E 66 -21.20 -55.91 -46.12
N ALA E 67 -20.19 -56.78 -46.19
CA ALA E 67 -19.00 -56.62 -45.38
C ALA E 67 -17.94 -55.75 -46.04
N ARG E 68 -17.96 -55.62 -47.37
CA ARG E 68 -16.97 -54.82 -48.06
C ARG E 68 -17.46 -54.49 -49.45
N LEU E 69 -17.03 -53.34 -49.97
CA LEU E 69 -17.39 -52.89 -51.30
C LEU E 69 -16.20 -52.17 -51.91
N GLU E 70 -15.87 -52.53 -53.15
CA GLU E 70 -14.70 -51.96 -53.81
C GLU E 70 -14.94 -51.86 -55.31
N LEU E 71 -14.54 -50.73 -55.89
CA LEU E 71 -14.69 -50.53 -57.33
C LEU E 71 -13.34 -50.67 -58.02
N GLY E 72 -13.34 -51.37 -59.14
CA GLY E 72 -12.14 -51.62 -59.91
C GLY E 72 -12.46 -51.82 -61.38
N GLY E 73 -11.41 -52.02 -62.16
CA GLY E 73 -11.54 -52.26 -63.59
C GLY E 73 -10.45 -53.17 -64.06
N ALA E 74 -10.76 -53.98 -65.08
CA ALA E 74 -9.83 -55.01 -65.54
C ALA E 74 -8.56 -54.37 -66.09
N LEU E 75 -8.68 -53.62 -67.18
CA LEU E 75 -7.53 -52.96 -67.79
C LEU E 75 -7.40 -51.55 -67.23
N ASN E 76 -6.60 -50.71 -67.89
CA ASN E 76 -6.41 -49.32 -67.47
C ASN E 76 -7.65 -48.47 -67.71
N THR E 77 -8.75 -49.08 -68.16
CA THR E 77 -10.05 -48.45 -68.30
C THR E 77 -10.43 -47.74 -67.01
N PRO E 78 -11.22 -46.67 -67.08
CA PRO E 78 -11.76 -46.06 -65.85
C PRO E 78 -12.51 -47.09 -65.03
N GLN E 79 -12.06 -47.29 -63.79
CA GLN E 79 -12.58 -48.36 -62.95
C GLN E 79 -14.01 -48.05 -62.54
N GLU E 80 -14.94 -48.94 -62.90
CA GLU E 80 -16.36 -48.74 -62.62
C GLU E 80 -17.06 -49.98 -62.06
N LYS E 81 -16.46 -51.17 -62.14
CA LYS E 81 -17.12 -52.37 -61.65
C LYS E 81 -17.09 -52.38 -60.13
N ILE E 82 -18.26 -52.42 -59.51
CA ILE E 82 -18.38 -52.37 -58.05
C ILE E 82 -18.65 -53.78 -57.53
N PHE E 83 -17.73 -54.31 -56.74
CA PHE E 83 -17.84 -55.66 -56.20
C PHE E 83 -18.16 -55.59 -54.70
N ILE E 84 -19.11 -56.42 -54.28
CA ILE E 84 -19.46 -56.58 -52.88
C ILE E 84 -19.19 -58.03 -52.48
N ALA E 85 -19.18 -58.28 -51.18
CA ALA E 85 -18.99 -59.63 -50.64
C ALA E 85 -19.85 -59.75 -49.38
N ALA E 86 -21.07 -60.27 -49.55
CA ALA E 86 -22.03 -60.17 -48.44
C ALA E 86 -21.85 -61.26 -47.40
N GLY E 87 -22.19 -62.51 -47.74
CA GLY E 87 -22.08 -63.57 -46.75
C GLY E 87 -20.86 -64.46 -46.88
N SER E 88 -20.72 -65.09 -48.05
CA SER E 88 -19.56 -65.91 -48.34
C SER E 88 -19.16 -65.82 -49.81
N GLU E 89 -19.81 -64.97 -50.59
CA GLU E 89 -19.60 -64.92 -52.02
C GLU E 89 -19.42 -63.47 -52.46
N ILE E 90 -18.71 -63.28 -53.56
CA ILE E 90 -18.44 -61.96 -54.10
C ILE E 90 -19.34 -61.74 -55.30
N ARG E 91 -20.22 -60.75 -55.20
CA ARG E 91 -21.07 -60.33 -56.30
C ARG E 91 -20.50 -59.07 -56.94
N GLY E 92 -20.87 -58.85 -58.20
CA GLY E 92 -20.32 -57.73 -58.93
C GLY E 92 -21.31 -57.05 -59.83
N PHE E 93 -21.39 -55.72 -59.73
CA PHE E 93 -22.31 -54.93 -60.53
C PHE E 93 -21.52 -53.98 -61.43
N THR E 94 -22.11 -53.65 -62.57
CA THR E 94 -21.56 -52.61 -63.42
C THR E 94 -22.04 -51.26 -62.89
N LYS E 95 -21.80 -50.19 -63.64
CA LYS E 95 -22.22 -48.88 -63.14
C LYS E 95 -23.70 -48.68 -63.45
N ARG E 96 -24.50 -49.69 -63.10
CA ARG E 96 -25.96 -49.76 -63.25
C ARG E 96 -26.38 -51.11 -62.67
N GLY E 97 -27.69 -51.31 -62.59
CA GLY E 97 -28.21 -52.54 -62.01
C GLY E 97 -28.15 -53.76 -62.88
N LYS E 98 -26.96 -54.12 -63.36
CA LYS E 98 -26.75 -55.39 -64.06
C LYS E 98 -25.64 -56.14 -63.35
N GLN E 99 -26.01 -57.21 -62.66
CA GLN E 99 -25.02 -58.09 -62.04
C GLN E 99 -24.40 -58.98 -63.09
N PHE E 100 -23.07 -59.04 -63.10
CA PHE E 100 -22.35 -59.83 -64.08
C PHE E 100 -21.52 -60.94 -63.48
N LEU E 101 -20.86 -60.70 -62.35
CA LEU E 101 -20.02 -61.68 -61.69
C LEU E 101 -20.66 -62.14 -60.39
N SER E 102 -20.62 -63.45 -60.15
CA SER E 102 -21.05 -64.01 -58.85
C SER E 102 -20.11 -65.17 -58.56
N PHE E 103 -19.02 -64.88 -57.85
CA PHE E 103 -18.05 -65.90 -57.50
C PHE E 103 -18.42 -66.45 -56.12
N GLU E 104 -18.75 -67.74 -56.07
CA GLU E 104 -19.26 -68.33 -54.83
C GLU E 104 -18.18 -68.39 -53.77
N THR E 105 -16.94 -68.72 -54.15
CA THR E 105 -15.78 -68.83 -53.26
C THR E 105 -16.15 -69.46 -51.92
N ASN E 106 -16.70 -70.67 -52.02
CA ASN E 106 -17.28 -71.37 -50.87
C ASN E 106 -16.29 -71.42 -49.71
N LEU E 107 -16.62 -70.73 -48.63
CA LEU E 107 -15.80 -70.61 -47.44
C LEU E 107 -16.61 -71.03 -46.21
N THR E 108 -16.05 -70.79 -45.04
CA THR E 108 -16.70 -71.25 -43.81
C THR E 108 -17.59 -70.17 -43.19
N GLU E 109 -17.03 -68.99 -42.90
CA GLU E 109 -17.72 -68.03 -42.05
C GLU E 109 -18.14 -66.76 -42.78
N SER E 110 -17.22 -66.01 -43.37
CA SER E 110 -17.52 -64.69 -43.93
C SER E 110 -16.25 -64.11 -44.53
N ILE E 111 -16.41 -62.96 -45.17
CA ILE E 111 -15.31 -62.15 -45.69
C ILE E 111 -15.21 -60.88 -44.84
N LYS E 112 -13.98 -60.46 -44.55
CA LYS E 112 -13.75 -59.25 -43.79
C LYS E 112 -12.96 -58.18 -44.53
N ALA E 113 -12.39 -58.51 -45.69
CA ALA E 113 -11.67 -57.54 -46.50
C ALA E 113 -11.43 -58.16 -47.87
N MET E 114 -11.32 -57.30 -48.88
CA MET E 114 -11.10 -57.78 -50.24
C MET E 114 -10.55 -56.65 -51.09
N HIS E 115 -9.75 -57.03 -52.08
CA HIS E 115 -9.12 -56.10 -53.00
C HIS E 115 -9.20 -56.65 -54.41
N ILE E 116 -9.54 -55.77 -55.35
CA ILE E 116 -9.71 -56.13 -56.76
C ILE E 116 -8.65 -55.38 -57.56
N SER E 117 -7.66 -56.13 -58.06
CA SER E 117 -6.64 -55.56 -58.94
C SER E 117 -6.91 -56.13 -60.33
N GLY E 118 -7.75 -55.43 -61.09
CA GLY E 118 -8.15 -55.93 -62.39
C GLY E 118 -8.89 -57.25 -62.30
N SER E 119 -8.22 -58.32 -62.72
CA SER E 119 -8.78 -59.67 -62.58
C SER E 119 -8.37 -60.33 -61.28
N ASP E 120 -7.21 -59.96 -60.73
CA ASP E 120 -6.75 -60.56 -59.48
C ASP E 120 -7.67 -60.16 -58.33
N LEU E 121 -7.99 -61.13 -57.47
CA LEU E 121 -8.94 -60.93 -56.39
C LEU E 121 -8.32 -61.46 -55.10
N PHE E 122 -7.95 -60.56 -54.20
CA PHE E 122 -7.35 -60.93 -52.92
C PHE E 122 -8.40 -60.75 -51.83
N LEU E 123 -8.92 -61.85 -51.30
CA LEU E 123 -9.93 -61.77 -50.26
C LEU E 123 -9.38 -62.33 -48.96
N SER E 124 -9.90 -61.83 -47.85
CA SER E 124 -9.53 -62.27 -46.52
C SER E 124 -10.64 -63.14 -45.95
N ALA E 125 -10.50 -63.49 -44.68
CA ALA E 125 -11.49 -64.24 -43.93
C ALA E 125 -11.23 -63.97 -42.45
N SER E 126 -11.80 -64.79 -41.57
CA SER E 126 -11.45 -64.71 -40.16
C SER E 126 -9.93 -64.86 -39.98
N TYR E 127 -9.39 -66.01 -40.38
CA TYR E 127 -7.95 -66.21 -40.43
C TYR E 127 -7.42 -66.45 -41.84
N ILE E 128 -8.27 -66.90 -42.76
CA ILE E 128 -7.82 -67.37 -44.06
C ILE E 128 -7.59 -66.19 -45.00
N TYR E 129 -6.69 -66.37 -45.96
CA TYR E 129 -6.44 -65.41 -47.02
C TYR E 129 -6.35 -66.16 -48.33
N ASN E 130 -7.10 -65.72 -49.33
CA ASN E 130 -7.11 -66.37 -50.63
C ASN E 130 -6.83 -65.34 -51.72
N HIS E 131 -6.14 -65.79 -52.75
CA HIS E 131 -5.88 -65.00 -53.95
C HIS E 131 -6.36 -65.80 -55.15
N TYR E 132 -7.46 -65.34 -55.76
CA TYR E 132 -8.03 -65.95 -56.94
C TYR E 132 -7.71 -65.12 -58.17
N CYS E 133 -7.83 -65.75 -59.34
CA CYS E 133 -7.74 -65.07 -60.63
C CYS E 133 -8.90 -65.58 -61.47
N ASP E 134 -10.02 -64.84 -61.46
CA ASP E 134 -11.22 -65.19 -62.21
C ASP E 134 -11.74 -66.57 -61.80
N CYS E 135 -12.15 -66.67 -60.54
CA CYS E 135 -12.82 -67.86 -60.00
C CYS E 135 -11.89 -69.08 -60.09
N LYS E 136 -10.60 -68.85 -59.90
CA LYS E 136 -9.60 -69.91 -59.92
C LYS E 136 -8.63 -69.69 -58.77
N ASP E 137 -8.56 -70.66 -57.85
CA ASP E 137 -7.69 -70.53 -56.70
C ASP E 137 -6.23 -70.59 -57.14
N GLN E 138 -5.45 -69.61 -56.70
CA GLN E 138 -4.03 -69.55 -57.01
C GLN E 138 -3.13 -69.35 -55.81
N HIS E 139 -3.60 -68.73 -54.73
CA HIS E 139 -2.78 -68.60 -53.54
C HIS E 139 -3.64 -68.76 -52.30
N TYR E 140 -3.09 -69.41 -51.27
CA TYR E 140 -3.84 -69.72 -50.06
C TYR E 140 -2.91 -69.62 -48.86
N TYR E 141 -3.26 -68.77 -47.90
CA TYR E 141 -2.48 -68.56 -46.70
C TYR E 141 -3.38 -68.64 -45.48
N LEU E 142 -2.82 -69.12 -44.37
CA LEU E 142 -3.54 -69.25 -43.10
C LEU E 142 -2.68 -68.63 -42.01
N SER E 143 -2.92 -67.35 -41.72
CA SER E 143 -2.19 -66.68 -40.67
C SER E 143 -2.57 -67.24 -39.30
N GLY E 144 -1.82 -66.84 -38.29
CA GLY E 144 -2.09 -67.26 -36.93
C GLY E 144 -3.02 -66.31 -36.20
N ASP E 145 -3.26 -65.15 -36.80
CA ASP E 145 -4.09 -64.10 -36.22
C ASP E 145 -5.06 -63.56 -37.26
N LYS E 146 -6.15 -62.98 -36.78
CA LYS E 146 -7.18 -62.48 -37.67
C LYS E 146 -6.65 -61.35 -38.55
N ILE E 147 -7.13 -61.32 -39.78
CA ILE E 147 -6.70 -60.35 -40.79
C ILE E 147 -7.64 -59.16 -40.74
N ASN E 148 -7.08 -57.96 -40.88
CA ASN E 148 -7.89 -56.74 -40.89
C ASN E 148 -8.10 -56.16 -42.27
N ASP E 149 -7.13 -56.27 -43.17
CA ASP E 149 -7.25 -55.74 -44.52
C ASP E 149 -6.15 -56.34 -45.37
N VAL E 150 -6.42 -56.43 -46.67
CA VAL E 150 -5.48 -56.96 -47.65
C VAL E 150 -5.35 -55.96 -48.79
N ILE E 151 -4.12 -55.73 -49.25
CA ILE E 151 -3.86 -54.86 -50.38
C ILE E 151 -2.76 -55.47 -51.23
N CYS E 152 -2.75 -55.11 -52.52
CA CYS E 152 -1.68 -55.48 -53.43
C CYS E 152 -1.12 -54.22 -54.07
N LEU E 153 0.21 -54.10 -54.08
CA LEU E 153 0.85 -52.96 -54.69
C LEU E 153 0.47 -52.86 -56.17
N PRO E 154 0.62 -51.69 -56.78
CA PRO E 154 0.23 -51.55 -58.19
C PRO E 154 1.05 -52.48 -59.09
N VAL E 155 0.36 -53.46 -59.68
CA VAL E 155 1.01 -54.43 -60.55
C VAL E 155 1.47 -53.82 -61.86
N GLU E 156 1.14 -52.54 -62.11
CA GLU E 156 1.54 -51.85 -63.32
C GLU E 156 2.78 -50.99 -63.09
N ARG E 157 2.73 -50.09 -62.10
CA ARG E 157 3.90 -49.28 -61.78
C ARG E 157 5.06 -50.11 -61.28
N LEU E 158 4.80 -51.30 -60.77
CA LEU E 158 5.82 -52.29 -60.47
C LEU E 158 5.53 -53.52 -61.33
N LEU E 159 6.26 -54.60 -61.09
CA LEU E 159 6.12 -55.80 -61.91
C LEU E 159 5.54 -57.00 -61.18
N ARG E 160 5.90 -57.23 -59.92
CA ARG E 160 5.40 -58.36 -59.16
C ARG E 160 4.24 -57.95 -58.27
N GLU E 161 3.31 -58.87 -58.06
CA GLU E 161 2.20 -58.64 -57.14
C GLU E 161 2.64 -59.05 -55.74
N VAL E 162 2.78 -58.09 -54.85
CA VAL E 162 3.18 -58.37 -53.46
C VAL E 162 2.03 -58.03 -52.52
N PRO E 163 1.10 -58.96 -52.29
CA PRO E 163 0.01 -58.68 -51.34
C PRO E 163 0.53 -58.51 -49.93
N VAL E 164 0.03 -57.48 -49.25
CA VAL E 164 0.33 -57.24 -47.84
C VAL E 164 -0.86 -57.72 -47.03
N LEU E 165 -0.58 -58.34 -45.88
CA LEU E 165 -1.61 -58.91 -45.03
C LEU E 165 -1.45 -58.30 -43.64
N ALA E 166 -2.42 -57.49 -43.23
CA ALA E 166 -2.38 -56.84 -41.93
C ALA E 166 -2.99 -57.77 -40.89
N CYS E 167 -2.17 -58.20 -39.93
CA CYS E 167 -2.68 -59.11 -38.92
C CYS E 167 -3.10 -58.34 -37.67
N GLN E 168 -3.79 -59.04 -36.78
CA GLN E 168 -4.28 -58.42 -35.55
C GLN E 168 -3.16 -58.16 -34.55
N ASP E 169 -2.03 -58.83 -34.68
CA ASP E 169 -0.94 -58.74 -33.71
C ASP E 169 0.13 -57.73 -34.14
N ARG E 170 -0.29 -56.62 -34.74
CA ARG E 170 0.56 -55.45 -34.98
C ARG E 170 1.62 -55.71 -36.05
N VAL E 171 1.39 -56.68 -36.94
CA VAL E 171 2.35 -56.98 -37.99
C VAL E 171 1.69 -56.81 -39.35
N LEU E 172 2.51 -56.46 -40.33
CA LEU E 172 2.13 -56.45 -41.74
C LEU E 172 3.01 -57.47 -42.44
N ARG E 173 2.45 -58.63 -42.76
CA ARG E 173 3.18 -59.68 -43.45
C ARG E 173 3.09 -59.41 -44.95
N VAL E 174 4.19 -58.96 -45.55
CA VAL E 174 4.19 -58.61 -46.97
C VAL E 174 4.57 -59.87 -47.75
N LEU E 175 3.56 -60.67 -48.04
CA LEU E 175 3.79 -62.01 -48.58
C LEU E 175 3.66 -62.01 -50.10
N GLN E 176 4.41 -62.90 -50.73
CA GLN E 176 4.27 -63.17 -52.16
C GLN E 176 3.98 -64.64 -52.35
N GLY E 177 3.11 -64.96 -53.29
CA GLY E 177 2.69 -66.33 -53.50
C GLY E 177 1.88 -66.85 -52.33
N SER E 178 2.46 -67.75 -51.55
CA SER E 178 1.76 -68.31 -50.39
C SER E 178 2.68 -68.40 -49.17
N ASP E 179 3.71 -67.56 -49.13
CA ASP E 179 4.64 -67.55 -48.00
C ASP E 179 5.14 -66.13 -47.80
N VAL E 180 5.36 -65.77 -46.53
CA VAL E 180 5.74 -64.41 -46.19
C VAL E 180 7.20 -64.15 -46.59
N THR E 181 7.43 -63.04 -47.28
CA THR E 181 8.80 -62.61 -47.53
C THR E 181 9.40 -61.98 -46.28
N TYR E 182 8.71 -61.01 -45.69
CA TYR E 182 9.10 -60.46 -44.40
C TYR E 182 7.88 -59.81 -43.77
N GLU E 183 8.08 -59.38 -42.52
CA GLU E 183 7.01 -58.81 -41.70
C GLU E 183 7.47 -57.47 -41.15
N ILE E 184 6.65 -56.45 -41.36
CA ILE E 184 6.91 -55.11 -40.83
C ILE E 184 6.20 -54.98 -39.50
N GLU E 185 6.86 -54.33 -38.55
CA GLU E 185 6.30 -54.11 -37.23
C GLU E 185 5.70 -52.70 -37.15
N VAL E 186 4.51 -52.60 -36.56
CA VAL E 186 3.82 -51.32 -36.45
C VAL E 186 3.19 -51.21 -35.07
N PRO E 187 3.17 -50.00 -34.52
CA PRO E 187 2.54 -49.78 -33.20
C PRO E 187 1.02 -49.82 -33.30
N GLY E 188 0.41 -50.77 -32.62
CA GLY E 188 -1.03 -50.90 -32.60
C GLY E 188 -1.53 -51.81 -33.71
N PRO E 189 -2.67 -52.46 -33.49
CA PRO E 189 -3.22 -53.37 -34.49
C PRO E 189 -3.71 -52.61 -35.70
N PRO E 190 -3.15 -52.88 -36.89
CA PRO E 190 -3.59 -52.17 -38.09
C PRO E 190 -5.04 -52.48 -38.43
N THR E 191 -5.73 -51.48 -38.90
CA THR E 191 -7.12 -51.63 -39.28
C THR E 191 -7.38 -51.26 -40.73
N VAL E 192 -6.74 -50.20 -41.25
CA VAL E 192 -6.91 -49.82 -42.63
C VAL E 192 -5.53 -49.62 -43.24
N LEU E 193 -5.46 -49.75 -44.57
CA LEU E 193 -4.23 -49.47 -45.28
C LEU E 193 -4.47 -49.33 -46.78
N ALA E 194 -3.90 -48.30 -47.38
CA ALA E 194 -4.11 -48.02 -48.78
C ALA E 194 -2.95 -47.18 -49.30
N LEU E 195 -2.39 -47.58 -50.44
CA LEU E 195 -1.35 -46.81 -51.10
C LEU E 195 -1.74 -45.34 -51.20
N HIS E 196 -0.80 -44.45 -50.87
CA HIS E 196 -1.13 -43.08 -50.48
C HIS E 196 -1.15 -42.12 -51.67
N ASN E 197 -1.83 -42.55 -52.74
CA ASN E 197 -2.06 -41.71 -53.91
C ASN E 197 -2.97 -42.44 -54.89
N GLY E 198 -3.27 -41.79 -56.03
CA GLY E 198 -3.96 -42.49 -57.09
C GLY E 198 -3.12 -43.50 -57.83
N ASN E 199 -1.84 -43.63 -57.49
CA ASN E 199 -0.93 -44.55 -58.14
C ASN E 199 -0.21 -45.46 -57.17
N GLY E 200 0.13 -44.98 -55.98
CA GLY E 200 0.91 -45.76 -55.05
C GLY E 200 2.24 -45.13 -54.69
N GLY E 201 2.29 -43.80 -54.73
CA GLY E 201 3.52 -43.09 -54.39
C GLY E 201 4.40 -42.83 -55.58
N ASP E 202 4.85 -41.58 -55.73
CA ASP E 202 5.70 -41.20 -56.85
C ASP E 202 6.96 -42.05 -56.89
N SER E 203 7.71 -42.09 -55.79
CA SER E 203 8.98 -42.80 -55.73
C SER E 203 8.73 -44.30 -55.63
N GLY E 204 8.18 -44.85 -56.71
CA GLY E 204 7.93 -46.28 -56.77
C GLY E 204 6.67 -46.70 -56.05
N GLU E 205 6.84 -47.34 -54.89
CA GLU E 205 5.73 -47.90 -54.12
C GLU E 205 5.80 -47.45 -52.68
N ASP E 206 4.62 -47.21 -52.09
CA ASP E 206 4.51 -46.81 -50.69
C ASP E 206 3.17 -47.31 -50.16
N LEU E 207 3.18 -47.83 -48.93
CA LEU E 207 1.99 -48.33 -48.27
C LEU E 207 1.69 -47.48 -47.05
N LEU E 208 0.46 -46.98 -46.97
CA LEU E 208 0.04 -46.11 -45.88
C LEU E 208 -0.95 -46.85 -45.01
N PHE E 209 -0.59 -47.07 -43.75
CA PHE E 209 -1.42 -47.85 -42.83
C PHE E 209 -1.96 -46.97 -41.71
N GLY E 210 -3.07 -47.41 -41.14
CA GLY E 210 -3.68 -46.79 -39.99
C GLY E 210 -4.18 -47.83 -39.02
N THR E 211 -3.79 -47.69 -37.75
CA THR E 211 -4.01 -48.72 -36.74
C THR E 211 -5.18 -48.38 -35.83
N SER E 212 -5.61 -49.37 -35.07
CA SER E 212 -6.78 -49.25 -34.21
C SER E 212 -6.51 -48.47 -32.92
N ASP E 213 -5.25 -48.35 -32.51
CA ASP E 213 -4.91 -47.47 -31.39
C ASP E 213 -4.94 -46.00 -31.78
N GLY E 214 -4.87 -45.73 -33.08
CA GLY E 214 -4.86 -44.39 -33.62
C GLY E 214 -3.44 -44.00 -33.97
N LYS E 215 -3.05 -44.25 -35.20
CA LYS E 215 -1.68 -44.08 -35.68
C LYS E 215 -1.65 -44.26 -37.18
N LEU E 216 -0.94 -43.38 -37.88
CA LEU E 216 -0.78 -43.47 -39.31
C LEU E 216 0.69 -43.71 -39.65
N GLY E 217 0.92 -44.25 -40.85
CA GLY E 217 2.28 -44.52 -41.27
C GLY E 217 2.37 -44.74 -42.76
N LEU E 218 3.60 -44.75 -43.25
CA LEU E 218 3.91 -44.82 -44.68
C LEU E 218 4.99 -45.85 -44.95
N ILE E 219 4.79 -47.07 -44.45
CA ILE E 219 5.71 -48.17 -44.69
C ILE E 219 5.97 -48.32 -46.18
N GLN E 220 7.22 -48.13 -46.59
CA GLN E 220 7.62 -48.29 -47.99
C GLN E 220 8.23 -49.67 -48.14
N ILE E 221 7.44 -50.61 -48.64
CA ILE E 221 7.81 -52.02 -48.69
C ILE E 221 8.67 -52.25 -49.93
N THR E 222 9.98 -52.38 -49.72
CA THR E 222 10.89 -52.72 -50.79
C THR E 222 10.88 -54.24 -50.99
N THR E 223 11.85 -54.75 -51.76
CA THR E 223 11.87 -56.18 -52.07
C THR E 223 12.15 -57.03 -50.83
N SER E 224 12.92 -56.51 -49.88
CA SER E 224 13.29 -57.30 -48.71
C SER E 224 13.16 -56.61 -47.37
N LYS E 225 13.00 -55.28 -47.32
CA LYS E 225 12.93 -54.58 -46.05
C LYS E 225 12.04 -53.35 -46.17
N PRO E 226 11.41 -52.92 -45.09
CA PRO E 226 10.60 -51.69 -45.13
C PRO E 226 11.43 -50.46 -44.81
N ILE E 227 10.95 -49.32 -45.32
CA ILE E 227 11.59 -48.04 -45.11
C ILE E 227 10.55 -47.12 -44.47
N HIS E 228 10.56 -47.02 -43.15
CA HIS E 228 9.64 -46.12 -42.47
C HIS E 228 9.95 -44.69 -42.84
N LYS E 229 8.92 -43.94 -43.24
CA LYS E 229 9.10 -42.56 -43.67
C LYS E 229 8.59 -41.54 -42.66
N TRP E 230 7.43 -41.78 -42.04
CA TRP E 230 6.94 -40.93 -40.97
C TRP E 230 5.80 -41.66 -40.27
N GLU E 231 5.40 -41.11 -39.12
CA GLU E 231 4.33 -41.68 -38.32
C GLU E 231 3.56 -40.54 -37.67
N ILE E 232 2.25 -40.74 -37.50
CA ILE E 232 1.37 -39.70 -36.99
C ILE E 232 0.83 -40.16 -35.64
N ARG E 233 1.67 -40.85 -34.88
CA ARG E 233 1.33 -41.21 -33.50
C ARG E 233 0.74 -40.03 -32.76
N ASN E 234 -0.47 -40.20 -32.26
CA ASN E 234 -1.24 -39.11 -31.66
C ASN E 234 -1.33 -39.25 -30.15
N GLU E 235 -1.73 -38.17 -29.51
CA GLU E 235 -1.93 -38.12 -28.06
C GLU E 235 -3.39 -37.88 -27.71
N LYS E 236 -3.99 -36.81 -28.21
CA LYS E 236 -5.38 -36.48 -27.93
C LYS E 236 -6.35 -37.08 -28.94
N LYS E 237 -5.85 -37.54 -30.08
CA LYS E 237 -6.69 -38.01 -31.18
C LYS E 237 -6.97 -39.50 -31.12
N ARG E 238 -7.04 -40.07 -29.92
CA ARG E 238 -7.38 -41.47 -29.76
C ARG E 238 -8.66 -41.81 -30.53
N GLY E 239 -8.75 -43.07 -30.96
CA GLY E 239 -9.87 -43.51 -31.77
C GLY E 239 -9.41 -44.29 -32.99
N GLY E 240 -9.96 -45.49 -33.16
CA GLY E 240 -9.51 -46.38 -34.21
C GLY E 240 -9.72 -45.85 -35.61
N ILE E 241 -8.65 -45.78 -36.40
CA ILE E 241 -8.77 -45.41 -37.80
C ILE E 241 -9.57 -46.48 -38.53
N LEU E 242 -10.75 -46.12 -39.01
CA LEU E 242 -11.57 -47.04 -39.77
C LEU E 242 -11.48 -46.81 -41.27
N CYS E 243 -10.96 -45.67 -41.70
CA CYS E 243 -10.89 -45.37 -43.12
C CYS E 243 -9.86 -44.28 -43.36
N VAL E 244 -9.27 -44.31 -44.56
CA VAL E 244 -8.28 -43.32 -44.96
C VAL E 244 -8.27 -43.26 -46.47
N ASP E 245 -7.91 -42.09 -47.02
CA ASP E 245 -7.93 -41.90 -48.45
C ASP E 245 -7.03 -40.72 -48.79
N SER E 246 -6.69 -40.61 -50.07
CA SER E 246 -5.83 -39.55 -50.58
C SER E 246 -6.60 -38.73 -51.61
N PHE E 247 -6.59 -37.42 -51.44
CA PHE E 247 -7.27 -36.51 -52.35
C PHE E 247 -6.81 -35.09 -52.05
N ASP E 248 -6.69 -34.28 -53.10
CA ASP E 248 -6.22 -32.91 -53.00
C ASP E 248 -7.43 -32.01 -52.77
N ILE E 249 -7.75 -31.76 -51.50
CA ILE E 249 -8.84 -30.85 -51.18
C ILE E 249 -8.36 -29.43 -50.95
N VAL E 250 -7.18 -29.26 -50.33
CA VAL E 250 -6.67 -27.91 -50.08
C VAL E 250 -6.38 -27.19 -51.38
N GLY E 251 -6.02 -27.92 -52.43
CA GLY E 251 -5.78 -27.32 -53.73
C GLY E 251 -4.39 -26.81 -53.96
N ASP E 252 -3.42 -27.19 -53.13
CA ASP E 252 -2.06 -26.70 -53.28
C ASP E 252 -1.34 -27.31 -54.48
N GLY E 253 -1.76 -28.48 -54.92
CA GLY E 253 -1.11 -29.19 -56.00
C GLY E 253 -0.64 -30.59 -55.65
N VAL E 254 -0.45 -30.89 -54.36
CA VAL E 254 -0.11 -32.23 -53.91
C VAL E 254 -1.30 -32.79 -53.15
N LYS E 255 -1.55 -34.08 -53.32
CA LYS E 255 -2.72 -34.70 -52.73
C LYS E 255 -2.61 -34.72 -51.20
N ASP E 256 -3.72 -34.43 -50.53
CA ASP E 256 -3.80 -34.43 -49.09
C ASP E 256 -4.30 -35.78 -48.59
N LEU E 257 -4.27 -35.96 -47.28
CA LEU E 257 -4.68 -37.20 -46.63
C LEU E 257 -5.96 -36.96 -45.86
N LEU E 258 -7.06 -37.54 -46.34
CA LEU E 258 -8.34 -37.47 -45.64
C LEU E 258 -8.48 -38.74 -44.80
N VAL E 259 -8.42 -38.58 -43.48
CA VAL E 259 -8.42 -39.73 -42.58
C VAL E 259 -9.63 -39.64 -41.65
N GLY E 260 -10.31 -40.77 -41.48
CA GLY E 260 -11.40 -40.86 -40.54
C GLY E 260 -10.95 -41.51 -39.23
N ARG E 261 -11.87 -41.54 -38.28
CA ARG E 261 -11.58 -42.09 -36.97
C ARG E 261 -12.75 -42.96 -36.54
N ASP E 262 -12.74 -43.39 -35.28
CA ASP E 262 -13.86 -44.10 -34.68
C ASP E 262 -14.72 -43.22 -33.80
N ASP E 263 -14.24 -42.04 -33.42
CA ASP E 263 -15.01 -41.09 -32.62
C ASP E 263 -15.52 -39.92 -33.47
N GLY E 264 -15.79 -40.15 -34.74
CA GLY E 264 -16.35 -39.13 -35.60
C GLY E 264 -15.33 -38.21 -36.22
N MET E 265 -14.17 -38.07 -35.58
CA MET E 265 -13.15 -37.14 -36.05
C MET E 265 -12.76 -37.42 -37.49
N VAL E 266 -12.96 -36.42 -38.35
CA VAL E 266 -12.45 -36.42 -39.71
C VAL E 266 -11.34 -35.39 -39.79
N GLU E 267 -10.20 -35.78 -40.36
CA GLU E 267 -9.01 -34.95 -40.35
C GLU E 267 -8.45 -34.86 -41.77
N VAL E 268 -7.92 -33.69 -42.11
CA VAL E 268 -7.17 -33.52 -43.35
C VAL E 268 -5.72 -33.21 -43.00
N TYR E 269 -4.79 -33.95 -43.58
CA TYR E 269 -3.37 -33.76 -43.38
C TYR E 269 -2.77 -33.26 -44.69
N GLY E 270 -2.17 -32.07 -44.63
CA GLY E 270 -1.44 -31.52 -45.75
C GLY E 270 0.04 -31.79 -45.60
N PHE E 271 0.73 -31.84 -46.74
CA PHE E 271 2.17 -32.09 -46.78
C PHE E 271 2.94 -30.81 -47.09
N ASP E 272 2.53 -29.69 -46.52
CA ASP E 272 3.15 -28.40 -46.82
C ASP E 272 4.64 -28.38 -46.51
N ASN E 273 5.12 -29.25 -45.63
CA ASN E 273 6.55 -29.38 -45.40
C ASN E 273 7.26 -30.07 -46.56
N ALA E 274 6.51 -30.48 -47.58
CA ALA E 274 6.98 -31.08 -48.83
C ALA E 274 7.46 -32.50 -48.63
N ASN E 275 7.58 -32.95 -47.38
CA ASN E 275 7.86 -34.36 -47.11
C ASN E 275 7.07 -34.95 -45.94
N GLU E 276 6.56 -34.14 -45.02
CA GLU E 276 5.94 -34.61 -43.79
C GLU E 276 4.55 -34.02 -43.65
N PRO E 277 3.67 -34.69 -42.92
CA PRO E 277 2.29 -34.21 -42.79
C PRO E 277 2.11 -33.18 -41.70
N VAL E 278 0.99 -32.46 -41.80
CA VAL E 278 0.56 -31.50 -40.77
C VAL E 278 -0.95 -31.39 -40.83
N LEU E 279 -1.58 -31.38 -39.66
CA LEU E 279 -3.03 -31.30 -39.58
C LEU E 279 -3.52 -29.95 -40.06
N ARG E 280 -4.67 -29.96 -40.73
CA ARG E 280 -5.23 -28.72 -41.25
C ARG E 280 -6.66 -28.46 -40.81
N PHE E 281 -7.49 -29.51 -40.73
CA PHE E 281 -8.89 -29.33 -40.35
C PHE E 281 -9.41 -30.64 -39.77
N ASP E 282 -10.08 -30.54 -38.62
CA ASP E 282 -10.65 -31.65 -37.91
C ASP E 282 -12.10 -31.33 -37.55
N HIS E 283 -12.94 -32.36 -37.56
CA HIS E 283 -14.35 -32.15 -37.29
C HIS E 283 -14.96 -33.41 -36.68
N THR E 284 -15.67 -33.24 -35.57
CA THR E 284 -16.33 -34.35 -34.89
C THR E 284 -17.73 -34.56 -35.45
N LEU E 285 -18.23 -35.79 -35.30
CA LEU E 285 -19.45 -36.18 -35.99
C LEU E 285 -20.47 -36.89 -35.11
N SER E 286 -20.13 -37.22 -33.86
CA SER E 286 -20.99 -37.85 -32.86
C SER E 286 -21.25 -39.34 -33.13
N GLU E 287 -20.76 -39.89 -34.24
CA GLU E 287 -20.86 -41.31 -34.51
C GLU E 287 -19.49 -41.78 -34.98
N SER E 288 -19.43 -42.98 -35.54
CA SER E 288 -18.17 -43.57 -35.99
C SER E 288 -18.11 -43.56 -37.51
N VAL E 289 -17.12 -42.85 -38.05
CA VAL E 289 -16.90 -42.85 -39.49
C VAL E 289 -16.47 -44.23 -39.94
N THR E 290 -16.95 -44.65 -41.12
CA THR E 290 -16.61 -45.94 -41.67
C THR E 290 -16.02 -45.90 -43.06
N SER E 291 -16.05 -44.74 -43.73
CA SER E 291 -15.50 -44.63 -45.08
C SER E 291 -15.34 -43.16 -45.41
N ILE E 292 -14.28 -42.82 -46.14
CA ILE E 292 -14.01 -41.44 -46.51
C ILE E 292 -13.53 -41.40 -47.96
N GLN E 293 -14.00 -40.39 -48.70
CA GLN E 293 -13.59 -40.20 -50.08
C GLN E 293 -13.55 -38.71 -50.37
N GLY E 294 -12.81 -38.35 -51.43
CA GLY E 294 -12.70 -36.98 -51.88
C GLY E 294 -13.61 -36.69 -53.06
N GLY E 295 -13.25 -35.65 -53.81
CA GLY E 295 -13.96 -35.30 -55.02
C GLY E 295 -15.11 -34.34 -54.82
N CYS E 296 -16.21 -34.55 -55.55
CA CYS E 296 -17.40 -33.72 -55.43
C CYS E 296 -18.63 -34.55 -55.78
N VAL E 297 -19.73 -34.32 -55.07
CA VAL E 297 -20.96 -35.04 -55.30
C VAL E 297 -22.11 -34.05 -55.47
N GLY E 298 -21.97 -32.87 -54.90
CA GLY E 298 -22.99 -31.84 -54.97
C GLY E 298 -22.44 -30.53 -55.47
N LYS E 299 -23.14 -29.95 -56.46
CA LYS E 299 -22.80 -28.64 -57.01
C LYS E 299 -21.37 -28.63 -57.54
N ASP E 300 -21.19 -29.40 -58.62
CA ASP E 300 -19.89 -29.58 -59.25
C ASP E 300 -19.17 -28.25 -59.43
N GLY E 301 -17.85 -28.28 -59.26
CA GLY E 301 -17.04 -27.09 -59.22
C GLY E 301 -16.51 -26.75 -57.85
N TYR E 302 -16.75 -27.59 -56.85
CA TYR E 302 -16.27 -27.37 -55.49
C TYR E 302 -15.91 -28.72 -54.88
N ASP E 303 -14.64 -28.91 -54.55
CA ASP E 303 -14.20 -30.17 -54.00
C ASP E 303 -14.75 -30.37 -52.59
N GLU E 304 -15.11 -31.61 -52.28
CA GLU E 304 -15.74 -31.91 -50.99
C GLU E 304 -15.31 -33.30 -50.55
N ILE E 305 -15.62 -33.61 -49.29
CA ILE E 305 -15.33 -34.90 -48.68
C ILE E 305 -16.63 -35.62 -48.41
N VAL E 306 -16.72 -36.87 -48.86
CA VAL E 306 -17.88 -37.71 -48.57
C VAL E 306 -17.49 -38.67 -47.46
N VAL E 307 -18.31 -38.71 -46.40
CA VAL E 307 -18.02 -39.48 -45.19
C VAL E 307 -19.22 -40.38 -44.92
N SER E 308 -18.98 -41.69 -44.94
CA SER E 308 -20.00 -42.65 -44.55
C SER E 308 -20.00 -42.80 -43.04
N THR E 309 -21.18 -42.64 -42.44
CA THR E 309 -21.36 -42.71 -41.00
C THR E 309 -21.92 -44.08 -40.63
N TYR E 310 -21.59 -44.55 -39.43
CA TYR E 310 -21.96 -45.90 -39.02
C TYR E 310 -23.45 -46.16 -39.21
N SER E 311 -24.30 -45.29 -38.66
CA SER E 311 -25.74 -45.49 -38.81
C SER E 311 -26.22 -45.35 -40.24
N GLY E 312 -25.39 -44.84 -41.14
CA GLY E 312 -25.72 -44.75 -42.54
C GLY E 312 -25.82 -43.33 -43.09
N TRP E 313 -25.65 -42.30 -42.27
CA TRP E 313 -25.80 -40.93 -42.74
C TRP E 313 -24.63 -40.58 -43.63
N ILE E 314 -24.84 -40.62 -44.94
CA ILE E 314 -23.79 -40.33 -45.91
C ILE E 314 -23.62 -38.83 -46.00
N THR E 315 -22.73 -38.27 -45.19
CA THR E 315 -22.60 -36.83 -45.05
C THR E 315 -21.52 -36.31 -45.99
N GLY E 316 -21.58 -35.02 -46.32
CA GLY E 316 -20.53 -34.39 -47.08
C GLY E 316 -20.07 -33.12 -46.39
N LEU E 317 -18.82 -32.78 -46.64
CA LEU E 317 -18.19 -31.57 -46.12
C LEU E 317 -17.70 -30.81 -47.36
N THR E 318 -18.41 -29.73 -47.68
CA THR E 318 -18.15 -28.99 -48.90
C THR E 318 -17.30 -27.75 -48.61
N THR E 319 -16.67 -27.24 -49.66
CA THR E 319 -15.88 -26.02 -49.57
C THR E 319 -16.64 -24.80 -50.04
N GLU E 320 -17.95 -24.93 -50.29
CA GLU E 320 -18.79 -23.86 -50.80
C GLU E 320 -19.69 -23.32 -49.70
N PRO E 321 -19.76 -22.00 -49.50
CA PRO E 321 -20.65 -21.43 -48.48
C PRO E 321 -22.11 -21.87 -48.63
N VAL E 322 -22.89 -21.67 -47.56
CA VAL E 322 -24.30 -22.05 -47.56
C VAL E 322 -25.27 -20.88 -47.65
N HIS E 323 -24.84 -19.70 -47.22
CA HIS E 323 -25.70 -18.53 -47.24
C HIS E 323 -25.67 -17.83 -48.60
N LYS E 324 -26.28 -18.48 -49.59
CA LYS E 324 -26.32 -17.94 -50.95
C LYS E 324 -27.10 -16.63 -51.08
N GLU E 325 -28.23 -16.53 -50.39
CA GLU E 325 -29.07 -15.34 -50.45
C GLU E 325 -29.27 -14.63 -49.11
N SER E 326 -29.16 -13.31 -49.11
CA SER E 326 -29.34 -12.55 -47.88
C SER E 326 -30.08 -11.22 -48.09
N GLY E 327 -31.41 -11.27 -47.96
CA GLY E 327 -32.22 -10.07 -48.13
C GLY E 327 -33.32 -9.92 -47.09
N PRO E 328 -33.64 -8.66 -46.73
CA PRO E 328 -34.64 -8.08 -45.81
C PRO E 328 -34.53 -8.61 -44.38
N GLY E 329 -35.67 -9.01 -43.82
CA GLY E 329 -35.71 -9.54 -42.47
C GLY E 329 -35.22 -10.98 -42.48
N GLU E 330 -35.31 -11.58 -43.67
CA GLU E 330 -34.87 -12.95 -43.90
C GLU E 330 -35.49 -13.92 -42.93
N GLU E 331 -34.65 -14.70 -42.27
CA GLU E 331 -35.10 -15.68 -41.29
C GLU E 331 -35.99 -15.02 -40.24
N ASN E 335 -32.65 -17.83 -46.36
CA ASN E 335 -32.65 -19.05 -47.15
C ASN E 335 -34.03 -19.70 -47.15
N GLN E 336 -34.32 -20.50 -48.17
CA GLN E 336 -35.58 -21.20 -48.28
C GLN E 336 -35.46 -22.71 -48.30
N GLU E 337 -34.29 -23.27 -48.58
CA GLU E 337 -34.13 -24.72 -48.56
C GLU E 337 -34.39 -25.28 -47.18
N MET E 338 -34.09 -24.51 -46.13
CA MET E 338 -34.46 -24.93 -44.78
C MET E 338 -35.97 -25.10 -44.67
N GLN E 339 -36.74 -24.17 -45.23
CA GLN E 339 -38.19 -24.29 -45.19
C GLN E 339 -38.67 -25.50 -45.98
N ASN E 340 -38.05 -25.77 -47.13
CA ASN E 340 -38.44 -26.92 -47.93
C ASN E 340 -38.19 -28.23 -47.18
N LYS E 341 -36.98 -28.37 -46.61
CA LYS E 341 -36.68 -29.59 -45.87
C LYS E 341 -37.57 -29.70 -44.63
N ILE E 342 -37.88 -28.57 -43.99
CA ILE E 342 -38.78 -28.59 -42.84
C ILE E 342 -40.15 -29.10 -43.24
N SER E 343 -40.69 -28.58 -44.35
CA SER E 343 -42.02 -29.01 -44.78
C SER E 343 -42.03 -30.49 -45.16
N SER E 344 -40.98 -30.95 -45.84
CA SER E 344 -40.92 -32.37 -46.20
C SER E 344 -40.91 -33.25 -44.96
N LEU E 345 -40.06 -32.91 -43.98
CA LEU E 345 -40.03 -33.71 -42.76
C LEU E 345 -41.34 -33.62 -42.00
N ARG E 346 -41.99 -32.45 -42.03
CA ARG E 346 -43.31 -32.31 -41.42
C ARG E 346 -44.28 -33.32 -42.00
N SER E 347 -44.46 -33.29 -43.32
CA SER E 347 -45.42 -34.17 -43.96
C SER E 347 -45.09 -35.63 -43.71
N GLU E 348 -43.82 -36.00 -43.85
CA GLU E 348 -43.43 -37.39 -43.63
C GLU E 348 -43.71 -37.82 -42.20
N LEU E 349 -43.42 -36.96 -41.22
CA LEU E 349 -43.64 -37.37 -39.84
C LEU E 349 -45.13 -37.44 -39.52
N GLU E 350 -45.96 -36.57 -40.11
CA GLU E 350 -47.40 -36.70 -39.94
C GLU E 350 -47.89 -38.06 -40.44
N GLN E 351 -47.57 -38.39 -41.69
CA GLN E 351 -48.10 -39.63 -42.25
C GLN E 351 -47.55 -40.85 -41.54
N LEU E 352 -46.26 -40.81 -41.17
CA LEU E 352 -45.68 -41.93 -40.45
C LEU E 352 -46.29 -42.06 -39.06
N GLN E 353 -46.59 -40.95 -38.40
CA GLN E 353 -47.27 -41.01 -37.11
C GLN E 353 -48.63 -41.66 -37.26
N TYR E 354 -49.39 -41.27 -38.29
CA TYR E 354 -50.67 -41.92 -38.55
C TYR E 354 -50.50 -43.43 -38.65
N LYS E 355 -49.60 -43.87 -39.54
CA LYS E 355 -49.45 -45.29 -39.79
C LYS E 355 -49.00 -46.03 -38.54
N VAL E 356 -47.97 -45.52 -37.86
CA VAL E 356 -47.43 -46.24 -36.72
C VAL E 356 -48.36 -46.20 -35.52
N LEU E 357 -49.20 -45.15 -35.40
CA LEU E 357 -50.19 -45.16 -34.34
C LEU E 357 -51.26 -46.22 -34.59
N GLN E 358 -51.75 -46.32 -35.83
CA GLN E 358 -52.71 -47.36 -36.13
C GLN E 358 -52.11 -48.75 -35.93
N GLU E 359 -50.84 -48.91 -36.31
CA GLU E 359 -50.20 -50.21 -36.15
C GLU E 359 -49.91 -50.52 -34.68
N ARG E 360 -49.60 -49.50 -33.88
CA ARG E 360 -49.45 -49.70 -32.44
C ARG E 360 -50.77 -50.12 -31.81
N GLU E 361 -51.87 -49.51 -32.24
CA GLU E 361 -53.18 -49.93 -31.75
C GLU E 361 -53.43 -51.40 -32.08
N LYS E 362 -53.18 -51.78 -33.35
CA LYS E 362 -53.41 -53.16 -33.75
C LYS E 362 -52.51 -54.13 -33.00
N TYR E 363 -51.25 -53.73 -32.76
CA TYR E 363 -50.30 -54.60 -32.08
C TYR E 363 -50.65 -54.76 -30.60
N GLN E 364 -51.05 -53.67 -29.95
CA GLN E 364 -51.41 -53.74 -28.54
C GLN E 364 -52.71 -54.52 -28.35
N GLN E 365 -53.65 -54.39 -29.27
CA GLN E 365 -54.88 -55.15 -29.16
C GLN E 365 -54.72 -56.61 -29.58
N SER E 366 -53.70 -56.91 -30.39
CA SER E 366 -53.43 -58.30 -30.76
C SER E 366 -52.41 -58.96 -29.86
N SER E 367 -51.73 -58.19 -29.00
CA SER E 367 -50.79 -58.78 -28.06
C SER E 367 -51.49 -59.68 -27.06
N PRO E 377 -37.24 -56.91 -32.02
CA PRO E 377 -36.39 -56.26 -33.03
C PRO E 377 -34.90 -56.41 -32.74
N SER E 378 -34.21 -57.20 -33.57
CA SER E 378 -32.77 -57.31 -33.44
C SER E 378 -32.09 -56.04 -33.97
N PHE E 379 -30.89 -55.78 -33.48
CA PHE E 379 -30.13 -54.61 -33.87
C PHE E 379 -28.66 -54.87 -33.58
N SER E 380 -27.82 -53.93 -33.98
CA SER E 380 -26.37 -54.10 -33.94
C SER E 380 -25.76 -53.15 -32.92
N VAL E 381 -24.76 -53.65 -32.18
CA VAL E 381 -24.02 -52.86 -31.22
C VAL E 381 -22.53 -53.05 -31.48
N ASN E 382 -21.94 -52.09 -32.20
CA ASN E 382 -20.51 -52.13 -32.53
C ASN E 382 -19.73 -51.76 -31.27
N ASP E 383 -19.39 -52.78 -30.49
CA ASP E 383 -18.63 -52.60 -29.26
C ASP E 383 -17.15 -52.83 -29.50
N LYS E 384 -16.33 -52.26 -28.63
CA LYS E 384 -14.88 -52.29 -28.80
C LYS E 384 -14.24 -52.29 -27.40
N PHE E 385 -13.84 -53.48 -26.94
CA PHE E 385 -13.28 -53.66 -25.61
C PHE E 385 -11.76 -53.68 -25.73
N THR E 386 -11.18 -52.49 -25.91
CA THR E 386 -9.75 -52.35 -26.10
C THR E 386 -9.08 -52.08 -24.76
N LEU E 387 -7.75 -51.98 -24.79
CA LEU E 387 -6.95 -51.76 -23.60
C LEU E 387 -6.03 -50.56 -23.84
N ASN E 388 -6.31 -49.46 -23.14
CA ASN E 388 -5.42 -48.30 -23.20
C ASN E 388 -4.06 -48.68 -22.64
N LYS E 389 -3.01 -48.34 -23.38
CA LYS E 389 -1.64 -48.68 -22.96
C LYS E 389 -1.03 -47.60 -22.09
N ASP E 390 -1.27 -46.33 -22.40
CA ASP E 390 -0.75 -45.24 -21.57
C ASP E 390 -1.29 -45.29 -20.16
N ASP E 391 -2.46 -45.90 -19.97
CA ASP E 391 -3.05 -46.16 -18.67
C ASP E 391 -3.21 -47.68 -18.50
N ALA E 392 -3.88 -48.08 -17.43
CA ALA E 392 -4.17 -49.49 -17.19
C ALA E 392 -5.68 -49.76 -17.25
N SER E 393 -6.40 -48.99 -18.06
CA SER E 393 -7.86 -49.00 -18.04
C SER E 393 -8.39 -49.36 -19.42
N TYR E 394 -9.18 -50.43 -19.49
CA TYR E 394 -9.95 -50.70 -20.70
C TYR E 394 -10.91 -49.54 -20.96
N SER E 395 -11.22 -49.32 -22.23
CA SER E 395 -12.11 -48.23 -22.64
C SER E 395 -13.22 -48.83 -23.49
N LEU E 396 -14.30 -49.26 -22.84
CA LEU E 396 -15.40 -49.89 -23.55
C LEU E 396 -16.17 -48.83 -24.33
N ILE E 397 -16.57 -49.16 -25.55
CA ILE E 397 -17.27 -48.23 -26.42
C ILE E 397 -18.44 -48.92 -27.10
N LEU E 398 -19.65 -48.63 -26.67
CA LEU E 398 -20.84 -49.15 -27.32
C LEU E 398 -21.34 -48.16 -28.37
N GLU E 399 -21.90 -48.70 -29.44
CA GLU E 399 -22.54 -47.87 -30.46
C GLU E 399 -23.81 -48.55 -30.93
N VAL E 400 -24.85 -47.76 -31.17
CA VAL E 400 -26.11 -48.26 -31.70
C VAL E 400 -26.55 -47.33 -32.81
N GLN E 401 -27.22 -47.88 -33.82
CA GLN E 401 -27.71 -47.05 -34.92
C GLN E 401 -28.67 -45.98 -34.42
N THR E 402 -29.62 -46.37 -33.58
CA THR E 402 -30.55 -45.42 -32.97
C THR E 402 -29.88 -44.79 -31.75
N ALA E 403 -30.65 -44.08 -30.94
CA ALA E 403 -30.15 -43.55 -29.68
C ALA E 403 -30.47 -44.51 -28.55
N ILE E 404 -29.62 -44.47 -27.53
CA ILE E 404 -29.76 -45.36 -26.37
C ILE E 404 -30.67 -44.68 -25.35
N ASP E 405 -31.30 -45.48 -24.50
CA ASP E 405 -32.09 -44.98 -23.38
C ASP E 405 -31.39 -45.21 -22.05
N ASN E 406 -30.88 -46.42 -21.83
CA ASN E 406 -30.12 -46.70 -20.63
C ASN E 406 -29.26 -47.93 -20.86
N VAL E 407 -28.09 -47.94 -20.23
CA VAL E 407 -27.12 -49.02 -20.33
C VAL E 407 -26.82 -49.52 -18.93
N LEU E 408 -27.10 -50.80 -18.70
CA LEU E 408 -26.68 -51.45 -17.46
C LEU E 408 -25.24 -51.91 -17.58
N ILE E 409 -24.52 -51.82 -16.45
CA ILE E 409 -23.17 -52.37 -16.34
C ILE E 409 -23.18 -53.24 -15.09
N GLN E 410 -23.44 -54.53 -15.28
CA GLN E 410 -23.31 -55.52 -14.22
C GLN E 410 -21.95 -56.19 -14.33
N SER E 411 -21.41 -56.60 -13.19
CA SER E 411 -20.06 -57.12 -13.14
C SER E 411 -19.99 -58.34 -12.25
N ASP E 412 -18.82 -58.96 -12.25
CA ASP E 412 -18.47 -60.01 -11.31
C ASP E 412 -17.06 -59.80 -10.78
N LYS E 422 -16.07 -36.70 -22.61
CA LYS E 422 -16.86 -36.75 -23.84
C LYS E 422 -18.25 -37.35 -23.59
N ASN E 423 -18.35 -38.28 -22.65
CA ASN E 423 -19.64 -38.87 -22.31
C ASN E 423 -20.54 -37.83 -21.66
N SER E 424 -21.82 -37.84 -22.04
CA SER E 424 -22.81 -36.93 -21.48
C SER E 424 -23.87 -37.66 -20.68
N ALA E 425 -23.69 -38.96 -20.41
CA ALA E 425 -24.66 -39.74 -19.68
C ALA E 425 -24.60 -39.42 -18.19
N VAL E 426 -25.59 -39.92 -17.45
CA VAL E 426 -25.59 -39.83 -15.99
C VAL E 426 -25.25 -41.21 -15.44
N VAL E 427 -24.78 -41.24 -14.20
CA VAL E 427 -24.40 -42.49 -13.55
C VAL E 427 -25.57 -43.41 -13.21
N SER E 428 -25.36 -44.71 -13.40
CA SER E 428 -26.38 -45.72 -13.12
C SER E 428 -26.17 -46.44 -11.79
N PHE E 429 -25.24 -45.93 -10.98
CA PHE E 429 -24.90 -46.51 -9.68
C PHE E 429 -26.07 -47.01 -8.81
N SER E 430 -25.88 -48.18 -8.22
CA SER E 430 -26.86 -48.82 -7.34
C SER E 430 -26.16 -49.62 -6.24
N LEU E 442 -22.89 -52.52 -10.08
CA LEU E 442 -24.14 -52.40 -10.82
C LEU E 442 -24.35 -50.93 -11.14
N ALA E 443 -23.90 -50.51 -12.32
CA ALA E 443 -24.04 -49.12 -12.71
C ALA E 443 -25.00 -48.99 -13.86
N THR E 444 -25.98 -48.10 -13.70
CA THR E 444 -26.96 -47.87 -14.74
C THR E 444 -26.67 -46.49 -15.31
N TYR E 445 -26.48 -46.43 -16.62
CA TYR E 445 -26.18 -45.17 -17.26
C TYR E 445 -27.31 -44.78 -18.19
N ARG E 446 -27.86 -43.58 -17.98
CA ARG E 446 -28.93 -43.11 -18.89
C ARG E 446 -28.28 -42.13 -19.84
N CYS E 447 -28.73 -42.10 -21.08
CA CYS E 447 -28.05 -41.26 -22.07
C CYS E 447 -29.00 -40.12 -22.38
N GLN E 448 -28.50 -38.90 -22.23
CA GLN E 448 -29.37 -37.74 -22.37
C GLN E 448 -29.51 -37.36 -23.83
N ALA E 449 -30.73 -37.05 -24.24
CA ALA E 449 -30.97 -36.58 -25.61
C ALA E 449 -30.51 -37.66 -26.56
N ASN E 450 -29.99 -37.26 -27.70
CA ASN E 450 -30.04 -38.17 -28.85
C ASN E 450 -28.60 -38.55 -29.18
N THR E 451 -28.04 -39.42 -28.34
CA THR E 451 -26.66 -39.87 -28.48
C THR E 451 -26.63 -41.33 -28.89
N THR E 452 -25.71 -41.67 -29.80
CA THR E 452 -25.57 -43.01 -30.31
C THR E 452 -24.48 -43.81 -29.60
N ARG E 453 -23.27 -43.26 -29.51
CA ARG E 453 -22.15 -43.96 -28.93
C ARG E 453 -21.96 -43.57 -27.47
N LEU E 454 -21.40 -44.51 -26.70
CA LEU E 454 -21.15 -44.34 -25.28
C LEU E 454 -19.80 -44.95 -24.95
N GLU E 455 -18.87 -44.13 -24.47
CA GLU E 455 -17.54 -44.58 -24.08
C GLU E 455 -17.43 -44.50 -22.57
N LEU E 456 -17.05 -45.61 -21.94
CA LEU E 456 -16.88 -45.66 -20.50
C LEU E 456 -15.63 -46.46 -20.16
N LYS E 457 -14.87 -45.96 -19.18
CA LYS E 457 -13.64 -46.60 -18.76
C LYS E 457 -13.93 -47.71 -17.74
N ILE E 458 -13.02 -48.67 -17.69
CA ILE E 458 -13.12 -49.79 -16.77
C ILE E 458 -11.70 -50.17 -16.34
N ARG E 459 -11.40 -50.06 -15.06
CA ARG E 459 -10.06 -50.32 -14.55
C ARG E 459 -10.10 -51.55 -13.66
N SER E 460 -9.39 -52.59 -14.06
CA SER E 460 -9.34 -53.85 -13.33
C SER E 460 -7.93 -54.10 -12.83
N ILE E 461 -7.83 -54.76 -11.68
CA ILE E 461 -6.56 -55.01 -11.01
C ILE E 461 -5.83 -56.14 -11.72
N GLU E 462 -4.55 -56.33 -11.38
CA GLU E 462 -3.74 -57.40 -11.95
C GLU E 462 -4.34 -58.79 -11.73
N GLY E 463 -5.26 -58.93 -10.78
CA GLY E 463 -5.96 -60.18 -10.60
C GLY E 463 -7.46 -60.02 -10.82
N GLN E 464 -8.26 -60.85 -10.15
CA GLN E 464 -9.72 -60.76 -10.18
C GLN E 464 -10.25 -60.90 -11.62
N TYR E 465 -10.05 -62.10 -12.15
CA TYR E 465 -10.64 -62.45 -13.43
C TYR E 465 -12.17 -62.56 -13.29
N GLY E 466 -12.85 -62.51 -14.41
CA GLY E 466 -14.29 -62.74 -14.39
C GLY E 466 -14.99 -61.99 -15.50
N LEU E 468 -18.19 -59.68 -17.36
CA LEU E 468 -18.76 -58.35 -17.19
C LEU E 468 -19.86 -58.18 -18.22
N GLN E 469 -21.09 -58.02 -17.76
CA GLN E 469 -22.22 -57.90 -18.66
C GLN E 469 -22.58 -56.43 -18.89
N ALA E 470 -23.28 -56.19 -19.99
CA ALA E 470 -23.73 -54.85 -20.34
C ALA E 470 -25.02 -54.97 -21.13
N TYR E 471 -26.13 -54.50 -20.57
CA TYR E 471 -27.43 -54.51 -21.24
C TYR E 471 -27.65 -53.16 -21.90
N VAL E 472 -27.84 -53.16 -23.20
CA VAL E 472 -28.07 -51.94 -23.97
C VAL E 472 -29.52 -51.92 -24.42
N THR E 473 -30.18 -50.77 -24.27
CA THR E 473 -31.57 -50.60 -24.67
C THR E 473 -31.66 -49.38 -25.57
N PRO E 474 -32.21 -49.50 -26.77
CA PRO E 474 -32.31 -48.35 -27.67
C PRO E 474 -33.65 -47.63 -27.50
N ARG E 475 -33.76 -46.50 -28.17
CA ARG E 475 -34.99 -45.70 -28.14
C ARG E 475 -35.93 -46.07 -29.28
N ILE E 476 -36.25 -47.36 -29.39
CA ILE E 476 -37.23 -47.83 -30.35
C ILE E 476 -38.50 -48.20 -29.59
N GLN E 477 -39.57 -48.49 -30.33
CA GLN E 477 -40.88 -48.57 -29.70
C GLN E 477 -41.03 -49.78 -28.79
N PRO E 478 -40.74 -51.02 -29.22
CA PRO E 478 -40.84 -52.14 -28.26
C PRO E 478 -39.83 -52.05 -27.13
N LYS E 479 -38.78 -51.25 -27.29
CA LYS E 479 -37.78 -51.01 -26.24
C LYS E 479 -37.21 -52.31 -25.70
N THR E 480 -36.52 -53.03 -26.58
CA THR E 480 -35.88 -54.28 -26.20
C THR E 480 -34.52 -53.99 -25.56
N CYS E 481 -33.84 -55.05 -25.13
CA CYS E 481 -32.52 -54.94 -24.52
C CYS E 481 -31.66 -56.09 -25.01
N GLN E 482 -30.40 -55.79 -25.28
CA GLN E 482 -29.44 -56.79 -25.74
C GLN E 482 -28.26 -56.84 -24.78
N VAL E 483 -27.87 -58.03 -24.38
CA VAL E 483 -26.83 -58.21 -23.40
C VAL E 483 -25.52 -58.57 -24.10
N ARG E 484 -24.42 -58.03 -23.57
CA ARG E 484 -23.09 -58.37 -24.02
C ARG E 484 -22.28 -58.86 -22.84
N GLN E 485 -21.44 -59.87 -23.08
CA GLN E 485 -20.61 -60.47 -22.03
C GLN E 485 -19.15 -60.31 -22.43
N TYR E 486 -18.47 -59.34 -21.83
CA TYR E 486 -17.03 -59.18 -21.98
C TYR E 486 -16.33 -59.95 -20.87
N HIS E 487 -15.02 -60.15 -21.04
CA HIS E 487 -14.21 -60.85 -20.07
C HIS E 487 -13.09 -59.94 -19.59
N ILE E 488 -12.91 -59.86 -18.28
CA ILE E 488 -11.72 -59.29 -17.67
C ILE E 488 -10.82 -60.47 -17.34
N LYS E 489 -9.74 -60.61 -18.10
CA LYS E 489 -8.85 -61.75 -17.98
C LYS E 489 -8.10 -61.68 -16.66
N PRO E 490 -7.56 -62.82 -16.18
CA PRO E 490 -6.75 -62.79 -14.97
C PRO E 490 -5.63 -61.78 -15.05
N HIS E 494 -1.71 -57.19 -19.37
CA HIS E 494 -0.58 -57.64 -20.18
C HIS E 494 -0.89 -57.44 -21.65
N GLN E 495 -0.27 -56.43 -22.25
CA GLN E 495 -0.40 -56.17 -23.68
C GLN E 495 0.69 -56.94 -24.41
N ARG E 496 0.28 -57.75 -25.39
CA ARG E 496 1.23 -58.64 -26.07
C ARG E 496 2.12 -57.87 -27.04
N THR E 497 3.41 -58.13 -26.98
CA THR E 497 4.40 -57.52 -27.85
C THR E 497 5.16 -58.61 -28.60
N HIS E 498 6.20 -58.21 -29.34
CA HIS E 498 6.92 -59.13 -30.20
C HIS E 498 8.28 -59.55 -29.67
N PHE E 499 8.80 -58.87 -28.65
CA PHE E 499 10.12 -59.21 -28.14
C PHE E 499 10.19 -58.91 -26.65
N ILE E 500 11.05 -59.64 -25.95
CA ILE E 500 11.28 -59.43 -24.53
C ILE E 500 12.76 -59.17 -24.29
N ASP E 501 13.15 -58.99 -23.03
CA ASP E 501 14.54 -58.87 -22.62
C ASP E 501 14.85 -60.02 -21.68
N HIS E 502 15.67 -60.97 -22.15
CA HIS E 502 15.98 -62.15 -21.35
C HIS E 502 17.01 -61.89 -20.27
N ASP E 503 17.67 -60.73 -20.28
CA ASP E 503 18.67 -60.40 -19.27
C ASP E 503 18.04 -59.95 -17.94
N ARG E 504 16.74 -60.12 -17.78
CA ARG E 504 16.03 -59.81 -16.55
C ARG E 504 15.96 -61.04 -15.67
N PRO E 505 15.78 -60.87 -14.35
CA PRO E 505 15.68 -62.04 -13.47
C PRO E 505 14.39 -62.81 -13.72
N MET E 506 14.50 -63.96 -14.36
CA MET E 506 13.33 -64.71 -14.81
C MET E 506 12.92 -65.73 -13.75
N ASN E 507 11.70 -65.60 -13.26
CA ASN E 507 11.15 -66.54 -12.28
C ASN E 507 10.34 -67.62 -13.01
N THR E 508 11.06 -68.54 -13.63
CA THR E 508 10.44 -69.53 -14.49
C THR E 508 9.46 -70.41 -13.72
N LEU E 509 8.66 -71.15 -14.47
CA LEU E 509 7.62 -72.00 -13.92
C LEU E 509 7.17 -72.96 -15.00
N THR E 510 7.03 -74.24 -14.65
CA THR E 510 6.83 -75.29 -15.62
C THR E 510 5.57 -76.09 -15.28
N LEU E 511 4.68 -76.21 -16.26
CA LEU E 511 3.53 -77.10 -16.20
C LEU E 511 3.80 -78.33 -17.06
N THR E 512 3.57 -79.51 -16.50
CA THR E 512 3.78 -80.75 -17.23
C THR E 512 2.65 -81.74 -16.96
N GLY E 513 2.27 -82.50 -17.98
CA GLY E 513 1.42 -83.64 -17.78
C GLY E 513 0.06 -83.64 -18.45
N GLN E 514 -0.12 -84.56 -19.41
CA GLN E 514 -1.43 -84.94 -19.94
C GLN E 514 -2.23 -83.74 -20.45
N PHE E 515 -1.71 -83.12 -21.50
CA PHE E 515 -2.38 -82.01 -22.16
C PHE E 515 -2.66 -82.35 -23.61
N SER E 516 -3.82 -81.92 -24.09
CA SER E 516 -4.01 -81.70 -25.52
C SER E 516 -3.64 -80.26 -25.81
N PHE E 517 -2.75 -80.05 -26.79
CA PHE E 517 -2.19 -78.72 -27.01
C PHE E 517 -3.29 -77.69 -27.23
N SER E 518 -4.38 -78.08 -27.89
CA SER E 518 -5.52 -77.18 -28.04
C SER E 518 -6.09 -76.79 -26.69
N GLU E 519 -6.14 -77.73 -25.74
CA GLU E 519 -6.69 -77.43 -24.43
C GLU E 519 -5.79 -76.48 -23.65
N LEU E 520 -4.48 -76.71 -23.69
CA LEU E 520 -3.56 -75.77 -23.05
C LEU E 520 -3.66 -74.39 -23.68
N HIS E 521 -3.82 -74.34 -25.01
CA HIS E 521 -4.02 -73.05 -25.65
C HIS E 521 -5.31 -72.39 -25.17
N SER E 522 -6.36 -73.19 -24.99
CA SER E 522 -7.62 -72.64 -24.45
C SER E 522 -7.40 -72.07 -23.06
N TRP E 523 -6.61 -72.75 -22.24
CA TRP E 523 -6.26 -72.21 -20.93
C TRP E 523 -5.57 -70.86 -21.07
N VAL E 524 -4.58 -70.77 -21.96
CA VAL E 524 -3.85 -69.51 -22.11
C VAL E 524 -4.76 -68.41 -22.65
N VAL E 525 -5.74 -68.76 -23.49
CA VAL E 525 -6.70 -67.76 -23.94
C VAL E 525 -7.59 -67.30 -22.80
N PHE E 526 -7.99 -68.24 -21.94
CA PHE E 526 -8.68 -67.88 -20.71
C PHE E 526 -7.84 -66.98 -19.83
N CYS E 527 -6.51 -67.06 -19.95
CA CYS E 527 -5.62 -66.40 -19.00
C CYS E 527 -4.96 -65.14 -19.55
N MET E 528 -5.04 -64.89 -20.85
CA MET E 528 -4.27 -63.79 -21.41
C MET E 528 -5.14 -62.93 -22.32
N PRO E 529 -4.91 -61.61 -22.34
CA PRO E 529 -5.81 -60.71 -23.08
C PRO E 529 -5.80 -60.92 -24.59
N GLU E 530 -4.64 -60.82 -25.22
CA GLU E 530 -4.55 -60.76 -26.69
C GLU E 530 -3.84 -62.00 -27.21
N VAL E 531 -4.62 -63.06 -27.41
CA VAL E 531 -4.14 -64.30 -28.02
C VAL E 531 -5.24 -64.84 -28.92
N PRO E 532 -4.90 -65.35 -30.10
CA PRO E 532 -5.93 -65.92 -30.99
C PRO E 532 -6.56 -67.15 -30.37
N GLU E 533 -7.87 -67.31 -30.60
CA GLU E 533 -8.59 -68.45 -30.06
C GLU E 533 -8.16 -69.75 -30.74
N LYS E 534 -8.08 -69.74 -32.06
CA LYS E 534 -7.73 -70.96 -32.78
C LYS E 534 -6.30 -71.40 -32.43
N PRO E 535 -6.10 -72.65 -32.03
CA PRO E 535 -4.74 -73.10 -31.69
C PRO E 535 -3.81 -72.99 -32.87
N PRO E 536 -2.70 -72.26 -32.72
CA PRO E 536 -1.78 -72.10 -33.85
C PRO E 536 -1.14 -73.42 -34.23
N ALA E 537 -0.95 -73.62 -35.53
CA ALA E 537 -0.38 -74.86 -36.03
C ALA E 537 1.08 -75.00 -35.60
N GLY E 538 1.53 -76.24 -35.52
CA GLY E 538 2.90 -76.56 -35.16
C GLY E 538 3.07 -77.18 -33.79
N GLU E 539 2.03 -77.18 -32.97
CA GLU E 539 2.06 -77.77 -31.63
C GLU E 539 3.16 -77.20 -30.74
N CYS E 540 3.62 -75.99 -31.06
CA CYS E 540 4.64 -75.32 -30.25
C CYS E 540 4.54 -73.83 -30.51
N VAL E 541 4.12 -73.06 -29.51
CA VAL E 541 3.85 -71.64 -29.68
C VAL E 541 4.49 -70.87 -28.55
N THR E 542 5.00 -69.67 -28.88
CA THR E 542 5.65 -68.79 -27.93
C THR E 542 5.09 -67.39 -28.10
N PHE E 543 4.67 -66.79 -26.98
CA PHE E 543 4.15 -65.43 -26.95
C PHE E 543 4.97 -64.57 -25.99
N TYR E 544 5.10 -63.29 -26.33
CA TYR E 544 5.93 -62.35 -25.59
C TYR E 544 5.04 -61.24 -25.04
N PHE E 545 4.56 -61.40 -23.81
CA PHE E 545 3.66 -60.44 -23.21
C PHE E 545 4.44 -59.32 -22.53
N GLN E 546 3.71 -58.39 -21.92
CA GLN E 546 4.30 -57.26 -21.19
C GLN E 546 3.27 -56.58 -20.30
N ASN E 547 3.57 -56.48 -19.01
CA ASN E 547 2.69 -55.76 -18.09
C ASN E 547 2.70 -54.27 -18.42
N THR E 548 1.51 -53.67 -18.51
CA THR E 548 1.42 -52.27 -18.88
C THR E 548 1.51 -51.32 -17.69
N PHE E 549 1.15 -51.78 -16.49
CA PHE E 549 1.25 -50.93 -15.31
C PHE E 549 2.71 -50.64 -14.98
N LEU E 550 3.58 -51.64 -15.15
CA LEU E 550 5.02 -51.46 -15.07
C LEU E 550 5.67 -52.56 -15.89
N ASP E 551 6.77 -52.24 -16.56
CA ASP E 551 7.33 -53.09 -17.60
C ASP E 551 7.96 -54.35 -17.01
N THR E 552 7.21 -55.45 -17.05
CA THR E 552 7.70 -56.76 -16.63
C THR E 552 7.16 -57.80 -17.62
N GLN E 553 8.05 -58.51 -18.29
CA GLN E 553 7.66 -59.41 -19.37
C GLN E 553 7.19 -60.75 -18.82
N LEU E 554 6.40 -61.45 -19.63
CA LEU E 554 5.80 -62.73 -19.25
C LEU E 554 5.89 -63.74 -20.40
N GLU E 555 7.10 -63.91 -20.95
CA GLU E 555 7.31 -64.93 -21.98
C GLU E 555 6.61 -66.24 -21.65
N SER E 556 5.82 -66.74 -22.60
CA SER E 556 5.09 -67.98 -22.42
C SER E 556 5.34 -68.89 -23.61
N THR E 557 6.00 -70.03 -23.37
CA THR E 557 6.28 -71.00 -24.40
C THR E 557 5.57 -72.30 -24.05
N TYR E 558 5.02 -72.98 -25.04
CA TYR E 558 4.37 -74.24 -24.70
C TYR E 558 4.25 -75.14 -25.92
N ARG E 559 4.34 -76.44 -25.66
CA ARG E 559 4.26 -77.53 -26.62
C ARG E 559 3.05 -78.39 -26.30
N LYS E 560 2.98 -79.56 -26.94
CA LYS E 560 1.82 -80.44 -26.82
C LYS E 560 1.52 -80.81 -25.37
N GLY E 561 2.54 -80.91 -24.52
CA GLY E 561 2.30 -81.36 -23.16
C GLY E 561 3.14 -80.68 -22.10
N GLU E 562 3.80 -79.59 -22.45
CA GLU E 562 4.70 -78.91 -21.52
C GLU E 562 4.56 -77.41 -21.71
N GLY E 563 4.78 -76.67 -20.63
CA GLY E 563 4.70 -75.22 -20.69
C GLY E 563 5.66 -74.52 -19.75
N VAL E 564 6.34 -73.49 -20.26
CA VAL E 564 7.25 -72.66 -19.48
C VAL E 564 6.72 -71.24 -19.50
N PHE E 565 6.40 -70.71 -18.33
CA PHE E 565 5.89 -69.35 -18.19
C PHE E 565 6.93 -68.55 -17.42
N LYS E 566 7.92 -68.03 -18.14
CA LYS E 566 8.89 -67.16 -17.52
C LYS E 566 8.27 -65.80 -17.22
N SER E 567 8.92 -65.02 -16.37
CA SER E 567 8.34 -63.75 -15.94
C SER E 567 9.41 -62.90 -15.28
N ASP E 568 9.03 -61.66 -15.01
CA ASP E 568 9.83 -60.75 -14.20
C ASP E 568 9.12 -60.35 -12.91
N ASN E 569 7.93 -60.89 -12.67
CA ASN E 569 7.14 -60.58 -11.50
C ASN E 569 6.77 -61.87 -10.78
N ILE E 570 6.74 -61.80 -9.45
CA ILE E 570 6.25 -62.93 -8.67
C ILE E 570 4.73 -62.98 -8.74
N SER E 571 4.08 -61.81 -8.79
CA SER E 571 2.63 -61.77 -8.84
C SER E 571 2.09 -62.47 -10.08
N THR E 572 2.71 -62.24 -11.24
CA THR E 572 2.23 -62.83 -12.48
C THR E 572 2.26 -64.35 -12.43
N ILE E 573 3.40 -64.92 -12.00
CA ILE E 573 3.49 -66.37 -11.98
C ILE E 573 2.61 -66.95 -10.89
N SER E 574 2.41 -66.24 -9.78
CA SER E 574 1.50 -66.75 -8.76
C SER E 574 0.08 -66.81 -9.29
N ILE E 575 -0.36 -65.74 -9.94
CA ILE E 575 -1.70 -65.72 -10.54
C ILE E 575 -1.84 -66.82 -11.56
N LEU E 576 -0.82 -67.00 -12.41
CA LEU E 576 -0.87 -68.05 -13.42
C LEU E 576 -0.99 -69.42 -12.77
N LYS E 577 -0.18 -69.67 -11.73
CA LYS E 577 -0.25 -70.95 -11.03
C LYS E 577 -1.67 -71.20 -10.51
N ASP E 578 -2.24 -70.22 -9.81
CA ASP E 578 -3.56 -70.40 -9.23
C ASP E 578 -4.61 -70.65 -10.29
N VAL E 579 -4.63 -69.83 -11.35
CA VAL E 579 -5.70 -69.93 -12.33
C VAL E 579 -5.56 -71.20 -13.16
N LEU E 580 -4.32 -71.60 -13.47
CA LEU E 580 -4.14 -72.84 -14.23
C LEU E 580 -4.49 -74.06 -13.38
N SER E 581 -4.19 -74.03 -12.08
CA SER E 581 -4.62 -75.11 -11.21
C SER E 581 -6.15 -75.16 -11.14
N LYS E 582 -6.80 -73.99 -11.14
CA LYS E 582 -8.26 -73.97 -11.15
C LYS E 582 -8.81 -74.58 -12.43
N GLU E 583 -8.23 -74.22 -13.58
CA GLU E 583 -8.67 -74.81 -14.84
C GLU E 583 -8.46 -76.31 -14.86
N ALA E 584 -7.32 -76.78 -14.33
CA ALA E 584 -7.06 -78.21 -14.27
C ALA E 584 -8.10 -78.92 -13.42
N THR E 585 -8.36 -78.40 -12.22
CA THR E 585 -9.38 -78.99 -11.36
C THR E 585 -10.75 -78.98 -12.03
N LYS E 586 -11.02 -77.96 -12.85
CA LYS E 586 -12.25 -77.95 -13.64
C LYS E 586 -12.29 -79.11 -14.61
N ARG E 587 -11.23 -79.29 -15.40
CA ARG E 587 -11.23 -80.22 -16.52
C ARG E 587 -10.60 -81.56 -16.20
N GLU E 596 10.30 -71.76 -9.63
CA GLU E 596 11.68 -71.36 -9.40
C GLU E 596 11.67 -69.85 -9.17
N ILE E 597 12.64 -69.37 -8.40
CA ILE E 597 12.70 -67.97 -8.03
C ILE E 597 14.12 -67.47 -8.15
N ASN E 598 14.30 -66.32 -8.79
CA ASN E 598 15.54 -65.57 -8.73
C ASN E 598 15.49 -64.68 -7.49
N GLU E 599 16.42 -64.90 -6.57
CA GLU E 599 16.39 -64.22 -5.28
C GLU E 599 16.61 -62.72 -5.37
N VAL E 600 16.76 -62.16 -6.57
CA VAL E 600 16.89 -60.72 -6.75
C VAL E 600 15.70 -60.11 -7.47
N SER E 601 14.75 -60.92 -7.94
CA SER E 601 13.62 -60.39 -8.69
C SER E 601 12.79 -59.43 -7.85
N VAL E 602 12.58 -59.76 -6.57
CA VAL E 602 11.83 -58.88 -5.70
C VAL E 602 12.51 -57.52 -5.59
N LYS E 603 13.84 -57.51 -5.53
CA LYS E 603 14.58 -56.27 -5.51
C LYS E 603 14.32 -55.46 -6.78
N HIS E 604 14.29 -56.13 -7.93
CA HIS E 604 14.05 -55.44 -9.18
C HIS E 604 12.64 -54.84 -9.24
N THR E 605 11.64 -55.61 -8.81
CA THR E 605 10.26 -55.10 -8.82
C THR E 605 10.11 -53.93 -7.85
N LEU E 606 10.77 -54.00 -6.69
CA LEU E 606 10.68 -52.89 -5.74
C LEU E 606 11.38 -51.65 -6.27
N LYS E 607 12.51 -51.83 -6.96
CA LYS E 607 13.16 -50.68 -7.60
C LYS E 607 12.30 -50.11 -8.72
N LEU E 608 11.53 -50.96 -9.40
CA LEU E 608 10.57 -50.46 -10.39
C LEU E 608 9.47 -49.63 -9.72
N ILE E 609 8.96 -50.12 -8.59
CA ILE E 609 7.82 -49.48 -7.95
C ILE E 609 8.23 -48.15 -7.31
N HIS E 610 9.43 -48.09 -6.73
CA HIS E 610 9.86 -46.94 -5.93
C HIS E 610 9.59 -45.58 -6.57
N PRO E 611 9.90 -45.33 -7.85
CA PRO E 611 9.61 -44.00 -8.41
C PRO E 611 8.14 -43.62 -8.36
N LYS E 612 7.25 -44.59 -8.56
CA LYS E 612 5.83 -44.27 -8.58
C LYS E 612 5.33 -43.85 -7.20
N LEU E 613 5.72 -44.60 -6.16
CA LEU E 613 5.33 -44.21 -4.81
C LEU E 613 5.96 -42.89 -4.42
N GLU E 614 7.22 -42.67 -4.81
CA GLU E 614 7.85 -41.38 -4.52
C GLU E 614 7.08 -40.24 -5.16
N TYR E 615 6.65 -40.43 -6.42
CA TYR E 615 5.91 -39.39 -7.10
C TYR E 615 4.56 -39.14 -6.45
N GLN E 616 3.87 -40.21 -6.03
CA GLN E 616 2.58 -40.03 -5.36
C GLN E 616 2.74 -39.28 -4.04
N LEU E 617 3.76 -39.64 -3.26
CA LEU E 617 3.96 -38.96 -1.97
C LEU E 617 4.33 -37.50 -2.16
N LEU E 618 5.18 -37.20 -3.15
CA LEU E 618 5.50 -35.80 -3.43
C LEU E 618 4.27 -35.05 -3.92
N LEU E 619 3.42 -35.70 -4.72
CA LEU E 619 2.15 -35.13 -5.12
C LEU E 619 1.34 -34.69 -3.90
N ALA E 620 1.15 -35.61 -2.96
CA ALA E 620 0.38 -35.30 -1.76
C ALA E 620 1.03 -34.17 -0.97
N LYS E 621 2.35 -34.22 -0.80
CA LYS E 621 3.02 -33.21 0.02
C LYS E 621 2.91 -31.82 -0.59
N LYS E 622 2.95 -31.72 -1.92
CA LYS E 622 2.82 -30.41 -2.55
C LYS E 622 1.38 -29.91 -2.53
N VAL E 623 0.42 -30.80 -2.80
CA VAL E 623 -0.97 -30.34 -2.83
C VAL E 623 -1.47 -30.02 -1.43
N GLN E 624 -0.80 -30.52 -0.39
CA GLN E 624 -1.16 -30.12 0.97
C GLN E 624 -0.95 -28.62 1.18
N LEU E 625 0.12 -28.07 0.60
CA LEU E 625 0.50 -26.68 0.82
C LEU E 625 0.08 -25.75 -0.32
N ILE E 626 -0.43 -26.30 -1.43
CA ILE E 626 -0.83 -25.46 -2.56
C ILE E 626 -1.75 -24.33 -2.12
N ASP E 627 -2.85 -24.67 -1.43
CA ASP E 627 -3.86 -23.66 -1.11
C ASP E 627 -3.36 -22.68 -0.05
N ALA E 628 -2.61 -23.18 0.93
CA ALA E 628 -2.03 -22.30 1.93
C ALA E 628 -1.10 -21.27 1.28
N LEU E 629 -0.30 -21.70 0.30
CA LEU E 629 0.55 -20.75 -0.40
C LEU E 629 -0.25 -19.82 -1.30
N LYS E 630 -1.37 -20.31 -1.85
CA LYS E 630 -2.21 -19.46 -2.68
C LYS E 630 -2.84 -18.35 -1.85
N GLU E 631 -3.14 -18.63 -0.58
CA GLU E 631 -3.66 -17.57 0.30
C GLU E 631 -2.63 -16.45 0.47
N LEU E 632 -1.35 -16.81 0.52
CA LEU E 632 -0.31 -15.79 0.60
C LEU E 632 -0.08 -15.12 -0.73
N GLN E 633 -0.35 -15.81 -1.84
CA GLN E 633 -0.10 -15.25 -3.16
C GLN E 633 -0.93 -14.01 -3.43
N VAL E 634 -2.18 -13.99 -2.97
CA VAL E 634 -3.11 -12.91 -3.31
C VAL E 634 -2.69 -11.57 -2.73
N HIS E 635 -1.78 -11.56 -1.76
CA HIS E 635 -1.29 -10.32 -1.17
C HIS E 635 0.15 -10.04 -1.59
N GLU E 636 0.50 -8.75 -1.57
CA GLU E 636 1.85 -8.22 -1.83
C GLU E 636 2.49 -8.77 -3.11
N GLY E 637 1.68 -9.29 -4.04
CA GLY E 637 2.12 -9.56 -5.39
C GLY E 637 3.28 -10.51 -5.60
N ASN E 638 3.83 -11.07 -4.52
CA ASN E 638 4.95 -12.01 -4.58
C ASN E 638 6.14 -11.43 -5.36
N THR E 639 6.72 -10.39 -4.80
CA THR E 639 7.89 -9.76 -5.40
C THR E 639 9.20 -10.20 -4.77
N ASN E 640 9.26 -10.37 -3.44
CA ASN E 640 10.54 -10.55 -2.76
C ASN E 640 10.56 -11.62 -1.68
N PHE E 641 9.42 -12.16 -1.27
CA PHE E 641 9.38 -12.92 -0.01
C PHE E 641 9.29 -14.43 -0.19
N LEU E 642 8.45 -14.92 -1.10
CA LEU E 642 8.21 -16.35 -1.20
C LEU E 642 9.50 -17.12 -1.47
N ILE E 643 9.68 -18.22 -0.74
CA ILE E 643 10.87 -19.05 -0.94
C ILE E 643 10.85 -19.63 -2.34
N PRO E 644 11.99 -19.76 -3.02
CA PRO E 644 11.98 -20.41 -4.35
C PRO E 644 11.40 -21.80 -4.32
N GLU E 645 11.57 -22.54 -3.22
CA GLU E 645 11.04 -23.90 -3.14
C GLU E 645 9.54 -23.92 -3.42
N TYR E 646 8.77 -23.18 -2.63
CA TYR E 646 7.33 -23.10 -2.86
C TYR E 646 6.99 -22.28 -4.10
N ARG E 647 7.91 -21.43 -4.55
CA ARG E 647 7.69 -20.73 -5.81
C ARG E 647 7.66 -21.70 -6.98
N CYS E 648 8.39 -22.82 -6.87
CA CYS E 648 8.27 -23.85 -7.90
C CYS E 648 6.88 -24.50 -7.89
N ILE E 649 6.15 -24.42 -6.79
CA ILE E 649 4.83 -25.00 -6.72
C ILE E 649 3.75 -23.99 -7.11
N LEU E 650 3.99 -22.70 -6.89
CA LEU E 650 2.98 -21.70 -7.21
C LEU E 650 2.62 -21.70 -8.69
N GLU E 651 3.56 -22.03 -9.57
CA GLU E 651 3.22 -22.07 -10.99
C GLU E 651 2.44 -23.32 -11.35
N GLU E 652 2.99 -24.49 -11.02
CA GLU E 652 2.41 -25.77 -11.41
C GLU E 652 1.30 -26.24 -10.46
N ALA E 653 0.81 -25.33 -9.61
CA ALA E 653 -0.31 -25.63 -8.73
C ALA E 653 -1.48 -26.28 -9.48
N ASP E 654 -1.77 -25.83 -10.69
CA ASP E 654 -2.91 -26.35 -11.42
C ASP E 654 -2.73 -27.83 -11.74
N HIS E 655 -1.59 -28.18 -12.35
CA HIS E 655 -1.33 -29.57 -12.69
C HIS E 655 -1.24 -30.45 -11.45
N LEU E 656 -0.61 -29.93 -10.39
CA LEU E 656 -0.56 -30.67 -9.13
C LEU E 656 -1.96 -30.97 -8.61
N GLN E 657 -2.84 -29.96 -8.63
CA GLN E 657 -4.18 -30.13 -8.09
C GLN E 657 -5.00 -31.09 -8.95
N GLU E 658 -4.82 -31.04 -10.27
CA GLU E 658 -5.61 -31.93 -11.12
C GLU E 658 -5.08 -33.36 -11.12
N GLU E 659 -3.81 -33.57 -10.75
CA GLU E 659 -3.31 -34.93 -10.58
C GLU E 659 -3.63 -35.47 -9.20
N TYR E 660 -3.79 -34.60 -8.20
CA TYR E 660 -4.18 -35.06 -6.88
C TYR E 660 -5.56 -35.71 -6.90
N LYS E 661 -6.41 -35.31 -7.86
CA LYS E 661 -7.73 -35.92 -7.95
C LYS E 661 -7.65 -37.40 -8.27
N LYS E 662 -6.68 -37.79 -9.11
CA LYS E 662 -6.51 -39.18 -9.49
C LYS E 662 -5.52 -39.92 -8.59
N GLN E 663 -4.71 -39.20 -7.82
CA GLN E 663 -3.71 -39.84 -6.95
C GLN E 663 -4.25 -40.98 -6.09
N PRO E 664 -5.32 -40.80 -5.30
CA PRO E 664 -5.67 -41.85 -4.32
C PRO E 664 -5.91 -43.21 -4.94
N ALA E 665 -6.48 -43.28 -6.14
CA ALA E 665 -6.65 -44.57 -6.80
C ALA E 665 -5.30 -45.21 -7.09
N HIS E 666 -4.35 -44.42 -7.59
CA HIS E 666 -3.01 -44.96 -7.86
C HIS E 666 -2.33 -45.42 -6.58
N LEU E 667 -2.49 -44.66 -5.50
CA LEU E 667 -1.88 -45.05 -4.22
C LEU E 667 -2.46 -46.34 -3.70
N GLU E 668 -3.79 -46.48 -3.76
CA GLU E 668 -4.42 -47.72 -3.30
C GLU E 668 -3.99 -48.89 -4.18
N ARG E 669 -3.91 -48.68 -5.49
CA ARG E 669 -3.48 -49.75 -6.38
C ARG E 669 -2.05 -50.17 -6.09
N LEU E 670 -1.17 -49.19 -5.83
CA LEU E 670 0.21 -49.52 -5.52
C LEU E 670 0.32 -50.28 -4.20
N TYR E 671 -0.44 -49.87 -3.19
CA TYR E 671 -0.42 -50.59 -1.92
C TYR E 671 -0.92 -52.02 -2.10
N GLY E 672 -2.00 -52.20 -2.85
CA GLY E 672 -2.48 -53.54 -3.11
C GLY E 672 -1.48 -54.40 -3.85
N MET E 673 -0.82 -53.82 -4.86
CA MET E 673 0.17 -54.57 -5.62
C MET E 673 1.35 -54.96 -4.74
N ILE E 674 1.79 -54.06 -3.87
CA ILE E 674 2.91 -54.38 -2.99
C ILE E 674 2.52 -55.47 -2.01
N THR E 675 1.32 -55.39 -1.42
CA THR E 675 0.93 -56.43 -0.47
C THR E 675 0.74 -57.77 -1.15
N ASP E 676 0.23 -57.80 -2.39
CA ASP E 676 0.14 -59.06 -3.11
C ASP E 676 1.53 -59.60 -3.43
N LEU E 677 2.45 -58.74 -3.83
CA LEU E 677 3.82 -59.18 -4.11
C LEU E 677 4.44 -59.82 -2.87
N PHE E 678 4.31 -59.15 -1.72
CA PHE E 678 4.83 -59.67 -0.46
C PHE E 678 4.20 -61.01 -0.11
N ILE E 679 2.88 -61.08 -0.11
CA ILE E 679 2.18 -62.31 0.26
C ILE E 679 2.57 -63.45 -0.67
N ASP E 680 2.65 -63.20 -1.97
CA ASP E 680 2.97 -64.28 -2.91
C ASP E 680 4.42 -64.73 -2.77
N LYS E 681 5.36 -63.77 -2.68
CA LYS E 681 6.76 -64.17 -2.57
C LYS E 681 7.05 -64.88 -1.27
N PHE E 682 6.22 -64.68 -0.24
CA PHE E 682 6.30 -65.57 0.92
C PHE E 682 5.49 -66.85 0.73
N LYS E 683 4.50 -66.86 -0.16
CA LYS E 683 3.69 -68.05 -0.35
C LYS E 683 4.45 -69.12 -1.13
N PHE E 684 5.35 -68.71 -2.03
CA PHE E 684 6.09 -69.69 -2.82
C PHE E 684 6.95 -70.58 -1.94
N LYS E 685 7.55 -70.02 -0.88
CA LYS E 685 8.37 -70.82 0.01
C LYS E 685 7.54 -71.78 0.86
N GLY E 686 6.22 -71.71 0.79
CA GLY E 686 5.36 -72.58 1.56
C GLY E 686 4.78 -71.98 2.81
N THR E 687 4.91 -70.68 3.02
CA THR E 687 4.46 -70.01 4.23
C THR E 687 3.11 -69.34 4.00
N ASN E 688 2.50 -68.90 5.10
CA ASN E 688 1.25 -68.15 5.10
C ASN E 688 1.46 -66.91 5.95
N VAL E 689 1.60 -65.76 5.30
CA VAL E 689 1.95 -64.53 6.00
C VAL E 689 0.84 -63.51 5.78
N LYS E 690 -0.40 -63.99 5.73
CA LYS E 690 -1.56 -63.10 5.63
C LYS E 690 -1.76 -62.24 6.87
N THR E 691 -0.95 -62.44 7.92
CA THR E 691 -1.14 -61.71 9.18
C THR E 691 -0.24 -60.50 9.31
N LYS E 692 0.92 -60.50 8.68
CA LYS E 692 1.87 -59.39 8.81
C LYS E 692 1.50 -58.20 7.94
N VAL E 693 0.32 -58.20 7.31
CA VAL E 693 -0.07 -57.12 6.42
C VAL E 693 -0.10 -55.76 7.13
N PRO E 694 -0.76 -55.61 8.29
CA PRO E 694 -0.85 -54.26 8.88
C PRO E 694 0.48 -53.59 9.16
N LEU E 695 1.50 -54.37 9.55
CA LEU E 695 2.84 -53.79 9.70
C LEU E 695 3.35 -53.26 8.38
N LEU E 696 3.08 -53.97 7.28
CA LEU E 696 3.48 -53.49 5.96
C LEU E 696 2.71 -52.22 5.60
N LEU E 697 1.44 -52.14 5.96
CA LEU E 697 0.66 -50.94 5.71
C LEU E 697 1.25 -49.75 6.45
N GLU E 698 1.63 -49.95 7.72
CA GLU E 698 2.25 -48.88 8.48
C GLU E 698 3.59 -48.47 7.86
N ILE E 699 4.39 -49.46 7.45
CA ILE E 699 5.67 -49.16 6.81
C ILE E 699 5.45 -48.32 5.57
N LEU E 700 4.42 -48.63 4.78
CA LEU E 700 4.16 -47.84 3.58
C LEU E 700 3.63 -46.45 3.91
N ASP E 701 2.87 -46.31 5.01
CA ASP E 701 2.56 -44.98 5.49
C ASP E 701 3.83 -44.20 5.81
N SER E 702 4.85 -44.90 6.31
CA SER E 702 6.16 -44.27 6.48
C SER E 702 6.95 -44.29 5.17
N TYR E 703 7.05 -45.46 4.54
CA TYR E 703 7.75 -45.67 3.28
C TYR E 703 9.23 -45.27 3.38
N ASP E 704 9.95 -46.03 4.20
CA ASP E 704 11.41 -46.05 4.17
C ASP E 704 11.78 -47.19 3.25
N GLN E 705 12.19 -46.85 2.02
CA GLN E 705 12.43 -47.86 0.99
C GLN E 705 13.44 -48.91 1.45
N ASN E 706 14.50 -48.47 2.14
CA ASN E 706 15.47 -49.42 2.67
C ASN E 706 14.87 -50.24 3.80
N ALA E 707 14.10 -49.61 4.70
CA ALA E 707 13.38 -50.37 5.69
C ALA E 707 12.33 -51.26 5.04
N LEU E 708 11.79 -50.83 3.90
CA LEU E 708 10.81 -51.65 3.18
C LEU E 708 11.47 -52.94 2.67
N ILE E 709 12.60 -52.81 1.98
CA ILE E 709 13.29 -54.00 1.49
C ILE E 709 13.80 -54.86 2.65
N ALA E 710 14.16 -54.23 3.77
CA ALA E 710 14.56 -54.99 4.94
C ALA E 710 13.40 -55.82 5.47
N PHE E 711 12.21 -55.22 5.59
CA PHE E 711 11.04 -55.96 6.02
C PHE E 711 10.66 -57.04 5.01
N PHE E 712 10.95 -56.81 3.72
CA PHE E 712 10.70 -57.83 2.72
C PHE E 712 11.62 -59.04 2.93
N ASP E 713 12.91 -58.81 3.11
CA ASP E 713 13.84 -59.92 3.20
C ASP E 713 13.76 -60.64 4.55
N ALA E 714 13.46 -59.90 5.61
CA ALA E 714 13.47 -60.48 6.95
C ALA E 714 12.17 -61.16 7.32
N ALA E 715 11.04 -60.48 7.17
CA ALA E 715 9.75 -61.04 7.56
C ALA E 715 8.60 -60.31 6.87
N MET F 1 -14.08 17.37 59.71
CA MET F 1 -13.64 16.96 61.04
C MET F 1 -13.56 15.45 61.14
N GLU F 2 -14.71 14.79 61.07
CA GLU F 2 -14.76 13.34 61.12
C GLU F 2 -13.96 12.76 59.96
N PRO F 3 -13.47 11.52 60.11
CA PRO F 3 -12.60 10.97 59.05
C PRO F 3 -13.29 10.82 57.71
N LEU F 4 -14.40 10.08 57.65
CA LEU F 4 -15.06 9.84 56.37
C LEU F 4 -15.53 11.15 55.75
N LEU F 5 -16.10 12.04 56.56
CA LEU F 5 -16.62 13.30 56.03
C LEU F 5 -15.49 14.17 55.48
N LEU F 6 -14.42 14.33 56.25
CA LEU F 6 -13.31 15.16 55.79
C LEU F 6 -12.67 14.56 54.54
N ALA F 7 -12.58 13.23 54.47
CA ALA F 7 -11.99 12.61 53.30
C ALA F 7 -12.87 12.82 52.06
N TRP F 8 -14.18 12.64 52.22
CA TRP F 8 -15.09 12.86 51.10
C TRP F 8 -15.10 14.31 50.66
N SER F 9 -14.96 15.25 51.60
CA SER F 9 -14.90 16.65 51.22
C SER F 9 -13.58 17.01 50.56
N TYR F 10 -12.49 16.34 50.96
CA TYR F 10 -11.25 16.47 50.21
C TYR F 10 -11.42 15.96 48.80
N PHE F 11 -12.21 14.90 48.63
CA PHE F 11 -12.46 14.35 47.30
C PHE F 11 -13.26 15.33 46.45
N ARG F 12 -14.29 15.93 47.03
CA ARG F 12 -15.08 16.92 46.30
C ARG F 12 -14.23 18.07 45.81
N ARG F 13 -13.26 18.51 46.61
CA ARG F 13 -12.41 19.63 46.24
C ARG F 13 -11.20 19.21 45.42
N ARG F 14 -11.15 17.96 44.98
CA ARG F 14 -10.12 17.46 44.08
C ARG F 14 -8.73 17.58 44.69
N ARG F 15 -8.60 17.12 45.93
CA ARG F 15 -7.29 17.02 46.56
C ARG F 15 -6.56 15.77 46.09
N PHE F 16 -7.18 14.60 46.30
CA PHE F 16 -6.75 13.31 45.76
C PHE F 16 -5.49 12.78 46.45
N GLN F 17 -4.98 13.48 47.46
CA GLN F 17 -3.92 12.85 48.26
C GLN F 17 -4.47 12.75 49.66
N LEU F 18 -5.01 13.86 50.13
CA LEU F 18 -5.56 13.85 51.49
C LEU F 18 -6.67 12.80 51.58
N CYS F 19 -7.56 12.73 50.60
CA CYS F 19 -8.65 11.77 50.60
C CYS F 19 -8.16 10.37 50.89
N ALA F 20 -7.20 9.91 50.09
CA ALA F 20 -6.64 8.58 50.27
C ALA F 20 -5.93 8.48 51.60
N ASP F 21 -5.22 9.53 51.98
CA ASP F 21 -4.50 9.57 53.23
C ASP F 21 -5.39 9.35 54.45
N LEU F 22 -6.65 9.79 54.38
CA LEU F 22 -7.53 9.58 55.55
C LEU F 22 -8.17 8.22 55.42
N CYS F 23 -8.49 7.78 54.21
CA CYS F 23 -9.12 6.45 53.98
C CYS F 23 -8.16 5.30 54.32
N THR F 24 -6.89 5.47 53.97
CA THR F 24 -5.88 4.46 54.34
C THR F 24 -5.97 4.37 55.87
N GLN F 25 -6.00 5.49 56.57
CA GLN F 25 -6.14 5.40 58.02
C GLN F 25 -7.42 4.62 58.25
N MET F 26 -8.51 5.16 57.75
CA MET F 26 -9.81 4.61 58.11
C MET F 26 -9.94 3.14 57.75
N LEU F 27 -9.13 2.65 56.83
CA LEU F 27 -9.14 1.23 56.47
C LEU F 27 -8.25 0.40 57.40
N GLU F 28 -7.10 0.93 57.80
CA GLU F 28 -6.32 0.27 58.84
C GLU F 28 -7.11 0.17 60.13
N LYS F 29 -7.92 1.19 60.44
CA LYS F 29 -8.68 1.16 61.68
C LYS F 29 -9.79 0.12 61.64
N SER F 30 -10.43 -0.06 60.48
CA SER F 30 -11.54 -0.99 60.33
C SER F 30 -11.36 -1.82 59.06
N PRO F 31 -11.17 -3.14 59.17
CA PRO F 31 -11.07 -3.97 57.97
C PRO F 31 -12.40 -4.19 57.25
N CYS F 32 -13.51 -3.69 57.79
CA CYS F 32 -14.82 -3.85 57.17
C CYS F 32 -15.44 -2.45 57.02
N ASP F 33 -15.11 -1.78 55.92
CA ASP F 33 -15.71 -0.49 55.60
C ASP F 33 -15.50 -0.27 54.11
N GLN F 34 -16.59 -0.31 53.33
CA GLN F 34 -16.48 -0.21 51.89
C GLN F 34 -16.63 1.21 51.37
N ALA F 35 -17.21 2.11 52.16
CA ALA F 35 -17.31 3.51 51.74
C ALA F 35 -15.92 4.11 51.54
N ALA F 36 -15.09 4.07 52.58
CA ALA F 36 -13.72 4.55 52.45
C ALA F 36 -12.94 3.72 51.44
N TRP F 37 -13.26 2.44 51.31
CA TRP F 37 -12.61 1.60 50.31
C TRP F 37 -12.79 2.18 48.91
N ILE F 38 -14.04 2.30 48.45
CA ILE F 38 -14.27 2.82 47.12
C ILE F 38 -13.91 4.30 47.03
N LEU F 39 -13.88 5.03 48.14
CA LEU F 39 -13.44 6.42 48.07
C LEU F 39 -11.95 6.51 47.76
N LYS F 40 -11.15 5.69 48.44
CA LYS F 40 -9.72 5.62 48.12
C LYS F 40 -9.52 5.11 46.71
N ALA F 41 -10.34 4.17 46.27
CA ALA F 41 -10.27 3.70 44.89
C ALA F 41 -10.51 4.84 43.91
N ARG F 42 -11.55 5.65 44.18
CA ARG F 42 -11.84 6.80 43.32
C ARG F 42 -10.67 7.78 43.30
N ALA F 43 -10.13 8.10 44.49
CA ALA F 43 -9.02 9.04 44.56
C ALA F 43 -7.81 8.53 43.77
N LEU F 44 -7.45 7.27 43.97
CA LEU F 44 -6.32 6.69 43.25
C LEU F 44 -6.55 6.71 41.75
N THR F 45 -7.74 6.30 41.31
CA THR F 45 -8.01 6.23 39.88
C THR F 45 -8.19 7.60 39.25
N GLU F 46 -8.40 8.66 40.04
CA GLU F 46 -8.55 9.99 39.48
C GLU F 46 -7.29 10.83 39.58
N MET F 47 -6.32 10.45 40.43
CA MET F 47 -5.01 11.07 40.33
C MET F 47 -4.37 10.84 38.97
N VAL F 48 -4.72 9.73 38.30
CA VAL F 48 -4.10 9.34 37.05
C VAL F 48 -5.06 9.37 35.88
N TYR F 49 -6.35 9.65 36.11
CA TYR F 49 -7.35 9.55 35.07
C TYR F 49 -7.03 10.45 33.88
N VAL F 50 -7.29 9.93 32.69
CA VAL F 50 -7.26 10.71 31.46
C VAL F 50 -8.29 10.11 30.51
N ASP F 51 -9.16 10.94 29.97
CA ASP F 51 -10.30 10.43 29.23
C ASP F 51 -9.84 9.67 27.99
N GLU F 52 -10.48 8.53 27.72
CA GLU F 52 -10.02 7.63 26.67
C GLU F 52 -10.23 8.21 25.28
N ILE F 53 -11.03 9.26 25.14
CA ILE F 53 -11.37 9.79 23.82
C ILE F 53 -10.12 10.32 23.13
N ASP F 54 -9.32 11.12 23.84
CA ASP F 54 -8.16 11.79 23.26
C ASP F 54 -6.87 11.05 23.55
N VAL F 55 -6.91 9.72 23.57
CA VAL F 55 -5.72 8.88 23.74
C VAL F 55 -5.72 7.91 22.56
N ASP F 56 -5.01 8.27 21.49
CA ASP F 56 -5.05 7.54 20.22
C ASP F 56 -3.64 7.36 19.68
N GLU F 57 -2.76 6.80 20.50
CA GLU F 57 -1.37 6.55 20.10
C GLU F 57 -1.19 5.12 19.60
N GLU F 58 -1.48 4.91 18.32
CA GLU F 58 -1.35 3.58 17.72
C GLU F 58 0.09 3.10 17.76
N GLY F 59 1.02 4.00 17.47
CA GLY F 59 2.43 3.67 17.48
C GLY F 59 2.98 3.22 16.14
N ILE F 60 3.58 2.04 16.13
CA ILE F 60 4.17 1.47 14.93
C ILE F 60 3.55 0.15 14.44
N ALA F 61 3.26 -0.75 15.36
CA ALA F 61 2.69 -2.04 14.99
C ALA F 61 1.33 -1.92 14.33
N GLU F 62 0.49 -1.06 14.90
CA GLU F 62 -0.85 -0.83 14.36
C GLU F 62 -0.80 -0.21 12.97
N MET F 63 0.13 0.70 12.78
CA MET F 63 0.29 1.42 11.52
C MET F 63 0.58 0.55 10.29
N ILE F 64 1.26 -0.59 10.48
CA ILE F 64 1.60 -1.42 9.33
C ILE F 64 1.01 -2.83 9.53
N LEU F 65 1.33 -3.45 10.65
CA LEU F 65 0.99 -4.86 10.88
C LEU F 65 -0.50 -5.09 11.14
N ASP F 66 -1.33 -4.05 11.07
CA ASP F 66 -2.77 -4.20 11.31
C ASP F 66 -3.50 -3.51 10.16
N GLU F 67 -4.23 -4.30 9.38
CA GLU F 67 -5.00 -3.80 8.25
C GLU F 67 -6.48 -3.95 8.55
N ASN F 68 -7.20 -2.83 8.54
CA ASN F 68 -8.63 -2.82 8.81
C ASN F 68 -9.46 -2.06 7.78
N ALA F 69 -8.85 -1.16 7.01
CA ALA F 69 -9.59 -0.45 5.97
C ALA F 69 -10.06 -1.42 4.91
N ILE F 70 -11.35 -1.33 4.56
CA ILE F 70 -11.90 -2.21 3.52
C ILE F 70 -11.23 -1.91 2.19
N ALA F 71 -11.39 -0.68 1.70
CA ALA F 71 -10.84 -0.32 0.40
C ALA F 71 -9.32 -0.17 0.51
N GLN F 72 -8.61 -0.77 -0.45
CA GLN F 72 -7.16 -0.68 -0.49
C GLN F 72 -6.68 0.59 -1.18
N VAL F 73 -7.30 0.95 -2.30
CA VAL F 73 -6.93 2.15 -3.05
C VAL F 73 -8.18 2.99 -3.31
N PRO F 74 -8.77 3.59 -2.27
CA PRO F 74 -10.02 4.32 -2.47
C PRO F 74 -9.80 5.64 -3.19
N ARG F 75 -10.91 6.23 -3.62
CA ARG F 75 -10.86 7.45 -4.40
C ARG F 75 -10.14 8.55 -3.61
N PRO F 76 -9.29 9.35 -4.26
CA PRO F 76 -8.65 10.46 -3.55
C PRO F 76 -9.69 11.48 -3.10
N GLY F 77 -9.84 11.60 -1.79
CA GLY F 77 -10.83 12.49 -1.19
C GLY F 77 -11.75 11.81 -0.20
N THR F 78 -11.66 10.49 -0.01
CA THR F 78 -12.52 9.78 0.92
C THR F 78 -11.75 8.96 1.93
N SER F 79 -10.43 9.17 2.05
CA SER F 79 -9.61 8.40 2.96
C SER F 79 -8.64 9.34 3.69
N LEU F 80 -8.20 8.89 4.86
CA LEU F 80 -7.20 9.61 5.63
C LEU F 80 -5.78 9.11 5.37
N LYS F 81 -5.64 8.04 4.60
CA LYS F 81 -4.34 7.43 4.35
C LYS F 81 -4.04 7.40 2.85
N GLY F 90 -3.54 23.91 0.44
CA GLY F 90 -3.26 25.07 1.27
C GLY F 90 -1.95 25.75 0.93
N PRO F 91 -1.27 26.29 1.93
CA PRO F 91 0.02 26.94 1.68
C PRO F 91 1.08 25.91 1.32
N SER F 92 1.94 26.30 0.37
CA SER F 92 2.95 25.39 -0.17
C SER F 92 4.15 25.31 0.76
N PRO F 93 4.96 24.25 0.64
CA PRO F 93 6.18 24.15 1.46
C PRO F 93 7.15 25.30 1.27
N ALA F 94 6.91 26.20 0.31
CA ALA F 94 7.72 27.40 0.18
C ALA F 94 7.34 28.47 1.20
N VAL F 95 6.21 28.32 1.89
CA VAL F 95 5.77 29.26 2.90
C VAL F 95 5.69 28.55 4.23
N ARG F 96 4.85 27.53 4.30
CA ARG F 96 4.59 26.83 5.54
C ARG F 96 5.60 25.69 5.74
N PRO F 97 6.28 25.62 6.87
CA PRO F 97 7.14 24.48 7.14
C PRO F 97 6.35 23.17 7.13
N VAL F 98 7.06 22.09 6.85
CA VAL F 98 6.45 20.77 6.67
C VAL F 98 7.10 19.79 7.64
N THR F 99 6.45 18.65 7.79
CA THR F 99 6.92 17.55 8.61
C THR F 99 7.21 16.29 7.81
N GLN F 100 6.41 16.01 6.79
CA GLN F 100 6.64 14.89 5.88
C GLN F 100 6.68 15.42 4.46
N ALA F 101 6.62 14.52 3.47
CA ALA F 101 6.54 14.94 2.07
C ALA F 101 5.47 16.03 1.89
N GLY F 102 4.32 15.84 2.51
CA GLY F 102 3.32 16.89 2.60
C GLY F 102 3.06 17.24 4.05
N ARG F 103 1.80 17.30 4.44
CA ARG F 103 1.39 17.47 5.84
C ARG F 103 2.08 18.68 6.47
N PRO F 104 1.67 19.90 6.13
CA PRO F 104 2.30 21.08 6.75
C PRO F 104 2.10 21.07 8.25
N ILE F 105 3.01 21.77 8.95
CA ILE F 105 2.96 21.78 10.41
C ILE F 105 1.63 22.37 10.87
N THR F 106 1.09 21.80 11.94
CA THR F 106 -0.22 22.17 12.46
C THR F 106 -0.05 22.96 13.75
N GLY F 107 -1.11 23.68 14.10
CA GLY F 107 -1.24 24.17 15.45
C GLY F 107 -1.94 23.16 16.33
N PHE F 108 -1.71 23.28 17.64
CA PHE F 108 -2.40 22.46 18.64
C PHE F 108 -2.13 20.97 18.43
N LEU F 109 -0.88 20.59 18.69
CA LEU F 109 -0.55 19.18 18.86
C LEU F 109 -1.48 18.51 19.86
N ARG F 110 -2.14 17.44 19.42
CA ARG F 110 -2.92 16.60 20.31
C ARG F 110 -2.39 15.18 20.24
N PRO F 111 -2.51 14.41 21.32
CA PRO F 111 -1.91 13.06 21.34
C PRO F 111 -2.58 12.06 20.42
N SER F 112 -3.55 12.48 19.63
CA SER F 112 -4.17 11.64 18.61
C SER F 112 -3.63 11.92 17.22
N THR F 113 -2.70 12.87 17.08
CA THR F 113 -2.17 13.22 15.78
C THR F 113 -1.32 12.08 15.23
N GLN F 114 -1.63 11.66 14.01
CA GLN F 114 -0.79 10.72 13.28
C GLN F 114 0.12 11.41 12.28
N SER F 115 -0.37 12.45 11.60
CA SER F 115 0.42 13.30 10.72
C SER F 115 1.27 12.47 9.76
N GLY F 116 0.59 11.70 8.93
CA GLY F 116 1.24 10.77 8.03
C GLY F 116 1.55 9.45 8.70
N ARG F 117 1.93 8.48 7.88
CA ARG F 117 2.22 7.14 8.36
C ARG F 117 3.39 6.55 7.57
N PRO F 118 4.22 5.74 8.21
CA PRO F 118 5.34 5.13 7.50
C PRO F 118 4.88 4.00 6.59
N GLY F 119 5.78 3.61 5.68
CA GLY F 119 5.47 2.55 4.75
C GLY F 119 5.90 1.18 5.24
N THR F 120 7.06 1.11 5.87
CA THR F 120 7.62 -0.16 6.32
C THR F 120 8.13 -0.01 7.75
N ILE F 121 8.28 -1.15 8.42
CA ILE F 121 8.80 -1.15 9.79
C ILE F 121 10.20 -0.56 9.82
N GLU F 122 11.00 -0.84 8.78
CA GLU F 122 12.36 -0.31 8.75
C GLU F 122 12.36 1.20 8.68
N GLN F 123 11.55 1.78 7.80
CA GLN F 123 11.47 3.24 7.73
C GLN F 123 11.00 3.84 9.04
N ALA F 124 10.01 3.22 9.67
CA ALA F 124 9.50 3.74 10.93
C ALA F 124 10.53 3.65 12.05
N ILE F 125 11.39 2.63 12.01
CA ILE F 125 12.42 2.49 13.03
C ILE F 125 13.57 3.46 12.77
N LYS F 126 14.03 3.52 11.52
CA LYS F 126 15.21 4.32 11.15
C LYS F 126 14.91 5.80 10.99
N THR F 127 13.77 6.29 11.46
CA THR F 127 13.44 7.70 11.51
C THR F 127 13.42 8.19 12.95
N PRO F 128 13.34 9.49 13.17
CA PRO F 128 13.18 9.99 14.54
C PRO F 128 11.95 9.39 15.21
N ARG F 129 12.08 9.14 16.52
CA ARG F 129 11.02 8.45 17.25
C ARG F 129 9.74 9.29 17.35
N THR F 130 9.84 10.60 17.19
CA THR F 130 8.70 11.50 17.33
C THR F 130 8.40 12.24 16.03
N ALA F 131 8.46 11.52 14.91
CA ALA F 131 8.18 12.09 13.60
C ALA F 131 6.82 11.65 13.06
N TYR F 132 6.12 10.76 13.74
CA TYR F 132 4.77 10.36 13.35
C TYR F 132 3.77 10.47 14.49
N THR F 133 4.17 10.95 15.66
CA THR F 133 3.28 11.06 16.80
C THR F 133 3.79 12.19 17.69
N ALA F 134 2.89 12.71 18.53
CA ALA F 134 3.28 13.74 19.48
C ALA F 134 4.24 13.21 20.53
N ARG F 135 4.28 11.90 20.72
CA ARG F 135 5.19 11.25 21.64
C ARG F 135 5.97 10.16 20.89
N PRO F 136 7.16 9.79 21.39
CA PRO F 136 7.93 8.73 20.73
C PRO F 136 7.14 7.44 20.61
N ILE F 137 7.17 6.87 19.41
CA ILE F 137 6.43 5.64 19.10
C ILE F 137 6.81 4.44 19.95
N ALA F 138 5.83 3.55 20.11
CA ALA F 138 6.01 2.33 20.87
C ALA F 138 5.49 1.16 20.05
N SER F 139 6.05 -0.02 20.27
CA SER F 139 5.63 -1.20 19.53
C SER F 139 4.17 -1.54 19.80
N SER F 140 3.76 -1.43 21.06
CA SER F 140 2.38 -1.73 21.44
C SER F 140 1.71 -0.55 22.13
N SER F 141 0.50 -0.22 21.69
CA SER F 141 -0.25 0.89 22.27
C SER F 141 -1.18 0.40 23.38
N GLY F 158 2.58 -0.31 49.16
CA GLY F 158 2.17 -1.47 48.40
C GLY F 158 0.97 -1.22 47.52
N PRO F 159 0.48 -2.25 46.85
CA PRO F 159 -0.70 -2.08 45.98
C PRO F 159 -1.97 -2.04 46.80
N PHE F 160 -2.90 -1.19 46.36
CA PHE F 160 -4.15 -1.01 47.09
C PHE F 160 -4.98 -2.29 47.06
N ILE F 161 -5.25 -2.81 45.87
CA ILE F 161 -6.00 -4.04 45.71
C ILE F 161 -5.33 -4.90 44.65
N ASN F 162 -5.15 -6.18 44.94
CA ASN F 162 -4.57 -7.13 44.00
C ASN F 162 -5.69 -7.68 43.14
N LEU F 163 -5.53 -7.55 41.83
CA LEU F 163 -6.61 -7.88 40.91
C LEU F 163 -6.93 -9.38 40.90
N SER F 164 -5.96 -10.22 41.26
CA SER F 164 -6.17 -11.66 41.23
C SER F 164 -6.84 -12.20 42.48
N ARG F 165 -7.25 -11.35 43.42
CA ARG F 165 -7.80 -11.83 44.68
C ARG F 165 -9.31 -11.67 44.76
N LEU F 166 -9.87 -10.66 44.10
CA LEU F 166 -11.29 -10.36 44.20
C LEU F 166 -12.08 -11.12 43.15
N ASN F 167 -13.28 -11.56 43.53
CA ASN F 167 -14.18 -12.28 42.65
C ASN F 167 -15.10 -11.27 41.99
N LEU F 168 -14.80 -10.93 40.74
CA LEU F 168 -15.60 -9.93 40.02
C LEU F 168 -17.06 -10.33 39.91
N ALA F 169 -17.39 -11.61 40.09
CA ALA F 169 -18.78 -12.03 40.05
C ALA F 169 -19.58 -11.56 41.26
N LYS F 170 -18.91 -11.12 42.32
CA LYS F 170 -19.59 -10.61 43.51
C LYS F 170 -19.63 -9.10 43.58
N TYR F 171 -18.60 -8.42 43.07
CA TYR F 171 -18.65 -6.97 42.96
C TYR F 171 -19.57 -6.53 41.82
N ALA F 172 -19.84 -7.41 40.86
CA ALA F 172 -20.76 -7.05 39.77
C ALA F 172 -22.18 -6.93 40.27
N GLN F 173 -22.53 -7.63 41.34
CA GLN F 173 -23.88 -7.54 41.89
C GLN F 173 -24.15 -6.16 42.47
N LYS F 174 -23.13 -5.51 43.02
CA LYS F 174 -23.25 -4.20 43.63
C LYS F 174 -22.79 -3.15 42.63
N PRO F 175 -23.68 -2.48 41.90
CA PRO F 175 -23.24 -1.52 40.89
C PRO F 175 -22.50 -0.32 41.49
N LYS F 176 -22.90 0.12 42.68
CA LYS F 176 -22.22 1.25 43.32
C LYS F 176 -20.74 0.98 43.51
N LEU F 177 -20.40 -0.26 43.83
CA LEU F 177 -18.99 -0.64 43.92
C LEU F 177 -18.42 -0.95 42.54
N ALA F 178 -19.24 -1.57 41.67
CA ALA F 178 -18.73 -2.07 40.40
C ALA F 178 -18.28 -0.95 39.49
N LYS F 179 -18.97 0.19 39.50
CA LYS F 179 -18.61 1.27 38.59
C LYS F 179 -17.24 1.86 38.94
N ALA F 180 -17.05 2.22 40.22
CA ALA F 180 -15.77 2.75 40.64
C ALA F 180 -14.67 1.71 40.52
N LEU F 181 -14.98 0.43 40.78
CA LEU F 181 -13.98 -0.61 40.65
C LEU F 181 -13.54 -0.79 39.21
N PHE F 182 -14.48 -0.73 38.27
CA PHE F 182 -14.11 -0.81 36.86
C PHE F 182 -13.29 0.39 36.44
N GLU F 183 -13.67 1.59 36.87
CA GLU F 183 -12.87 2.76 36.54
C GLU F 183 -11.45 2.62 37.09
N TYR F 184 -11.32 2.06 38.28
CA TYR F 184 -9.99 1.81 38.86
C TYR F 184 -9.20 0.83 38.01
N ILE F 185 -9.79 -0.32 37.71
CA ILE F 185 -9.09 -1.36 36.95
C ILE F 185 -8.68 -0.84 35.57
N PHE F 186 -9.54 -0.03 34.95
CA PHE F 186 -9.31 0.37 33.58
C PHE F 186 -8.32 1.54 33.49
N HIS F 187 -8.50 2.58 34.30
CA HIS F 187 -7.71 3.79 34.14
C HIS F 187 -6.49 3.85 35.05
N HIS F 188 -6.49 3.12 36.16
CA HIS F 188 -5.33 3.09 37.05
C HIS F 188 -4.40 1.92 36.73
N GLU F 189 -4.94 0.70 36.78
CA GLU F 189 -4.12 -0.49 36.59
C GLU F 189 -3.93 -0.86 35.13
N ASN F 190 -4.84 -0.44 34.25
CA ASN F 190 -4.77 -0.74 32.82
C ASN F 190 -4.78 -2.25 32.57
N ASP F 191 -5.77 -2.91 33.16
CA ASP F 191 -5.97 -4.35 33.00
C ASP F 191 -7.25 -4.54 32.20
N VAL F 192 -7.12 -4.55 30.86
CA VAL F 192 -8.29 -4.53 30.00
C VAL F 192 -9.07 -5.83 30.08
N LYS F 193 -8.38 -6.95 30.32
CA LYS F 193 -9.09 -8.24 30.33
C LYS F 193 -9.94 -8.40 31.57
N THR F 194 -9.37 -8.12 32.76
CA THR F 194 -10.18 -8.18 33.97
C THR F 194 -11.25 -7.10 33.99
N ALA F 195 -10.92 -5.92 33.47
CA ALA F 195 -11.93 -4.87 33.32
C ALA F 195 -13.09 -5.35 32.46
N LEU F 196 -12.79 -6.04 31.35
CA LEU F 196 -13.85 -6.53 30.47
C LEU F 196 -14.65 -7.62 31.14
N ASP F 197 -13.99 -8.46 31.95
CA ASP F 197 -14.71 -9.49 32.69
C ASP F 197 -15.71 -8.84 33.65
N LEU F 198 -15.25 -7.86 34.41
CA LEU F 198 -16.12 -7.15 35.35
C LEU F 198 -17.26 -6.46 34.60
N ALA F 199 -16.95 -5.81 33.49
CA ALA F 199 -17.97 -5.09 32.74
C ALA F 199 -18.99 -6.02 32.12
N ALA F 200 -18.56 -7.22 31.69
CA ALA F 200 -19.50 -8.19 31.15
C ALA F 200 -20.44 -8.70 32.24
N LEU F 201 -19.88 -9.06 33.39
CA LEU F 201 -20.73 -9.50 34.49
C LEU F 201 -21.69 -8.40 34.93
N SER F 202 -21.22 -7.15 34.91
CA SER F 202 -22.09 -6.05 35.32
C SER F 202 -23.20 -5.82 34.30
N THR F 203 -22.86 -5.81 33.01
CA THR F 203 -23.87 -5.63 31.97
C THR F 203 -24.91 -6.74 32.01
N GLU F 204 -24.48 -7.98 32.26
CA GLU F 204 -25.47 -9.05 32.36
C GLU F 204 -26.28 -8.93 33.64
N HIS F 205 -25.73 -8.27 34.67
CA HIS F 205 -26.53 -8.01 35.86
C HIS F 205 -27.58 -6.94 35.62
N SER F 206 -27.30 -5.98 34.75
CA SER F 206 -28.24 -4.91 34.45
C SER F 206 -29.17 -5.24 33.28
N GLN F 207 -29.12 -6.49 32.79
CA GLN F 207 -29.95 -6.94 31.67
C GLN F 207 -29.79 -6.04 30.45
N TYR F 208 -28.57 -5.54 30.25
CA TYR F 208 -28.19 -4.82 29.04
C TYR F 208 -29.04 -3.57 28.82
N LYS F 209 -29.30 -2.82 29.90
CA LYS F 209 -30.19 -1.67 29.84
C LYS F 209 -29.55 -0.37 30.29
N ASP F 210 -28.24 -0.35 30.54
CA ASP F 210 -27.54 0.87 30.92
C ASP F 210 -26.43 1.14 29.92
N TRP F 211 -26.50 2.30 29.27
CA TRP F 211 -25.56 2.63 28.22
C TRP F 211 -24.12 2.75 28.71
N TRP F 212 -23.92 2.99 30.00
CA TRP F 212 -22.57 3.22 30.50
C TRP F 212 -21.73 1.95 30.41
N TRP F 213 -22.30 0.81 30.84
CA TRP F 213 -21.55 -0.44 30.76
C TRP F 213 -21.29 -0.83 29.30
N LYS F 214 -22.23 -0.52 28.42
CA LYS F 214 -22.01 -0.77 27.00
C LYS F 214 -20.85 0.06 26.47
N VAL F 215 -20.80 1.34 26.85
CA VAL F 215 -19.70 2.21 26.41
C VAL F 215 -18.38 1.70 26.96
N GLN F 216 -18.38 1.22 28.20
CA GLN F 216 -17.13 0.75 28.80
C GLN F 216 -16.65 -0.54 28.15
N ILE F 217 -17.56 -1.47 27.87
CA ILE F 217 -17.19 -2.68 27.14
C ILE F 217 -16.67 -2.31 25.75
N GLY F 218 -17.30 -1.33 25.10
CA GLY F 218 -16.82 -0.88 23.81
C GLY F 218 -15.43 -0.30 23.88
N LYS F 219 -15.11 0.40 24.97
CA LYS F 219 -13.76 0.95 25.12
C LYS F 219 -12.75 -0.16 25.36
N CYS F 220 -13.11 -1.13 26.21
CA CYS F 220 -12.26 -2.31 26.40
C CYS F 220 -11.95 -2.97 25.06
N TYR F 221 -12.98 -3.19 24.24
CA TYR F 221 -12.78 -3.75 22.92
C TYR F 221 -11.87 -2.87 22.07
N TYR F 222 -12.18 -1.57 22.01
CA TYR F 222 -11.45 -0.67 21.13
C TYR F 222 -9.97 -0.65 21.44
N ARG F 223 -9.59 -0.78 22.71
CA ARG F 223 -8.17 -0.85 23.03
C ARG F 223 -7.67 -2.27 23.15
N LEU F 224 -8.53 -3.27 22.94
CA LEU F 224 -8.05 -4.63 22.70
C LEU F 224 -7.73 -4.86 21.24
N GLY F 225 -8.33 -4.08 20.35
CA GLY F 225 -8.09 -4.21 18.93
C GLY F 225 -9.35 -4.45 18.12
N LEU F 226 -10.39 -4.95 18.77
CA LEU F 226 -11.64 -5.31 18.09
C LEU F 226 -12.47 -4.05 17.88
N TYR F 227 -12.47 -3.53 16.66
CA TYR F 227 -13.18 -2.30 16.38
C TYR F 227 -14.66 -2.54 16.12
N ARG F 228 -15.00 -3.49 15.26
CA ARG F 228 -16.40 -3.78 14.96
C ARG F 228 -17.14 -4.24 16.22
N GLU F 229 -16.50 -5.09 17.02
CA GLU F 229 -17.11 -5.51 18.28
C GLU F 229 -17.28 -4.36 19.26
N ALA F 230 -16.56 -3.26 19.06
CA ALA F 230 -16.73 -2.05 19.85
C ALA F 230 -17.76 -1.11 19.23
N GLU F 231 -17.77 -1.00 17.91
CA GLU F 231 -18.79 -0.22 17.23
C GLU F 231 -20.18 -0.77 17.52
N LYS F 232 -20.30 -2.09 17.68
CA LYS F 232 -21.59 -2.67 18.05
C LYS F 232 -22.08 -2.11 19.38
N GLN F 233 -21.20 -2.11 20.40
CA GLN F 233 -21.61 -1.62 21.71
C GLN F 233 -21.87 -0.13 21.70
N PHE F 234 -21.07 0.63 20.93
CA PHE F 234 -21.30 2.07 20.87
C PHE F 234 -22.62 2.40 20.18
N LYS F 235 -22.97 1.67 19.11
CA LYS F 235 -24.26 1.84 18.47
C LYS F 235 -25.39 1.48 19.42
N SER F 236 -25.26 0.35 20.12
CA SER F 236 -26.29 -0.05 21.07
C SER F 236 -26.40 0.90 22.24
N ALA F 237 -25.33 1.64 22.54
CA ALA F 237 -25.39 2.66 23.58
C ALA F 237 -26.02 3.94 23.08
N LEU F 238 -25.78 4.30 21.82
CA LEU F 238 -26.47 5.44 21.23
C LEU F 238 -27.97 5.19 21.16
N LYS F 239 -28.36 3.94 20.91
CA LYS F 239 -29.79 3.64 20.88
C LYS F 239 -30.44 3.85 22.25
N GLN F 240 -29.71 3.56 23.33
CA GLN F 240 -30.25 3.77 24.67
C GLN F 240 -30.45 5.25 24.95
N GLN F 241 -29.36 6.04 24.87
CA GLN F 241 -29.42 7.45 25.25
C GLN F 241 -28.29 8.19 24.57
N GLU F 242 -28.64 9.18 23.75
CA GLU F 242 -27.63 9.97 23.04
C GLU F 242 -26.78 10.76 24.03
N MET F 243 -25.47 10.65 23.88
CA MET F 243 -24.51 11.39 24.69
C MET F 243 -23.34 11.76 23.80
N VAL F 244 -22.72 12.91 24.09
CA VAL F 244 -21.56 13.34 23.31
C VAL F 244 -20.43 12.31 23.40
N ASP F 245 -20.34 11.62 24.54
CA ASP F 245 -19.29 10.63 24.73
C ASP F 245 -19.37 9.53 23.68
N THR F 246 -20.55 8.91 23.54
CA THR F 246 -20.70 7.82 22.59
C THR F 246 -20.50 8.28 21.15
N PHE F 247 -20.90 9.51 20.84
CA PHE F 247 -20.67 10.04 19.50
C PHE F 247 -19.18 10.15 19.21
N LEU F 248 -18.41 10.69 20.14
CA LEU F 248 -16.97 10.78 19.93
C LEU F 248 -16.32 9.40 19.88
N TYR F 249 -16.84 8.44 20.66
CA TYR F 249 -16.31 7.09 20.63
C TYR F 249 -16.53 6.44 19.28
N LEU F 250 -17.75 6.54 18.73
CA LEU F 250 -17.98 6.03 17.39
C LEU F 250 -17.12 6.76 16.36
N ALA F 251 -16.89 8.06 16.57
CA ALA F 251 -16.01 8.78 15.65
C ALA F 251 -14.62 8.19 15.64
N LYS F 252 -14.07 7.89 16.82
CA LYS F 252 -12.78 7.23 16.91
C LYS F 252 -12.80 5.88 16.20
N VAL F 253 -13.84 5.09 16.47
CA VAL F 253 -13.93 3.75 15.86
C VAL F 253 -13.93 3.86 14.34
N TYR F 254 -14.73 4.77 13.79
CA TYR F 254 -14.83 4.92 12.35
C TYR F 254 -13.54 5.44 11.75
N ILE F 255 -12.86 6.35 12.44
CA ILE F 255 -11.58 6.84 11.95
C ILE F 255 -10.54 5.73 11.98
N SER F 256 -10.65 4.80 12.93
CA SER F 256 -9.73 3.68 12.98
C SER F 256 -9.92 2.73 11.81
N LEU F 257 -11.15 2.56 11.34
CA LEU F 257 -11.43 1.77 10.16
C LEU F 257 -11.24 2.54 8.86
N ASP F 258 -10.62 3.72 8.93
CA ASP F 258 -10.38 4.58 7.77
C ASP F 258 -11.68 4.84 7.01
N GLN F 259 -12.60 5.51 7.69
CA GLN F 259 -13.89 5.89 7.11
C GLN F 259 -14.24 7.29 7.54
N PRO F 260 -13.63 8.30 6.90
CA PRO F 260 -13.94 9.70 7.29
C PRO F 260 -15.38 10.08 7.02
N LEU F 261 -15.91 9.73 5.85
CA LEU F 261 -17.23 10.19 5.46
C LEU F 261 -18.34 9.54 6.27
N THR F 262 -18.05 8.42 6.95
CA THR F 262 -19.02 7.89 7.90
C THR F 262 -18.97 8.68 9.21
N ALA F 263 -17.77 9.04 9.64
CA ALA F 263 -17.62 9.82 10.86
C ALA F 263 -18.24 11.19 10.71
N LEU F 264 -18.12 11.80 9.53
CA LEU F 264 -18.72 13.12 9.32
C LEU F 264 -20.23 13.06 9.35
N ASN F 265 -20.82 12.04 8.72
CA ASN F 265 -22.27 11.87 8.78
C ASN F 265 -22.72 11.63 10.22
N LEU F 266 -21.96 10.84 10.97
CA LEU F 266 -22.30 10.60 12.37
C LEU F 266 -22.19 11.87 13.20
N PHE F 267 -21.20 12.70 12.90
CA PHE F 267 -21.04 13.97 13.63
C PHE F 267 -22.18 14.92 13.33
N LYS F 268 -22.60 14.99 12.06
CA LYS F 268 -23.73 15.86 11.73
C LYS F 268 -25.03 15.33 12.33
N GLN F 269 -25.15 14.00 12.46
CA GLN F 269 -26.27 13.43 13.20
C GLN F 269 -26.23 13.86 14.67
N GLY F 270 -25.06 13.78 15.29
CA GLY F 270 -24.92 14.23 16.67
C GLY F 270 -25.26 15.70 16.84
N LEU F 271 -24.80 16.53 15.91
CA LEU F 271 -25.15 17.95 15.96
C LEU F 271 -26.64 18.18 15.73
N ASP F 272 -27.29 17.31 14.95
CA ASP F 272 -28.74 17.34 14.91
C ASP F 272 -29.34 17.02 16.26
N LYS F 273 -28.69 16.15 17.04
CA LYS F 273 -29.16 15.89 18.40
C LYS F 273 -28.77 17.03 19.34
N PHE F 274 -27.48 17.36 19.42
CA PHE F 274 -26.99 18.47 20.23
C PHE F 274 -26.65 19.64 19.32
N PRO F 275 -27.48 20.69 19.27
CA PRO F 275 -27.41 21.63 18.16
C PRO F 275 -26.12 22.43 18.08
N GLY F 276 -25.40 22.62 19.18
CA GLY F 276 -24.24 23.49 19.13
C GLY F 276 -23.03 22.98 19.89
N GLU F 277 -22.84 21.66 19.91
CA GLU F 277 -21.75 21.08 20.66
C GLU F 277 -20.40 21.48 20.06
N VAL F 278 -19.45 21.77 20.93
CA VAL F 278 -18.14 22.25 20.49
C VAL F 278 -17.21 21.09 20.15
N THR F 279 -17.28 19.99 20.92
CA THR F 279 -16.43 18.84 20.63
C THR F 279 -16.79 18.20 19.30
N LEU F 280 -18.07 18.18 18.93
CA LEU F 280 -18.47 17.59 17.66
C LEU F 280 -17.98 18.43 16.49
N LEU F 281 -18.16 19.76 16.57
CA LEU F 281 -17.65 20.64 15.53
C LEU F 281 -16.14 20.55 15.43
N CYS F 282 -15.46 20.41 16.56
CA CYS F 282 -14.00 20.30 16.55
C CYS F 282 -13.57 18.97 15.95
N GLY F 283 -14.32 17.90 16.17
CA GLY F 283 -14.00 16.64 15.53
C GLY F 283 -14.21 16.68 14.03
N ILE F 284 -15.28 17.35 13.58
CA ILE F 284 -15.49 17.55 12.15
C ILE F 284 -14.31 18.31 11.56
N ALA F 285 -13.86 19.36 12.24
CA ALA F 285 -12.75 20.15 11.72
C ALA F 285 -11.46 19.34 11.71
N ARG F 286 -11.23 18.52 12.74
CA ARG F 286 -10.05 17.66 12.75
C ARG F 286 -10.07 16.69 11.58
N ILE F 287 -11.23 16.10 11.29
CA ILE F 287 -11.33 15.17 10.17
C ILE F 287 -11.09 15.90 8.85
N TYR F 288 -11.63 17.11 8.72
CA TYR F 288 -11.41 17.86 7.49
C TYR F 288 -9.96 18.27 7.32
N GLU F 289 -9.24 18.52 8.42
CA GLU F 289 -7.82 18.84 8.30
C GLU F 289 -6.97 17.60 8.04
N GLU F 290 -7.36 16.44 8.58
CA GLU F 290 -6.65 15.21 8.24
C GLU F 290 -6.80 14.90 6.75
N MET F 291 -8.01 15.08 6.21
CA MET F 291 -8.21 14.95 4.77
C MET F 291 -7.59 16.09 3.99
N ASN F 292 -7.10 17.13 4.68
CA ASN F 292 -6.39 18.26 4.07
C ASN F 292 -7.25 18.95 3.02
N ASN F 293 -8.40 19.47 3.47
CA ASN F 293 -9.13 20.50 2.73
C ASN F 293 -9.47 21.58 3.76
N ILE F 294 -8.55 22.55 3.89
CA ILE F 294 -8.62 23.52 4.96
C ILE F 294 -9.83 24.44 4.79
N SER F 295 -10.32 24.59 3.56
CA SER F 295 -11.42 25.52 3.30
C SER F 295 -12.69 25.17 4.04
N SER F 296 -12.80 23.96 4.59
CA SER F 296 -13.93 23.60 5.44
C SER F 296 -13.54 23.47 6.91
N ALA F 297 -12.29 23.11 7.18
CA ALA F 297 -11.83 23.09 8.56
C ALA F 297 -11.84 24.50 9.17
N THR F 298 -11.52 25.52 8.37
CA THR F 298 -11.62 26.89 8.88
C THR F 298 -13.07 27.25 9.18
N GLU F 299 -14.00 26.84 8.32
CA GLU F 299 -15.42 27.11 8.57
C GLU F 299 -15.88 26.45 9.86
N TYR F 300 -15.47 25.20 10.09
CA TYR F 300 -15.92 24.52 11.30
C TYR F 300 -15.21 25.03 12.55
N TYR F 301 -13.94 25.44 12.44
CA TYR F 301 -13.29 26.09 13.56
C TYR F 301 -13.91 27.45 13.85
N LYS F 302 -14.40 28.14 12.83
CA LYS F 302 -15.12 29.39 13.05
C LYS F 302 -16.45 29.14 13.74
N GLU F 303 -17.11 28.03 13.43
CA GLU F 303 -18.30 27.67 14.20
C GLU F 303 -17.96 27.39 15.66
N VAL F 304 -16.87 26.66 15.89
CA VAL F 304 -16.39 26.42 17.25
C VAL F 304 -16.15 27.75 17.96
N LEU F 305 -15.57 28.71 17.25
CA LEU F 305 -15.31 30.02 17.83
C LEU F 305 -16.62 30.75 18.17
N LYS F 306 -17.56 30.74 17.23
CA LYS F 306 -18.89 31.29 17.49
C LYS F 306 -19.54 30.65 18.70
N GLN F 307 -19.16 29.43 19.05
CA GLN F 307 -19.70 28.80 20.24
C GLN F 307 -18.85 29.08 21.48
N ASP F 308 -17.53 28.92 21.38
CA ASP F 308 -16.66 28.97 22.55
C ASP F 308 -15.93 30.31 22.67
N ASN F 309 -15.18 30.70 21.65
CA ASN F 309 -14.34 31.90 21.58
C ASN F 309 -13.17 31.89 22.55
N THR F 310 -12.99 30.84 23.34
CA THR F 310 -11.77 30.60 24.08
C THR F 310 -11.10 29.30 23.68
N HIS F 311 -11.67 28.57 22.73
CA HIS F 311 -11.14 27.29 22.28
C HIS F 311 -9.70 27.45 21.83
N VAL F 312 -8.79 26.75 22.53
CA VAL F 312 -7.37 26.86 22.19
C VAL F 312 -7.11 26.23 20.83
N GLU F 313 -7.81 25.13 20.51
CA GLU F 313 -7.56 24.42 19.27
C GLU F 313 -7.94 25.27 18.06
N ALA F 314 -9.18 25.72 18.00
CA ALA F 314 -9.64 26.49 16.84
C ALA F 314 -8.87 27.80 16.73
N ILE F 315 -8.60 28.45 17.85
CA ILE F 315 -7.89 29.72 17.82
C ILE F 315 -6.48 29.51 17.31
N ALA F 316 -5.78 28.49 17.80
CA ALA F 316 -4.42 28.22 17.34
C ALA F 316 -4.39 27.87 15.86
N CYS F 317 -5.35 27.05 15.40
CA CYS F 317 -5.36 26.64 14.00
C CYS F 317 -5.63 27.81 13.08
N ILE F 318 -6.69 28.58 13.35
CA ILE F 318 -6.98 29.74 12.51
C ILE F 318 -5.86 30.76 12.60
N GLY F 319 -5.20 30.88 13.76
CA GLY F 319 -4.10 31.81 13.86
C GLY F 319 -2.92 31.40 13.00
N SER F 320 -2.54 30.12 13.05
CA SER F 320 -1.46 29.65 12.20
C SER F 320 -1.79 29.87 10.73
N ASN F 321 -2.99 29.46 10.31
CA ASN F 321 -3.38 29.65 8.92
C ASN F 321 -3.38 31.11 8.53
N HIS F 322 -3.75 32.00 9.45
CA HIS F 322 -3.72 33.43 9.14
C HIS F 322 -2.29 33.94 9.04
N PHE F 323 -1.38 33.38 9.83
CA PHE F 323 0.01 33.82 9.77
C PHE F 323 0.67 33.41 8.47
N TYR F 324 0.43 32.16 8.03
CA TYR F 324 1.19 31.65 6.91
C TYR F 324 0.64 32.12 5.56
N THR F 325 -0.66 32.40 5.48
CA THR F 325 -1.20 33.09 4.30
C THR F 325 -1.07 34.60 4.44
N ASP F 326 0.18 35.03 4.64
CA ASP F 326 0.63 36.43 4.64
C ASP F 326 -0.41 37.39 5.23
N GLN F 327 -0.92 37.03 6.41
CA GLN F 327 -1.78 37.91 7.20
C GLN F 327 -1.37 37.83 8.66
N PRO F 328 -0.15 38.26 8.99
CA PRO F 328 0.34 38.04 10.36
C PRO F 328 -0.33 38.90 11.41
N GLU F 329 -1.03 39.98 11.03
CA GLU F 329 -1.68 40.81 12.03
C GLU F 329 -2.93 40.13 12.58
N VAL F 330 -3.71 39.47 11.73
CA VAL F 330 -4.85 38.71 12.22
C VAL F 330 -4.41 37.55 13.09
N ALA F 331 -3.31 36.89 12.74
CA ALA F 331 -2.75 35.85 13.59
C ALA F 331 -2.27 36.41 14.91
N LEU F 332 -1.69 37.60 14.89
CA LEU F 332 -1.26 38.23 16.14
C LEU F 332 -2.46 38.52 17.02
N ARG F 333 -3.58 38.94 16.44
CA ARG F 333 -4.80 39.11 17.22
C ARG F 333 -5.27 37.78 17.81
N PHE F 334 -5.30 36.74 16.98
CA PHE F 334 -5.77 35.43 17.44
C PHE F 334 -4.90 34.87 18.55
N TYR F 335 -3.60 35.20 18.56
CA TYR F 335 -2.72 34.71 19.61
C TYR F 335 -2.71 35.63 20.83
N ARG F 336 -2.90 36.94 20.64
CA ARG F 336 -3.12 37.82 21.77
C ARG F 336 -4.38 37.43 22.53
N ARG F 337 -5.36 36.84 21.84
CA ARG F 337 -6.52 36.31 22.54
C ARG F 337 -6.13 35.24 23.54
N LEU F 338 -5.35 34.25 23.10
CA LEU F 338 -4.88 33.22 24.03
C LEU F 338 -4.02 33.81 25.13
N LEU F 339 -3.25 34.85 24.82
CA LEU F 339 -2.52 35.54 25.87
C LEU F 339 -3.47 36.17 26.89
N GLN F 340 -4.61 36.69 26.41
CA GLN F 340 -5.56 37.33 27.30
C GLN F 340 -6.27 36.34 28.20
N MET F 341 -6.33 35.07 27.80
CA MET F 341 -7.02 34.04 28.57
C MET F 341 -6.09 33.24 29.47
N GLY F 342 -5.02 33.86 29.96
CA GLY F 342 -4.20 33.23 30.97
C GLY F 342 -3.27 32.13 30.49
N VAL F 343 -3.26 31.80 29.20
CA VAL F 343 -2.34 30.81 28.70
C VAL F 343 -0.92 31.37 28.75
N TYR F 344 0.01 30.59 29.29
CA TYR F 344 1.37 31.05 29.59
C TYR F 344 2.33 29.90 29.25
N ASN F 345 2.83 29.88 28.01
CA ASN F 345 3.64 28.79 27.51
C ASN F 345 4.94 29.35 26.94
N CYS F 346 5.78 28.44 26.46
CA CYS F 346 6.89 28.83 25.59
C CYS F 346 6.44 28.92 24.14
N GLN F 347 5.54 28.04 23.73
CA GLN F 347 5.04 28.07 22.36
C GLN F 347 4.26 29.35 22.09
N LEU F 348 3.37 29.72 23.02
CA LEU F 348 2.54 30.89 22.79
C LEU F 348 3.38 32.17 22.65
N PHE F 349 4.43 32.30 23.45
CA PHE F 349 5.18 33.54 23.43
C PHE F 349 6.11 33.62 22.22
N ASN F 350 6.69 32.50 21.82
CA ASN F 350 7.43 32.49 20.56
C ASN F 350 6.51 32.80 19.38
N ASN F 351 5.30 32.26 19.40
CA ASN F 351 4.33 32.58 18.36
C ASN F 351 4.01 34.06 18.35
N LEU F 352 3.79 34.64 19.52
CA LEU F 352 3.54 36.08 19.63
C LEU F 352 4.71 36.88 19.10
N GLY F 353 5.94 36.39 19.33
CA GLY F 353 7.10 37.08 18.81
C GLY F 353 7.17 37.06 17.29
N LEU F 354 6.96 35.87 16.70
CA LEU F 354 6.93 35.77 15.25
C LEU F 354 5.86 36.68 14.66
N CYS F 355 4.67 36.67 15.26
CA CYS F 355 3.58 37.48 14.73
C CYS F 355 3.89 38.97 14.88
N CYS F 356 4.36 39.39 16.05
CA CYS F 356 4.68 40.80 16.27
C CYS F 356 5.74 41.28 15.30
N PHE F 357 6.78 40.48 15.06
CA PHE F 357 7.82 40.90 14.13
C PHE F 357 7.31 40.95 12.70
N TYR F 358 6.60 39.91 12.28
CA TYR F 358 6.14 39.86 10.89
C TYR F 358 4.90 40.72 10.64
N ALA F 359 4.14 41.04 11.68
CA ALA F 359 3.09 42.04 11.55
C ALA F 359 3.62 43.46 11.73
N GLN F 360 4.94 43.62 11.87
CA GLN F 360 5.56 44.93 11.99
C GLN F 360 5.14 45.65 13.27
N GLN F 361 5.29 44.98 14.40
CA GLN F 361 5.14 45.60 15.72
C GLN F 361 6.43 45.34 16.47
N TYR F 362 7.39 46.25 16.31
CA TYR F 362 8.75 46.03 16.76
C TYR F 362 8.95 46.32 18.25
N ASP F 363 7.92 46.79 18.95
CA ASP F 363 8.06 47.07 20.36
C ASP F 363 7.82 45.85 21.24
N MET F 364 6.88 44.99 20.85
CA MET F 364 6.53 43.80 21.61
C MET F 364 7.11 42.53 20.99
N THR F 365 8.13 42.65 20.16
CA THR F 365 8.65 41.49 19.44
C THR F 365 9.61 40.68 20.29
N LEU F 366 10.71 41.30 20.72
CA LEU F 366 11.80 40.54 21.33
C LEU F 366 11.52 40.20 22.79
N THR F 367 10.71 40.99 23.49
CA THR F 367 10.31 40.62 24.84
C THR F 367 9.50 39.34 24.85
N SER F 368 8.74 39.07 23.78
CA SER F 368 8.02 37.80 23.69
C SER F 368 8.99 36.64 23.53
N PHE F 369 10.02 36.80 22.70
CA PHE F 369 11.04 35.76 22.58
C PHE F 369 11.78 35.56 23.89
N GLU F 370 11.97 36.63 24.67
CA GLU F 370 12.61 36.48 25.97
C GLU F 370 11.73 35.69 26.93
N ARG F 371 10.43 36.01 26.99
CA ARG F 371 9.53 35.21 27.81
C ARG F 371 9.49 33.76 27.34
N ALA F 372 9.58 33.55 26.02
CA ALA F 372 9.62 32.19 25.49
C ALA F 372 10.84 31.44 26.00
N LEU F 373 12.04 31.99 25.76
CA LEU F 373 13.26 31.39 26.28
C LEU F 373 13.19 31.16 27.78
N SER F 374 12.47 32.02 28.50
CA SER F 374 12.30 31.82 29.93
C SER F 374 11.42 30.62 30.23
N LEU F 375 10.35 30.43 29.45
CA LEU F 375 9.33 29.45 29.75
C LEU F 375 9.63 28.07 29.18
N ALA F 376 10.73 27.90 28.45
CA ALA F 376 10.98 26.66 27.71
C ALA F 376 11.46 25.57 28.66
N GLU F 377 10.64 24.54 28.82
CA GLU F 377 10.98 23.38 29.65
C GLU F 377 11.54 22.22 28.83
N ASN F 378 12.55 22.48 28.01
CA ASN F 378 13.15 21.44 27.16
C ASN F 378 14.48 21.96 26.63
N GLU F 379 15.07 21.19 25.72
CA GLU F 379 16.20 21.63 24.92
C GLU F 379 15.85 21.80 23.45
N GLU F 380 14.73 21.25 23.01
CA GLU F 380 14.23 21.49 21.67
C GLU F 380 13.41 22.76 21.57
N GLU F 381 12.66 23.09 22.62
CA GLU F 381 11.95 24.36 22.64
C GLU F 381 12.92 25.53 22.64
N VAL F 382 13.99 25.43 23.45
CA VAL F 382 15.01 26.48 23.46
C VAL F 382 15.65 26.60 22.09
N ALA F 383 15.90 25.47 21.44
CA ALA F 383 16.51 25.51 20.12
C ALA F 383 15.58 26.16 19.10
N ASP F 384 14.28 25.89 19.19
CA ASP F 384 13.34 26.51 18.25
C ASP F 384 13.23 28.01 18.50
N VAL F 385 13.28 28.43 19.77
CA VAL F 385 13.23 29.86 20.06
C VAL F 385 14.49 30.55 19.55
N TRP F 386 15.64 29.89 19.67
CA TRP F 386 16.87 30.49 19.15
C TRP F 386 16.87 30.51 17.62
N TYR F 387 16.29 29.48 17.00
CA TYR F 387 16.10 29.48 15.55
C TYR F 387 15.27 30.67 15.10
N ASN F 388 14.15 30.90 15.79
CA ASN F 388 13.29 32.01 15.41
C ASN F 388 13.94 33.36 15.70
N LEU F 389 14.74 33.44 16.77
CA LEU F 389 15.49 34.66 17.02
C LEU F 389 16.51 34.91 15.92
N GLY F 390 17.12 33.84 15.40
CA GLY F 390 17.99 33.99 14.24
C GLY F 390 17.25 34.45 13.01
N HIS F 391 16.01 34.00 12.84
CA HIS F 391 15.18 34.51 11.75
C HIS F 391 14.92 36.00 11.91
N VAL F 392 14.57 36.43 13.13
CA VAL F 392 14.41 37.85 13.41
C VAL F 392 15.69 38.61 13.07
N ALA F 393 16.83 38.08 13.51
CA ALA F 393 18.10 38.76 13.28
C ALA F 393 18.41 38.88 11.79
N VAL F 394 18.22 37.80 11.02
CA VAL F 394 18.52 37.86 9.61
C VAL F 394 17.51 38.72 8.86
N GLY F 395 16.31 38.88 9.40
CA GLY F 395 15.40 39.88 8.86
C GLY F 395 15.84 41.30 9.19
N THR F 396 16.58 41.46 10.28
CA THR F 396 17.12 42.77 10.64
C THR F 396 18.41 43.09 9.89
N GLY F 397 19.06 42.10 9.30
CA GLY F 397 20.39 42.27 8.75
C GLY F 397 21.40 41.52 9.59
N ASP F 398 22.51 42.18 9.92
CA ASP F 398 23.48 41.73 10.93
C ASP F 398 23.63 40.21 11.00
N THR F 399 24.03 39.61 9.87
CA THR F 399 24.06 38.16 9.75
C THR F 399 24.88 37.46 10.84
N ASN F 400 25.71 38.20 11.59
CA ASN F 400 26.48 37.59 12.65
C ASN F 400 25.59 37.16 13.81
N LEU F 401 24.63 37.99 14.17
CA LEU F 401 23.70 37.62 15.23
C LEU F 401 22.90 36.39 14.85
N ALA F 402 22.43 36.32 13.60
CA ALA F 402 21.71 35.14 13.16
C ALA F 402 22.63 33.92 13.12
N HIS F 403 23.89 34.12 12.76
CA HIS F 403 24.88 33.05 12.82
C HIS F 403 24.96 32.47 14.23
N GLN F 404 25.09 33.34 15.22
CA GLN F 404 25.16 32.89 16.60
C GLN F 404 23.88 32.20 17.03
N CYS F 405 22.72 32.73 16.62
CA CYS F 405 21.46 32.12 17.03
C CYS F 405 21.27 30.74 16.42
N PHE F 406 21.65 30.57 15.15
CA PHE F 406 21.57 29.25 14.53
C PHE F 406 22.54 28.27 15.17
N ARG F 407 23.76 28.73 15.49
CA ARG F 407 24.70 27.85 16.16
C ARG F 407 24.21 27.47 17.54
N LEU F 408 23.50 28.36 18.22
CA LEU F 408 22.95 28.02 19.53
C LEU F 408 21.78 27.06 19.40
N ALA F 409 20.96 27.21 18.35
CA ALA F 409 19.92 26.23 18.08
C ALA F 409 20.52 24.86 17.85
N LEU F 410 21.68 24.80 17.20
CA LEU F 410 22.38 23.54 17.03
C LEU F 410 22.91 23.01 18.36
N VAL F 411 23.48 23.91 19.16
CA VAL F 411 24.05 23.54 20.45
C VAL F 411 22.98 23.00 21.42
N SER F 412 21.74 23.42 21.22
CA SER F 412 20.64 23.00 22.07
C SER F 412 20.02 21.70 21.56
N ASN F 413 19.80 21.64 20.26
CA ASN F 413 19.20 20.45 19.63
C ASN F 413 20.10 20.10 18.45
N ASN F 414 20.90 19.04 18.62
CA ASN F 414 21.86 18.67 17.58
C ASN F 414 21.17 18.24 16.30
N GLN F 415 20.00 17.63 16.41
CA GLN F 415 19.24 17.18 15.23
C GLN F 415 18.19 18.21 14.83
N HIS F 416 18.66 19.41 14.52
CA HIS F 416 17.82 20.53 14.08
C HIS F 416 18.23 20.89 12.67
N ALA F 417 17.49 20.36 11.68
CA ALA F 417 17.93 20.46 10.30
C ALA F 417 17.77 21.86 9.73
N GLU F 418 16.75 22.59 10.15
CA GLU F 418 16.56 23.95 9.65
C GLU F 418 17.72 24.85 10.06
N ALA F 419 18.22 24.68 11.28
CA ALA F 419 19.38 25.44 11.72
C ALA F 419 20.60 25.13 10.86
N TYR F 420 20.80 23.84 10.54
CA TYR F 420 21.89 23.47 9.64
C TYR F 420 21.75 24.15 8.29
N ASN F 421 20.55 24.11 7.71
CA ASN F 421 20.34 24.69 6.38
C ASN F 421 20.60 26.19 6.40
N ASN F 422 20.05 26.90 7.39
CA ASN F 422 20.21 28.34 7.43
C ASN F 422 21.65 28.74 7.72
N LEU F 423 22.31 28.01 8.61
CA LEU F 423 23.71 28.29 8.90
C LEU F 423 24.59 28.01 7.69
N ALA F 424 24.25 27.01 6.88
CA ALA F 424 24.98 26.78 5.64
C ALA F 424 24.72 27.87 4.62
N VAL F 425 23.49 28.39 4.57
CA VAL F 425 23.21 29.52 3.70
C VAL F 425 24.05 30.72 4.09
N LEU F 426 24.13 31.01 5.39
CA LEU F 426 24.96 32.13 5.84
C LEU F 426 26.44 31.88 5.60
N GLU F 427 26.90 30.63 5.75
CA GLU F 427 28.28 30.30 5.47
C GLU F 427 28.62 30.55 4.00
N MET F 428 27.81 30.01 3.09
CA MET F 428 28.03 30.27 1.67
C MET F 428 27.88 31.76 1.34
N ARG F 429 27.09 32.50 2.11
CA ARG F 429 27.09 33.95 2.00
C ARG F 429 28.45 34.52 2.33
N ARG F 430 29.08 34.01 3.39
CA ARG F 430 30.43 34.43 3.74
C ARG F 430 31.44 34.00 2.67
N GLY F 431 31.35 32.74 2.23
CA GLY F 431 32.24 32.25 1.20
C GLY F 431 32.69 30.82 1.40
N HIS F 432 32.55 30.30 2.62
CA HIS F 432 33.05 28.97 2.93
C HIS F 432 32.16 27.90 2.32
N VAL F 433 32.54 27.41 1.13
CA VAL F 433 31.67 26.52 0.37
C VAL F 433 31.63 25.13 1.00
N GLU F 434 32.78 24.63 1.46
CA GLU F 434 32.81 23.27 1.99
C GLU F 434 32.02 23.14 3.28
N GLN F 435 32.09 24.16 4.14
CA GLN F 435 31.26 24.18 5.34
C GLN F 435 29.79 24.12 4.98
N ALA F 436 29.37 24.91 4.00
CA ALA F 436 27.98 24.92 3.58
C ALA F 436 27.58 23.56 3.02
N LYS F 437 28.45 22.95 2.23
CA LYS F 437 28.13 21.64 1.66
C LYS F 437 27.95 20.60 2.76
N ALA F 438 28.85 20.56 3.73
CA ALA F 438 28.74 19.59 4.82
C ALA F 438 27.48 19.83 5.65
N LEU F 439 27.17 21.10 5.93
CA LEU F 439 26.00 21.40 6.74
C LEU F 439 24.71 21.06 6.01
N LEU F 440 24.66 21.32 4.70
CA LEU F 440 23.48 20.97 3.93
C LEU F 440 23.33 19.46 3.82
N GLN F 441 24.45 18.73 3.72
CA GLN F 441 24.37 17.27 3.73
C GLN F 441 23.83 16.77 5.05
N THR F 442 24.27 17.36 6.16
CA THR F 442 23.73 16.97 7.47
C THR F 442 22.25 17.26 7.57
N ALA F 443 21.82 18.43 7.10
CA ALA F 443 20.40 18.78 7.14
C ALA F 443 19.58 17.80 6.32
N SER F 444 19.99 17.55 5.08
CA SER F 444 19.25 16.62 4.22
C SER F 444 19.33 15.19 4.72
N SER F 445 20.31 14.86 5.55
CA SER F 445 20.34 13.53 6.16
C SER F 445 19.37 13.44 7.33
N LEU F 446 19.25 14.52 8.10
CA LEU F 446 18.34 14.51 9.25
C LEU F 446 16.88 14.55 8.80
N ALA F 447 16.55 15.47 7.89
CA ALA F 447 15.18 15.63 7.40
C ALA F 447 15.17 15.47 5.89
N PRO F 448 14.87 14.30 5.36
CA PRO F 448 14.81 14.12 3.91
C PRO F 448 13.55 14.72 3.31
N HIS F 449 12.50 14.81 4.12
CA HIS F 449 11.22 15.33 3.67
C HIS F 449 11.26 16.82 3.39
N MET F 450 12.29 17.54 3.84
CA MET F 450 12.43 18.95 3.53
C MET F 450 13.04 19.11 2.14
N TYR F 451 12.76 20.25 1.51
CA TYR F 451 13.22 20.49 0.16
C TYR F 451 14.34 21.52 0.06
N GLU F 452 14.53 22.36 1.08
CA GLU F 452 15.50 23.44 1.01
C GLU F 452 16.94 22.93 1.06
N PRO F 453 17.30 22.00 1.94
CA PRO F 453 18.68 21.51 1.93
C PRO F 453 19.06 20.84 0.61
N HIS F 454 18.16 20.03 0.05
CA HIS F 454 18.43 19.39 -1.24
C HIS F 454 18.61 20.43 -2.33
N PHE F 455 17.70 21.40 -2.40
CA PHE F 455 17.80 22.42 -3.44
C PHE F 455 19.07 23.22 -3.31
N ASN F 456 19.45 23.61 -2.09
CA ASN F 456 20.65 24.40 -1.91
C ASN F 456 21.90 23.61 -2.24
N PHE F 457 21.95 22.34 -1.82
CA PHE F 457 23.10 21.50 -2.17
C PHE F 457 23.22 21.34 -3.67
N ALA F 458 22.10 21.09 -4.36
CA ALA F 458 22.12 20.97 -5.81
C ALA F 458 22.58 22.28 -6.44
N THR F 459 22.12 23.41 -5.91
CA THR F 459 22.49 24.70 -6.47
C THR F 459 23.99 24.96 -6.35
N ILE F 460 24.55 24.75 -5.16
CA ILE F 460 25.97 25.02 -4.97
C ILE F 460 26.81 24.04 -5.79
N SER F 461 26.41 22.76 -5.83
CA SER F 461 27.11 21.79 -6.66
C SER F 461 27.13 22.24 -8.11
N ASP F 462 25.96 22.54 -8.68
CA ASP F 462 25.88 23.00 -10.06
C ASP F 462 26.72 24.26 -10.26
N LYS F 463 26.78 25.13 -9.25
CA LYS F 463 27.61 26.32 -9.36
C LYS F 463 29.08 25.95 -9.53
N ILE F 464 29.55 24.94 -8.78
CA ILE F 464 30.93 24.52 -8.94
C ILE F 464 31.10 23.41 -9.98
N GLY F 465 30.07 22.62 -10.25
CA GLY F 465 30.16 21.53 -11.20
C GLY F 465 29.37 20.32 -10.75
N ASP F 466 30.06 19.18 -10.66
CA ASP F 466 29.54 17.97 -10.02
C ASP F 466 28.07 17.72 -10.34
N LEU F 467 27.75 17.72 -11.64
CA LEU F 467 26.36 17.60 -12.06
C LEU F 467 25.72 16.31 -11.61
N GLN F 468 26.50 15.29 -11.26
CA GLN F 468 25.91 14.07 -10.71
C GLN F 468 25.29 14.33 -9.34
N ARG F 469 26.05 14.98 -8.45
CA ARG F 469 25.51 15.34 -7.15
C ARG F 469 24.37 16.33 -7.28
N SER F 470 24.48 17.27 -8.22
CA SER F 470 23.40 18.21 -8.48
C SER F 470 22.12 17.48 -8.89
N TYR F 471 22.25 16.46 -9.73
CA TYR F 471 21.06 15.71 -10.13
C TYR F 471 20.50 14.91 -8.97
N ALA F 472 21.37 14.21 -8.23
CA ALA F 472 20.91 13.41 -7.11
C ALA F 472 20.27 14.27 -6.01
N ALA F 473 20.62 15.55 -5.95
CA ALA F 473 20.02 16.43 -4.95
C ALA F 473 18.76 17.12 -5.47
N ALA F 474 18.77 17.58 -6.72
CA ALA F 474 17.58 18.22 -7.28
C ALA F 474 16.44 17.22 -7.44
N LYS F 475 16.75 15.95 -7.71
CA LYS F 475 15.69 14.96 -7.81
C LYS F 475 15.06 14.69 -6.45
N LYS F 476 15.86 14.71 -5.38
CA LYS F 476 15.29 14.57 -4.05
C LYS F 476 14.51 15.82 -3.65
N SER F 477 14.94 16.99 -4.10
CA SER F 477 14.15 18.20 -3.91
C SER F 477 12.79 18.07 -4.57
N GLU F 478 12.76 17.65 -5.84
CA GLU F 478 11.50 17.41 -6.52
C GLU F 478 10.68 16.32 -5.83
N ALA F 479 11.34 15.37 -5.19
CA ALA F 479 10.61 14.37 -4.43
C ALA F 479 10.00 14.96 -3.15
N ALA F 480 10.63 16.01 -2.61
CA ALA F 480 10.16 16.62 -1.37
C ALA F 480 9.07 17.67 -1.62
N PHE F 481 9.29 18.56 -2.58
CA PHE F 481 8.34 19.61 -2.93
C PHE F 481 8.13 19.50 -4.44
N PRO F 482 7.20 18.66 -4.88
CA PRO F 482 7.14 18.29 -6.30
C PRO F 482 6.63 19.38 -7.22
N ASP F 483 6.04 20.45 -6.69
CA ASP F 483 5.54 21.54 -7.51
C ASP F 483 6.45 22.75 -7.49
N HIS F 484 7.72 22.57 -7.10
CA HIS F 484 8.66 23.68 -7.10
C HIS F 484 8.91 24.15 -8.53
N VAL F 485 9.63 25.26 -8.66
CA VAL F 485 9.91 25.88 -9.95
C VAL F 485 11.40 25.84 -10.27
N ASP F 486 12.23 26.36 -9.36
CA ASP F 486 13.67 26.35 -9.59
C ASP F 486 14.21 24.93 -9.70
N THR F 487 13.62 23.99 -8.96
CA THR F 487 14.02 22.59 -9.09
C THR F 487 13.77 22.09 -10.50
N GLN F 488 12.66 22.49 -11.11
CA GLN F 488 12.35 22.06 -12.48
C GLN F 488 13.36 22.63 -13.47
N HIS F 489 13.70 23.90 -13.33
CA HIS F 489 14.70 24.48 -14.23
C HIS F 489 16.06 23.83 -14.04
N LEU F 490 16.41 23.51 -12.80
CA LEU F 490 17.66 22.82 -12.54
C LEU F 490 17.68 21.45 -13.19
N ILE F 491 16.58 20.70 -13.07
CA ILE F 491 16.52 19.37 -13.64
C ILE F 491 16.57 19.45 -15.17
N LYS F 492 15.91 20.43 -15.75
CA LYS F 492 15.96 20.60 -17.20
C LYS F 492 17.38 20.90 -17.67
N GLN F 493 18.07 21.84 -16.99
CA GLN F 493 19.44 22.14 -17.36
C GLN F 493 20.34 20.92 -17.23
N LEU F 494 20.17 20.15 -16.15
CA LEU F 494 21.01 18.97 -15.93
C LEU F 494 20.78 17.93 -17.02
N GLU F 495 19.52 17.53 -17.23
CA GLU F 495 19.20 16.58 -18.28
C GLU F 495 19.61 17.07 -19.66
N GLN F 496 19.72 18.40 -19.84
CA GLN F 496 20.25 18.91 -21.10
C GLN F 496 21.77 18.75 -21.17
N HIS F 497 22.46 18.93 -20.05
CA HIS F 497 23.90 18.73 -20.04
C HIS F 497 24.28 17.27 -20.29
N PHE F 498 23.36 16.35 -20.01
CA PHE F 498 23.63 14.92 -20.18
C PHE F 498 23.45 14.45 -21.62
N ALA F 499 23.44 15.36 -22.59
CA ALA F 499 23.27 14.98 -23.99
C ALA F 499 23.73 16.09 -24.93
N SER G 2 -7.13 44.32 30.76
CA SER G 2 -8.12 43.96 31.77
C SER G 2 -9.17 43.02 31.21
N LEU G 3 -9.17 42.86 29.89
CA LEU G 3 -10.19 42.08 29.23
C LEU G 3 -10.10 40.63 29.67
N PHE G 4 -11.25 40.05 30.02
CA PHE G 4 -11.37 38.64 30.43
C PHE G 4 -10.69 38.38 31.77
N LYS G 5 -10.56 39.39 32.61
CA LYS G 5 -10.17 39.22 34.00
C LYS G 5 -11.33 39.61 34.91
N ALA G 6 -11.32 39.06 36.11
CA ALA G 6 -12.35 39.37 37.11
C ALA G 6 -11.79 40.49 37.98
N ARG G 7 -12.06 41.73 37.56
CA ARG G 7 -11.56 42.89 38.29
C ARG G 7 -12.09 42.89 39.71
N ASP G 8 -11.27 43.39 40.62
CA ASP G 8 -11.47 43.20 42.05
C ASP G 8 -12.40 44.24 42.64
N TRP G 9 -13.16 43.79 43.64
CA TRP G 9 -14.04 44.62 44.45
C TRP G 9 -13.56 44.33 45.87
N TRP G 10 -14.33 44.69 46.89
CA TRP G 10 -13.97 44.33 48.26
C TRP G 10 -13.53 42.88 48.35
N SER G 11 -12.27 42.66 48.78
CA SER G 11 -11.69 41.33 48.83
C SER G 11 -10.94 41.15 50.14
N THR G 12 -10.80 39.90 50.58
CA THR G 12 -10.16 39.63 51.86
C THR G 12 -9.63 38.20 51.90
N VAL G 13 -8.76 37.94 52.88
CA VAL G 13 -8.34 36.59 53.25
C VAL G 13 -8.98 36.28 54.60
N LEU G 14 -9.39 35.03 54.80
CA LEU G 14 -10.35 34.75 55.86
C LEU G 14 -9.87 33.75 56.89
N GLY G 15 -8.66 33.93 57.43
CA GLY G 15 -8.27 33.16 58.58
C GLY G 15 -6.83 32.71 58.48
N ASP G 16 -6.51 31.70 59.28
CA ASP G 16 -5.16 31.16 59.42
C ASP G 16 -5.16 29.70 58.96
N LYS G 17 -4.95 29.51 57.65
CA LYS G 17 -4.95 28.19 57.03
C LYS G 17 -6.21 27.41 57.37
N GLU G 18 -7.35 28.09 57.31
CA GLU G 18 -8.63 27.45 57.52
C GLU G 18 -9.04 26.68 56.26
N GLU G 19 -10.16 25.98 56.33
CA GLU G 19 -10.63 25.19 55.19
C GLU G 19 -12.15 25.26 55.12
N PHE G 20 -12.66 25.52 53.92
CA PHE G 20 -14.08 25.64 53.63
C PHE G 20 -14.49 24.57 52.62
N ASP G 21 -15.75 24.62 52.20
CA ASP G 21 -16.28 23.73 51.18
C ASP G 21 -17.50 24.40 50.56
N GLN G 22 -18.30 23.63 49.83
CA GLN G 22 -19.57 24.16 49.35
C GLN G 22 -20.50 24.42 50.52
N GLY G 23 -21.53 25.23 50.26
CA GLY G 23 -22.50 25.55 51.29
C GLY G 23 -22.01 26.59 52.27
N CYS G 24 -20.69 26.74 52.37
CA CYS G 24 -20.11 27.74 53.26
C CYS G 24 -20.59 29.14 52.89
N LEU G 25 -20.28 29.56 51.67
CA LEU G 25 -20.65 30.90 51.21
C LEU G 25 -22.15 31.00 51.00
N CYS G 26 -22.80 31.82 51.83
CA CYS G 26 -24.20 32.18 51.65
C CYS G 26 -24.29 33.69 51.50
N LEU G 27 -25.36 34.15 50.86
CA LEU G 27 -25.46 35.56 50.49
C LEU G 27 -26.94 35.93 50.42
N ALA G 28 -27.42 36.61 51.45
CA ALA G 28 -28.82 37.00 51.54
C ALA G 28 -28.95 38.11 52.59
N ASP G 29 -30.18 38.40 52.98
CA ASP G 29 -30.47 39.35 54.06
C ASP G 29 -30.77 38.57 55.34
N VAL G 30 -29.71 38.15 56.01
CA VAL G 30 -29.86 37.58 57.34
C VAL G 30 -30.16 38.66 58.36
N ASP G 31 -29.87 39.92 58.04
CA ASP G 31 -30.17 41.04 58.90
C ASP G 31 -31.62 41.49 58.81
N ASN G 32 -32.36 41.03 57.80
CA ASN G 32 -33.77 41.34 57.63
C ASN G 32 -34.01 42.86 57.53
N THR G 33 -33.07 43.57 56.90
CA THR G 33 -33.26 45.01 56.68
C THR G 33 -34.39 45.26 55.70
N GLY G 34 -34.42 44.52 54.60
CA GLY G 34 -35.45 44.68 53.59
C GLY G 34 -35.09 45.60 52.45
N ASN G 35 -33.83 46.01 52.34
CA ASN G 35 -33.41 46.99 51.34
C ASN G 35 -32.89 46.35 50.06
N GLY G 36 -32.60 45.06 50.07
CA GLY G 36 -32.11 44.35 48.91
C GLY G 36 -30.62 44.03 48.95
N GLN G 37 -29.82 44.91 49.55
CA GLN G 37 -28.39 44.66 49.65
C GLN G 37 -28.13 43.43 50.50
N ASP G 38 -27.40 42.48 49.93
CA ASP G 38 -27.13 41.21 50.59
C ASP G 38 -25.94 41.35 51.54
N LYS G 39 -25.64 40.26 52.24
CA LYS G 39 -24.55 40.24 53.20
C LYS G 39 -23.87 38.88 53.15
N ILE G 40 -22.54 38.90 53.10
CA ILE G 40 -21.79 37.66 52.92
C ILE G 40 -21.73 36.90 54.24
N ILE G 41 -21.90 35.58 54.17
CA ILE G 41 -21.81 34.72 55.34
C ILE G 41 -20.95 33.52 54.99
N VAL G 42 -19.95 33.24 55.82
CA VAL G 42 -18.96 32.20 55.53
C VAL G 42 -18.66 31.43 56.82
N GLY G 43 -18.78 30.11 56.78
CA GLY G 43 -18.45 29.30 57.93
C GLY G 43 -17.60 28.10 57.59
N SER G 44 -16.40 28.04 58.14
CA SER G 44 -15.50 26.92 57.87
C SER G 44 -15.78 25.77 58.82
N PHE G 45 -15.30 24.59 58.46
CA PHE G 45 -15.29 23.50 59.41
C PHE G 45 -14.08 23.55 60.33
N MET G 46 -13.46 24.73 60.46
CA MET G 46 -12.57 25.03 61.56
C MET G 46 -13.32 25.60 62.76
N GLY G 47 -14.45 26.27 62.53
CA GLY G 47 -15.32 26.69 63.60
C GLY G 47 -15.90 28.08 63.49
N TYR G 48 -15.19 28.99 62.85
CA TYR G 48 -15.56 30.40 62.87
C TYR G 48 -16.66 30.69 61.85
N LEU G 49 -17.72 31.36 62.29
CA LEU G 49 -18.77 31.87 61.42
C LEU G 49 -18.62 33.38 61.31
N ARG G 50 -18.41 33.86 60.09
CA ARG G 50 -18.15 35.27 59.83
C ARG G 50 -19.22 35.84 58.90
N ILE G 51 -19.68 37.04 59.22
CA ILE G 51 -20.67 37.76 58.42
C ILE G 51 -20.13 39.15 58.12
N PHE G 52 -20.25 39.55 56.85
CA PHE G 52 -19.69 40.78 56.32
C PHE G 52 -20.76 41.57 55.58
N ASN G 53 -20.64 42.90 55.65
CA ASN G 53 -21.41 43.82 54.82
C ASN G 53 -20.40 44.68 54.08
N PRO G 54 -19.88 44.20 52.95
CA PRO G 54 -18.75 44.86 52.31
C PRO G 54 -19.10 46.20 51.69
N HIS G 55 -18.12 47.09 51.69
CA HIS G 55 -18.17 48.37 51.01
C HIS G 55 -16.91 48.55 50.18
N PRO G 56 -17.01 49.14 48.99
CA PRO G 56 -15.84 49.26 48.12
C PRO G 56 -14.80 50.22 48.67
N ALA G 63 -10.54 44.78 53.32
CA ALA G 63 -9.55 45.84 53.55
C ALA G 63 -9.99 46.77 54.67
N GLN G 64 -11.15 47.41 54.48
CA GLN G 64 -11.67 48.33 55.49
C GLN G 64 -12.11 47.56 56.73
N ALA G 65 -11.95 48.19 57.88
CA ALA G 65 -12.11 47.51 59.16
C ALA G 65 -13.56 47.18 59.46
N GLU G 66 -14.47 48.13 59.26
CA GLU G 66 -15.87 47.98 59.65
C GLU G 66 -16.67 47.09 58.71
N ASP G 67 -16.03 46.47 57.71
CA ASP G 67 -16.75 45.60 56.79
C ASP G 67 -17.22 44.33 57.50
N LEU G 68 -16.34 43.71 58.27
CA LEU G 68 -16.68 42.48 59.00
C LEU G 68 -17.71 42.78 60.07
N LEU G 69 -18.96 42.37 59.83
CA LEU G 69 -20.01 42.54 60.83
C LEU G 69 -19.66 41.75 62.09
N LEU G 70 -19.42 40.44 61.94
CA LEU G 70 -19.05 39.65 63.11
C LEU G 70 -18.23 38.45 62.68
N GLU G 71 -17.47 37.91 63.63
CA GLU G 71 -16.54 36.81 63.42
C GLU G 71 -16.66 35.79 64.55
N VAL G 72 -17.90 35.35 64.83
CA VAL G 72 -18.09 34.51 66.00
C VAL G 72 -17.38 33.17 65.81
N HIS G 73 -17.13 32.47 66.92
CA HIS G 73 -16.50 31.16 66.87
C HIS G 73 -17.37 30.16 67.63
N LEU G 74 -17.75 29.09 66.96
CA LEU G 74 -18.42 27.96 67.59
C LEU G 74 -17.43 26.82 67.73
N ARG G 75 -17.67 25.96 68.73
CA ARG G 75 -16.71 24.91 69.04
C ARG G 75 -16.58 23.91 67.89
N ASP G 76 -17.68 23.26 67.55
CA ASP G 76 -17.65 22.23 66.51
C ASP G 76 -17.58 22.86 65.13
N PRO G 77 -17.11 22.11 64.14
CA PRO G 77 -17.01 22.63 62.77
C PRO G 77 -18.35 23.06 62.20
N ILE G 78 -18.29 23.71 61.03
CA ILE G 78 -19.46 24.31 60.40
C ILE G 78 -19.56 23.79 58.98
N LEU G 79 -20.74 23.31 58.60
CA LEU G 79 -21.01 22.83 57.25
C LEU G 79 -22.28 23.49 56.74
N GLN G 80 -22.19 24.11 55.55
CA GLN G 80 -23.37 24.53 54.78
C GLN G 80 -24.24 25.51 55.58
N VAL G 81 -23.68 26.69 55.84
CA VAL G 81 -24.48 27.79 56.34
C VAL G 81 -25.55 28.14 55.32
N GLU G 82 -26.77 28.36 55.80
CA GLU G 82 -27.89 28.71 54.92
C GLU G 82 -28.67 29.86 55.53
N VAL G 83 -29.56 30.45 54.74
CA VAL G 83 -30.36 31.61 55.14
C VAL G 83 -31.79 31.38 54.66
N GLY G 84 -32.69 31.08 55.59
CA GLY G 84 -34.08 30.85 55.25
C GLY G 84 -34.97 30.98 56.45
N LYS G 85 -36.28 30.89 56.19
CA LYS G 85 -37.30 31.07 57.22
C LYS G 85 -37.36 29.84 58.12
N PHE G 86 -36.31 29.70 58.94
CA PHE G 86 -36.12 28.51 59.77
C PHE G 86 -36.69 28.68 61.17
N VAL G 87 -37.69 29.53 61.36
CA VAL G 87 -38.32 29.72 62.66
C VAL G 87 -39.82 29.51 62.50
N SER G 88 -40.44 28.92 63.53
CA SER G 88 -41.83 28.48 63.41
C SER G 88 -42.81 29.64 63.33
N GLY G 89 -42.46 30.79 63.92
CA GLY G 89 -43.43 31.85 64.07
C GLY G 89 -43.51 32.89 62.97
N THR G 90 -42.39 33.53 62.65
CA THR G 90 -42.39 34.71 61.79
C THR G 90 -41.80 34.39 60.42
N GLU G 91 -41.90 35.38 59.54
CA GLU G 91 -41.45 35.28 58.15
C GLU G 91 -40.14 36.03 57.93
N MET G 92 -39.27 36.02 58.92
CA MET G 92 -37.98 36.72 58.85
C MET G 92 -36.86 35.73 58.70
N LEU G 93 -35.88 36.07 57.86
CA LEU G 93 -34.82 35.14 57.50
C LEU G 93 -33.94 34.83 58.71
N HIS G 94 -33.66 33.55 58.91
CA HIS G 94 -32.77 33.07 59.96
C HIS G 94 -31.65 32.23 59.37
N LEU G 95 -30.54 32.18 60.09
CA LEU G 95 -29.30 31.59 59.60
C LEU G 95 -29.10 30.21 60.21
N ALA G 96 -28.96 29.20 59.35
CA ALA G 96 -28.81 27.82 59.79
C ALA G 96 -27.35 27.40 59.68
N VAL G 97 -26.84 26.79 60.75
CA VAL G 97 -25.48 26.29 60.83
C VAL G 97 -25.55 24.80 61.10
N LEU G 98 -24.96 24.01 60.21
CA LEU G 98 -25.00 22.56 60.31
C LEU G 98 -23.61 22.05 60.65
N HIS G 99 -23.40 21.70 61.93
CA HIS G 99 -22.21 21.00 62.34
C HIS G 99 -22.41 19.50 62.12
N SER G 100 -21.29 18.78 62.04
CA SER G 100 -21.30 17.37 61.68
C SER G 100 -22.38 16.58 62.42
N ARG G 101 -22.55 16.84 63.71
CA ARG G 101 -23.58 16.21 64.51
C ARG G 101 -24.42 17.24 65.26
N LYS G 102 -24.77 18.34 64.59
CA LYS G 102 -25.52 19.39 65.27
C LYS G 102 -26.21 20.27 64.24
N LEU G 103 -27.39 20.77 64.58
CA LEU G 103 -28.08 21.78 63.80
C LEU G 103 -28.36 22.97 64.71
N CYS G 104 -28.15 24.19 64.21
CA CYS G 104 -28.36 25.37 65.03
C CYS G 104 -28.95 26.49 64.18
N VAL G 105 -30.15 26.94 64.54
CA VAL G 105 -30.70 28.12 63.91
C VAL G 105 -30.36 29.33 64.77
N TYR G 106 -29.95 30.42 64.14
CA TYR G 106 -29.51 31.63 64.82
C TYR G 106 -30.37 32.80 64.36
N SER G 107 -29.99 34.00 64.81
CA SER G 107 -30.66 35.22 64.38
C SER G 107 -29.69 36.36 64.55
N VAL G 108 -29.26 36.96 63.44
CA VAL G 108 -28.28 38.04 63.47
C VAL G 108 -29.04 39.35 63.62
N SER G 109 -29.11 39.85 64.85
CA SER G 109 -29.79 41.10 65.16
C SER G 109 -28.74 42.18 65.35
N GLY G 110 -28.80 43.23 64.52
CA GLY G 110 -27.83 44.29 64.58
C GLY G 110 -28.36 45.57 65.18
N THR G 111 -27.82 45.97 66.33
CA THR G 111 -28.20 47.21 66.98
C THR G 111 -27.17 48.30 66.69
N LEU G 112 -27.63 49.53 66.61
CA LEU G 112 -26.83 50.65 66.13
C LEU G 112 -26.40 51.55 67.27
N GLY G 113 -25.22 52.15 67.10
CA GLY G 113 -24.76 53.22 67.97
C GLY G 113 -24.58 54.50 67.16
N ASN G 114 -24.26 55.58 67.87
CA ASN G 114 -24.12 56.88 67.20
C ASN G 114 -22.72 57.07 66.64
N VAL G 115 -22.23 56.04 65.93
CA VAL G 115 -20.99 56.14 65.18
C VAL G 115 -20.91 54.90 64.29
N GLU G 116 -20.15 55.00 63.20
CA GLU G 116 -20.07 53.90 62.24
C GLU G 116 -19.68 52.58 62.89
N HIS G 117 -18.91 52.61 63.98
CA HIS G 117 -18.41 51.39 64.60
C HIS G 117 -18.94 51.19 66.01
N GLY G 118 -20.04 51.86 66.36
CA GLY G 118 -20.72 51.65 67.62
C GLY G 118 -21.89 50.70 67.54
N ASN G 119 -22.04 50.00 66.42
CA ASN G 119 -23.15 49.10 66.19
C ASN G 119 -22.70 47.65 66.34
N GLN G 120 -23.37 46.91 67.21
CA GLN G 120 -23.02 45.53 67.51
C GLN G 120 -24.03 44.59 66.85
N TYR G 121 -23.66 43.31 66.84
CA TYR G 121 -24.46 42.27 66.20
C TYR G 121 -24.50 41.05 67.10
N GLN G 122 -25.70 40.60 67.43
CA GLN G 122 -25.91 39.48 68.35
C GLN G 122 -26.55 38.32 67.60
N ILE G 123 -25.96 37.14 67.73
CA ILE G 123 -26.54 35.90 67.22
C ILE G 123 -27.14 35.14 68.39
N LYS G 124 -28.46 34.91 68.34
CA LYS G 124 -29.17 34.22 69.40
C LYS G 124 -29.49 32.81 68.95
N LEU G 125 -29.23 31.84 69.83
CA LEU G 125 -29.53 30.44 69.54
C LEU G 125 -31.04 30.26 69.57
N MET G 126 -31.69 30.35 68.40
CA MET G 126 -33.14 30.19 68.35
C MET G 126 -33.54 28.78 68.76
N TYR G 127 -32.89 27.78 68.19
CA TYR G 127 -32.99 26.41 68.69
C TYR G 127 -31.88 25.58 68.07
N GLU G 128 -31.71 24.38 68.60
CA GLU G 128 -30.67 23.45 68.18
C GLU G 128 -31.30 22.08 67.96
N HIS G 129 -30.47 21.16 67.47
CA HIS G 129 -30.93 19.81 67.15
C HIS G 129 -29.73 18.87 67.23
N ASN G 130 -29.75 17.95 68.19
CA ASN G 130 -28.74 16.90 68.25
C ASN G 130 -28.95 15.93 67.10
N LEU G 131 -27.88 15.64 66.36
CA LEU G 131 -27.94 14.79 65.19
C LEU G 131 -27.35 13.43 65.53
N GLN G 132 -28.19 12.39 65.49
CA GLN G 132 -27.71 11.03 65.73
C GLN G 132 -26.66 10.64 64.70
N ARG G 133 -27.05 10.61 63.43
CA ARG G 133 -26.11 10.32 62.37
C ARG G 133 -25.19 11.51 62.15
N THR G 134 -24.12 11.27 61.39
CA THR G 134 -23.16 12.31 61.04
C THR G 134 -23.64 13.01 59.77
N ALA G 135 -23.92 14.30 59.88
CA ALA G 135 -24.45 15.04 58.75
C ALA G 135 -23.38 15.26 57.68
N CYS G 136 -23.82 15.36 56.43
CA CYS G 136 -22.93 15.61 55.30
C CYS G 136 -23.27 16.91 54.58
N ASN G 137 -24.54 17.11 54.22
CA ASN G 137 -25.01 18.38 53.68
C ASN G 137 -26.52 18.39 53.81
N MET G 138 -27.13 19.49 53.38
CA MET G 138 -28.57 19.65 53.54
C MET G 138 -29.12 20.55 52.45
N THR G 139 -30.45 20.56 52.35
CA THR G 139 -31.18 21.49 51.51
C THR G 139 -32.31 22.08 52.34
N TYR G 140 -32.88 23.17 51.84
CA TYR G 140 -33.96 23.83 52.54
C TYR G 140 -34.99 24.32 51.54
N GLY G 141 -36.26 24.20 51.91
CA GLY G 141 -37.32 24.65 51.03
C GLY G 141 -38.66 24.40 51.65
N SER G 142 -39.70 24.91 50.98
CA SER G 142 -41.08 24.73 51.42
C SER G 142 -41.56 23.39 50.91
N PHE G 143 -41.27 22.34 51.69
CA PHE G 143 -41.64 20.99 51.30
C PHE G 143 -43.15 20.87 51.15
N GLY G 144 -43.58 20.06 50.19
CA GLY G 144 -44.99 20.04 49.86
C GLY G 144 -45.41 21.34 49.21
N GLY G 145 -46.59 21.81 49.58
CA GLY G 145 -47.09 23.07 49.05
C GLY G 145 -47.24 24.13 50.11
N VAL G 146 -46.43 24.05 51.17
CA VAL G 146 -46.52 25.02 52.25
C VAL G 146 -45.90 26.34 51.81
N LYS G 147 -46.32 27.43 52.43
CA LYS G 147 -45.80 28.75 52.14
C LYS G 147 -45.44 29.46 53.44
N GLY G 148 -44.47 30.37 53.34
CA GLY G 148 -44.00 31.08 54.51
C GLY G 148 -43.19 30.26 55.48
N ARG G 149 -42.75 29.07 55.08
CA ARG G 149 -41.93 28.20 55.91
C ARG G 149 -40.82 27.59 55.07
N ASP G 150 -39.69 27.31 55.72
CA ASP G 150 -38.51 26.76 55.07
C ASP G 150 -38.05 25.55 55.88
N LEU G 151 -38.60 24.38 55.55
CA LEU G 151 -38.17 23.14 56.19
C LEU G 151 -36.77 22.78 55.72
N ILE G 152 -36.09 21.94 56.51
CA ILE G 152 -34.70 21.60 56.25
C ILE G 152 -34.56 20.09 56.15
N CYS G 153 -34.06 19.61 55.02
CA CYS G 153 -33.76 18.19 54.81
C CYS G 153 -32.25 18.02 54.83
N ILE G 154 -31.73 17.44 55.90
CA ILE G 154 -30.30 17.20 56.02
C ILE G 154 -30.02 15.78 55.56
N GLN G 155 -28.86 15.58 54.95
CA GLN G 155 -28.46 14.25 54.54
C GLN G 155 -27.64 13.60 55.66
N SER G 156 -27.02 12.47 55.35
CA SER G 156 -26.05 11.86 56.24
C SER G 156 -24.89 11.34 55.39
N VAL G 157 -23.76 11.09 56.05
CA VAL G 157 -22.61 10.55 55.34
C VAL G 157 -22.88 9.11 54.91
N ASP G 158 -23.79 8.43 55.60
CA ASP G 158 -24.14 7.05 55.29
C ASP G 158 -25.49 6.92 54.61
N GLY G 159 -25.93 7.92 53.86
CA GLY G 159 -27.10 7.78 53.02
C GLY G 159 -28.39 8.36 53.57
N MET G 160 -28.63 8.20 54.86
CA MET G 160 -29.89 8.60 55.46
C MET G 160 -30.15 10.09 55.25
N LEU G 161 -31.41 10.43 54.96
CA LEU G 161 -31.83 11.82 54.89
C LEU G 161 -32.93 12.04 55.93
N MET G 162 -32.73 13.03 56.79
CA MET G 162 -33.65 13.35 57.88
C MET G 162 -34.23 14.73 57.65
N VAL G 163 -35.55 14.85 57.78
CA VAL G 163 -36.29 16.06 57.47
C VAL G 163 -36.82 16.67 58.77
N PHE G 164 -36.56 17.95 58.96
CA PHE G 164 -37.07 18.76 60.05
C PHE G 164 -38.05 19.77 59.50
N GLU G 165 -39.25 19.81 60.08
CA GLU G 165 -40.28 20.78 59.71
C GLU G 165 -40.11 22.09 60.47
N GLN G 166 -38.89 22.64 60.41
CA GLN G 166 -38.59 23.99 60.82
C GLN G 166 -38.66 24.17 62.33
N GLU G 167 -39.17 23.16 63.04
CA GLU G 167 -39.21 23.19 64.50
C GLU G 167 -38.51 22.00 65.13
N SER G 168 -38.82 20.79 64.69
CA SER G 168 -38.33 19.59 65.36
C SER G 168 -38.09 18.50 64.32
N TYR G 169 -37.81 17.29 64.80
CA TYR G 169 -37.47 16.15 63.97
C TYR G 169 -38.74 15.59 63.35
N ALA G 170 -39.05 16.04 62.13
CA ALA G 170 -40.23 15.54 61.43
C ALA G 170 -40.12 14.04 61.18
N PHE G 171 -39.14 13.64 60.38
CA PHE G 171 -38.94 12.22 60.13
C PHE G 171 -37.54 11.99 59.57
N GLY G 172 -37.27 10.77 59.11
CA GLY G 172 -36.03 10.45 58.45
C GLY G 172 -36.06 9.10 57.75
N ARG G 173 -35.68 9.09 56.48
CA ARG G 173 -35.72 7.89 55.65
C ARG G 173 -34.35 7.65 55.02
N PHE G 174 -33.99 6.39 54.87
CA PHE G 174 -32.74 6.02 54.23
C PHE G 174 -32.87 6.10 52.72
N LEU G 175 -31.84 6.62 52.07
CA LEU G 175 -31.80 6.59 50.62
C LEU G 175 -31.56 5.17 50.15
N PRO G 176 -32.34 4.64 49.19
CA PRO G 176 -32.15 3.27 48.72
C PRO G 176 -30.92 3.15 47.83
N GLY G 177 -29.91 2.44 48.33
CA GLY G 177 -28.72 2.15 47.54
C GLY G 177 -27.82 3.33 47.28
N SER G 178 -27.17 3.85 48.31
CA SER G 178 -26.15 4.87 48.14
C SER G 178 -25.04 4.61 49.15
N LEU G 179 -23.79 4.83 48.72
CA LEU G 179 -22.62 4.66 49.58
C LEU G 179 -21.92 5.98 49.86
N LEU G 180 -21.51 6.70 48.81
CA LEU G 180 -20.91 8.01 48.99
C LEU G 180 -21.97 9.07 48.74
N PRO G 181 -22.32 9.87 49.74
CA PRO G 181 -23.43 10.81 49.57
C PRO G 181 -23.06 11.92 48.60
N GLY G 182 -23.95 12.17 47.64
CA GLY G 182 -23.73 13.19 46.64
C GLY G 182 -24.51 14.44 46.93
N PRO G 183 -24.61 15.33 45.95
CA PRO G 183 -25.30 16.60 46.17
C PRO G 183 -26.81 16.44 46.19
N LEU G 184 -27.44 17.07 47.18
CA LEU G 184 -28.88 17.01 47.37
C LEU G 184 -29.50 18.36 47.06
N ALA G 185 -30.67 18.34 46.43
CA ALA G 185 -31.40 19.56 46.14
C ALA G 185 -32.89 19.25 46.19
N TYR G 186 -33.71 20.30 46.17
CA TYR G 186 -35.15 20.14 46.23
C TYR G 186 -35.80 21.01 45.16
N SER G 187 -36.53 20.38 44.25
CA SER G 187 -37.27 21.08 43.21
C SER G 187 -38.68 21.35 43.70
N SER G 188 -39.11 22.62 43.59
CA SER G 188 -40.42 23.04 44.07
C SER G 188 -41.50 22.91 43.00
N ARG G 189 -41.15 23.09 41.73
CA ARG G 189 -42.13 22.89 40.67
C ARG G 189 -42.53 21.43 40.52
N THR G 190 -41.80 20.50 41.14
CA THR G 190 -42.16 19.10 41.15
C THR G 190 -42.19 18.51 42.55
N ASP G 191 -41.86 19.30 43.58
CA ASP G 191 -41.90 18.86 44.98
C ASP G 191 -41.10 17.58 45.18
N SER G 192 -39.86 17.59 44.70
CA SER G 192 -39.07 16.38 44.66
C SER G 192 -37.66 16.63 45.18
N PHE G 193 -37.17 15.70 46.00
CA PHE G 193 -35.77 15.68 46.40
C PHE G 193 -34.97 15.01 45.31
N ILE G 194 -33.98 15.71 44.76
CA ILE G 194 -33.16 15.19 43.67
C ILE G 194 -31.73 15.07 44.17
N THR G 195 -31.16 13.89 44.01
CA THR G 195 -29.81 13.59 44.45
C THR G 195 -29.08 12.88 43.31
N VAL G 196 -27.79 12.62 43.52
CA VAL G 196 -26.97 11.89 42.56
C VAL G 196 -26.28 10.78 43.35
N SER G 197 -26.78 9.56 43.23
CA SER G 197 -26.24 8.45 43.98
C SER G 197 -24.83 8.10 43.48
N SER G 198 -24.16 7.24 44.26
CA SER G 198 -22.81 6.82 43.89
C SER G 198 -22.79 6.08 42.56
N CYS G 199 -23.89 5.41 42.21
CA CYS G 199 -23.95 4.66 40.96
C CYS G 199 -24.50 5.50 39.82
N HIS G 200 -23.97 6.71 39.66
CA HIS G 200 -24.16 7.57 38.50
C HIS G 200 -25.63 7.90 38.21
N GLN G 201 -26.55 7.59 39.12
CA GLN G 201 -27.97 7.81 38.88
C GLN G 201 -28.41 9.11 39.53
N VAL G 202 -28.82 10.07 38.69
CA VAL G 202 -29.54 11.25 39.18
C VAL G 202 -30.97 10.82 39.45
N GLU G 203 -31.38 10.85 40.70
CA GLU G 203 -32.66 10.31 41.13
C GLU G 203 -33.51 11.39 41.77
N SER G 204 -34.78 11.44 41.37
CA SER G 204 -35.75 12.34 41.96
C SER G 204 -36.81 11.51 42.68
N TYR G 205 -37.08 11.88 43.93
CA TYR G 205 -38.08 11.27 44.77
C TYR G 205 -39.14 12.30 45.09
N LYS G 206 -40.42 11.95 44.92
CA LYS G 206 -41.47 12.85 45.36
C LYS G 206 -41.47 12.95 46.88
N TYR G 207 -41.75 14.15 47.40
CA TYR G 207 -41.64 14.38 48.84
C TYR G 207 -42.60 13.49 49.62
N GLN G 208 -43.88 13.51 49.23
CA GLN G 208 -44.87 12.72 49.95
C GLN G 208 -44.59 11.23 49.88
N VAL G 209 -43.82 10.80 48.87
CA VAL G 209 -43.41 9.40 48.81
C VAL G 209 -42.44 9.08 49.93
N LEU G 210 -41.40 9.90 50.10
CA LEU G 210 -40.46 9.69 51.19
C LEU G 210 -41.14 9.86 52.55
N ALA G 211 -42.06 10.81 52.66
CA ALA G 211 -42.76 11.02 53.92
C ALA G 211 -43.55 9.79 54.35
N PHE G 212 -43.90 8.91 53.40
CA PHE G 212 -44.72 7.75 53.66
C PHE G 212 -43.92 6.50 53.97
N ALA G 213 -42.60 6.52 53.76
CA ALA G 213 -41.77 5.35 54.02
C ALA G 213 -41.74 5.01 55.51
N VAL G 234 -40.34 3.65 45.25
CA VAL G 234 -40.02 4.85 45.99
C VAL G 234 -39.50 5.93 45.05
N VAL G 235 -38.66 5.53 44.10
CA VAL G 235 -38.01 6.48 43.21
C VAL G 235 -39.02 7.01 42.20
N ASP G 236 -39.15 8.33 42.13
CA ASP G 236 -40.01 8.93 41.11
C ASP G 236 -39.39 8.76 39.73
N TRP G 237 -38.13 9.17 39.55
CA TRP G 237 -37.45 8.84 38.30
C TRP G 237 -35.94 8.86 38.48
N THR G 238 -35.25 8.28 37.50
CA THR G 238 -33.79 8.23 37.48
C THR G 238 -33.27 8.59 36.10
N LEU G 239 -32.00 8.97 36.07
CA LEU G 239 -31.30 9.25 34.82
C LEU G 239 -29.83 8.88 35.01
N ASN G 240 -29.32 8.00 34.15
CA ASN G 240 -27.95 7.52 34.26
C ASN G 240 -27.03 8.47 33.50
N ILE G 241 -26.56 9.52 34.19
CA ILE G 241 -25.55 10.38 33.61
C ILE G 241 -24.22 9.64 33.66
N GLY G 242 -23.22 10.15 32.94
CA GLY G 242 -21.99 9.42 32.78
C GLY G 242 -21.08 9.40 34.00
N GLU G 243 -21.36 10.23 35.00
CA GLU G 243 -20.44 10.39 36.13
C GLU G 243 -21.25 10.65 37.40
N GLN G 244 -20.55 10.97 38.48
CA GLN G 244 -21.15 11.46 39.70
C GLN G 244 -21.01 12.96 39.74
N ALA G 245 -22.02 13.63 40.27
CA ALA G 245 -22.10 15.09 40.22
C ALA G 245 -21.48 15.71 41.46
N ILE G 246 -20.88 16.89 41.26
CA ILE G 246 -20.33 17.65 42.37
C ILE G 246 -21.41 18.51 43.01
N ASP G 247 -22.31 19.06 42.19
CA ASP G 247 -23.35 19.95 42.67
C ASP G 247 -24.60 19.74 41.83
N ILE G 248 -25.76 20.06 42.43
CA ILE G 248 -27.03 20.08 41.73
C ILE G 248 -27.80 21.31 42.22
N CYS G 249 -28.18 22.17 41.28
CA CYS G 249 -28.78 23.45 41.61
C CYS G 249 -30.09 23.59 40.82
N ILE G 250 -31.20 23.34 41.48
CA ILE G 250 -32.52 23.54 40.89
C ILE G 250 -32.86 25.02 41.00
N VAL G 251 -33.00 25.68 39.85
CA VAL G 251 -33.26 27.11 39.80
C VAL G 251 -34.67 27.32 39.27
N SER G 252 -35.38 28.30 39.84
CA SER G 252 -36.79 28.44 39.57
C SER G 252 -37.26 29.88 39.40
N PHE G 253 -36.38 30.82 39.04
CA PHE G 253 -36.86 32.18 38.80
C PHE G 253 -37.59 32.31 37.47
N ILE G 254 -37.70 31.24 36.70
CA ILE G 254 -38.46 31.24 35.45
C ILE G 254 -39.61 30.25 35.62
N GLN G 255 -40.84 30.75 35.52
CA GLN G 255 -42.04 29.92 35.64
C GLN G 255 -42.54 29.43 34.30
N SER G 256 -41.84 29.73 33.20
CA SER G 256 -42.29 29.31 31.88
C SER G 256 -41.93 27.84 31.63
N ALA G 257 -40.63 27.53 31.64
CA ALA G 257 -40.14 26.16 31.43
C ALA G 257 -39.14 25.84 32.53
N SER G 258 -39.51 24.94 33.44
CA SER G 258 -38.64 24.58 34.54
C SER G 258 -37.53 23.64 34.08
N SER G 259 -36.40 23.70 34.78
CA SER G 259 -35.24 22.89 34.45
C SER G 259 -34.46 22.61 35.73
N VAL G 260 -33.59 21.62 35.66
CA VAL G 260 -32.77 21.19 36.80
C VAL G 260 -31.34 21.04 36.33
N PHE G 261 -30.42 21.79 36.92
CA PHE G 261 -29.03 21.75 36.50
C PHE G 261 -28.24 20.76 37.35
N VAL G 262 -27.41 19.97 36.69
CA VAL G 262 -26.59 18.97 37.35
C VAL G 262 -25.18 19.08 36.80
N LEU G 263 -24.24 19.48 37.64
CA LEU G 263 -22.85 19.64 37.24
C LEU G 263 -22.07 18.42 37.73
N GLY G 264 -21.68 17.57 36.78
CA GLY G 264 -20.82 16.45 37.10
C GLY G 264 -19.37 16.88 37.23
N GLU G 265 -18.50 15.90 37.41
CA GLU G 265 -17.08 16.17 37.45
C GLU G 265 -16.43 16.06 36.08
N ARG G 266 -17.21 15.74 35.04
CA ARG G 266 -16.71 15.74 33.68
C ARG G 266 -17.66 16.38 32.68
N ASN G 267 -18.93 16.60 33.02
CA ASN G 267 -19.93 17.09 32.09
C ASN G 267 -20.76 18.16 32.78
N PHE G 268 -21.79 18.63 32.07
CA PHE G 268 -22.69 19.65 32.60
C PHE G 268 -24.06 19.45 31.98
N PHE G 269 -25.01 18.92 32.74
CA PHE G 269 -26.33 18.59 32.23
C PHE G 269 -27.35 19.61 32.69
N CYS G 270 -28.34 19.86 31.84
CA CYS G 270 -29.56 20.56 32.21
C CYS G 270 -30.71 19.64 31.84
N LEU G 271 -31.39 19.12 32.86
CA LEU G 271 -32.44 18.12 32.71
C LEU G 271 -33.81 18.76 32.77
N LYS G 272 -34.78 18.09 32.15
CA LYS G 272 -36.16 18.52 32.18
C LYS G 272 -36.76 18.16 33.55
N ASP G 273 -38.07 18.31 33.68
CA ASP G 273 -38.75 17.96 34.91
C ASP G 273 -39.31 16.55 34.90
N ASN G 274 -39.40 15.91 33.73
CA ASN G 274 -39.82 14.52 33.69
C ASN G 274 -38.66 13.56 33.95
N GLY G 275 -37.45 13.93 33.54
CA GLY G 275 -36.28 13.13 33.89
C GLY G 275 -35.23 12.97 32.81
N GLN G 276 -35.46 13.53 31.62
CA GLN G 276 -34.53 13.36 30.52
C GLN G 276 -33.76 14.64 30.26
N ILE G 277 -32.58 14.47 29.65
CA ILE G 277 -31.67 15.58 29.39
C ILE G 277 -32.34 16.57 28.46
N GLN G 278 -32.44 17.82 28.90
CA GLN G 278 -32.83 18.88 27.97
C GLN G 278 -31.65 19.29 27.10
N PHE G 279 -30.47 19.47 27.71
CA PHE G 279 -29.24 19.59 26.94
C PHE G 279 -28.06 19.29 27.83
N MET G 280 -26.88 19.17 27.21
CA MET G 280 -25.68 18.80 27.93
C MET G 280 -24.46 19.39 27.25
N LYS G 281 -23.45 19.65 28.05
CA LYS G 281 -22.17 20.17 27.59
C LYS G 281 -21.07 19.24 28.08
N LYS G 282 -20.15 18.90 27.18
CA LYS G 282 -19.02 18.04 27.53
C LYS G 282 -17.83 18.94 27.81
N LEU G 283 -17.74 19.41 29.06
CA LEU G 283 -16.66 20.31 29.44
C LEU G 283 -15.31 19.63 29.29
N ASP G 284 -14.31 20.41 28.90
CA ASP G 284 -12.95 19.91 28.74
C ASP G 284 -12.07 20.26 29.93
N TYR G 285 -12.62 20.87 30.96
CA TYR G 285 -11.89 21.20 32.17
C TYR G 285 -12.52 20.48 33.35
N SER G 286 -12.06 20.80 34.54
CA SER G 286 -12.55 20.16 35.76
C SER G 286 -13.35 21.18 36.57
N PRO G 287 -14.68 21.11 36.56
CA PRO G 287 -15.47 22.11 37.28
C PRO G 287 -15.37 21.91 38.78
N SER G 288 -15.65 22.99 39.51
CA SER G 288 -15.63 22.96 40.96
C SER G 288 -16.90 23.54 41.54
N CYS G 289 -17.51 24.48 40.82
CA CYS G 289 -18.70 25.16 41.31
C CYS G 289 -19.42 25.77 40.12
N PHE G 290 -20.74 25.92 40.26
CA PHE G 290 -21.54 26.56 39.23
C PHE G 290 -22.78 27.16 39.86
N LEU G 291 -23.37 28.12 39.15
CA LEU G 291 -24.53 28.84 39.67
C LEU G 291 -25.35 29.41 38.52
N PRO G 292 -26.45 28.77 38.13
CA PRO G 292 -27.33 29.42 37.15
C PRO G 292 -28.04 30.60 37.76
N TYR G 293 -27.59 31.80 37.44
CA TYR G 293 -28.12 33.03 37.97
C TYR G 293 -29.19 33.58 37.03
N CYS G 294 -29.57 34.84 37.24
CA CYS G 294 -30.67 35.43 36.48
C CYS G 294 -30.41 35.36 34.97
N SER G 295 -31.47 35.05 34.22
CA SER G 295 -31.43 34.84 32.79
C SER G 295 -31.79 36.12 32.04
N VAL G 296 -31.60 36.07 30.72
CA VAL G 296 -31.78 37.25 29.88
C VAL G 296 -32.82 37.00 28.80
N SER G 297 -32.58 36.00 27.96
CA SER G 297 -33.43 35.76 26.81
C SER G 297 -34.71 35.05 27.25
N GLU G 298 -35.51 34.63 26.28
CA GLU G 298 -36.78 33.95 26.56
C GLU G 298 -36.53 32.45 26.61
N GLY G 299 -36.73 31.85 27.78
CA GLY G 299 -36.56 30.43 27.98
C GLY G 299 -35.17 30.01 28.41
N THR G 300 -34.13 30.69 27.94
CA THR G 300 -32.77 30.32 28.26
C THR G 300 -32.44 30.70 29.71
N ILE G 301 -31.29 30.22 30.19
CA ILE G 301 -30.82 30.49 31.54
C ILE G 301 -29.31 30.69 31.50
N ASN G 302 -28.86 31.90 31.83
CA ASN G 302 -27.43 32.14 31.99
C ASN G 302 -26.89 31.36 33.18
N THR G 303 -25.69 30.83 33.01
CA THR G 303 -25.04 30.09 34.09
C THR G 303 -23.56 30.41 34.08
N LEU G 304 -22.91 30.24 35.24
CA LEU G 304 -21.48 30.49 35.31
C LEU G 304 -20.81 29.39 36.14
N ILE G 305 -19.76 28.81 35.57
CA ILE G 305 -19.07 27.64 36.11
C ILE G 305 -17.62 28.00 36.37
N GLY G 306 -17.05 27.39 37.41
CA GLY G 306 -15.69 27.69 37.79
C GLY G 306 -14.73 26.53 37.67
N ASN G 307 -13.74 26.68 36.79
CA ASN G 307 -12.75 25.64 36.57
C ASN G 307 -11.93 25.39 37.82
N HIS G 308 -11.15 24.30 37.77
CA HIS G 308 -9.98 24.15 38.61
C HIS G 308 -8.75 24.78 37.97
N ASN G 309 -8.92 25.37 36.79
CA ASN G 309 -7.88 26.11 36.10
C ASN G 309 -7.98 27.61 36.35
N ASN G 310 -8.69 28.01 37.40
CA ASN G 310 -8.86 29.41 37.79
C ASN G 310 -9.52 30.23 36.67
N MET G 311 -10.74 29.85 36.33
CA MET G 311 -11.52 30.60 35.35
C MET G 311 -13.00 30.47 35.67
N LEU G 312 -13.75 31.47 35.24
CA LEU G 312 -15.20 31.45 35.21
C LEU G 312 -15.67 31.47 33.76
N HIS G 313 -16.70 30.68 33.48
CA HIS G 313 -17.30 30.57 32.17
C HIS G 313 -18.77 30.92 32.28
N ILE G 314 -19.28 31.69 31.34
CA ILE G 314 -20.64 32.22 31.41
C ILE G 314 -21.39 31.74 30.18
N TYR G 315 -22.14 30.65 30.33
CA TYR G 315 -22.85 30.03 29.23
C TYR G 315 -24.29 30.51 29.16
N GLN G 316 -24.80 30.61 27.93
CA GLN G 316 -26.24 30.68 27.70
C GLN G 316 -26.75 29.27 27.37
N ASP G 317 -26.67 28.44 28.40
CA ASP G 317 -27.16 27.08 28.50
C ASP G 317 -26.36 26.03 27.74
N VAL G 318 -25.66 26.41 26.67
CA VAL G 318 -24.62 25.55 26.10
C VAL G 318 -23.47 26.43 25.65
N THR G 319 -23.76 27.69 25.34
CA THR G 319 -22.90 28.52 24.51
C THR G 319 -22.18 29.55 25.37
N LEU G 320 -20.86 29.53 25.30
CA LEU G 320 -20.05 30.44 26.10
C LEU G 320 -20.26 31.87 25.65
N LYS G 321 -20.68 32.72 26.57
CA LYS G 321 -20.89 34.13 26.29
C LYS G 321 -19.77 35.02 26.83
N TRP G 322 -18.99 34.52 27.79
CA TRP G 322 -17.90 35.29 28.37
C TRP G 322 -17.06 34.35 29.24
N ALA G 323 -15.82 34.75 29.49
CA ALA G 323 -14.92 33.97 30.32
C ALA G 323 -13.96 34.92 31.01
N THR G 324 -13.58 34.56 32.24
CA THR G 324 -12.76 35.43 33.07
C THR G 324 -11.73 34.61 33.83
N GLN G 325 -10.58 35.23 34.09
CA GLN G 325 -9.51 34.61 34.88
C GLN G 325 -9.71 34.95 36.34
N LEU G 326 -10.07 33.96 37.15
CA LEU G 326 -10.21 34.19 38.58
C LEU G 326 -8.86 34.11 39.27
N PRO G 327 -8.73 34.75 40.43
CA PRO G 327 -7.46 34.67 41.17
C PRO G 327 -7.22 33.30 41.78
N HIS G 328 -8.26 32.73 42.38
CA HIS G 328 -8.17 31.46 43.10
C HIS G 328 -9.13 30.45 42.49
N VAL G 329 -9.06 29.22 42.99
CA VAL G 329 -9.97 28.16 42.55
C VAL G 329 -11.32 28.39 43.22
N PRO G 330 -12.33 28.83 42.48
CA PRO G 330 -13.61 29.19 43.10
C PRO G 330 -14.30 27.98 43.70
N VAL G 331 -14.75 28.12 44.93
CA VAL G 331 -15.63 27.16 45.58
C VAL G 331 -16.90 27.89 45.98
N ALA G 332 -18.05 27.43 45.49
CA ALA G 332 -19.35 27.98 45.85
C ALA G 332 -19.43 29.48 45.52
N VAL G 333 -19.35 29.78 44.22
CA VAL G 333 -19.57 31.15 43.78
C VAL G 333 -21.03 31.54 44.00
N ARG G 334 -21.25 32.84 44.14
CA ARG G 334 -22.59 33.40 44.24
C ARG G 334 -22.62 34.72 43.48
N VAL G 335 -23.83 35.17 43.14
CA VAL G 335 -24.01 36.46 42.48
C VAL G 335 -25.06 37.24 43.24
N GLY G 336 -24.73 38.47 43.63
CA GLY G 336 -25.64 39.24 44.44
C GLY G 336 -25.38 40.73 44.34
N CYS G 337 -26.41 41.50 44.72
CA CYS G 337 -26.32 42.96 44.74
C CYS G 337 -25.69 43.38 46.06
N LEU G 338 -24.45 43.87 45.98
CA LEU G 338 -23.68 44.29 47.16
C LEU G 338 -23.42 45.78 47.06
N HIS G 339 -24.11 46.57 47.89
CA HIS G 339 -23.91 48.00 48.01
C HIS G 339 -24.15 48.71 46.67
N ASP G 340 -25.40 48.64 46.23
CA ASP G 340 -25.94 49.39 45.10
C ASP G 340 -25.37 48.93 43.75
N LEU G 341 -24.66 47.81 43.71
CA LEU G 341 -24.11 47.29 42.45
C LEU G 341 -24.66 45.88 42.26
N LYS G 342 -25.63 45.75 41.36
CA LYS G 342 -26.28 44.46 41.13
C LYS G 342 -25.36 43.51 40.39
N GLY G 343 -25.47 42.23 40.72
CA GLY G 343 -24.74 41.20 40.00
C GLY G 343 -23.25 41.16 40.25
N VAL G 344 -22.81 41.41 41.47
CA VAL G 344 -21.41 41.25 41.84
C VAL G 344 -21.16 39.79 42.14
N ILE G 345 -20.04 39.25 41.66
CA ILE G 345 -19.74 37.83 41.79
C ILE G 345 -18.86 37.65 43.03
N VAL G 346 -19.33 36.85 43.98
CA VAL G 346 -18.63 36.61 45.23
C VAL G 346 -18.11 35.18 45.23
N THR G 347 -16.79 35.04 45.25
CA THR G 347 -16.14 33.74 45.25
C THR G 347 -15.41 33.52 46.58
N LEU G 348 -15.29 32.25 46.95
CA LEU G 348 -14.65 31.86 48.20
C LEU G 348 -13.84 30.60 47.96
N SER G 349 -12.52 30.70 48.08
CA SER G 349 -11.68 29.52 47.93
C SER G 349 -11.84 28.61 49.15
N ASP G 350 -11.22 27.44 49.08
CA ASP G 350 -11.24 26.53 50.22
C ASP G 350 -10.06 26.71 51.15
N ASP G 351 -9.06 27.49 50.74
CA ASP G 351 -7.95 27.81 51.63
C ASP G 351 -8.31 28.94 52.58
N GLY G 352 -9.13 29.88 52.14
CA GLY G 352 -9.49 31.00 52.99
C GLY G 352 -9.68 32.32 52.29
N HIS G 353 -9.36 32.38 50.99
CA HIS G 353 -9.55 33.64 50.27
C HIS G 353 -11.02 33.91 50.06
N LEU G 354 -11.34 35.16 49.76
CA LEU G 354 -12.70 35.56 49.41
C LEU G 354 -12.61 36.85 48.62
N GLN G 355 -13.49 36.98 47.63
CA GLN G 355 -13.37 38.12 46.74
C GLN G 355 -14.70 38.38 46.04
N CYS G 356 -15.23 39.58 46.21
CA CYS G 356 -16.26 40.10 45.34
C CYS G 356 -15.58 40.74 44.12
N SER G 357 -16.23 40.61 42.98
CA SER G 357 -15.58 41.03 41.74
C SER G 357 -16.62 41.38 40.70
N TYR G 358 -16.16 42.13 39.71
CA TYR G 358 -16.92 42.49 38.53
C TYR G 358 -16.08 42.21 37.30
N LEU G 359 -16.73 41.85 36.20
CA LEU G 359 -16.00 41.48 35.00
C LEU G 359 -15.18 42.66 34.48
N GLY G 360 -14.06 42.35 33.85
CA GLY G 360 -13.22 43.35 33.23
C GLY G 360 -13.46 43.36 31.72
N THR G 361 -13.90 44.51 31.26
CA THR G 361 -14.38 44.68 29.88
C THR G 361 -13.58 45.82 29.26
N ASP G 362 -12.25 45.81 29.38
CA ASP G 362 -11.42 46.93 28.88
C ASP G 362 -10.31 46.42 28.01
N PRO G 363 -10.49 46.44 26.69
CA PRO G 363 -9.50 45.87 25.83
C PRO G 363 -8.32 46.81 25.87
N SER G 364 -7.16 46.32 26.27
CA SER G 364 -6.07 47.28 26.47
C SER G 364 -5.00 47.14 25.40
N LEU G 365 -4.57 48.26 24.84
CA LEU G 365 -3.67 48.24 23.69
C LEU G 365 -2.46 47.41 24.04
N PHE G 366 -2.03 46.60 23.09
CA PHE G 366 -0.79 45.82 23.28
C PHE G 366 0.27 46.73 22.69
N GLN G 367 1.09 47.28 23.58
CA GLN G 367 2.07 48.27 23.11
C GLN G 367 3.15 48.33 24.20
N ALA G 368 4.38 48.57 23.76
CA ALA G 368 5.48 48.67 24.71
C ALA G 368 5.33 49.95 25.53
N PRO G 369 5.50 49.82 26.85
CA PRO G 369 5.35 50.93 27.80
C PRO G 369 6.36 52.05 27.52
N LYS G 370 5.90 53.29 27.60
CA LYS G 370 6.79 54.41 27.38
C LYS G 370 7.31 54.76 28.76
N VAL G 371 8.59 54.49 28.98
CA VAL G 371 9.22 54.75 30.26
C VAL G 371 10.51 55.50 30.00
N GLU G 372 10.37 56.76 29.60
CA GLU G 372 11.54 57.58 29.30
C GLU G 372 12.55 57.60 30.44
N SER G 373 12.11 57.43 31.69
CA SER G 373 13.03 57.40 32.81
C SER G 373 13.97 56.21 32.74
N ARG G 374 13.40 55.03 32.46
CA ARG G 374 14.20 53.81 32.40
C ARG G 374 14.92 53.73 31.06
N GLU G 375 16.22 53.95 31.07
CA GLU G 375 17.07 53.89 29.90
C GLU G 375 17.96 52.65 29.96
N LEU G 376 18.45 52.23 28.80
CA LEU G 376 19.37 51.11 28.71
C LEU G 376 20.76 51.59 29.12
N ASN G 377 21.31 51.00 30.19
CA ASN G 377 22.63 51.39 30.68
C ASN G 377 23.70 50.88 29.74
N TYR G 378 24.14 51.75 28.82
CA TYR G 378 25.06 51.32 27.77
C TYR G 378 26.46 51.02 28.28
N ASP G 379 26.85 51.56 29.43
CA ASP G 379 28.23 51.43 29.89
C ASP G 379 28.53 50.01 30.36
N GLU G 380 27.80 49.55 31.38
CA GLU G 380 28.04 48.21 31.90
C GLU G 380 27.71 47.14 30.86
N LEU G 381 26.61 47.34 30.12
CA LEU G 381 26.24 46.38 29.08
C LEU G 381 27.29 46.31 27.99
N ASP G 382 27.83 47.46 27.58
CA ASP G 382 28.89 47.45 26.58
C ASP G 382 30.18 46.83 27.12
N MET G 383 30.44 47.01 28.42
CA MET G 383 31.59 46.32 29.02
C MET G 383 31.44 44.81 28.91
N GLU G 384 30.28 44.29 29.32
CA GLU G 384 30.06 42.85 29.23
C GLU G 384 30.10 42.36 27.79
N LEU G 385 29.54 43.14 26.87
CA LEU G 385 29.51 42.72 25.47
C LEU G 385 30.92 42.75 24.88
N LYS G 386 31.74 43.73 25.26
CA LYS G 386 33.12 43.75 24.82
C LYS G 386 33.88 42.54 25.34
N GLU G 387 33.63 42.17 26.60
CA GLU G 387 34.27 40.98 27.16
C GLU G 387 33.88 39.71 26.37
N LEU G 388 32.58 39.52 26.16
CA LEU G 388 32.12 38.31 25.48
C LEU G 388 32.59 38.28 24.02
N GLN G 389 32.49 39.41 23.32
CA GLN G 389 32.96 39.48 21.94
C GLN G 389 34.47 39.29 21.86
N LYS G 390 35.21 39.75 22.87
CA LYS G 390 36.65 39.49 22.91
C LYS G 390 36.92 38.00 23.01
N VAL G 391 36.21 37.30 23.90
CA VAL G 391 36.36 35.85 24.00
C VAL G 391 36.06 35.19 22.66
N ILE G 392 34.94 35.58 22.03
CA ILE G 392 34.54 34.99 20.75
C ILE G 392 35.62 35.19 19.71
N LYS G 393 35.99 36.44 19.42
CA LYS G 393 36.96 36.72 18.38
C LYS G 393 38.36 36.25 18.75
N ASN G 394 38.61 35.92 20.01
CA ASN G 394 39.91 35.37 20.39
C ASN G 394 39.99 33.87 20.11
N VAL G 395 38.93 33.13 20.44
CA VAL G 395 38.98 31.68 20.28
C VAL G 395 39.01 31.27 18.81
N ASN G 396 38.75 32.20 17.89
CA ASN G 396 38.69 31.90 16.46
C ASN G 396 40.01 32.13 15.75
N LYS G 397 41.14 31.99 16.45
CA LYS G 397 42.45 32.13 15.82
C LYS G 397 43.48 31.22 16.47
N ASP G 410 46.07 19.65 35.40
CA ASP G 410 44.85 19.55 36.18
C ASP G 410 44.65 18.15 36.73
N LEU G 411 45.20 17.15 36.03
CA LEU G 411 45.19 15.78 36.51
C LEU G 411 46.29 15.02 35.78
N LYS G 412 47.03 14.20 36.54
CA LYS G 412 48.08 13.37 35.99
C LYS G 412 47.71 11.91 36.19
N VAL G 413 47.84 11.11 35.13
CA VAL G 413 47.55 9.69 35.16
C VAL G 413 48.85 8.94 34.94
N SER G 414 49.00 7.80 35.63
CA SER G 414 50.16 6.96 35.45
C SER G 414 49.75 5.51 35.62
N ALA G 415 50.34 4.63 34.82
CA ALA G 415 50.08 3.20 34.90
C ALA G 415 51.38 2.47 35.21
N MET G 416 51.29 1.42 36.01
CA MET G 416 52.45 0.61 36.36
C MET G 416 52.06 -0.86 36.29
N VAL G 417 52.82 -1.63 35.52
CA VAL G 417 52.53 -3.04 35.29
C VAL G 417 53.49 -3.87 36.15
N SER G 418 52.94 -4.84 36.86
CA SER G 418 53.75 -5.65 37.75
C SER G 418 54.61 -6.64 36.96
N PRO G 419 55.76 -7.04 37.51
CA PRO G 419 56.60 -8.00 36.80
C PRO G 419 56.19 -9.45 37.04
N ASN G 420 54.98 -9.64 37.58
CA ASN G 420 54.45 -10.97 37.89
C ASN G 420 55.38 -11.74 38.83
N SER G 439 48.30 -13.55 33.65
CA SER G 439 47.40 -12.69 34.43
C SER G 439 48.19 -11.67 35.21
N VAL G 440 48.58 -10.58 34.55
CA VAL G 440 49.43 -9.56 35.16
C VAL G 440 48.54 -8.49 35.79
N THR G 441 48.93 -8.01 36.97
CA THR G 441 48.16 -7.03 37.71
C THR G 441 48.71 -5.64 37.43
N VAL G 442 47.89 -4.79 36.82
CA VAL G 442 48.25 -3.41 36.52
C VAL G 442 47.63 -2.52 37.58
N LYS G 443 48.36 -1.46 37.97
CA LYS G 443 47.88 -0.49 38.94
C LYS G 443 48.02 0.90 38.36
N VAL G 444 46.92 1.65 38.39
CA VAL G 444 46.85 2.98 37.79
C VAL G 444 46.65 3.99 38.90
N THR G 445 47.54 4.97 39.00
CA THR G 445 47.47 6.03 39.99
C THR G 445 47.22 7.35 39.29
N LEU G 446 46.22 8.09 39.76
CA LEU G 446 45.89 9.40 39.23
C LEU G 446 45.87 10.41 40.35
N LYS G 447 46.44 11.58 40.08
CA LYS G 447 46.61 12.63 41.09
C LYS G 447 46.24 13.97 40.49
N ASN G 448 45.43 14.73 41.21
CA ASN G 448 44.88 15.99 40.70
C ASN G 448 45.58 17.18 41.31
N ARG G 449 45.57 18.29 40.56
CA ARG G 449 46.05 19.57 41.07
C ARG G 449 44.90 20.40 41.62
N VAL G 450 43.88 20.62 40.79
CA VAL G 450 42.67 21.31 41.23
C VAL G 450 41.64 20.26 41.64
N ALA G 451 40.70 20.67 42.50
CA ALA G 451 39.64 19.77 42.92
C ALA G 451 38.75 19.42 41.74
N LEU G 452 38.55 18.12 41.52
CA LEU G 452 37.85 17.62 40.35
C LEU G 452 36.66 16.77 40.77
N GLN G 453 35.74 16.58 39.83
CA GLN G 453 34.47 15.92 40.10
C GLN G 453 34.07 15.06 38.93
N LYS G 454 33.25 14.04 39.22
CA LYS G 454 32.72 13.13 38.20
C LYS G 454 33.84 12.49 37.39
N ILE G 455 34.75 11.83 38.10
CA ILE G 455 35.88 11.17 37.46
C ILE G 455 35.49 9.75 37.11
N LYS G 456 35.75 9.35 35.86
CA LYS G 456 35.53 7.98 35.43
C LYS G 456 36.79 7.49 34.76
N LEU G 457 37.29 6.34 35.21
CA LEU G 457 38.51 5.74 34.69
C LEU G 457 38.17 4.40 34.06
N SER G 458 38.47 4.25 32.77
CA SER G 458 38.26 3.00 32.08
C SER G 458 39.54 2.54 31.43
N ILE G 459 39.63 1.24 31.17
CA ILE G 459 40.82 0.63 30.59
C ILE G 459 40.42 -0.18 29.38
N TYR G 460 41.18 -0.03 28.29
CA TYR G 460 40.92 -0.72 27.03
C TYR G 460 42.20 -1.35 26.55
N VAL G 461 42.26 -2.67 26.49
CA VAL G 461 43.51 -3.31 26.12
C VAL G 461 43.50 -3.75 24.66
N GLN G 462 42.66 -4.73 24.33
CA GLN G 462 42.53 -5.36 23.00
C GLN G 462 41.36 -6.35 23.06
N PRO G 463 40.89 -6.86 21.92
CA PRO G 463 39.83 -7.86 21.95
C PRO G 463 40.22 -9.12 22.72
N PRO G 464 41.36 -9.78 22.39
CA PRO G 464 41.63 -11.08 23.04
C PRO G 464 41.91 -10.94 24.53
N LEU G 465 42.71 -9.95 24.90
CA LEU G 465 43.00 -9.72 26.32
C LEU G 465 41.75 -9.27 27.05
N VAL G 466 41.57 -9.79 28.27
CA VAL G 466 40.38 -9.54 29.06
C VAL G 466 40.82 -8.98 30.41
N LEU G 467 40.08 -7.99 30.89
CA LEU G 467 40.35 -7.33 32.16
C LEU G 467 39.39 -7.85 33.22
N THR G 468 39.89 -7.97 34.45
CA THR G 468 39.02 -8.30 35.57
C THR G 468 38.24 -7.09 36.09
N GLY G 469 38.61 -5.89 35.67
CA GLY G 469 37.90 -4.69 36.04
C GLY G 469 38.02 -3.63 34.95
N ASP G 470 36.90 -3.05 34.56
CA ASP G 470 36.87 -2.13 33.42
C ASP G 470 36.72 -0.67 33.85
N GLN G 471 35.67 -0.36 34.60
CA GLN G 471 35.33 1.03 34.92
C GLN G 471 35.44 1.26 36.43
N PHE G 472 35.92 2.45 36.79
CA PHE G 472 36.04 2.87 38.18
C PHE G 472 35.57 4.31 38.28
N THR G 473 34.64 4.57 39.21
CA THR G 473 34.03 5.88 39.35
C THR G 473 34.49 6.55 40.63
N PHE G 474 35.07 7.74 40.49
CA PHE G 474 35.42 8.59 41.62
C PHE G 474 34.52 9.82 41.61
N GLU G 475 34.05 10.19 42.80
CA GLU G 475 33.31 11.43 42.97
C GLU G 475 34.30 12.54 43.32
N PHE G 476 33.80 13.68 43.81
CA PHE G 476 34.63 14.83 44.10
C PHE G 476 35.86 14.45 44.93
N MET G 477 36.96 15.15 44.69
CA MET G 477 38.22 14.91 45.39
C MET G 477 38.88 16.24 45.72
N ALA G 478 39.34 16.37 46.96
CA ALA G 478 40.05 17.57 47.36
C ALA G 478 41.40 17.66 46.64
N PRO G 479 41.90 18.88 46.42
CA PRO G 479 43.16 19.02 45.68
C PRO G 479 44.30 18.26 46.35
N GLU G 480 45.25 17.82 45.52
CA GLU G 480 46.41 17.06 45.97
C GLU G 480 46.01 15.81 46.75
N MET G 481 45.16 14.99 46.12
CA MET G 481 44.75 13.70 46.65
C MET G 481 44.98 12.64 45.59
N THR G 482 45.68 11.57 45.97
CA THR G 482 46.01 10.50 45.04
C THR G 482 44.97 9.40 45.11
N ARG G 483 44.73 8.75 43.96
CA ARG G 483 43.82 7.61 43.91
C ARG G 483 44.46 6.50 43.11
N THR G 484 44.47 5.30 43.68
CA THR G 484 45.03 4.13 43.02
C THR G 484 43.93 3.11 42.75
N VAL G 485 43.97 2.52 41.56
CA VAL G 485 43.09 1.42 41.20
C VAL G 485 43.97 0.26 40.75
N GLY G 486 43.45 -0.95 40.89
CA GLY G 486 44.20 -2.12 40.51
C GLY G 486 43.33 -3.16 39.82
N PHE G 487 43.74 -3.59 38.64
CA PHE G 487 43.01 -4.59 37.89
C PHE G 487 43.99 -5.63 37.38
N SER G 488 43.45 -6.68 36.77
CA SER G 488 44.27 -7.78 36.27
C SER G 488 43.89 -8.08 34.83
N VAL G 489 44.90 -8.26 33.98
CA VAL G 489 44.72 -8.50 32.56
C VAL G 489 45.25 -9.89 32.24
N TYR G 490 44.48 -10.64 31.45
CA TYR G 490 44.87 -12.00 31.10
C TYR G 490 44.33 -12.34 29.73
N LEU G 491 45.02 -13.24 29.04
CA LEU G 491 44.59 -13.64 27.70
C LEU G 491 43.41 -14.59 27.78
N LYS G 492 42.41 -14.36 26.93
CA LYS G 492 41.23 -15.21 26.85
C LYS G 492 40.90 -15.41 25.37
N GLY G 493 41.24 -16.57 24.84
CA GLY G 493 41.05 -16.89 23.46
C GLY G 493 42.18 -17.73 22.94
N SER G 494 42.34 -17.75 21.62
CA SER G 494 43.37 -18.55 20.98
C SER G 494 44.36 -17.70 20.19
N TYR G 495 43.88 -16.77 19.38
CA TYR G 495 44.78 -15.92 18.60
C TYR G 495 45.42 -14.87 19.49
N SER G 496 46.64 -14.50 19.14
CA SER G 496 47.34 -13.51 19.95
C SER G 496 46.90 -12.10 19.57
N PRO G 497 46.83 -11.19 20.54
CA PRO G 497 46.34 -9.84 20.28
C PRO G 497 47.22 -9.11 19.30
N PRO G 498 46.68 -8.10 18.60
CA PRO G 498 47.52 -7.34 17.66
C PRO G 498 48.66 -6.61 18.33
N GLU G 499 48.46 -6.11 19.54
CA GLU G 499 49.54 -5.48 20.29
C GLU G 499 49.23 -5.59 21.78
N LEU G 500 50.29 -5.65 22.58
CA LEU G 500 50.13 -5.82 24.02
C LEU G 500 49.84 -4.51 24.75
N GLU G 501 50.05 -3.37 24.09
CA GLU G 501 49.81 -2.09 24.73
C GLU G 501 48.34 -1.91 25.07
N GLY G 502 48.08 -1.19 26.16
CA GLY G 502 46.72 -0.90 26.56
C GLY G 502 46.61 0.55 26.97
N ASN G 503 45.38 1.07 26.93
CA ASN G 503 45.10 2.45 27.26
C ASN G 503 44.22 2.54 28.50
N ALA G 504 44.30 3.69 29.17
CA ALA G 504 43.48 3.96 30.35
C ALA G 504 43.12 5.43 30.33
N VAL G 505 41.83 5.73 30.33
CA VAL G 505 41.32 7.07 30.08
C VAL G 505 40.47 7.51 31.27
N VAL G 506 40.71 8.73 31.75
CA VAL G 506 39.91 9.36 32.79
C VAL G 506 39.16 10.53 32.16
N SER G 507 37.86 10.60 32.44
CA SER G 507 37.02 11.72 32.07
C SER G 507 36.51 12.36 33.35
N TYR G 508 36.85 13.63 33.54
CA TYR G 508 36.46 14.35 34.75
C TYR G 508 35.83 15.68 34.42
N SER G 509 35.56 16.49 35.44
CA SER G 509 34.88 17.77 35.24
C SER G 509 35.50 18.83 36.12
N ARG G 510 35.63 20.04 35.58
CA ARG G 510 36.08 21.20 36.34
C ARG G 510 34.89 22.10 36.62
N PRO G 511 34.51 22.22 37.89
CA PRO G 511 33.42 23.11 38.28
C PRO G 511 33.90 24.55 38.09
N THR G 512 33.16 25.34 37.33
CA THR G 512 33.53 26.73 37.05
C THR G 512 32.34 27.64 37.33
N GLU G 513 32.60 28.92 37.49
CA GLU G 513 31.51 29.85 37.76
C GLU G 513 30.51 29.88 36.61
N ARG G 514 30.99 29.85 35.38
CA ARG G 514 30.12 29.85 34.21
C ARG G 514 29.23 28.61 34.13
N ASN G 515 29.81 27.45 34.42
CA ASN G 515 29.08 26.19 34.38
C ASN G 515 29.27 25.34 35.63
N PRO G 516 28.61 25.73 36.73
CA PRO G 516 28.68 25.07 38.04
C PRO G 516 28.66 23.55 37.97
N ASP G 517 28.23 23.00 36.84
CA ASP G 517 28.17 21.55 36.68
C ASP G 517 29.50 20.97 36.20
N GLY G 518 30.38 21.85 35.72
CA GLY G 518 31.71 21.46 35.30
C GLY G 518 31.94 21.14 33.84
N ILE G 519 32.99 21.76 33.28
CA ILE G 519 33.36 21.50 31.90
C ILE G 519 34.04 20.15 31.92
N PRO G 520 33.73 19.28 30.96
CA PRO G 520 34.32 17.94 30.93
C PRO G 520 35.64 17.90 30.19
N ARG G 521 36.60 17.22 30.81
CA ARG G 521 37.93 17.03 30.24
C ARG G 521 38.26 15.55 30.23
N VAL G 522 39.22 15.16 29.40
CA VAL G 522 39.59 13.77 29.22
C VAL G 522 41.11 13.69 29.07
N SER G 523 41.73 12.78 29.82
CA SER G 523 43.17 12.57 29.75
C SER G 523 43.46 11.07 29.87
N GLN G 524 44.50 10.63 29.17
CA GLN G 524 44.75 9.20 29.04
C GLN G 524 46.22 8.89 29.26
N CYS G 525 46.49 7.63 29.56
CA CYS G 525 47.85 7.11 29.68
C CYS G 525 47.85 5.67 29.19
N LYS G 526 48.94 5.27 28.53
CA LYS G 526 49.03 3.96 27.91
C LYS G 526 50.16 3.15 28.56
N PHE G 527 49.84 1.93 28.96
CA PHE G 527 50.81 1.02 29.54
C PHE G 527 51.18 -0.06 28.52
N ARG G 528 52.30 -0.73 28.79
CA ARG G 528 52.88 -1.71 27.88
C ARG G 528 52.95 -3.05 28.60
N LEU G 529 52.24 -4.04 28.08
CA LEU G 529 52.19 -5.35 28.71
C LEU G 529 53.35 -6.23 28.24
N PRO G 530 53.75 -7.22 29.04
CA PRO G 530 54.89 -8.04 28.68
C PRO G 530 54.51 -9.31 27.92
N LEU G 531 55.50 -9.84 27.19
CA LEU G 531 55.29 -11.08 26.44
C LEU G 531 54.94 -12.24 27.35
N LYS G 532 55.38 -12.20 28.62
CA LYS G 532 55.10 -13.27 29.57
C LYS G 532 53.62 -13.47 29.83
N LEU G 533 52.75 -12.64 29.23
CA LEU G 533 51.31 -12.76 29.40
C LEU G 533 50.66 -13.55 28.26
N VAL G 534 51.29 -13.58 27.10
CA VAL G 534 50.71 -14.20 25.92
C VAL G 534 51.59 -15.29 25.32
N CYS G 535 52.85 -15.41 25.74
CA CYS G 535 53.78 -16.32 25.09
C CYS G 535 54.44 -17.22 26.13
N LEU G 536 55.12 -18.25 25.63
CA LEU G 536 55.89 -19.17 26.45
C LEU G 536 57.07 -19.64 25.62
N PRO G 537 58.15 -20.09 26.26
CA PRO G 537 59.27 -20.67 25.50
C PRO G 537 58.92 -22.06 25.01
N GLY G 538 59.08 -22.29 23.71
CA GLY G 538 58.71 -23.55 23.11
C GLY G 538 59.80 -24.07 22.20
N GLN G 539 59.52 -25.23 21.60
CA GLN G 539 60.51 -25.87 20.75
C GLN G 539 60.58 -25.14 19.40
N PRO G 540 61.79 -24.95 18.86
CA PRO G 540 61.92 -24.35 17.53
C PRO G 540 61.92 -25.39 16.42
N SER G 541 61.53 -24.93 15.24
CA SER G 541 61.55 -25.76 14.04
C SER G 541 62.60 -25.23 13.06
N LYS G 542 63.07 -26.12 12.19
CA LYS G 542 64.11 -25.75 11.24
C LYS G 542 63.56 -24.93 10.09
N THR G 543 62.43 -25.33 9.54
CA THR G 543 61.82 -24.64 8.41
C THR G 543 60.36 -24.34 8.71
N ALA G 544 59.91 -23.18 8.22
CA ALA G 544 58.52 -22.77 8.33
C ALA G 544 58.08 -22.19 7.00
N SER G 545 56.79 -21.88 6.90
CA SER G 545 56.23 -21.49 5.60
C SER G 545 56.90 -20.21 5.07
N HIS G 546 57.14 -19.23 5.93
CA HIS G 546 57.76 -18.00 5.47
C HIS G 546 58.47 -17.30 6.61
N LYS G 547 59.40 -16.42 6.23
CA LYS G 547 60.32 -15.79 7.15
C LYS G 547 60.72 -14.43 6.59
N LEU G 548 61.20 -13.57 7.48
CA LEU G 548 61.75 -12.28 7.11
C LEU G 548 63.02 -12.02 7.91
N THR G 549 63.73 -10.96 7.55
CA THR G 549 65.02 -10.64 8.13
C THR G 549 65.05 -9.20 8.60
N ILE G 550 65.96 -8.94 9.55
CA ILE G 550 66.23 -7.60 10.07
C ILE G 550 67.73 -7.51 10.28
N ASP G 551 68.42 -6.71 9.47
CA ASP G 551 69.87 -6.66 9.48
C ASP G 551 70.32 -5.37 10.18
N THR G 552 70.79 -5.51 11.41
CA THR G 552 71.32 -4.38 12.16
C THR G 552 72.79 -4.17 11.82
N ASN G 553 73.28 -2.97 12.10
CA ASN G 553 74.70 -2.65 11.89
C ASN G 553 75.52 -2.89 13.15
N LYS G 554 75.38 -4.08 13.73
CA LYS G 554 76.08 -4.43 14.95
C LYS G 554 76.30 -5.94 14.97
N SER G 555 76.67 -6.47 16.12
CA SER G 555 76.92 -7.89 16.27
C SER G 555 75.64 -8.61 16.66
N PRO G 556 75.50 -9.88 16.26
CA PRO G 556 74.34 -10.68 16.70
C PRO G 556 74.39 -10.91 18.20
N VAL G 557 73.39 -10.42 18.90
CA VAL G 557 73.36 -10.48 20.35
C VAL G 557 72.69 -11.77 20.77
N SER G 558 73.15 -12.32 21.90
CA SER G 558 72.58 -13.55 22.42
C SER G 558 71.11 -13.35 22.76
N LEU G 559 70.26 -14.24 22.22
CA LEU G 559 68.84 -14.13 22.45
C LEU G 559 68.49 -14.29 23.92
N LEU G 560 69.38 -14.91 24.71
CA LEU G 560 69.20 -14.94 26.15
C LEU G 560 69.32 -13.55 26.77
N SER G 561 70.05 -12.65 26.12
CA SER G 561 70.18 -11.29 26.63
C SER G 561 69.02 -10.40 26.17
N LEU G 562 68.52 -10.64 24.96
CA LEU G 562 67.37 -9.88 24.49
C LEU G 562 66.09 -10.37 25.13
N PHE G 563 65.87 -11.69 25.14
CA PHE G 563 64.67 -12.31 25.71
C PHE G 563 65.07 -13.22 26.87
N PRO G 564 65.42 -12.66 28.02
CA PRO G 564 65.88 -13.51 29.13
C PRO G 564 64.79 -14.34 29.76
N GLY G 565 63.52 -13.94 29.62
CA GLY G 565 62.45 -14.72 30.23
C GLY G 565 62.27 -16.08 29.61
N PHE G 566 62.80 -16.29 28.42
CA PHE G 566 62.68 -17.56 27.70
C PHE G 566 64.06 -18.21 27.64
N ALA G 567 64.32 -19.13 28.56
CA ALA G 567 65.60 -19.81 28.62
C ALA G 567 65.70 -20.87 27.51
N VAL G 575 70.56 -20.87 23.82
CA VAL G 575 71.37 -20.86 22.62
C VAL G 575 71.02 -19.58 21.86
N ASN G 576 71.67 -19.35 20.71
CA ASN G 576 71.39 -18.21 19.87
C ASN G 576 70.30 -18.51 18.84
N VAL G 577 69.44 -19.49 19.13
CA VAL G 577 68.29 -19.83 18.31
C VAL G 577 67.14 -20.10 19.26
N MET G 578 66.15 -19.22 19.28
CA MET G 578 65.06 -19.31 20.25
C MET G 578 63.75 -19.65 19.57
N GLY G 579 62.87 -20.27 20.33
CA GLY G 579 61.54 -20.60 19.84
C GLY G 579 60.48 -20.18 20.83
N PHE G 580 59.34 -19.73 20.30
CA PHE G 580 58.25 -19.21 21.11
C PHE G 580 56.96 -19.92 20.71
N ARG G 581 56.08 -20.11 21.70
CA ARG G 581 54.74 -20.61 21.45
C ARG G 581 53.76 -19.73 22.21
N PHE G 582 52.85 -19.09 21.49
CA PHE G 582 51.84 -18.29 22.16
C PHE G 582 50.72 -19.19 22.64
N LEU G 583 49.98 -18.72 23.64
CA LEU G 583 48.81 -19.45 24.08
C LEU G 583 47.83 -19.54 22.94
N GLY G 584 47.68 -20.74 22.38
CA GLY G 584 46.92 -20.93 21.16
C GLY G 584 47.57 -21.95 20.25
N GLY G 585 48.79 -22.34 20.59
CA GLY G 585 49.48 -23.39 19.87
C GLY G 585 50.50 -22.91 18.85
N SER G 586 50.23 -21.75 18.25
CA SER G 586 51.09 -21.23 17.18
C SER G 586 52.50 -20.98 17.70
N GLN G 587 53.48 -21.18 16.82
CA GLN G 587 54.88 -21.12 17.20
C GLN G 587 55.67 -20.25 16.23
N VAL G 588 56.67 -19.56 16.76
CA VAL G 588 57.54 -18.66 16.01
C VAL G 588 58.98 -19.02 16.32
N THR G 589 59.86 -18.84 15.33
CA THR G 589 61.28 -19.11 15.52
C THR G 589 62.10 -17.85 15.25
N LEU G 590 63.04 -17.58 16.14
CA LEU G 590 63.94 -16.43 16.08
C LEU G 590 65.37 -16.93 15.96
N LEU G 591 66.02 -16.61 14.85
CA LEU G 591 67.36 -17.08 14.55
C LEU G 591 68.31 -15.88 14.55
N ALA G 592 69.30 -15.92 15.43
CA ALA G 592 70.38 -14.94 15.37
C ALA G 592 71.33 -15.32 14.24
N SER G 593 72.33 -14.48 14.00
CA SER G 593 73.29 -14.71 12.94
C SER G 593 74.62 -15.17 13.52
N LYS G 594 75.44 -15.78 12.67
CA LYS G 594 76.79 -16.18 13.01
C LYS G 594 77.83 -15.48 12.17
N THR G 595 77.64 -15.46 10.85
CA THR G 595 78.53 -14.72 9.95
C THR G 595 77.99 -13.32 9.66
N SER G 596 76.71 -13.23 9.30
CA SER G 596 76.09 -11.95 8.98
C SER G 596 75.68 -11.24 10.28
N GLN G 597 74.91 -10.18 10.14
CA GLN G 597 74.42 -9.42 11.29
C GLN G 597 72.90 -9.31 11.31
N ARG G 598 72.20 -10.23 10.66
CA ARG G 598 70.75 -10.15 10.54
C ARG G 598 70.07 -11.21 11.38
N TYR G 599 68.87 -10.89 11.85
CA TYR G 599 68.01 -11.77 12.61
C TYR G 599 66.86 -12.23 11.74
N ARG G 600 66.49 -13.50 11.86
CA ARG G 600 65.48 -14.10 11.02
C ARG G 600 64.28 -14.50 11.87
N ILE G 601 63.09 -14.12 11.42
CA ILE G 601 61.83 -14.46 12.08
C ILE G 601 61.06 -15.36 11.13
N GLN G 602 60.70 -16.55 11.59
CA GLN G 602 60.01 -17.49 10.70
C GLN G 602 58.80 -18.11 11.40
N SER G 603 57.78 -18.40 10.60
CA SER G 603 56.57 -19.09 11.04
C SER G 603 55.75 -19.47 9.81
N GLU G 604 54.61 -20.11 10.06
CA GLU G 604 53.65 -20.37 8.99
C GLU G 604 52.62 -19.27 8.84
N GLN G 605 52.38 -18.49 9.90
CA GLN G 605 51.35 -17.47 9.92
C GLN G 605 52.01 -16.09 9.87
N PHE G 606 51.62 -15.28 8.88
CA PHE G 606 52.16 -13.93 8.80
C PHE G 606 51.80 -13.11 10.02
N GLU G 607 50.68 -13.42 10.66
CA GLU G 607 50.30 -12.74 11.90
C GLU G 607 51.32 -13.00 13.00
N ASP G 608 51.78 -14.24 13.12
CA ASP G 608 52.69 -14.63 14.20
C ASP G 608 53.97 -13.81 14.19
N LEU G 609 54.43 -13.39 13.02
CA LEU G 609 55.71 -12.70 12.94
C LEU G 609 55.67 -11.36 13.67
N TRP G 610 54.49 -10.73 13.76
CA TRP G 610 54.42 -9.33 14.17
C TRP G 610 54.86 -9.13 15.62
N LEU G 611 54.30 -9.91 16.54
CA LEU G 611 54.60 -9.70 17.96
C LEU G 611 56.07 -9.94 18.25
N ILE G 612 56.61 -11.05 17.74
CA ILE G 612 58.01 -11.37 18.01
C ILE G 612 58.93 -10.37 17.32
N THR G 613 58.56 -9.87 16.15
CA THR G 613 59.38 -8.88 15.47
C THR G 613 59.40 -7.56 16.23
N ASN G 614 58.23 -7.10 16.65
CA ASN G 614 58.14 -5.88 17.44
C ASN G 614 58.95 -5.99 18.72
N GLU G 615 58.80 -7.12 19.44
CA GLU G 615 59.52 -7.30 20.69
C GLU G 615 61.02 -7.40 20.44
N LEU G 616 61.44 -8.06 19.37
CA LEU G 616 62.86 -8.14 19.04
C LEU G 616 63.44 -6.76 18.82
N ILE G 617 62.76 -5.93 18.02
CA ILE G 617 63.29 -4.60 17.74
C ILE G 617 63.30 -3.76 19.00
N ILE G 618 62.26 -3.87 19.85
CA ILE G 618 62.20 -3.06 21.06
C ILE G 618 63.31 -3.47 22.03
N ARG G 619 63.53 -4.78 22.19
CA ARG G 619 64.58 -5.24 23.09
C ARG G 619 65.96 -4.86 22.56
N LEU G 620 66.17 -4.94 21.24
CA LEU G 620 67.42 -4.48 20.65
C LEU G 620 67.65 -3.02 20.99
N GLN G 621 66.64 -2.17 20.77
CA GLN G 621 66.78 -0.75 21.08
C GLN G 621 67.13 -0.54 22.54
N GLU G 622 66.39 -1.20 23.44
CA GLU G 622 66.63 -1.02 24.88
C GLU G 622 68.04 -1.46 25.27
N TYR G 623 68.44 -2.65 24.81
CA TYR G 623 69.76 -3.17 25.15
C TYR G 623 70.86 -2.24 24.65
N PHE G 624 70.84 -1.92 23.35
CA PHE G 624 71.87 -1.05 22.81
C PHE G 624 71.81 0.35 23.38
N GLU G 625 70.69 0.75 23.98
CA GLU G 625 70.67 2.00 24.74
C GLU G 625 71.38 1.83 26.07
N LYS G 626 71.19 0.68 26.73
CA LYS G 626 71.89 0.42 27.99
C LYS G 626 73.41 0.41 27.80
N GLN G 627 73.89 -0.02 26.63
CA GLN G 627 75.31 0.04 26.33
C GLN G 627 75.78 1.44 25.99
N GLY G 628 74.89 2.42 25.95
CA GLY G 628 75.25 3.80 25.72
C GLY G 628 75.59 4.17 24.30
N ILE G 629 75.74 3.19 23.39
CA ILE G 629 76.06 3.50 22.01
C ILE G 629 74.83 4.13 21.34
N LYS G 630 75.09 5.05 20.40
CA LYS G 630 74.03 5.91 19.89
C LYS G 630 73.59 5.62 18.47
N ASP G 631 74.40 4.93 17.67
CA ASP G 631 74.04 4.61 16.29
C ASP G 631 73.59 3.16 16.19
N PHE G 632 72.38 2.94 15.70
CA PHE G 632 71.80 1.60 15.63
C PHE G 632 70.65 1.60 14.65
N THR G 633 70.68 0.67 13.70
CA THR G 633 69.64 0.57 12.67
C THR G 633 69.03 -0.82 12.66
N CYS G 634 67.87 -0.93 12.02
CA CYS G 634 67.16 -2.18 11.79
C CYS G 634 66.68 -2.23 10.34
N SER G 635 67.62 -1.99 9.42
CA SER G 635 67.31 -1.59 8.05
C SER G 635 66.25 -2.48 7.39
N PHE G 636 66.53 -3.77 7.25
CA PHE G 636 65.73 -4.68 6.43
C PHE G 636 65.67 -4.18 4.98
N SER G 637 66.84 -4.21 4.35
CA SER G 637 66.90 -3.97 2.91
C SER G 637 66.49 -5.23 2.17
N GLY G 638 65.39 -5.14 1.43
CA GLY G 638 64.87 -6.30 0.73
C GLY G 638 63.59 -6.05 -0.01
N SER G 639 62.62 -6.96 0.12
CA SER G 639 61.35 -6.87 -0.57
C SER G 639 60.22 -6.82 0.46
N VAL G 640 59.43 -5.76 0.43
CA VAL G 640 58.24 -5.71 1.28
C VAL G 640 57.30 -6.84 0.86
N PRO G 641 56.72 -7.60 1.82
CA PRO G 641 56.04 -8.84 1.44
C PRO G 641 54.91 -8.67 0.42
N LEU G 642 53.85 -7.94 0.77
CA LEU G 642 52.78 -7.55 -0.13
C LEU G 642 52.09 -8.72 -0.82
N GLU G 643 52.41 -9.95 -0.46
CA GLU G 643 51.74 -11.07 -1.10
C GLU G 643 51.15 -12.06 -0.10
N GLU G 644 51.86 -12.32 1.00
CA GLU G 644 51.24 -13.04 2.11
C GLU G 644 50.36 -12.12 2.95
N TYR G 645 50.41 -10.82 2.68
CA TYR G 645 49.57 -9.82 3.31
C TYR G 645 48.24 -9.67 2.59
N PHE G 646 48.22 -9.91 1.28
CA PHE G 646 46.99 -9.78 0.51
C PHE G 646 46.03 -10.93 0.76
N GLU G 647 46.55 -12.11 1.09
CA GLU G 647 45.67 -13.25 1.30
C GLU G 647 44.82 -13.09 2.54
N LEU G 648 45.38 -12.46 3.58
CA LEU G 648 44.58 -12.16 4.77
C LEU G 648 43.48 -11.16 4.45
N ILE G 649 43.80 -10.14 3.66
CA ILE G 649 42.79 -9.19 3.21
C ILE G 649 41.69 -9.89 2.45
N ASP G 650 42.06 -10.83 1.57
CA ASP G 650 41.06 -11.52 0.78
C ASP G 650 40.20 -12.45 1.63
N HIS G 651 40.79 -13.08 2.64
CA HIS G 651 40.01 -13.88 3.57
C HIS G 651 39.01 -13.02 4.32
N HIS G 652 39.46 -11.87 4.82
CA HIS G 652 38.58 -10.93 5.50
C HIS G 652 37.42 -10.52 4.60
N PHE G 653 37.71 -10.21 3.33
CA PHE G 653 36.67 -9.72 2.44
C PHE G 653 35.72 -10.85 2.03
N GLU G 654 36.22 -12.07 1.90
CA GLU G 654 35.33 -13.20 1.65
C GLU G 654 34.37 -13.40 2.80
N LEU G 655 34.86 -13.26 4.03
CA LEU G 655 33.98 -13.36 5.18
C LEU G 655 32.94 -12.23 5.18
N ARG G 656 33.36 -11.03 4.80
CA ARG G 656 32.41 -9.91 4.73
C ARG G 656 31.32 -10.16 3.71
N ILE G 657 31.69 -10.64 2.52
CA ILE G 657 30.71 -10.91 1.48
C ILE G 657 29.77 -12.03 1.91
N ASN G 658 30.31 -13.07 2.55
CA ASN G 658 29.46 -14.14 3.05
C ASN G 658 28.48 -13.62 4.09
N GLY G 659 28.92 -12.69 4.94
CA GLY G 659 28.01 -12.11 5.91
C GLY G 659 26.89 -11.30 5.27
N GLU G 660 27.23 -10.52 4.24
CA GLU G 660 26.19 -9.76 3.55
C GLU G 660 25.18 -10.69 2.88
N LYS G 661 25.65 -11.79 2.30
CA LYS G 661 24.73 -12.75 1.69
C LYS G 661 23.83 -13.38 2.74
N LEU G 662 24.41 -13.80 3.87
CA LEU G 662 23.61 -14.38 4.93
C LEU G 662 22.56 -13.40 5.43
N GLU G 663 22.91 -12.12 5.50
CA GLU G 663 21.95 -11.14 6.00
C GLU G 663 20.83 -10.88 5.00
N GLU G 664 21.16 -10.79 3.71
CA GLU G 664 20.10 -10.61 2.72
C GLU G 664 19.22 -11.84 2.59
N LEU G 665 19.71 -13.01 3.00
CA LEU G 665 18.86 -14.19 3.06
C LEU G 665 17.96 -14.17 4.29
N LEU G 666 18.53 -13.76 5.43
CA LEU G 666 17.74 -13.61 6.65
C LEU G 666 16.61 -12.61 6.45
N SER G 667 16.83 -11.58 5.64
CA SER G 667 15.77 -10.62 5.35
C SER G 667 14.57 -11.31 4.71
N GLU G 668 14.82 -12.14 3.69
CA GLU G 668 13.72 -12.83 3.02
C GLU G 668 13.03 -13.81 3.96
N ARG G 669 13.81 -14.53 4.77
CA ARG G 669 13.19 -15.45 5.72
C ARG G 669 12.30 -14.71 6.71
N ALA G 670 12.75 -13.55 7.19
CA ALA G 670 11.95 -12.77 8.12
C ALA G 670 10.68 -12.25 7.45
N VAL G 671 10.77 -11.84 6.19
CA VAL G 671 9.58 -11.37 5.48
C VAL G 671 8.57 -12.50 5.34
N GLN G 672 9.04 -13.70 4.99
CA GLN G 672 8.13 -14.84 4.90
C GLN G 672 7.46 -15.11 6.24
N PHE G 673 8.24 -15.11 7.32
CA PHE G 673 7.67 -15.35 8.64
C PHE G 673 6.62 -14.32 8.98
N ARG G 674 6.89 -13.04 8.67
CA ARG G 674 5.92 -11.99 8.96
C ARG G 674 4.64 -12.18 8.17
N ALA G 675 4.76 -12.55 6.89
CA ALA G 675 3.57 -12.73 6.06
C ALA G 675 2.71 -13.87 6.58
N ILE G 676 3.33 -15.01 6.88
CA ILE G 676 2.57 -16.15 7.40
C ILE G 676 1.97 -15.80 8.76
N GLN G 677 2.69 -15.02 9.57
CA GLN G 677 2.17 -14.63 10.87
C GLN G 677 0.96 -13.72 10.73
N ARG G 678 0.98 -12.81 9.76
CA ARG G 678 -0.18 -11.95 9.53
C ARG G 678 -1.37 -12.78 9.05
N ARG G 679 -1.12 -13.75 8.17
CA ARG G 679 -2.21 -14.65 7.76
C ARG G 679 -2.82 -15.35 8.97
N LEU G 680 -1.97 -15.88 9.85
CA LEU G 680 -2.48 -16.58 11.02
C LEU G 680 -3.24 -15.66 11.96
N LEU G 681 -2.76 -14.41 12.11
CA LEU G 681 -3.47 -13.45 12.95
C LEU G 681 -4.85 -13.14 12.36
N THR G 682 -4.93 -13.03 11.03
CA THR G 682 -6.22 -12.83 10.39
C THR G 682 -7.14 -14.02 10.65
N ARG G 683 -6.61 -15.24 10.56
CA ARG G 683 -7.44 -16.40 10.88
C ARG G 683 -7.85 -16.41 12.35
N PHE G 684 -7.04 -15.82 13.22
CA PHE G 684 -7.38 -15.79 14.64
C PHE G 684 -8.50 -14.80 14.92
N LYS G 685 -8.37 -13.58 14.39
CA LYS G 685 -9.38 -12.55 14.65
C LYS G 685 -10.75 -12.96 14.13
N ASP G 686 -10.79 -13.80 13.09
CA ASP G 686 -12.05 -14.21 12.50
C ASP G 686 -12.83 -15.10 13.47
N LYS G 687 -14.15 -14.90 13.49
CA LYS G 687 -15.01 -15.73 14.34
C LYS G 687 -15.12 -17.15 13.79
N THR G 688 -15.46 -17.27 12.52
CA THR G 688 -15.85 -18.57 11.97
C THR G 688 -14.68 -19.55 12.03
N PRO G 689 -14.94 -20.82 12.32
CA PRO G 689 -13.88 -21.83 12.27
C PRO G 689 -13.46 -22.10 10.83
N ALA G 690 -12.24 -22.61 10.68
CA ALA G 690 -11.70 -22.88 9.36
C ALA G 690 -10.47 -23.77 9.48
N PRO G 691 -10.19 -24.61 8.49
CA PRO G 691 -8.95 -25.38 8.51
C PRO G 691 -7.74 -24.46 8.48
N LEU G 692 -6.71 -24.82 9.25
CA LEU G 692 -5.49 -24.05 9.22
C LEU G 692 -4.75 -24.18 7.88
N GLN G 693 -5.12 -25.17 7.07
CA GLN G 693 -4.52 -25.39 5.76
C GLN G 693 -3.01 -25.56 5.85
N HIS G 694 -2.54 -26.10 6.97
CA HIS G 694 -1.12 -26.32 7.21
C HIS G 694 -0.33 -25.01 7.19
N LEU G 695 -0.98 -23.90 7.52
CA LEU G 695 -0.25 -22.65 7.67
C LEU G 695 0.71 -22.72 8.84
N ASP G 696 0.34 -23.44 9.90
CA ASP G 696 1.24 -23.61 11.03
C ASP G 696 2.50 -24.37 10.63
N THR G 697 2.38 -25.32 9.70
CA THR G 697 3.54 -26.06 9.24
C THR G 697 4.50 -25.15 8.47
N LEU G 698 3.96 -24.30 7.60
CA LEU G 698 4.80 -23.33 6.90
C LEU G 698 5.44 -22.38 7.89
N LEU G 699 4.72 -21.99 8.93
CA LEU G 699 5.29 -21.12 9.95
C LEU G 699 6.44 -21.80 10.68
N ASP G 700 6.28 -23.08 11.04
CA ASP G 700 7.35 -23.82 11.70
C ASP G 700 8.57 -23.95 10.79
N GLY G 701 8.35 -24.28 9.52
CA GLY G 701 9.46 -24.36 8.58
C GLY G 701 10.21 -23.04 8.48
N THR G 702 9.47 -21.94 8.33
CA THR G 702 10.10 -20.64 8.22
C THR G 702 10.85 -20.28 9.49
N TYR G 703 10.30 -20.65 10.64
CA TYR G 703 10.96 -20.37 11.91
C TYR G 703 12.27 -21.14 12.03
N LYS G 704 12.27 -22.41 11.60
CA LYS G 704 13.52 -23.17 11.58
C LYS G 704 14.54 -22.53 10.66
N GLN G 705 14.10 -22.09 9.47
CA GLN G 705 15.02 -21.42 8.56
C GLN G 705 15.60 -20.16 9.20
N VAL G 706 14.77 -19.38 9.90
CA VAL G 706 15.23 -18.14 10.49
C VAL G 706 16.24 -18.41 11.60
N ILE G 707 15.99 -19.43 12.42
CA ILE G 707 16.94 -19.75 13.49
C ILE G 707 18.26 -20.23 12.91
N ALA G 708 18.21 -21.08 11.88
CA ALA G 708 19.43 -21.54 11.23
C ALA G 708 20.22 -20.37 10.67
N LEU G 709 19.54 -19.44 10.01
CA LEU G 709 20.24 -18.29 9.43
C LEU G 709 20.80 -17.37 10.51
N ALA G 710 20.10 -17.25 11.63
CA ALA G 710 20.62 -16.43 12.73
C ALA G 710 21.89 -17.02 13.31
N ASP G 711 21.90 -18.34 13.52
CA ASP G 711 23.12 -18.99 14.00
C ASP G 711 24.25 -18.86 13.00
N ALA G 712 23.93 -18.97 11.70
CA ALA G 712 24.96 -18.81 10.68
C ALA G 712 25.55 -17.41 10.71
N VAL G 713 24.71 -16.39 10.89
CA VAL G 713 25.20 -15.02 10.93
C VAL G 713 26.05 -14.79 12.17
N GLU G 714 25.67 -15.40 13.30
CA GLU G 714 26.50 -15.29 14.51
C GLU G 714 27.88 -15.88 14.28
N GLU G 715 27.93 -17.09 13.74
CA GLU G 715 29.23 -17.72 13.50
C GLU G 715 30.05 -16.94 12.49
N ASN G 716 29.40 -16.36 11.48
CA ASN G 716 30.13 -15.55 10.52
C ASN G 716 30.67 -14.29 11.17
N GLN G 717 29.92 -13.70 12.10
CA GLN G 717 30.41 -12.53 12.81
C GLN G 717 31.65 -12.87 13.63
N ASP G 718 31.63 -14.02 14.29
CA ASP G 718 32.81 -14.43 15.08
C ASP G 718 34.02 -14.67 14.17
N ASN G 719 33.81 -15.38 13.06
CA ASN G 719 34.91 -15.61 12.12
C ASN G 719 35.44 -14.30 11.57
N LEU G 720 34.55 -13.35 11.26
CA LEU G 720 34.98 -12.06 10.74
C LEU G 720 35.79 -11.30 11.78
N PHE G 721 35.42 -11.42 13.06
CA PHE G 721 36.19 -10.74 14.09
C PHE G 721 37.58 -11.33 14.23
N GLN G 722 37.69 -12.68 14.21
CA GLN G 722 39.00 -13.30 14.25
C GLN G 722 39.85 -12.87 13.07
N SER G 723 39.26 -12.87 11.87
CA SER G 723 40.01 -12.46 10.68
C SER G 723 40.44 -11.00 10.79
N PHE G 724 39.60 -10.15 11.37
CA PHE G 724 39.98 -8.75 11.52
C PHE G 724 41.15 -8.58 12.47
N THR G 725 41.16 -9.31 13.59
CA THR G 725 42.29 -9.22 14.50
C THR G 725 43.58 -9.70 13.83
N ARG G 726 43.51 -10.83 13.13
CA ARG G 726 44.70 -11.33 12.45
C ARG G 726 45.17 -10.35 11.37
N LEU G 727 44.23 -9.71 10.68
CA LEU G 727 44.60 -8.71 9.68
C LEU G 727 45.23 -7.48 10.33
N LYS G 728 44.77 -7.12 11.52
CA LYS G 728 45.39 -6.00 12.24
C LYS G 728 46.84 -6.31 12.56
N SER G 729 47.10 -7.52 13.04
CA SER G 729 48.49 -7.92 13.29
C SER G 729 49.32 -7.87 12.01
N ALA G 730 48.77 -8.40 10.91
CA ALA G 730 49.51 -8.42 9.66
C ALA G 730 49.83 -7.01 9.18
N THR G 731 48.85 -6.10 9.23
CA THR G 731 49.12 -4.74 8.75
C THR G 731 50.05 -3.99 9.70
N HIS G 732 50.01 -4.30 11.00
CA HIS G 732 51.04 -3.79 11.90
C HIS G 732 52.43 -4.17 11.40
N LEU G 733 52.62 -5.46 11.11
CA LEU G 733 53.92 -5.92 10.61
C LEU G 733 54.29 -5.25 9.31
N VAL G 734 53.30 -5.02 8.43
CA VAL G 734 53.60 -4.46 7.12
C VAL G 734 54.01 -3.00 7.24
N ILE G 735 53.34 -2.24 8.11
CA ILE G 735 53.77 -0.86 8.35
C ILE G 735 55.15 -0.83 8.97
N LEU G 736 55.44 -1.78 9.87
CA LEU G 736 56.79 -1.84 10.44
C LEU G 736 57.84 -2.08 9.35
N LEU G 737 57.58 -3.05 8.47
CA LEU G 737 58.54 -3.37 7.43
C LEU G 737 58.64 -2.28 6.37
N ILE G 738 57.62 -1.45 6.22
CA ILE G 738 57.73 -0.32 5.30
C ILE G 738 58.51 0.82 5.94
N GLY G 739 58.29 1.05 7.24
CA GLY G 739 59.04 2.07 7.95
C GLY G 739 60.49 1.70 8.17
N LEU G 740 60.84 0.42 8.05
CA LEU G 740 62.24 0.03 8.07
C LEU G 740 62.82 -0.07 6.66
N TRP G 741 62.08 -0.67 5.73
CA TRP G 741 62.53 -0.84 4.35
C TRP G 741 62.94 0.49 3.73
N GLN G 742 62.33 1.59 4.15
CA GLN G 742 62.80 2.93 3.84
C GLN G 742 62.90 3.73 5.13
N LYS G 743 63.81 4.70 5.14
CA LYS G 743 64.11 5.46 6.36
C LYS G 743 62.96 6.40 6.65
N LEU G 744 61.85 5.82 7.11
CA LEU G 744 60.66 6.58 7.45
C LEU G 744 60.77 7.12 8.86
N SER G 745 60.46 8.41 9.03
CA SER G 745 60.54 9.05 10.33
C SER G 745 59.27 8.73 11.13
N ALA G 746 59.10 9.39 12.27
CA ALA G 746 57.94 9.12 13.11
C ALA G 746 56.66 9.70 12.53
N ASP G 747 56.76 10.83 11.81
CA ASP G 747 55.57 11.46 11.25
C ASP G 747 54.92 10.58 10.20
N GLN G 748 55.71 10.11 9.22
CA GLN G 748 55.14 9.26 8.18
C GLN G 748 54.68 7.92 8.73
N ILE G 749 55.35 7.40 9.76
CA ILE G 749 54.90 6.18 10.39
C ILE G 749 53.56 6.41 11.09
N ALA G 750 53.37 7.59 11.67
CA ALA G 750 52.08 7.90 12.28
C ALA G 750 50.99 8.04 11.23
N ILE G 751 51.31 8.65 10.10
CA ILE G 751 50.35 8.74 8.99
C ILE G 751 49.95 7.35 8.52
N LEU G 752 50.92 6.47 8.36
CA LEU G 752 50.63 5.11 7.91
C LEU G 752 49.81 4.35 8.94
N GLU G 753 50.13 4.51 10.22
CA GLU G 753 49.35 3.85 11.27
C GLU G 753 47.93 4.37 11.30
N ALA G 754 47.72 5.64 10.96
CA ALA G 754 46.37 6.19 10.93
C ALA G 754 45.60 5.68 9.71
N ALA G 755 46.29 5.54 8.58
CA ALA G 755 45.61 5.14 7.34
C ALA G 755 45.33 3.65 7.28
N PHE G 756 46.21 2.81 7.82
CA PHE G 756 46.08 1.37 7.70
C PHE G 756 45.40 0.70 8.88
N LEU G 757 45.29 1.36 10.02
CA LEU G 757 44.73 0.78 11.23
C LEU G 757 43.52 1.59 11.70
N PRO G 758 42.46 1.64 10.89
CA PRO G 758 41.39 2.61 11.15
C PRO G 758 40.39 2.21 12.21
N LEU G 759 40.03 0.94 12.30
CA LEU G 759 39.06 0.50 13.30
C LEU G 759 39.26 -0.91 13.83
N GLN G 760 38.86 -1.10 15.09
CA GLN G 760 38.98 -2.37 15.81
C GLN G 760 37.75 -3.30 15.82
N GLN G 761 36.79 -3.06 14.92
CA GLN G 761 35.58 -3.89 14.78
C GLN G 761 34.79 -3.55 13.51
N ASP G 762 34.45 -4.54 12.68
CA ASP G 762 33.65 -4.20 11.52
C ASP G 762 32.19 -3.99 11.89
N THR G 763 31.54 -3.11 11.15
CA THR G 763 30.14 -2.78 11.33
C THR G 763 29.45 -2.78 9.98
N GLN G 764 28.12 -2.85 10.00
CA GLN G 764 27.35 -2.97 8.77
C GLN G 764 27.28 -1.66 7.99
N GLU G 765 28.03 -0.63 8.38
CA GLU G 765 28.11 0.60 7.62
C GLU G 765 29.53 1.02 7.29
N LEU G 766 30.52 0.62 8.10
CA LEU G 766 31.91 0.95 7.83
C LEU G 766 32.77 -0.27 8.14
N GLY G 767 33.60 -0.66 7.17
CA GLY G 767 34.51 -1.77 7.35
C GLY G 767 35.94 -1.34 7.06
N TRP G 768 36.86 -2.30 7.26
CA TRP G 768 38.27 -1.99 7.08
C TRP G 768 38.60 -1.66 5.63
N GLU G 769 38.03 -2.42 4.69
CA GLU G 769 38.39 -2.28 3.29
C GLU G 769 38.12 -0.88 2.78
N GLU G 770 36.87 -0.42 2.89
CA GLU G 770 36.50 0.89 2.34
C GLU G 770 37.31 2.00 3.00
N THR G 771 37.51 1.91 4.31
CA THR G 771 38.18 2.99 5.03
C THR G 771 39.65 3.09 4.65
N VAL G 772 40.36 1.95 4.66
CA VAL G 772 41.76 2.00 4.28
C VAL G 772 41.91 2.35 2.81
N ASP G 773 40.93 1.96 1.98
CA ASP G 773 41.00 2.29 0.57
C ASP G 773 40.84 3.79 0.34
N ALA G 774 39.87 4.41 1.02
CA ALA G 774 39.71 5.85 0.93
C ALA G 774 40.94 6.57 1.42
N ALA G 775 41.49 6.13 2.57
CA ALA G 775 42.68 6.78 3.12
C ALA G 775 43.86 6.68 2.17
N LEU G 776 44.07 5.51 1.57
CA LEU G 776 45.21 5.34 0.67
C LEU G 776 45.01 6.09 -0.64
N SER G 777 43.79 6.08 -1.18
CA SER G 777 43.51 6.85 -2.37
C SER G 777 43.77 8.33 -2.13
N HIS G 778 43.39 8.83 -0.96
CA HIS G 778 43.63 10.24 -0.67
C HIS G 778 45.11 10.53 -0.47
N LEU G 779 45.82 9.64 0.22
CA LEU G 779 47.25 9.85 0.46
C LEU G 779 48.02 9.84 -0.85
N LEU G 780 47.62 8.99 -1.79
CA LEU G 780 48.24 9.00 -3.11
C LEU G 780 47.78 10.19 -3.94
N LYS G 781 46.55 10.66 -3.71
CA LYS G 781 46.01 11.79 -4.46
C LYS G 781 46.77 13.06 -4.14
N THR G 782 46.89 13.39 -2.85
CA THR G 782 47.43 14.69 -2.46
C THR G 782 48.95 14.71 -2.33
N CYS G 783 49.61 13.55 -2.26
CA CYS G 783 51.05 13.52 -2.01
C CYS G 783 51.84 12.85 -3.11
N LEU G 784 51.43 11.66 -3.56
CA LEU G 784 52.28 10.81 -4.38
C LEU G 784 51.86 10.73 -5.84
N SER G 785 50.99 11.63 -6.31
CA SER G 785 50.59 11.63 -7.71
C SER G 785 50.76 13.03 -8.30
N LYS G 786 51.13 13.07 -9.58
CA LYS G 786 51.25 14.32 -10.31
C LYS G 786 50.42 14.39 -11.58
N SER G 787 49.83 13.28 -12.03
CA SER G 787 48.95 13.28 -13.19
C SER G 787 47.51 13.41 -12.72
N SER G 788 46.78 14.38 -13.26
CA SER G 788 45.39 14.58 -12.86
C SER G 788 44.47 13.52 -13.45
N LYS G 789 44.82 12.96 -14.61
CA LYS G 789 43.99 11.93 -15.22
C LYS G 789 43.84 10.73 -14.30
N GLU G 790 44.94 10.23 -13.77
CA GLU G 790 44.86 9.14 -12.80
C GLU G 790 44.21 9.62 -11.52
N GLN G 791 44.53 10.84 -11.08
CA GLN G 791 43.95 11.38 -9.86
C GLN G 791 42.43 11.33 -9.89
N ALA G 792 41.83 11.53 -11.06
CA ALA G 792 40.38 11.52 -11.16
C ALA G 792 39.82 10.17 -11.60
N LEU G 793 40.61 9.34 -12.28
CA LEU G 793 40.10 8.07 -12.78
C LEU G 793 40.23 6.95 -11.74
N ASN G 794 41.44 6.73 -11.24
CA ASN G 794 41.71 5.64 -10.31
C ASN G 794 41.73 6.09 -8.85
N LEU G 795 42.23 7.28 -8.57
CA LEU G 795 42.43 7.73 -7.19
C LEU G 795 41.19 8.49 -6.72
N ASN G 796 40.10 7.75 -6.56
CA ASN G 796 38.87 8.27 -5.98
C ASN G 796 38.54 7.49 -4.72
N SER G 797 37.77 8.11 -3.84
CA SER G 797 37.53 7.58 -2.51
C SER G 797 36.03 7.57 -2.21
N GLN G 798 35.53 6.42 -1.77
CA GLN G 798 34.14 6.27 -1.34
C GLN G 798 34.11 5.38 -0.11
N LEU G 799 32.97 5.35 0.56
CA LEU G 799 32.80 4.61 1.80
C LEU G 799 31.70 3.56 1.67
N GLY G 800 31.64 2.88 0.53
CA GLY G 800 30.71 1.80 0.32
C GLY G 800 31.45 0.49 0.12
N ILE G 801 30.86 -0.60 0.60
CA ILE G 801 31.48 -1.91 0.53
C ILE G 801 31.74 -2.27 -0.93
N PRO G 802 32.98 -2.55 -1.30
CA PRO G 802 33.29 -2.86 -2.71
C PRO G 802 32.75 -4.22 -3.10
N LYS G 803 32.83 -4.50 -4.40
CA LYS G 803 32.51 -5.82 -4.92
C LYS G 803 33.76 -6.66 -5.19
N ASP G 804 34.94 -6.08 -5.03
CA ASP G 804 36.19 -6.79 -5.21
C ASP G 804 37.29 -6.01 -4.49
N THR G 805 38.34 -6.73 -4.12
CA THR G 805 39.47 -6.14 -3.39
C THR G 805 40.61 -5.74 -4.30
N SER G 806 40.39 -5.70 -5.61
CA SER G 806 41.51 -5.45 -6.52
C SER G 806 41.97 -4.00 -6.46
N GLN G 807 41.05 -3.06 -6.24
CA GLN G 807 41.45 -1.66 -6.16
C GLN G 807 42.31 -1.39 -4.94
N LEU G 808 41.95 -1.97 -3.79
CA LEU G 808 42.74 -1.80 -2.58
C LEU G 808 44.15 -2.35 -2.77
N LYS G 809 44.27 -3.55 -3.33
CA LYS G 809 45.59 -4.15 -3.53
C LYS G 809 46.40 -3.36 -4.54
N LYS G 810 45.77 -2.91 -5.63
CA LYS G 810 46.46 -2.05 -6.58
C LYS G 810 46.99 -0.80 -5.90
N HIS G 811 46.18 -0.18 -5.04
CA HIS G 811 46.61 1.05 -4.38
C HIS G 811 47.74 0.80 -3.40
N ILE G 812 47.71 -0.35 -2.70
CA ILE G 812 48.78 -0.65 -1.75
C ILE G 812 50.10 -0.89 -2.49
N THR G 813 50.06 -1.70 -3.55
CA THR G 813 51.27 -1.91 -4.34
C THR G 813 51.77 -0.62 -4.94
N LEU G 814 50.87 0.22 -5.44
CA LEU G 814 51.27 1.51 -6.00
C LEU G 814 51.85 2.42 -4.94
N PHE G 815 51.35 2.33 -3.70
CA PHE G 815 51.91 3.11 -2.61
C PHE G 815 53.34 2.70 -2.32
N CYS G 816 53.58 1.39 -2.18
CA CYS G 816 54.94 0.93 -1.95
C CYS G 816 55.85 1.29 -3.12
N ASP G 817 55.33 1.22 -4.34
CA ASP G 817 56.14 1.56 -5.52
C ASP G 817 56.54 3.03 -5.48
N ARG G 818 55.55 3.94 -5.43
CA ARG G 818 55.84 5.36 -5.43
C ARG G 818 56.58 5.80 -4.17
N LEU G 819 56.63 4.97 -3.13
CA LEU G 819 57.57 5.23 -2.04
C LEU G 819 58.97 4.80 -2.42
N ALA G 820 59.10 3.72 -3.19
CA ALA G 820 60.41 3.23 -3.59
C ALA G 820 61.14 4.24 -4.45
N LYS G 821 60.44 4.89 -5.38
CA LYS G 821 61.10 5.85 -6.27
C LYS G 821 61.63 7.06 -5.52
N GLY G 822 61.10 7.35 -4.34
CA GLY G 822 61.60 8.47 -3.55
C GLY G 822 60.52 9.40 -3.05
N GLY G 823 59.26 8.99 -3.21
CA GLY G 823 58.17 9.80 -2.72
C GLY G 823 58.16 9.90 -1.20
N ARG G 824 57.47 10.93 -0.71
CA ARG G 824 57.33 11.15 0.72
C ARG G 824 55.94 11.66 1.01
N LEU G 825 55.44 11.33 2.21
CA LEU G 825 54.08 11.64 2.57
C LEU G 825 53.97 13.04 3.18
N CYS G 826 52.76 13.57 3.16
CA CYS G 826 52.44 14.86 3.76
C CYS G 826 50.97 14.89 4.09
N LEU G 827 50.50 16.01 4.60
CA LEU G 827 49.10 16.17 4.98
C LEU G 827 48.37 17.23 4.15
N SER G 828 48.89 18.44 4.09
CA SER G 828 48.24 19.53 3.37
C SER G 828 48.12 19.21 1.89
N GLU H 17 -31.59 1.73 -70.32
CA GLU H 17 -32.82 2.04 -69.60
C GLU H 17 -32.57 2.13 -68.10
N VAL H 18 -32.53 0.98 -67.43
CA VAL H 18 -32.29 0.89 -66.00
C VAL H 18 -30.83 0.54 -65.81
N HIS H 19 -30.02 1.53 -65.43
CA HIS H 19 -28.58 1.37 -65.36
C HIS H 19 -28.17 0.56 -64.14
N VAL H 20 -26.88 0.28 -64.04
CA VAL H 20 -26.32 -0.46 -62.90
C VAL H 20 -24.86 -0.07 -62.69
N LEU H 21 -24.51 0.35 -61.48
CA LEU H 21 -23.15 0.77 -61.16
C LEU H 21 -22.54 -0.14 -60.11
N CYS H 22 -21.27 -0.46 -60.28
CA CYS H 22 -20.49 -1.26 -59.35
C CYS H 22 -19.11 -0.63 -59.20
N LEU H 23 -18.52 -0.68 -58.01
CA LEU H 23 -17.20 -0.06 -57.81
C LEU H 23 -16.05 -1.03 -57.49
N GLY H 24 -16.15 -1.75 -56.38
CA GLY H 24 -15.13 -2.69 -55.97
C GLY H 24 -14.03 -2.14 -55.06
N LEU H 25 -13.35 -3.04 -54.36
CA LEU H 25 -12.26 -2.70 -53.45
C LEU H 25 -10.91 -2.48 -54.15
N ASP H 26 -9.99 -1.79 -53.47
CA ASP H 26 -8.68 -1.53 -54.03
C ASP H 26 -7.75 -2.74 -53.97
N ASN H 27 -6.75 -2.71 -54.86
CA ASN H 27 -5.67 -3.70 -54.99
C ASN H 27 -6.18 -5.13 -55.24
N SER H 28 -7.40 -5.28 -55.75
CA SER H 28 -7.97 -6.60 -55.98
C SER H 28 -7.81 -7.07 -57.42
N GLY H 29 -8.41 -6.36 -58.37
CA GLY H 29 -8.65 -6.93 -59.68
C GLY H 29 -9.92 -7.73 -59.73
N LYS H 30 -10.89 -7.39 -58.87
CA LYS H 30 -12.14 -8.13 -58.73
C LYS H 30 -13.24 -7.60 -59.63
N THR H 31 -12.89 -7.04 -60.77
CA THR H 31 -13.83 -6.29 -61.59
C THR H 31 -14.45 -7.12 -62.71
N THR H 32 -14.19 -8.42 -62.75
CA THR H 32 -14.49 -9.26 -63.90
C THR H 32 -15.91 -9.81 -63.90
N ILE H 33 -16.84 -9.15 -63.22
CA ILE H 33 -18.18 -9.68 -63.08
C ILE H 33 -19.08 -9.28 -64.24
N ILE H 34 -18.89 -8.05 -64.75
CA ILE H 34 -19.83 -7.45 -65.72
C ILE H 34 -19.83 -8.20 -67.04
N ASN H 35 -18.72 -8.85 -67.39
CA ASN H 35 -18.69 -9.67 -68.61
C ASN H 35 -19.60 -10.88 -68.48
N LYS H 36 -19.44 -11.66 -67.41
CA LYS H 36 -20.36 -12.76 -67.16
C LYS H 36 -21.71 -12.29 -66.67
N LEU H 37 -21.83 -11.03 -66.24
CA LEU H 37 -23.13 -10.43 -66.00
C LEU H 37 -23.77 -9.91 -67.29
N LYS H 38 -23.03 -9.90 -68.40
CA LYS H 38 -23.61 -9.51 -69.67
C LYS H 38 -24.21 -10.74 -70.34
N PRO H 39 -24.77 -10.59 -71.55
CA PRO H 39 -25.46 -11.70 -72.20
C PRO H 39 -24.48 -12.73 -72.77
N SER H 40 -25.04 -13.72 -73.46
CA SER H 40 -24.27 -14.83 -74.00
C SER H 40 -23.79 -14.59 -75.42
N ASN H 41 -24.30 -13.56 -76.08
CA ASN H 41 -23.91 -13.20 -77.43
C ASN H 41 -22.48 -12.68 -77.53
N ALA H 42 -22.09 -11.86 -76.56
CA ALA H 42 -20.77 -11.22 -76.53
C ALA H 42 -19.94 -11.50 -75.27
N GLN H 43 -20.04 -12.71 -74.72
CA GLN H 43 -19.28 -13.03 -73.52
C GLN H 43 -17.78 -12.89 -73.77
N SER H 44 -17.06 -12.37 -72.78
CA SER H 44 -15.62 -12.14 -72.88
C SER H 44 -14.80 -13.10 -72.03
N GLN H 45 -13.77 -13.67 -72.64
CA GLN H 45 -12.88 -14.62 -71.98
C GLN H 45 -11.69 -13.98 -71.26
N ASP H 46 -11.29 -12.77 -71.65
CA ASP H 46 -10.27 -12.04 -70.90
C ASP H 46 -10.88 -11.52 -69.61
N ILE H 47 -10.04 -11.16 -68.64
CA ILE H 47 -10.51 -10.54 -67.41
C ILE H 47 -11.03 -9.15 -67.75
N VAL H 48 -12.21 -8.80 -67.24
CA VAL H 48 -12.83 -7.53 -67.60
C VAL H 48 -12.53 -6.49 -66.52
N PRO H 49 -11.68 -5.52 -66.85
CA PRO H 49 -11.31 -4.46 -65.91
C PRO H 49 -12.47 -3.51 -65.64
N THR H 50 -12.58 -3.03 -64.40
CA THR H 50 -13.69 -2.12 -64.10
C THR H 50 -13.33 -0.69 -64.49
N ILE H 51 -13.13 -0.49 -65.79
CA ILE H 51 -12.80 0.82 -66.35
C ILE H 51 -13.96 1.79 -66.17
N GLY H 52 -15.17 1.27 -66.36
CA GLY H 52 -16.38 2.06 -66.24
C GLY H 52 -16.72 2.72 -67.56
N PHE H 53 -17.85 3.41 -67.61
CA PHE H 53 -18.28 4.09 -68.83
C PHE H 53 -18.80 3.07 -69.84
N SER H 54 -19.04 1.85 -69.38
CA SER H 54 -19.53 0.78 -70.23
C SER H 54 -20.93 1.08 -70.78
N ILE H 55 -21.17 0.70 -72.03
CA ILE H 55 -22.46 0.92 -72.67
C ILE H 55 -22.91 -0.37 -73.33
N GLN H 56 -23.94 -0.99 -72.77
CA GLN H 56 -24.48 -2.23 -73.30
C GLN H 56 -25.87 -2.53 -72.76
N LYS H 57 -26.57 -3.45 -73.40
CA LYS H 57 -27.90 -3.86 -72.96
C LYS H 57 -27.75 -5.30 -72.52
N PHE H 58 -28.18 -5.61 -71.29
CA PHE H 58 -28.04 -6.98 -70.80
C PHE H 58 -29.35 -7.41 -70.16
N LYS H 59 -29.78 -8.63 -70.45
CA LYS H 59 -31.04 -9.15 -69.92
C LYS H 59 -30.79 -9.63 -68.48
N SER H 60 -31.38 -8.91 -67.52
CA SER H 60 -31.17 -9.12 -66.10
C SER H 60 -32.32 -9.90 -65.49
N SER H 61 -32.32 -9.98 -64.15
CA SER H 61 -33.34 -10.73 -63.42
C SER H 61 -34.72 -10.08 -63.44
N SER H 62 -34.88 -8.88 -63.99
CA SER H 62 -36.19 -8.28 -64.19
C SER H 62 -36.50 -8.05 -65.67
N LEU H 63 -35.61 -7.39 -66.40
CA LEU H 63 -35.79 -7.12 -67.83
C LEU H 63 -34.41 -6.87 -68.43
N SER H 64 -34.39 -6.37 -69.66
CA SER H 64 -33.14 -6.03 -70.35
C SER H 64 -32.65 -4.68 -69.85
N PHE H 65 -31.87 -4.72 -68.77
CA PHE H 65 -31.42 -3.50 -68.08
C PHE H 65 -30.06 -3.04 -68.60
N THR H 66 -29.66 -1.86 -68.15
CA THR H 66 -28.40 -1.24 -68.56
C THR H 66 -27.39 -1.27 -67.40
N VAL H 67 -26.20 -0.74 -67.65
CA VAL H 67 -25.11 -0.86 -66.69
C VAL H 67 -24.20 0.37 -66.70
N PHE H 68 -23.23 0.38 -65.79
CA PHE H 68 -22.15 1.37 -65.79
C PHE H 68 -20.97 0.77 -65.03
N ASP H 69 -19.76 1.20 -65.40
CA ASP H 69 -18.54 0.54 -64.97
C ASP H 69 -17.50 1.56 -64.50
N MET H 70 -16.86 1.28 -63.36
CA MET H 70 -15.85 2.16 -62.77
C MET H 70 -14.63 1.46 -62.15
N SER H 71 -13.55 2.22 -61.94
CA SER H 71 -12.30 1.71 -61.36
C SER H 71 -11.99 2.27 -59.97
N GLY H 72 -11.63 1.33 -59.08
CA GLY H 72 -11.41 1.57 -57.66
C GLY H 72 -10.07 1.79 -57.00
N GLN H 73 -9.03 2.09 -57.76
CA GLN H 73 -7.73 2.31 -57.14
C GLN H 73 -7.93 3.46 -56.16
N GLY H 74 -7.23 3.42 -55.02
CA GLY H 74 -7.43 4.47 -54.03
C GLY H 74 -7.13 5.78 -54.70
N ARG H 75 -6.05 5.82 -55.47
CA ARG H 75 -5.72 7.02 -56.20
C ARG H 75 -6.84 7.26 -57.21
N TYR H 76 -7.30 6.17 -57.82
CA TYR H 76 -8.36 6.21 -58.83
C TYR H 76 -9.83 6.12 -58.40
N ARG H 77 -10.13 5.73 -57.16
CA ARG H 77 -11.54 5.65 -56.79
C ARG H 77 -12.14 7.05 -56.53
N ASN H 78 -12.08 7.88 -57.57
CA ASN H 78 -12.75 9.17 -57.55
C ASN H 78 -13.49 9.45 -58.83
N LEU H 79 -13.25 8.70 -59.91
CA LEU H 79 -14.13 8.78 -61.07
C LEU H 79 -15.46 8.12 -60.77
N TRP H 80 -15.47 7.12 -59.88
CA TRP H 80 -16.70 6.60 -59.33
C TRP H 80 -17.35 7.62 -58.40
N GLU H 81 -16.55 8.51 -57.82
CA GLU H 81 -17.07 9.67 -57.13
C GLU H 81 -17.36 10.82 -58.07
N HIS H 82 -17.28 10.59 -59.39
CA HIS H 82 -17.68 11.58 -60.39
C HIS H 82 -18.93 11.18 -61.16
N TYR H 83 -19.36 9.93 -61.00
CA TYR H 83 -20.56 9.41 -61.65
C TYR H 83 -21.52 8.85 -60.60
N TYR H 84 -21.19 9.09 -59.33
CA TYR H 84 -21.94 8.61 -58.17
C TYR H 84 -23.39 9.09 -57.98
N LYS H 85 -23.64 10.36 -58.34
CA LYS H 85 -24.95 10.96 -58.19
C LYS H 85 -26.05 10.31 -59.03
N GLU H 86 -25.75 10.02 -60.29
CA GLU H 86 -26.75 9.48 -61.22
C GLU H 86 -26.89 7.95 -61.33
N GLY H 87 -27.78 7.55 -62.24
CA GLY H 87 -28.08 6.15 -62.50
C GLY H 87 -29.57 5.86 -62.40
N GLN H 88 -30.12 5.19 -63.41
CA GLN H 88 -31.54 4.84 -63.41
C GLN H 88 -31.83 3.96 -62.21
N ALA H 89 -31.26 2.76 -62.23
CA ALA H 89 -31.37 1.86 -61.10
C ALA H 89 -30.01 1.92 -60.37
N ILE H 90 -29.64 0.88 -59.64
CA ILE H 90 -28.35 0.96 -58.95
C ILE H 90 -27.49 -0.33 -58.89
N ILE H 91 -26.54 -0.42 -57.93
CA ILE H 91 -25.56 -1.51 -58.00
C ILE H 91 -24.76 -1.70 -56.72
N PHE H 92 -24.61 -2.95 -56.28
CA PHE H 92 -23.85 -3.26 -55.06
C PHE H 92 -22.78 -4.33 -55.30
N VAL H 93 -21.56 -4.07 -54.83
CA VAL H 93 -20.45 -5.02 -54.97
C VAL H 93 -19.38 -4.80 -53.90
N ILE H 94 -18.56 -5.82 -53.65
CA ILE H 94 -17.51 -5.68 -52.66
C ILE H 94 -16.40 -6.66 -53.00
N ASP H 95 -15.36 -6.67 -52.18
CA ASP H 95 -14.28 -7.63 -52.26
C ASP H 95 -14.30 -8.48 -51.00
N SER H 96 -14.79 -9.71 -51.10
CA SER H 96 -14.85 -10.62 -49.96
C SER H 96 -13.69 -11.60 -49.97
N SER H 97 -12.53 -11.17 -50.45
CA SER H 97 -11.28 -11.82 -50.14
C SER H 97 -10.39 -10.91 -49.32
N ASP H 98 -10.87 -9.73 -48.94
CA ASP H 98 -10.05 -8.69 -48.34
C ASP H 98 -10.15 -8.77 -46.83
N LYS H 99 -9.05 -9.15 -46.18
CA LYS H 99 -8.96 -9.10 -44.73
C LYS H 99 -8.31 -7.83 -44.22
N LEU H 100 -7.77 -7.01 -45.10
CA LEU H 100 -7.29 -5.69 -44.72
C LEU H 100 -7.85 -4.58 -45.60
N ARG H 101 -8.04 -4.84 -46.90
CA ARG H 101 -8.57 -3.85 -47.85
C ARG H 101 -10.09 -3.82 -47.89
N MET H 102 -10.76 -4.37 -46.88
CA MET H 102 -12.20 -4.24 -46.71
C MET H 102 -12.57 -3.33 -45.53
N VAL H 103 -11.59 -2.80 -44.81
CA VAL H 103 -11.88 -1.71 -43.88
C VAL H 103 -12.18 -0.43 -44.66
N VAL H 104 -11.52 -0.24 -45.79
CA VAL H 104 -11.64 1.00 -46.55
C VAL H 104 -12.91 1.03 -47.37
N ALA H 105 -13.38 -0.13 -47.84
CA ALA H 105 -14.66 -0.22 -48.53
C ALA H 105 -15.86 -0.03 -47.62
N LYS H 106 -15.66 0.11 -46.31
CA LYS H 106 -16.76 0.41 -45.39
C LYS H 106 -17.29 1.81 -45.62
N GLU H 107 -16.40 2.78 -45.81
CA GLU H 107 -16.81 4.16 -46.04
C GLU H 107 -17.37 4.38 -47.43
N GLU H 108 -17.25 3.40 -48.33
CA GLU H 108 -17.57 3.60 -49.74
C GLU H 108 -19.06 3.81 -49.98
N LEU H 109 -19.91 3.22 -49.14
CA LEU H 109 -21.34 3.51 -49.24
C LEU H 109 -21.65 4.92 -48.78
N ARG H 110 -20.98 5.37 -47.71
CA ARG H 110 -21.13 6.74 -47.25
C ARG H 110 -20.57 7.72 -48.25
N THR H 111 -19.61 7.29 -49.07
CA THR H 111 -19.25 8.07 -50.25
C THR H 111 -20.33 7.95 -51.32
N LEU H 112 -20.84 6.74 -51.53
CA LEU H 112 -21.81 6.57 -52.60
C LEU H 112 -23.18 7.12 -52.20
N LEU H 113 -23.79 6.53 -51.18
CA LEU H 113 -25.21 6.79 -50.94
C LEU H 113 -25.45 7.99 -50.05
N ASN H 114 -24.53 8.24 -49.12
CA ASN H 114 -24.63 9.37 -48.21
C ASN H 114 -24.73 10.65 -49.02
N HIS H 115 -24.15 10.63 -50.22
CA HIS H 115 -24.21 11.78 -51.09
C HIS H 115 -25.69 12.04 -51.34
N PRO H 116 -26.04 13.31 -51.47
CA PRO H 116 -27.45 13.72 -51.65
C PRO H 116 -28.17 13.17 -52.87
N ASP H 117 -27.51 13.07 -54.02
CA ASP H 117 -28.17 12.56 -55.21
C ASP H 117 -28.69 11.13 -55.06
N ILE H 118 -27.89 10.27 -54.46
CA ILE H 118 -28.29 8.87 -54.25
C ILE H 118 -29.49 8.71 -53.32
N LYS H 119 -29.48 9.49 -52.24
CA LYS H 119 -30.54 9.46 -51.21
C LYS H 119 -31.93 9.88 -51.69
N HIS H 120 -31.97 10.88 -52.56
CA HIS H 120 -33.23 11.43 -53.06
C HIS H 120 -34.17 10.50 -53.83
N ARG H 121 -33.63 9.60 -54.65
CA ARG H 121 -34.50 8.72 -55.44
C ARG H 121 -34.60 7.25 -55.00
N ARG H 122 -35.84 6.78 -54.86
CA ARG H 122 -36.14 5.41 -54.48
C ARG H 122 -36.06 4.52 -55.71
N ILE H 123 -34.83 4.13 -56.04
CA ILE H 123 -34.56 3.26 -57.18
C ILE H 123 -33.89 2.00 -56.65
N PRO H 124 -32.76 1.61 -57.26
CA PRO H 124 -32.15 0.41 -56.69
C PRO H 124 -30.85 0.71 -55.97
N ILE H 125 -30.80 0.45 -54.66
CA ILE H 125 -29.58 0.72 -53.89
C ILE H 125 -29.13 -0.43 -52.98
N LEU H 126 -28.27 -1.30 -53.50
CA LEU H 126 -27.77 -2.42 -52.71
C LEU H 126 -26.29 -2.74 -53.00
N PHE H 127 -25.60 -3.29 -52.01
CA PHE H 127 -24.19 -3.67 -52.16
C PHE H 127 -24.04 -5.17 -51.92
N PHE H 128 -23.42 -5.87 -52.87
CA PHE H 128 -23.26 -7.33 -52.76
C PHE H 128 -21.81 -7.79 -52.61
N ALA H 129 -21.63 -9.05 -52.21
CA ALA H 129 -20.29 -9.59 -52.03
C ALA H 129 -19.84 -10.34 -53.27
N ASN H 130 -18.63 -10.91 -53.20
CA ASN H 130 -17.99 -11.52 -54.36
C ASN H 130 -16.97 -12.55 -53.86
N LYS H 131 -16.27 -13.17 -54.82
CA LYS H 131 -15.10 -14.03 -54.60
C LYS H 131 -15.42 -15.27 -53.76
N MET H 132 -16.55 -15.91 -54.06
CA MET H 132 -16.96 -17.06 -53.27
C MET H 132 -16.16 -18.31 -53.61
N ASP H 133 -15.86 -18.54 -54.89
CA ASP H 133 -15.01 -19.66 -55.26
C ASP H 133 -13.55 -19.44 -54.87
N LEU H 134 -13.18 -18.20 -54.55
CA LEU H 134 -11.93 -17.96 -53.85
C LEU H 134 -12.00 -18.51 -52.44
N ARG H 135 -10.84 -18.74 -51.85
CA ARG H 135 -10.75 -19.50 -50.61
C ARG H 135 -10.97 -18.65 -49.38
N ASP H 136 -11.65 -17.51 -49.49
CA ASP H 136 -12.14 -16.78 -48.34
C ASP H 136 -13.39 -16.03 -48.74
N ALA H 137 -14.30 -15.87 -47.80
CA ALA H 137 -15.57 -15.17 -48.02
C ALA H 137 -16.10 -14.70 -46.66
N LEU H 138 -17.37 -14.28 -46.64
CA LEU H 138 -18.05 -13.85 -45.42
C LEU H 138 -19.56 -14.01 -45.66
N THR H 139 -20.36 -13.25 -44.91
CA THR H 139 -21.81 -13.27 -45.06
C THR H 139 -22.24 -12.91 -46.50
N SER H 140 -23.31 -13.55 -46.95
CA SER H 140 -23.84 -13.33 -48.30
C SER H 140 -24.10 -11.84 -48.60
N VAL H 141 -24.80 -11.16 -47.70
CA VAL H 141 -25.11 -9.74 -47.88
C VAL H 141 -23.83 -8.91 -47.93
N LYS H 142 -22.89 -9.25 -47.05
CA LYS H 142 -21.59 -8.60 -46.97
C LYS H 142 -21.59 -7.08 -46.82
N VAL H 143 -21.89 -6.36 -47.90
CA VAL H 143 -21.83 -4.89 -47.86
C VAL H 143 -22.82 -4.23 -46.91
N SER H 144 -24.06 -4.72 -46.91
CA SER H 144 -25.10 -4.14 -46.06
C SER H 144 -25.46 -5.00 -44.85
N GLN H 145 -24.73 -6.08 -44.61
CA GLN H 145 -25.07 -6.94 -43.48
C GLN H 145 -23.93 -7.61 -42.73
N LEU H 146 -22.80 -7.87 -43.39
CA LEU H 146 -21.73 -8.55 -42.65
C LEU H 146 -20.87 -7.59 -41.85
N LEU H 147 -20.23 -6.62 -42.51
CA LEU H 147 -19.28 -5.73 -41.84
C LEU H 147 -19.99 -4.62 -41.09
N CYS H 148 -20.91 -4.99 -40.18
CA CYS H 148 -21.62 -4.11 -39.24
C CYS H 148 -22.51 -3.08 -39.92
N LEU H 149 -22.64 -3.14 -41.25
CA LEU H 149 -23.30 -2.12 -42.04
C LEU H 149 -24.73 -2.51 -42.40
N GLU H 150 -25.43 -3.16 -41.46
CA GLU H 150 -26.84 -3.49 -41.62
C GLU H 150 -27.75 -2.27 -41.71
N ASP H 151 -27.28 -1.09 -41.32
CA ASP H 151 -28.07 0.12 -41.27
C ASP H 151 -28.49 0.66 -42.64
N ILE H 152 -28.15 0.01 -43.74
CA ILE H 152 -28.73 0.42 -45.01
C ILE H 152 -30.13 -0.16 -45.06
N LYS H 153 -31.09 0.59 -44.53
CA LYS H 153 -32.47 0.16 -44.44
C LYS H 153 -33.35 1.13 -45.21
N ASP H 154 -33.10 2.43 -45.05
CA ASP H 154 -33.81 3.43 -45.80
C ASP H 154 -33.46 3.40 -47.28
N LYS H 155 -32.31 2.86 -47.63
CA LYS H 155 -32.05 2.51 -49.02
C LYS H 155 -33.03 1.42 -49.44
N PRO H 156 -33.68 1.57 -50.59
CA PRO H 156 -34.84 0.72 -50.93
C PRO H 156 -34.48 -0.61 -51.58
N TRP H 157 -33.54 -1.33 -50.99
CA TRP H 157 -33.11 -2.62 -51.54
C TRP H 157 -32.39 -3.43 -50.47
N HIS H 158 -31.72 -4.47 -50.99
CA HIS H 158 -30.88 -5.47 -50.31
C HIS H 158 -30.17 -6.28 -51.42
N ILE H 159 -28.93 -6.75 -51.18
CA ILE H 159 -28.17 -7.48 -52.22
C ILE H 159 -27.65 -8.90 -51.85
N CYS H 160 -27.75 -9.84 -52.79
CA CYS H 160 -27.35 -11.25 -52.55
C CYS H 160 -26.84 -12.06 -53.77
N ALA H 161 -26.76 -13.37 -53.57
CA ALA H 161 -26.33 -14.36 -54.59
C ALA H 161 -24.94 -14.29 -55.25
N SER H 162 -23.88 -14.24 -54.44
CA SER H 162 -22.53 -14.15 -55.00
C SER H 162 -21.56 -15.36 -54.94
N ASP H 163 -20.89 -15.55 -56.09
CA ASP H 163 -19.83 -16.51 -56.39
C ASP H 163 -18.56 -15.74 -56.74
N ALA H 164 -17.65 -16.32 -57.51
CA ALA H 164 -16.43 -15.57 -57.86
C ALA H 164 -16.37 -15.18 -59.33
N ILE H 165 -16.25 -16.16 -60.22
CA ILE H 165 -16.14 -15.91 -61.65
C ILE H 165 -17.02 -16.88 -62.41
N LYS H 166 -17.52 -17.90 -61.73
CA LYS H 166 -18.27 -18.97 -62.39
C LYS H 166 -19.66 -18.55 -62.81
N GLY H 167 -20.18 -17.43 -62.30
CA GLY H 167 -21.42 -16.92 -62.84
C GLY H 167 -22.70 -17.29 -62.13
N GLU H 168 -22.74 -17.12 -60.80
CA GLU H 168 -23.93 -17.42 -60.03
C GLU H 168 -24.45 -16.19 -59.31
N GLY H 169 -25.70 -16.26 -58.90
CA GLY H 169 -26.22 -15.41 -57.85
C GLY H 169 -26.50 -13.97 -58.20
N LEU H 170 -26.55 -13.59 -59.48
CA LEU H 170 -26.94 -12.22 -59.79
C LEU H 170 -28.41 -11.99 -59.56
N GLN H 171 -29.22 -13.03 -59.60
CA GLN H 171 -30.60 -12.99 -59.16
C GLN H 171 -30.77 -13.46 -57.73
N GLU H 172 -30.08 -12.85 -56.75
CA GLU H 172 -30.17 -13.32 -55.37
C GLU H 172 -30.84 -12.29 -54.47
N GLY H 173 -30.39 -11.05 -54.51
CA GLY H 173 -31.15 -9.99 -53.91
C GLY H 173 -32.13 -9.36 -54.86
N VAL H 174 -32.49 -10.10 -55.92
CA VAL H 174 -33.23 -9.57 -57.07
C VAL H 174 -34.61 -9.10 -56.68
N ASP H 175 -35.27 -9.78 -55.74
CA ASP H 175 -36.56 -9.31 -55.25
C ASP H 175 -36.40 -7.99 -54.51
N TRP H 176 -35.31 -7.85 -53.75
CA TRP H 176 -35.00 -6.57 -53.16
C TRP H 176 -34.35 -5.61 -54.14
N LEU H 177 -33.66 -6.12 -55.16
CA LEU H 177 -32.94 -5.23 -56.08
C LEU H 177 -33.47 -5.28 -57.50
N GLN H 178 -33.47 -6.43 -58.17
CA GLN H 178 -33.72 -6.43 -59.61
C GLN H 178 -35.21 -6.47 -59.91
N ASP H 179 -35.92 -7.45 -59.38
CA ASP H 179 -37.37 -7.49 -59.55
C ASP H 179 -38.09 -6.43 -58.73
N GLN H 180 -37.38 -5.69 -57.87
CA GLN H 180 -37.92 -4.50 -57.23
C GLN H 180 -38.03 -3.31 -58.17
N ILE H 181 -37.61 -3.47 -59.41
CA ILE H 181 -37.87 -2.49 -60.44
C ILE H 181 -38.77 -3.13 -61.50
N ALA I 38 18.91 -16.24 -41.14
CA ALA I 38 18.18 -14.99 -41.30
C ALA I 38 17.89 -14.34 -39.96
N CYS I 39 18.58 -13.23 -39.67
CA CYS I 39 18.33 -12.42 -38.47
C CYS I 39 18.73 -10.98 -38.83
N LEU I 40 17.73 -10.17 -39.15
CA LEU I 40 17.99 -8.85 -39.72
C LEU I 40 18.27 -7.82 -38.63
N ALA I 41 18.74 -6.65 -39.06
CA ALA I 41 18.76 -5.42 -38.27
C ALA I 41 18.08 -4.36 -39.11
N LEU I 42 18.17 -4.51 -40.43
CA LEU I 42 17.49 -3.63 -41.36
C LEU I 42 16.82 -4.48 -42.44
N ALA I 43 16.11 -3.82 -43.34
CA ALA I 43 15.46 -4.50 -44.45
C ALA I 43 15.90 -3.81 -45.72
N ASP I 44 15.30 -4.14 -46.85
CA ASP I 44 15.50 -3.37 -48.08
C ASP I 44 14.32 -3.59 -49.01
N PHE I 45 14.53 -3.18 -50.26
CA PHE I 45 13.59 -3.33 -51.35
C PHE I 45 14.50 -3.54 -52.55
N HIS I 46 14.55 -4.78 -53.05
CA HIS I 46 15.42 -5.11 -54.17
C HIS I 46 15.10 -4.34 -55.45
N GLY I 47 13.81 -4.18 -55.75
CA GLY I 47 13.42 -3.48 -56.95
C GLY I 47 12.55 -2.26 -56.72
N ASP I 48 13.13 -1.08 -56.93
CA ASP I 48 12.41 0.17 -56.77
C ASP I 48 11.23 0.24 -57.74
N GLY I 49 11.47 -0.18 -58.97
CA GLY I 49 10.41 -0.67 -59.83
C GLY I 49 10.78 -1.98 -60.49
N GLU I 50 10.85 -3.04 -59.68
CA GLU I 50 11.17 -4.37 -60.17
C GLU I 50 10.39 -5.42 -59.41
N TYR I 51 10.14 -6.56 -60.04
CA TYR I 51 9.40 -7.63 -59.39
C TYR I 51 10.35 -8.50 -58.55
N LYS I 52 10.79 -7.95 -57.42
CA LYS I 52 11.70 -8.67 -56.53
C LYS I 52 11.71 -8.05 -55.13
N LEU I 53 12.74 -8.39 -54.36
CA LEU I 53 12.91 -7.90 -53.00
C LEU I 53 14.34 -8.14 -52.57
N ALA I 54 14.60 -7.94 -51.28
CA ALA I 54 15.91 -8.14 -50.70
C ALA I 54 15.76 -8.24 -49.19
N MET I 55 16.89 -8.30 -48.52
CA MET I 55 16.98 -8.30 -47.06
C MET I 55 18.44 -8.03 -46.70
N GLY I 56 18.73 -8.15 -45.41
CA GLY I 56 20.08 -7.93 -44.89
C GLY I 56 20.32 -8.83 -43.71
N ASP I 57 21.56 -9.30 -43.56
CA ASP I 57 21.89 -10.19 -42.46
C ASP I 57 22.91 -9.59 -41.49
N LEU I 58 22.57 -9.61 -40.22
CA LEU I 58 23.44 -9.10 -39.17
C LEU I 58 23.50 -10.14 -38.06
N GLY I 59 24.20 -11.24 -38.33
CA GLY I 59 24.33 -12.33 -37.38
C GLY I 59 25.35 -12.09 -36.30
N PRO I 60 26.52 -12.74 -36.42
CA PRO I 60 27.57 -12.59 -35.41
C PRO I 60 28.84 -12.12 -36.09
N ASP I 61 29.43 -11.10 -35.48
CA ASP I 61 30.65 -10.47 -35.95
C ASP I 61 30.62 -9.89 -37.37
N GLY I 62 29.51 -9.26 -37.73
CA GLY I 62 29.35 -8.60 -39.01
C GLY I 62 29.42 -9.42 -40.29
N ARG I 63 28.59 -10.45 -40.38
CA ARG I 63 28.54 -11.24 -41.60
C ARG I 63 27.21 -10.94 -42.26
N GLN I 64 27.26 -10.40 -43.48
CA GLN I 64 26.03 -10.05 -44.20
C GLN I 64 25.93 -10.84 -45.49
N PRO I 65 25.83 -12.17 -45.36
CA PRO I 65 25.72 -13.14 -46.46
C PRO I 65 24.39 -13.88 -46.51
N ARG I 66 23.39 -13.46 -45.74
CA ARG I 66 22.03 -13.99 -45.85
C ARG I 66 21.21 -12.84 -46.39
N LEU I 67 21.22 -12.69 -47.72
CA LEU I 67 20.50 -11.63 -48.41
C LEU I 67 19.50 -12.32 -49.32
N LYS I 68 18.25 -12.40 -48.87
CA LYS I 68 17.19 -13.06 -49.61
C LYS I 68 16.90 -12.30 -50.91
N VAL I 69 16.23 -12.99 -51.81
CA VAL I 69 16.41 -12.72 -53.22
C VAL I 69 15.10 -12.71 -54.00
N LEU I 70 15.22 -12.73 -55.31
CA LEU I 70 14.14 -12.56 -56.28
C LEU I 70 13.21 -13.75 -56.37
N LYS I 71 12.47 -13.83 -57.48
CA LYS I 71 11.23 -14.57 -57.61
C LYS I 71 10.24 -14.09 -56.55
N GLY I 72 10.01 -12.77 -56.57
CA GLY I 72 9.28 -12.02 -55.56
C GLY I 72 7.81 -12.33 -55.46
N HIS I 73 7.28 -13.20 -56.33
CA HIS I 73 6.01 -13.86 -56.05
C HIS I 73 6.09 -14.65 -54.73
N THR I 74 7.24 -15.26 -54.47
CA THR I 74 7.40 -16.04 -53.25
C THR I 74 8.51 -15.49 -52.37
N LEU I 75 9.53 -14.91 -52.99
CA LEU I 75 10.69 -14.34 -52.28
C LEU I 75 11.36 -15.34 -51.34
N VAL I 76 11.47 -16.58 -51.84
CA VAL I 76 12.00 -17.72 -51.07
C VAL I 76 13.47 -17.76 -50.67
N SER I 77 13.89 -18.95 -50.26
CA SER I 77 15.25 -19.22 -49.81
C SER I 77 16.22 -19.10 -50.96
N GLN I 78 15.75 -18.58 -52.08
CA GLN I 78 16.63 -18.39 -53.21
C GLN I 78 17.25 -17.05 -52.90
N LYS I 79 18.51 -17.09 -52.49
CA LYS I 79 19.20 -15.87 -52.10
C LYS I 79 20.49 -15.69 -52.86
N PRO I 80 20.65 -14.52 -53.47
CA PRO I 80 21.83 -14.09 -54.24
C PRO I 80 23.13 -14.18 -53.45
N LEU I 81 24.20 -14.56 -54.14
CA LEU I 81 25.50 -14.73 -53.51
C LEU I 81 26.14 -13.42 -53.10
N PRO I 82 26.22 -13.18 -51.77
CA PRO I 82 26.84 -11.94 -51.33
C PRO I 82 28.14 -12.23 -50.60
N ASP I 83 29.22 -11.58 -51.02
CA ASP I 83 30.52 -11.77 -50.39
C ASP I 83 30.89 -10.55 -49.55
N LEU I 84 29.89 -9.90 -48.96
CA LEU I 84 30.11 -8.73 -48.14
C LEU I 84 30.93 -9.03 -46.89
N PRO I 85 31.86 -8.12 -46.53
CA PRO I 85 32.77 -8.19 -45.38
C PRO I 85 32.05 -8.18 -44.03
N ALA I 86 31.02 -7.35 -43.90
CA ALA I 86 30.27 -7.25 -42.65
C ALA I 86 28.78 -6.97 -42.88
N ALA I 87 28.09 -6.55 -41.83
CA ALA I 87 26.66 -6.26 -41.93
C ALA I 87 26.40 -4.90 -42.58
N ALA I 88 25.40 -4.86 -43.44
CA ALA I 88 25.00 -3.62 -44.10
C ALA I 88 24.01 -2.98 -43.14
N VAL I 89 24.52 -2.23 -42.17
CA VAL I 89 23.68 -1.63 -41.14
C VAL I 89 22.55 -0.79 -41.70
N THR I 90 22.51 -0.57 -43.00
CA THR I 90 21.38 0.10 -43.63
C THR I 90 21.25 -0.39 -45.05
N PHE I 91 20.21 0.09 -45.74
CA PHE I 91 20.03 -0.22 -47.14
C PHE I 91 19.25 0.93 -47.77
N LEU I 92 19.20 0.93 -49.09
CA LEU I 92 18.58 2.02 -49.84
C LEU I 92 18.18 1.49 -51.19
N MET I 93 17.88 2.38 -52.12
CA MET I 93 17.56 1.97 -53.49
C MET I 93 17.96 3.09 -54.44
N ALA I 94 17.55 2.96 -55.70
CA ALA I 94 17.87 3.94 -56.73
C ALA I 94 16.88 3.79 -57.89
N SER I 95 16.98 4.70 -58.85
CA SER I 95 16.05 4.74 -59.98
C SER I 95 16.70 4.58 -61.34
N HIS I 96 17.76 5.33 -61.64
CA HIS I 96 18.34 5.29 -62.99
C HIS I 96 19.05 3.98 -63.26
N GLU I 97 19.55 3.34 -62.23
CA GLU I 97 19.96 1.95 -62.27
C GLU I 97 18.89 1.09 -61.63
N PRO I 98 18.99 -0.23 -61.84
CA PRO I 98 17.97 -1.14 -61.30
C PRO I 98 18.24 -1.36 -59.83
N ARG I 99 18.05 -0.30 -59.04
CA ARG I 99 18.24 -0.32 -57.59
C ARG I 99 19.60 -0.84 -57.17
N THR I 100 20.58 -0.69 -58.06
CA THR I 100 21.95 -1.09 -57.76
C THR I 100 22.48 -0.24 -56.60
N PRO I 101 22.17 1.06 -56.62
CA PRO I 101 22.53 2.08 -55.64
C PRO I 101 22.10 1.69 -54.24
N ALA I 102 21.56 0.48 -54.06
CA ALA I 102 21.17 0.03 -52.74
C ALA I 102 22.46 0.00 -51.94
N LEU I 103 22.44 0.56 -50.73
CA LEU I 103 23.66 0.64 -49.95
C LEU I 103 23.84 -0.30 -48.77
N ALA I 104 25.05 -0.85 -48.68
CA ALA I 104 25.42 -1.73 -47.59
C ALA I 104 26.28 -0.96 -46.60
N ILE I 105 25.63 -0.31 -45.63
CA ILE I 105 26.34 0.47 -44.64
C ILE I 105 26.83 -0.42 -43.49
N ALA I 106 27.86 -1.21 -43.77
CA ALA I 106 28.44 -2.09 -42.76
C ALA I 106 29.08 -1.25 -41.68
N SER I 107 28.99 -1.70 -40.43
CA SER I 107 29.57 -0.96 -39.33
C SER I 107 31.09 -0.85 -39.49
N GLY I 108 31.61 0.35 -39.29
CA GLY I 108 33.04 0.59 -39.40
C GLY I 108 33.46 0.78 -40.85
N PRO I 109 32.49 0.72 -41.75
CA PRO I 109 32.77 0.89 -43.18
C PRO I 109 31.69 1.71 -43.89
N CYS I 110 32.10 2.48 -44.90
CA CYS I 110 31.17 3.30 -45.66
C CYS I 110 30.24 2.44 -46.51
N VAL I 111 28.99 2.88 -46.65
CA VAL I 111 28.02 2.16 -47.46
C VAL I 111 28.65 1.73 -48.77
N TYR I 112 27.94 0.91 -49.54
CA TYR I 112 28.44 0.48 -50.84
C TYR I 112 27.26 0.25 -51.76
N VAL I 113 27.32 0.79 -52.97
CA VAL I 113 26.26 0.57 -53.93
C VAL I 113 26.27 -0.94 -54.17
N TYR I 114 25.10 -1.54 -54.34
CA TYR I 114 25.05 -2.98 -54.52
C TYR I 114 24.99 -3.43 -55.98
N LYS I 115 25.96 -4.25 -56.36
CA LYS I 115 26.06 -4.79 -57.71
C LYS I 115 26.32 -6.28 -57.62
N ASN I 116 25.29 -7.03 -57.22
CA ASN I 116 25.36 -8.48 -57.05
C ASN I 116 26.51 -8.90 -56.12
N LEU I 117 27.62 -9.32 -56.72
CA LEU I 117 28.77 -9.78 -55.93
C LEU I 117 29.81 -8.71 -55.59
N LYS I 118 29.63 -7.48 -56.08
CA LYS I 118 30.61 -6.43 -55.81
C LYS I 118 30.01 -5.09 -55.36
N PRO I 119 30.88 -4.09 -55.15
CA PRO I 119 30.59 -2.72 -54.73
C PRO I 119 30.77 -1.70 -55.84
N TYR I 120 30.45 -0.45 -55.51
CA TYR I 120 30.70 0.70 -56.38
C TYR I 120 30.82 1.92 -55.46
N PHE I 121 32.05 2.37 -55.22
CA PHE I 121 32.34 3.37 -54.21
C PHE I 121 33.25 4.46 -54.76
N LYS I 122 32.97 5.70 -54.41
CA LYS I 122 33.76 6.81 -54.96
C LYS I 122 35.03 7.14 -54.20
N PHE I 123 34.91 7.79 -53.03
CA PHE I 123 36.10 8.13 -52.26
C PHE I 123 35.91 8.12 -50.75
N SER I 124 34.74 7.80 -50.22
CA SER I 124 34.57 7.52 -48.80
C SER I 124 33.68 6.33 -48.53
N LEU I 125 32.82 5.96 -49.47
CA LEU I 125 32.06 4.72 -49.39
C LEU I 125 33.01 3.53 -49.37
N PRO I 126 32.65 2.46 -48.65
CA PRO I 126 33.61 1.38 -48.36
C PRO I 126 33.93 0.55 -49.60
N SER I 127 34.92 -0.33 -49.41
CA SER I 127 35.53 -1.09 -50.51
C SER I 127 34.66 -2.26 -50.96
N LEU I 128 35.28 -3.24 -51.61
CA LEU I 128 34.58 -4.42 -52.13
C LEU I 128 34.00 -5.42 -51.11
N PRO I 129 33.45 -6.53 -51.63
CA PRO I 129 32.81 -7.62 -50.87
C PRO I 129 33.78 -8.31 -49.92
N THR I 130 35.02 -8.52 -50.36
CA THR I 130 36.04 -9.16 -49.54
C THR I 130 36.13 -8.51 -48.17
N ASN I 131 35.70 -9.23 -47.15
CA ASN I 131 35.72 -8.74 -45.78
C ASN I 131 37.11 -8.28 -45.41
N PRO I 132 37.33 -6.98 -45.25
CA PRO I 132 38.66 -6.50 -44.85
C PRO I 132 38.98 -6.80 -43.41
N LEU I 133 37.97 -6.92 -42.55
CA LEU I 133 38.18 -7.24 -41.15
C LEU I 133 37.94 -8.73 -40.92
N GLU I 134 36.90 -9.24 -41.55
CA GLU I 134 36.52 -10.65 -41.46
C GLU I 134 37.56 -11.59 -42.04
N GLN I 135 38.17 -11.16 -43.15
CA GLN I 135 39.17 -11.97 -43.84
C GLN I 135 40.42 -12.28 -43.01
N ASP I 136 40.89 -11.32 -42.24
CA ASP I 136 42.09 -11.56 -41.43
C ASP I 136 41.82 -12.67 -40.42
N LEU I 137 40.66 -12.63 -39.78
CA LEU I 137 40.28 -13.65 -38.82
C LEU I 137 40.13 -14.98 -39.55
N TRP I 138 39.54 -14.91 -40.74
CA TRP I 138 39.29 -16.06 -41.59
C TRP I 138 40.15 -16.05 -42.85
N ASN I 139 41.19 -15.22 -42.89
CA ASN I 139 42.13 -15.24 -44.00
C ASN I 139 43.31 -16.15 -43.69
N GLN I 140 44.03 -15.84 -42.61
CA GLN I 140 45.09 -16.73 -42.13
C GLN I 140 44.51 -17.88 -41.32
N ALA I 141 43.85 -17.56 -40.21
CA ALA I 141 43.40 -18.56 -39.24
C ALA I 141 41.95 -19.01 -39.48
N LYS I 142 41.62 -19.42 -40.70
CA LYS I 142 40.33 -20.07 -40.96
C LYS I 142 40.47 -21.58 -40.85
N GLU I 143 40.97 -22.05 -39.71
CA GLU I 143 41.34 -23.45 -39.58
C GLU I 143 40.11 -24.34 -39.40
N ASP I 144 39.33 -24.09 -38.35
CA ASP I 144 38.24 -24.99 -38.00
C ASP I 144 37.01 -24.17 -37.64
N GLN I 145 35.99 -24.85 -37.09
CA GLN I 145 34.65 -24.30 -36.90
C GLN I 145 34.62 -23.42 -35.66
N ILE I 146 33.41 -23.11 -35.18
CA ILE I 146 33.25 -22.15 -34.10
C ILE I 146 33.50 -22.86 -32.78
N ASP I 147 34.77 -22.97 -32.41
CA ASP I 147 35.21 -23.73 -31.25
C ASP I 147 36.67 -23.36 -30.98
N PRO I 148 37.15 -23.62 -29.76
CA PRO I 148 38.56 -23.31 -29.44
C PRO I 148 39.56 -24.24 -30.11
N LEU I 149 39.10 -25.32 -30.76
CA LEU I 149 39.89 -26.16 -31.64
C LEU I 149 40.00 -25.59 -33.05
N THR I 150 39.76 -24.28 -33.21
CA THR I 150 40.09 -23.55 -34.42
C THR I 150 41.35 -22.70 -34.25
N LEU I 151 41.45 -21.97 -33.15
CA LEU I 151 42.64 -21.18 -32.86
C LEU I 151 43.34 -21.60 -31.58
N LYS I 152 42.63 -21.65 -30.44
CA LYS I 152 43.31 -21.83 -29.17
C LYS I 152 43.78 -23.25 -28.97
N GLU I 153 43.09 -24.22 -29.55
CA GLU I 153 43.54 -25.59 -29.56
C GLU I 153 43.92 -26.07 -30.95
N MET I 154 43.88 -25.18 -31.95
CA MET I 154 44.46 -25.44 -33.28
C MET I 154 45.38 -24.27 -33.59
N LEU I 155 46.62 -24.38 -33.16
CA LEU I 155 47.67 -23.40 -33.44
C LEU I 155 48.69 -23.96 -34.43
N GLU I 156 48.20 -24.72 -35.42
CA GLU I 156 49.04 -25.26 -36.47
C GLU I 156 48.95 -24.43 -37.74
N GLY I 157 47.74 -24.22 -38.26
CA GLY I 157 47.52 -23.37 -39.42
C GLY I 157 47.51 -21.89 -39.15
N ILE I 158 47.76 -21.47 -37.90
CA ILE I 158 47.81 -20.06 -37.55
C ILE I 158 49.18 -19.63 -37.04
N ARG I 159 49.98 -20.56 -36.51
CA ARG I 159 51.38 -20.27 -36.19
C ARG I 159 52.27 -20.36 -37.42
N GLU I 160 51.73 -20.81 -38.55
CA GLU I 160 52.42 -20.76 -39.83
C GLU I 160 51.94 -19.62 -40.72
N LYS I 161 50.66 -19.26 -40.63
CA LYS I 161 50.14 -18.17 -41.43
C LYS I 161 49.83 -16.94 -40.56
N ALA I 162 50.49 -15.83 -40.88
CA ALA I 162 50.33 -14.56 -40.19
C ALA I 162 50.07 -13.51 -41.26
N GLU I 163 49.28 -13.90 -42.25
CA GLU I 163 48.97 -13.08 -43.41
C GLU I 163 48.26 -11.74 -43.20
N VAL I 164 47.27 -11.66 -42.30
CA VAL I 164 46.60 -10.37 -42.18
C VAL I 164 47.58 -9.52 -41.38
N PRO I 165 48.33 -8.63 -42.04
CA PRO I 165 49.54 -8.09 -41.41
C PRO I 165 49.22 -7.01 -40.40
N LEU I 166 49.91 -7.09 -39.25
CA LEU I 166 49.88 -6.07 -38.18
C LEU I 166 48.46 -5.86 -37.66
N SER I 167 47.92 -6.91 -37.03
CA SER I 167 46.50 -7.06 -36.75
C SER I 167 45.91 -5.94 -35.91
N VAL I 168 45.11 -5.09 -36.55
CA VAL I 168 44.48 -3.97 -35.85
C VAL I 168 42.97 -4.07 -35.94
N GLN I 169 42.47 -4.10 -37.18
CA GLN I 169 41.04 -4.17 -37.44
C GLN I 169 40.40 -5.48 -36.96
N SER I 170 41.08 -6.60 -37.19
CA SER I 170 40.55 -7.89 -36.81
C SER I 170 41.54 -8.83 -36.09
N LEU I 171 41.87 -8.50 -34.85
CA LEU I 171 42.82 -9.30 -34.08
C LEU I 171 42.18 -10.60 -33.60
N ARG I 172 40.86 -10.62 -33.54
CA ARG I 172 40.14 -11.82 -33.10
C ARG I 172 39.21 -12.37 -34.17
N PHE I 173 39.30 -13.67 -34.40
CA PHE I 173 38.46 -14.35 -35.38
C PHE I 173 37.04 -14.47 -34.84
N LEU I 174 36.06 -14.61 -35.73
CA LEU I 174 34.67 -14.71 -35.27
C LEU I 174 34.48 -15.92 -34.36
N PRO I 175 35.07 -17.06 -34.75
CA PRO I 175 34.99 -18.29 -33.94
C PRO I 175 35.68 -18.12 -32.59
N LEU I 176 36.84 -17.45 -32.60
CA LEU I 176 37.65 -17.22 -31.42
C LEU I 176 37.07 -16.21 -30.43
N GLU I 177 37.49 -16.31 -29.17
CA GLU I 177 37.05 -15.39 -28.13
C GLU I 177 38.22 -14.52 -27.68
N LEU I 178 37.98 -13.68 -26.68
CA LEU I 178 39.02 -12.80 -26.15
C LEU I 178 40.29 -13.54 -25.74
N SER I 179 40.18 -14.45 -24.76
CA SER I 179 41.27 -14.75 -23.84
C SER I 179 42.47 -15.42 -24.52
N GLU I 180 42.27 -16.07 -25.66
CA GLU I 180 43.39 -16.64 -26.39
C GLU I 180 43.27 -16.39 -27.89
N MET I 181 42.33 -15.59 -28.31
CA MET I 181 42.23 -15.23 -29.72
C MET I 181 42.29 -13.73 -29.94
N GLU I 182 41.70 -12.93 -29.05
CA GLU I 182 41.96 -11.51 -29.02
C GLU I 182 43.05 -11.17 -28.00
N ALA I 183 43.67 -12.18 -27.40
CA ALA I 183 44.76 -11.98 -26.45
C ALA I 183 45.99 -12.79 -26.85
N PHE I 184 46.05 -13.25 -28.10
CA PHE I 184 47.21 -13.95 -28.66
C PHE I 184 47.90 -13.09 -29.70
N VAL I 185 48.06 -11.80 -29.40
CA VAL I 185 48.59 -10.84 -30.36
C VAL I 185 50.07 -10.65 -30.13
N ASN I 186 50.72 -11.64 -29.53
CA ASN I 186 52.18 -11.69 -29.45
C ASN I 186 52.83 -11.76 -30.83
N GLN I 187 52.07 -12.13 -31.87
CA GLN I 187 52.52 -11.94 -33.24
C GLN I 187 52.69 -10.46 -33.56
N HIS I 188 51.60 -9.69 -33.52
CA HIS I 188 51.67 -8.29 -33.94
C HIS I 188 51.33 -7.29 -32.85
N LYS I 189 50.14 -7.40 -32.24
CA LYS I 189 49.56 -6.40 -31.31
C LYS I 189 49.62 -4.98 -31.85
N SER I 190 49.44 -4.83 -33.16
CA SER I 190 49.54 -3.52 -33.76
C SER I 190 48.25 -2.74 -33.54
N LYS I 191 48.28 -1.46 -33.85
CA LYS I 191 47.12 -0.61 -33.72
C LYS I 191 46.91 0.12 -35.04
N SER I 192 45.97 1.06 -35.04
CA SER I 192 45.55 1.79 -36.23
C SER I 192 44.92 3.09 -35.77
N ILE I 193 44.16 3.73 -36.67
CA ILE I 193 43.50 4.98 -36.34
C ILE I 193 41.99 4.81 -36.46
N ARG I 194 41.26 5.90 -36.23
CA ARG I 194 39.80 5.87 -36.20
C ARG I 194 39.24 5.82 -37.62
N ARG I 195 37.92 5.91 -37.73
CA ARG I 195 37.22 5.87 -39.01
C ARG I 195 35.95 6.72 -38.88
N GLN I 196 35.00 6.49 -39.77
CA GLN I 196 33.65 7.03 -39.61
C GLN I 196 32.88 6.14 -38.64
N THR I 197 31.58 6.33 -38.55
CA THR I 197 30.78 5.63 -37.55
C THR I 197 29.72 4.76 -38.23
N VAL I 198 28.87 4.17 -37.40
CA VAL I 198 27.78 3.31 -37.87
C VAL I 198 26.76 4.19 -38.57
N ILE I 199 26.69 4.09 -39.88
CA ILE I 199 25.82 4.99 -40.65
C ILE I 199 24.40 4.50 -40.52
N THR I 200 23.66 5.04 -39.54
CA THR I 200 22.33 4.58 -39.17
C THR I 200 21.23 5.24 -39.99
N THR I 201 21.52 5.65 -41.22
CA THR I 201 20.52 6.09 -42.17
C THR I 201 20.97 5.70 -43.57
N MET I 202 20.04 5.83 -44.51
CA MET I 202 20.33 5.75 -45.94
C MET I 202 19.19 6.39 -46.70
N THR I 203 19.47 7.50 -47.38
CA THR I 203 18.51 8.07 -48.30
C THR I 203 19.29 8.77 -49.40
N THR I 204 18.88 8.58 -50.64
CA THR I 204 19.63 9.05 -51.78
C THR I 204 18.69 9.54 -52.86
N LEU I 205 18.91 10.77 -53.30
CA LEU I 205 18.12 11.36 -54.39
C LEU I 205 18.49 10.65 -55.67
N LYS I 206 17.61 9.74 -56.10
CA LYS I 206 17.88 8.78 -57.16
C LYS I 206 17.76 9.41 -58.54
N LYS I 207 17.57 8.56 -59.55
CA LYS I 207 17.43 8.88 -60.96
C LYS I 207 18.72 9.43 -61.55
N ASN I 208 19.86 9.17 -60.92
CA ASN I 208 21.16 9.43 -61.51
C ASN I 208 22.13 8.29 -61.23
N LEU I 209 21.61 7.13 -60.83
CA LEU I 209 22.46 6.00 -60.48
C LEU I 209 23.12 5.37 -61.69
N ALA I 210 22.56 5.60 -62.89
CA ALA I 210 23.27 5.23 -64.11
C ALA I 210 24.58 5.99 -64.23
N ASP I 211 24.62 7.22 -63.75
CA ASP I 211 25.88 7.94 -63.54
C ASP I 211 26.43 7.72 -62.14
N GLU I 212 25.55 7.52 -61.15
CA GLU I 212 25.87 7.28 -59.73
C GLU I 212 26.68 8.41 -59.09
N ASP I 213 26.67 9.61 -59.68
CA ASP I 213 27.47 10.72 -59.21
C ASP I 213 26.61 11.95 -59.00
N ALA I 214 25.56 12.10 -59.80
CA ALA I 214 24.57 13.14 -59.59
C ALA I 214 23.47 12.68 -58.64
N VAL I 215 23.60 11.48 -58.09
CA VAL I 215 22.89 11.13 -56.85
C VAL I 215 23.82 11.57 -55.73
N SER I 216 23.77 12.87 -55.44
CA SER I 216 24.70 13.46 -54.47
C SER I 216 24.20 13.30 -53.06
N CYS I 217 22.91 13.12 -52.88
CA CYS I 217 22.35 12.85 -51.56
C CYS I 217 22.83 11.48 -51.11
N LEU I 218 23.57 11.46 -50.01
CA LEU I 218 23.94 10.20 -49.35
C LEU I 218 23.66 10.45 -47.87
N VAL I 219 22.42 10.20 -47.46
CA VAL I 219 22.01 10.55 -46.11
C VAL I 219 22.59 9.51 -45.16
N LEU I 220 23.73 9.83 -44.57
CA LEU I 220 24.37 8.96 -43.60
C LEU I 220 24.26 9.60 -42.23
N GLY I 221 23.24 9.19 -41.46
CA GLY I 221 23.12 9.66 -40.10
C GLY I 221 23.87 8.74 -39.18
N THR I 222 25.10 9.13 -38.85
CA THR I 222 26.00 8.24 -38.14
C THR I 222 25.73 8.31 -36.64
N GLU I 223 26.27 7.31 -35.93
CA GLU I 223 26.16 7.26 -34.47
C GLU I 223 27.26 8.05 -33.78
N ASN I 224 28.08 8.79 -34.54
CA ASN I 224 28.85 9.91 -34.04
C ASN I 224 28.12 11.22 -34.21
N LYS I 225 26.80 11.15 -34.38
CA LYS I 225 25.81 12.23 -34.38
C LYS I 225 25.85 13.09 -35.64
N GLU I 226 26.83 12.89 -36.50
CA GLU I 226 26.86 13.65 -37.74
C GLU I 226 25.82 13.11 -38.71
N LEU I 227 25.12 14.03 -39.38
CA LEU I 227 24.25 13.63 -40.48
C LEU I 227 24.98 13.78 -41.80
N LEU I 228 26.10 13.06 -41.91
CA LEU I 228 27.07 13.31 -42.97
C LEU I 228 26.51 12.93 -44.33
N VAL I 229 26.78 13.76 -45.33
CA VAL I 229 26.37 13.52 -46.71
C VAL I 229 27.63 13.66 -47.56
N LEU I 230 28.29 12.54 -47.82
CA LEU I 230 29.45 12.55 -48.70
C LEU I 230 28.90 12.75 -50.11
N ASP I 231 29.64 13.46 -50.95
CA ASP I 231 29.16 13.74 -52.30
C ASP I 231 28.95 12.46 -53.10
N PRO I 232 27.88 12.42 -53.91
CA PRO I 232 27.66 11.20 -54.69
C PRO I 232 28.41 11.25 -56.00
N GLU I 233 29.37 10.31 -56.13
CA GLU I 233 30.30 10.08 -57.26
C GLU I 233 31.50 11.02 -57.30
N ALA I 234 31.55 11.95 -56.35
CA ALA I 234 32.66 12.89 -56.22
C ALA I 234 33.33 12.70 -54.87
N PHE I 235 32.57 12.11 -53.93
CA PHE I 235 33.04 11.84 -52.57
C PHE I 235 33.77 13.01 -51.92
N THR I 236 33.18 14.21 -51.97
CA THR I 236 33.86 15.34 -51.35
C THR I 236 33.37 15.61 -49.94
N ILE I 237 32.06 15.49 -49.72
CA ILE I 237 31.53 15.75 -48.39
C ILE I 237 31.97 17.14 -47.96
N LEU I 238 31.87 18.10 -48.88
CA LEU I 238 32.30 19.46 -48.59
C LEU I 238 31.47 19.98 -47.42
N ALA I 239 30.18 19.67 -47.42
CA ALA I 239 29.33 20.08 -46.32
C ALA I 239 29.03 18.82 -45.54
N LYS I 240 29.52 18.78 -44.31
CA LYS I 240 29.32 17.65 -43.40
C LYS I 240 28.43 18.05 -42.22
N MET I 241 27.82 19.22 -42.33
CA MET I 241 26.98 19.74 -41.25
C MET I 241 25.77 18.86 -40.95
N SER I 242 25.47 18.71 -39.67
CA SER I 242 24.35 17.90 -39.22
C SER I 242 23.38 18.75 -38.39
N LEU I 243 22.09 18.62 -38.70
CA LEU I 243 21.05 19.36 -37.99
C LEU I 243 20.57 18.60 -36.77
N PRO I 244 21.14 17.41 -36.55
CA PRO I 244 20.76 16.56 -35.42
C PRO I 244 21.02 17.19 -34.05
N SER I 245 22.15 17.87 -33.89
CA SER I 245 22.47 18.50 -32.61
C SER I 245 22.52 17.47 -31.50
N VAL I 246 22.19 16.23 -31.86
CA VAL I 246 22.18 15.08 -30.97
C VAL I 246 22.03 13.79 -31.77
N PRO I 247 21.81 12.66 -31.07
CA PRO I 247 21.62 11.34 -31.69
C PRO I 247 20.33 11.33 -32.51
N ALA I 248 20.29 10.62 -33.64
CA ALA I 248 19.08 10.63 -34.45
C ALA I 248 18.14 9.42 -34.37
N PHE I 249 17.00 9.61 -33.71
CA PHE I 249 15.97 8.58 -33.59
C PHE I 249 15.27 8.25 -34.91
N LEU I 250 14.97 9.30 -35.68
CA LEU I 250 14.30 9.17 -36.97
C LEU I 250 15.08 9.96 -38.00
N GLU I 251 16.32 9.54 -38.18
CA GLU I 251 17.31 10.15 -39.07
C GLU I 251 16.94 10.14 -40.56
N ALA I 252 16.37 9.05 -41.04
CA ALA I 252 16.03 8.95 -42.46
C ALA I 252 14.54 8.94 -42.76
N SER I 253 14.21 8.69 -44.02
CA SER I 253 12.82 8.64 -44.48
C SER I 253 12.02 9.85 -44.04
N GLY I 254 12.57 11.04 -44.27
CA GLY I 254 12.09 12.23 -43.59
C GLY I 254 11.98 13.48 -44.44
N GLN I 255 13.07 13.83 -45.13
CA GLN I 255 13.05 15.04 -45.94
C GLN I 255 12.70 14.96 -47.43
N PHE I 256 11.97 13.92 -47.87
CA PHE I 256 11.59 13.90 -49.27
C PHE I 256 10.75 15.13 -49.60
N ASP I 257 11.43 16.22 -49.92
CA ASP I 257 10.85 17.20 -50.82
C ASP I 257 11.28 16.86 -52.22
N VAL I 258 10.42 17.20 -53.18
CA VAL I 258 10.80 17.03 -54.59
C VAL I 258 11.89 18.01 -54.97
N GLU I 259 12.05 19.10 -54.22
CA GLU I 259 13.23 19.95 -54.30
C GLU I 259 14.26 19.62 -53.22
N PHE I 260 14.20 18.40 -52.66
CA PHE I 260 15.24 17.81 -51.82
C PHE I 260 15.50 18.64 -50.56
N ARG I 261 14.51 18.66 -49.70
CA ARG I 261 14.67 19.24 -48.37
C ARG I 261 14.67 18.11 -47.35
N LEU I 262 15.86 17.75 -46.89
CA LEU I 262 16.04 16.66 -45.93
C LEU I 262 15.47 16.95 -44.55
N ALA I 263 14.97 15.91 -43.90
CA ALA I 263 14.39 16.01 -42.56
C ALA I 263 15.18 15.13 -41.58
N ALA I 264 15.52 15.69 -40.43
CA ALA I 264 16.28 14.97 -39.42
C ALA I 264 15.59 15.01 -38.06
N ALA I 265 15.75 13.94 -37.29
CA ALA I 265 15.13 13.85 -35.97
C ALA I 265 16.16 13.89 -34.84
N CYS I 266 15.91 14.76 -33.87
CA CYS I 266 16.80 14.92 -32.71
C CYS I 266 16.54 13.91 -31.60
N ARG I 267 17.56 13.64 -30.80
CA ARG I 267 17.47 12.73 -29.67
C ARG I 267 16.46 13.30 -28.69
N ASN I 268 16.49 14.62 -28.57
CA ASN I 268 15.61 15.38 -27.68
C ASN I 268 14.14 15.25 -28.09
N GLY I 269 13.92 14.86 -29.34
CA GLY I 269 12.59 14.70 -29.88
C GLY I 269 12.15 15.89 -30.72
N SER I 270 13.01 16.90 -30.77
CA SER I 270 12.73 18.07 -31.59
C SER I 270 13.14 17.70 -33.00
N ILE I 271 12.23 17.89 -33.96
CA ILE I 271 12.52 17.54 -35.34
C ILE I 271 13.03 18.73 -36.12
N TYR I 272 14.18 18.55 -36.77
CA TYR I 272 14.79 19.61 -37.56
C TYR I 272 14.38 19.49 -39.02
N ILE I 273 14.60 20.57 -39.76
CA ILE I 273 14.20 20.62 -41.17
C ILE I 273 15.39 20.93 -42.06
N LEU I 274 16.57 20.41 -41.71
CA LEU I 274 17.81 20.71 -42.41
C LEU I 274 17.79 20.22 -43.86
N ARG I 275 17.69 21.15 -44.80
CA ARG I 275 17.49 20.85 -46.21
C ARG I 275 18.83 20.71 -46.92
N ARG I 276 18.84 20.76 -48.25
CA ARG I 276 20.00 20.39 -49.04
C ARG I 276 21.15 21.38 -48.86
N ASP I 277 22.36 20.82 -48.73
CA ASP I 277 23.56 21.54 -48.26
C ASP I 277 23.29 22.30 -46.97
N SER I 278 22.63 21.62 -46.02
CA SER I 278 22.33 22.12 -44.67
C SER I 278 21.50 23.40 -44.69
N LYS I 279 20.49 23.44 -45.53
CA LYS I 279 19.68 24.64 -45.69
C LYS I 279 19.16 25.02 -44.33
N ARG I 280 18.96 26.31 -44.11
CA ARG I 280 18.46 26.78 -42.84
C ARG I 280 16.95 26.96 -42.90
N PRO I 281 16.26 26.18 -42.07
CA PRO I 281 14.80 26.23 -42.00
C PRO I 281 14.42 26.17 -40.53
N LYS I 282 13.25 26.68 -40.18
CA LYS I 282 12.85 26.64 -38.79
C LYS I 282 12.75 25.19 -38.38
N TYR I 283 13.24 24.88 -37.19
CA TYR I 283 13.19 23.51 -36.70
C TYR I 283 11.91 23.38 -35.91
N CYS I 284 11.05 22.46 -36.33
CA CYS I 284 9.78 22.27 -35.66
C CYS I 284 9.96 21.36 -34.47
N ILE I 285 9.31 21.72 -33.37
CA ILE I 285 9.41 20.96 -32.14
C ILE I 285 8.11 20.21 -31.98
N GLU I 286 7.50 19.84 -33.10
CA GLU I 286 6.10 19.40 -33.13
C GLU I 286 5.92 18.03 -32.50
N LEU I 287 5.95 18.01 -31.17
CA LEU I 287 5.77 16.84 -30.32
C LEU I 287 5.66 17.34 -28.89
N GLY I 288 5.12 16.50 -28.03
CA GLY I 288 5.22 16.73 -26.60
C GLY I 288 6.19 15.77 -25.97
N ALA I 289 6.15 14.53 -26.46
CA ALA I 289 7.04 13.45 -26.05
C ALA I 289 8.11 13.28 -27.12
N GLN I 290 8.85 12.20 -27.03
CA GLN I 290 9.87 12.00 -28.05
C GLN I 290 9.24 11.46 -29.33
N PRO I 291 9.57 12.11 -30.44
CA PRO I 291 9.17 11.81 -31.79
C PRO I 291 10.26 10.89 -32.26
N VAL I 292 10.01 9.60 -32.12
CA VAL I 292 10.91 8.57 -32.59
C VAL I 292 10.09 7.69 -33.52
N GLY I 293 9.21 8.32 -34.32
CA GLY I 293 8.34 7.60 -35.23
C GLY I 293 8.16 8.13 -36.64
N LEU I 294 9.10 8.94 -37.11
CA LEU I 294 9.10 9.50 -38.49
C LEU I 294 8.68 8.51 -39.58
N VAL I 295 7.79 8.92 -40.49
CA VAL I 295 7.31 7.98 -41.49
C VAL I 295 6.99 8.72 -42.80
N GLY I 296 7.51 8.21 -43.91
CA GLY I 296 7.25 8.83 -45.21
C GLY I 296 5.80 8.61 -45.60
N VAL I 297 5.19 9.57 -46.29
CA VAL I 297 3.79 9.40 -46.68
C VAL I 297 3.47 9.54 -48.18
N HIS I 298 4.48 9.65 -49.03
CA HIS I 298 4.19 9.80 -50.46
C HIS I 298 3.77 11.22 -50.87
N LYS I 299 3.62 12.16 -49.94
CA LYS I 299 3.78 13.59 -50.23
C LYS I 299 4.56 14.33 -49.15
N VAL I 300 4.59 13.85 -47.92
CA VAL I 300 5.17 14.54 -46.78
C VAL I 300 5.90 13.53 -45.91
N LEU I 301 6.44 14.00 -44.80
CA LEU I 301 7.33 13.22 -43.95
C LEU I 301 6.61 12.88 -42.66
N VAL I 302 6.07 11.67 -42.58
CA VAL I 302 5.25 11.25 -41.44
C VAL I 302 6.14 10.93 -40.26
N VAL I 303 5.76 11.48 -39.11
CA VAL I 303 6.47 11.26 -37.85
C VAL I 303 5.48 10.78 -36.81
N GLY I 304 5.92 9.96 -35.86
CA GLY I 304 5.01 9.45 -34.85
C GLY I 304 5.22 10.01 -33.46
N SER I 305 4.13 10.51 -32.87
CA SER I 305 4.17 11.08 -31.53
C SER I 305 4.47 10.00 -30.50
N ASN I 306 5.34 10.32 -29.55
CA ASN I 306 5.73 9.38 -28.50
C ASN I 306 4.63 8.94 -27.52
N GLN I 307 3.80 9.89 -27.09
CA GLN I 307 2.75 9.57 -26.12
C GLN I 307 1.42 9.07 -26.71
N ASP I 308 1.46 7.95 -27.42
CA ASP I 308 0.25 7.36 -27.98
C ASP I 308 -0.57 8.31 -28.84
N SER I 309 0.10 9.15 -29.63
CA SER I 309 -0.59 10.10 -30.48
C SER I 309 -0.16 9.91 -31.93
N LEU I 310 -1.12 9.82 -32.85
CA LEU I 310 -0.77 9.64 -34.24
C LEU I 310 -0.04 10.90 -34.69
N HIS I 311 0.98 10.73 -35.53
CA HIS I 311 1.74 11.89 -35.98
C HIS I 311 1.47 12.23 -37.45
N GLY I 312 0.99 13.45 -37.68
CA GLY I 312 0.70 13.94 -39.00
C GLY I 312 1.41 15.27 -39.18
N PHE I 313 2.10 15.46 -40.30
CA PHE I 313 2.81 16.71 -40.52
C PHE I 313 3.28 16.91 -41.96
N THR I 314 3.46 18.18 -42.32
CA THR I 314 3.93 18.55 -43.63
C THR I 314 5.26 19.26 -43.46
N TYR I 315 5.87 19.67 -44.57
CA TYR I 315 7.24 20.17 -44.52
C TYR I 315 7.37 21.56 -43.91
N LYS I 316 6.26 22.21 -43.59
CA LYS I 316 6.28 23.54 -42.98
C LYS I 316 5.82 23.51 -41.54
N GLY I 317 6.18 22.46 -40.81
CA GLY I 317 5.92 22.39 -39.38
C GLY I 317 4.53 21.92 -39.00
N LYS I 318 3.52 22.31 -39.79
CA LYS I 318 2.12 22.14 -39.43
C LYS I 318 1.75 20.67 -39.38
N ARG I 319 1.43 20.18 -38.18
CA ARG I 319 0.99 18.81 -38.00
C ARG I 319 -0.36 18.63 -38.69
N LEU I 320 -0.34 18.03 -39.88
CA LEU I 320 -1.56 17.84 -40.67
C LEU I 320 -2.56 16.91 -40.00
N TRP I 321 -2.05 15.81 -39.45
CA TRP I 321 -2.90 14.80 -38.82
C TRP I 321 -3.14 14.93 -37.31
N THR I 322 -4.31 14.47 -36.87
CA THR I 322 -4.63 14.40 -35.46
C THR I 322 -4.18 13.01 -34.95
N VAL I 323 -4.24 12.77 -33.64
CA VAL I 323 -3.82 11.47 -33.10
C VAL I 323 -4.69 10.31 -33.60
N GLN I 324 -4.07 9.21 -33.97
CA GLN I 324 -4.82 8.06 -34.46
C GLN I 324 -4.35 6.71 -33.90
N MET I 325 -3.32 6.73 -33.05
CA MET I 325 -2.82 5.49 -32.47
C MET I 325 -2.96 5.43 -30.95
N PRO I 326 -3.57 4.35 -30.45
CA PRO I 326 -3.83 4.04 -29.04
C PRO I 326 -2.56 3.84 -28.22
N ALA I 327 -1.58 3.15 -28.81
CA ALA I 327 -0.32 2.88 -28.12
C ALA I 327 0.86 3.48 -28.88
N ALA I 328 2.07 3.15 -28.45
CA ALA I 328 3.27 3.68 -29.11
C ALA I 328 3.59 2.86 -30.34
N ILE I 329 3.51 3.48 -31.53
CA ILE I 329 3.87 2.82 -32.77
C ILE I 329 5.39 2.74 -32.85
N LEU I 330 5.92 1.93 -33.77
CA LEU I 330 7.37 1.81 -33.89
C LEU I 330 7.91 2.00 -35.30
N ALA I 331 7.14 1.70 -36.34
CA ALA I 331 7.64 1.86 -37.70
C ALA I 331 6.44 2.01 -38.62
N MET I 332 6.25 3.21 -39.16
CA MET I 332 5.21 3.41 -40.12
C MET I 332 5.69 3.00 -41.51
N ASN I 333 4.82 3.20 -42.49
CA ASN I 333 5.08 3.05 -43.92
C ASN I 333 3.90 3.67 -44.65
N LEU I 334 3.87 3.51 -45.97
CA LEU I 334 2.71 3.87 -46.76
C LEU I 334 2.72 3.08 -48.06
N LEU I 335 1.53 2.69 -48.51
CA LEU I 335 1.39 2.04 -49.81
C LEU I 335 1.15 3.10 -50.87
N GLU I 336 0.69 2.67 -52.05
CA GLU I 336 0.91 3.38 -53.30
C GLU I 336 -0.26 4.29 -53.68
N GLN I 337 -0.02 5.60 -53.64
CA GLN I 337 -0.81 6.61 -54.35
C GLN I 337 0.02 7.87 -54.53
N HIS I 338 -0.53 8.82 -55.29
CA HIS I 338 0.24 9.85 -55.98
C HIS I 338 0.65 10.98 -55.04
N SER I 339 1.12 12.08 -55.64
CA SER I 339 1.49 13.29 -54.88
C SER I 339 0.29 13.83 -54.12
N ARG I 340 -0.82 14.05 -54.81
CA ARG I 340 -2.11 14.09 -54.14
C ARG I 340 -2.58 12.65 -54.06
N GLY I 341 -2.20 11.97 -52.98
CA GLY I 341 -2.62 10.59 -52.79
C GLY I 341 -1.88 9.83 -51.70
N LEU I 342 -2.58 8.89 -51.05
CA LEU I 342 -1.98 7.98 -50.07
C LEU I 342 -2.84 6.73 -49.94
N GLN I 343 -2.27 5.58 -50.29
CA GLN I 343 -2.91 4.30 -50.05
C GLN I 343 -2.63 3.86 -48.61
N ALA I 344 -2.82 2.56 -48.35
CA ALA I 344 -2.68 1.97 -47.01
C ALA I 344 -1.37 2.33 -46.33
N VAL I 345 -1.47 3.06 -45.24
CA VAL I 345 -0.31 3.59 -44.55
C VAL I 345 -0.31 2.95 -43.17
N MET I 346 0.40 1.83 -43.05
CA MET I 346 0.33 1.02 -41.84
C MET I 346 1.18 1.64 -40.75
N ALA I 347 1.29 0.93 -39.64
CA ALA I 347 2.11 1.35 -38.51
C ALA I 347 2.39 0.13 -37.67
N ALA I 348 3.38 0.25 -36.81
CA ALA I 348 3.66 -0.79 -35.83
C ALA I 348 2.92 -0.47 -34.54
N LEU I 349 3.26 -1.19 -33.48
CA LEU I 349 2.83 -0.84 -32.13
C LEU I 349 3.87 -1.33 -31.15
N ALA I 350 3.84 -0.78 -29.94
CA ALA I 350 4.76 -1.23 -28.91
C ALA I 350 4.42 -2.65 -28.47
N ASN I 351 3.13 -2.93 -28.28
CA ASN I 351 2.64 -4.29 -28.12
C ASN I 351 2.29 -4.92 -29.46
N GLU I 352 2.85 -4.38 -30.55
CA GLU I 352 3.12 -5.09 -31.78
C GLU I 352 1.88 -5.36 -32.61
N GLU I 353 0.77 -4.71 -32.26
CA GLU I 353 -0.46 -4.94 -32.97
C GLU I 353 -0.41 -4.36 -34.36
N VAL I 354 -0.85 -5.13 -35.34
CA VAL I 354 -0.86 -4.61 -36.69
C VAL I 354 -1.91 -3.53 -36.66
N ARG I 355 -1.59 -2.37 -37.22
CA ARG I 355 -2.55 -1.28 -37.22
C ARG I 355 -2.63 -0.70 -38.62
N ILE I 356 -3.17 -1.46 -39.55
CA ILE I 356 -3.30 -0.97 -40.90
C ILE I 356 -4.25 0.20 -40.82
N TYR I 357 -3.90 1.29 -41.49
CA TYR I 357 -4.75 2.47 -41.48
C TYR I 357 -5.19 2.77 -42.89
N HIS I 358 -6.51 2.88 -43.08
CA HIS I 358 -7.02 3.18 -44.41
C HIS I 358 -6.97 4.68 -44.47
N ASP I 359 -7.04 5.25 -45.68
CA ASP I 359 -6.99 6.71 -45.78
C ASP I 359 -8.17 7.28 -45.01
N LYS I 360 -9.33 6.64 -45.16
CA LYS I 360 -10.53 7.09 -44.46
C LYS I 360 -10.84 6.38 -43.13
N VAL I 361 -10.21 5.24 -42.87
CA VAL I 361 -10.49 4.51 -41.62
C VAL I 361 -9.41 3.54 -41.13
N LEU I 362 -9.49 3.20 -39.85
CA LEU I 362 -8.59 2.24 -39.20
C LEU I 362 -8.94 0.83 -39.68
N LEU I 363 -8.01 -0.11 -39.59
CA LEU I 363 -8.29 -1.46 -40.05
C LEU I 363 -8.34 -2.50 -38.95
N ASN I 364 -7.33 -2.57 -38.09
CA ASN I 364 -7.23 -3.71 -37.19
C ASN I 364 -6.40 -3.34 -35.97
N VAL I 365 -6.52 -4.16 -34.94
CA VAL I 365 -5.65 -4.08 -33.78
C VAL I 365 -5.44 -5.49 -33.24
N ILE I 366 -4.21 -5.99 -33.33
CA ILE I 366 -3.98 -7.41 -33.12
C ILE I 366 -3.16 -7.65 -31.87
N ARG I 367 -2.86 -8.93 -31.61
CA ARG I 367 -1.95 -9.35 -30.55
C ARG I 367 -1.03 -10.40 -31.18
N THR I 368 0.08 -9.94 -31.78
CA THR I 368 1.08 -10.79 -32.41
C THR I 368 2.45 -10.47 -31.86
N PRO I 369 3.51 -11.10 -32.36
CA PRO I 369 4.86 -10.78 -31.92
C PRO I 369 5.33 -9.47 -32.57
N GLU I 370 6.60 -9.14 -32.32
CA GLU I 370 7.10 -7.77 -32.32
C GLU I 370 7.26 -7.23 -33.73
N ALA I 371 7.96 -6.10 -33.86
CA ALA I 371 7.93 -5.30 -35.07
C ALA I 371 9.33 -4.74 -35.32
N VAL I 372 9.40 -3.76 -36.22
CA VAL I 372 10.66 -3.46 -36.89
C VAL I 372 11.03 -1.99 -36.81
N THR I 373 12.08 -1.63 -37.54
CA THR I 373 12.36 -0.24 -37.86
C THR I 373 11.89 0.12 -39.26
N SER I 374 11.90 -0.84 -40.19
CA SER I 374 11.53 -0.59 -41.56
C SER I 374 11.06 -1.89 -42.22
N LEU I 375 10.06 -1.75 -43.07
CA LEU I 375 9.51 -2.83 -43.87
C LEU I 375 9.33 -2.29 -45.28
N CYS I 376 8.71 -3.09 -46.16
CA CYS I 376 8.58 -2.68 -47.55
C CYS I 376 7.42 -3.43 -48.20
N PHE I 377 6.54 -2.69 -48.85
CA PHE I 377 5.43 -3.29 -49.58
C PHE I 377 5.98 -3.80 -50.91
N GLY I 378 6.62 -4.96 -50.86
CA GLY I 378 7.22 -5.55 -52.04
C GLY I 378 6.31 -6.51 -52.77
N ARG I 379 5.09 -6.07 -53.05
CA ARG I 379 4.05 -6.94 -53.60
C ARG I 379 4.33 -7.23 -55.07
N TYR I 380 4.50 -8.51 -55.40
CA TYR I 380 4.64 -8.96 -56.77
C TYR I 380 3.37 -9.73 -57.15
N GLY I 381 2.38 -8.98 -57.63
CA GLY I 381 1.06 -9.53 -57.84
C GLY I 381 -0.05 -8.70 -57.22
N ARG I 382 0.26 -7.43 -56.93
CA ARG I 382 -0.69 -6.39 -56.51
C ARG I 382 -1.39 -6.75 -55.20
N GLU I 383 -0.60 -6.76 -54.13
CA GLU I 383 -1.12 -6.81 -52.78
C GLU I 383 -1.00 -5.42 -52.14
N ASP I 384 -2.00 -5.04 -51.36
CA ASP I 384 -1.95 -3.80 -50.61
C ASP I 384 -0.90 -3.91 -49.50
N ASN I 385 -0.88 -5.08 -48.85
CA ASN I 385 0.02 -5.41 -47.72
C ASN I 385 1.53 -5.64 -47.96
N THR I 386 2.32 -5.23 -46.97
CA THR I 386 3.78 -5.36 -46.96
C THR I 386 4.41 -6.77 -46.94
N LEU I 387 3.86 -7.68 -46.14
CA LEU I 387 4.42 -9.04 -46.03
C LEU I 387 5.90 -9.06 -45.64
N ILE I 388 6.22 -8.28 -44.60
CA ILE I 388 7.56 -8.20 -44.03
C ILE I 388 7.43 -8.47 -42.53
N MET I 389 8.25 -9.37 -42.00
CA MET I 389 8.16 -9.70 -40.57
C MET I 389 9.45 -9.59 -39.75
N THR I 390 9.34 -8.95 -38.59
CA THR I 390 10.46 -8.79 -37.66
C THR I 390 10.04 -9.29 -36.27
N THR I 391 10.86 -10.12 -35.64
CA THR I 391 10.51 -10.65 -34.31
C THR I 391 11.70 -10.83 -33.35
N LEU I 392 11.38 -10.84 -32.05
CA LEU I 392 12.38 -11.03 -31.01
C LEU I 392 13.13 -12.30 -31.42
N GLY I 393 12.37 -13.25 -31.96
CA GLY I 393 12.88 -14.52 -32.41
C GLY I 393 13.50 -14.48 -33.80
N GLY I 394 13.42 -13.34 -34.47
CA GLY I 394 13.97 -13.20 -35.81
C GLY I 394 13.13 -13.68 -36.97
N GLY I 395 11.82 -13.86 -36.76
CA GLY I 395 10.94 -14.31 -37.82
C GLY I 395 10.89 -13.33 -38.98
N LEU I 396 10.83 -13.87 -40.19
CA LEU I 396 10.81 -13.07 -41.42
C LEU I 396 9.41 -13.23 -42.03
N ILE I 397 8.52 -12.29 -41.71
CA ILE I 397 7.10 -12.45 -42.02
C ILE I 397 6.80 -12.09 -43.47
N ILE I 398 5.62 -12.52 -43.88
CA ILE I 398 5.10 -12.33 -45.23
C ILE I 398 3.57 -12.35 -45.21
N LYS I 399 2.99 -12.17 -44.04
CA LYS I 399 1.54 -12.16 -43.89
C LYS I 399 0.90 -10.97 -44.60
N ILE I 400 -0.25 -11.20 -45.22
CA ILE I 400 -0.96 -10.15 -45.94
C ILE I 400 -2.44 -10.14 -45.54
N LEU I 401 -2.71 -9.66 -44.32
CA LEU I 401 -4.08 -9.59 -43.82
C LEU I 401 -4.83 -8.41 -44.42
N LYS I 423 -7.35 40.16 -10.72
CA LYS I 423 -6.89 38.96 -11.41
C LYS I 423 -5.80 38.27 -10.62
N LEU I 424 -5.03 39.05 -9.87
CA LEU I 424 -3.94 38.53 -9.07
C LEU I 424 -4.44 38.10 -7.68
N ASN I 425 -3.52 37.51 -6.91
CA ASN I 425 -3.81 37.12 -5.55
C ASN I 425 -3.23 38.12 -4.54
N VAL I 426 -3.25 39.41 -4.89
CA VAL I 426 -2.78 40.42 -3.94
C VAL I 426 -3.61 40.36 -2.67
N PRO I 427 -3.00 40.32 -1.49
CA PRO I 427 -3.77 40.10 -0.26
C PRO I 427 -4.65 41.29 0.08
N ARG I 428 -5.55 41.05 1.02
CA ARG I 428 -6.47 42.06 1.52
C ARG I 428 -6.07 42.45 2.93
N LYS I 429 -6.41 43.68 3.32
CA LYS I 429 -6.05 44.21 4.63
C LYS I 429 -7.32 44.69 5.34
N THR I 430 -7.44 44.33 6.60
CA THR I 430 -8.64 44.59 7.39
C THR I 430 -8.44 45.80 8.29
N ARG I 431 -9.41 46.03 9.18
CA ARG I 431 -9.31 47.16 10.11
C ARG I 431 -8.10 47.04 11.01
N LEU I 432 -7.70 45.82 11.36
CA LEU I 432 -6.53 45.63 12.19
C LEU I 432 -5.30 46.29 11.57
N TYR I 433 -5.15 46.17 10.25
CA TYR I 433 -3.96 46.71 9.60
C TYR I 433 -3.94 48.23 9.64
N VAL I 434 -5.08 48.88 9.39
CA VAL I 434 -5.08 50.33 9.39
C VAL I 434 -4.93 50.87 10.81
N ASP I 435 -5.50 50.19 11.81
CA ASP I 435 -5.28 50.63 13.19
C ASP I 435 -3.82 50.46 13.58
N GLN I 436 -3.19 49.37 13.16
CA GLN I 436 -1.77 49.15 13.47
C GLN I 436 -0.89 50.19 12.78
N THR I 437 -1.19 50.51 11.52
CA THR I 437 -0.41 51.55 10.84
C THR I 437 -0.64 52.92 11.44
N LEU I 438 -1.85 53.19 11.96
CA LEU I 438 -2.08 54.47 12.63
C LEU I 438 -1.29 54.55 13.93
N ARG I 439 -1.27 53.45 14.69
CA ARG I 439 -0.44 53.43 15.89
C ARG I 439 1.04 53.62 15.55
N GLU I 440 1.49 53.01 14.46
CA GLU I 440 2.89 53.16 14.05
C GLU I 440 3.18 54.59 13.61
N ARG I 441 2.22 55.23 12.95
CA ARG I 441 2.43 56.61 12.49
C ARG I 441 2.39 57.59 13.66
N GLU I 442 1.65 57.27 14.71
CA GLU I 442 1.56 58.17 15.86
C GLU I 442 2.58 57.86 16.95
N ALA I 443 3.11 56.64 16.99
CA ALA I 443 4.05 56.24 18.03
C ALA I 443 5.23 55.48 17.42
N GLY I 444 5.78 56.01 16.33
CA GLY I 444 6.90 55.33 15.69
C GLY I 444 8.20 55.46 16.46
N THR I 445 8.39 56.59 17.13
CA THR I 445 9.65 56.84 17.83
C THR I 445 9.85 55.87 18.99
N ALA I 446 8.80 55.66 19.79
CA ALA I 446 8.92 54.74 20.92
C ALA I 446 9.17 53.32 20.44
N MET I 447 8.50 52.90 19.35
CA MET I 447 8.73 51.57 18.81
C MET I 447 10.18 51.42 18.34
N HIS I 448 10.68 52.40 17.60
CA HIS I 448 12.07 52.35 17.16
C HIS I 448 13.03 52.22 18.34
N ARG I 449 12.86 53.08 19.34
CA ARG I 449 13.77 53.08 20.48
C ARG I 449 13.72 51.75 21.23
N THR I 450 12.51 51.25 21.50
CA THR I 450 12.39 50.03 22.29
C THR I 450 12.85 48.82 21.50
N PHE I 451 12.69 48.82 20.18
CA PHE I 451 13.19 47.70 19.39
C PHE I 451 14.71 47.73 19.33
N GLN I 452 15.32 48.92 19.29
CA GLN I 452 16.77 48.98 19.32
C GLN I 452 17.31 48.52 20.68
N ALA I 453 16.63 48.90 21.77
CA ALA I 453 17.01 48.40 23.09
C ALA I 453 16.89 46.89 23.16
N ASP I 454 15.80 46.33 22.63
CA ASP I 454 15.61 44.89 22.65
C ASP I 454 16.67 44.19 21.80
N LEU I 455 17.06 44.79 20.68
CA LEU I 455 18.10 44.21 19.84
C LEU I 455 19.45 44.23 20.55
N TYR I 456 19.75 45.30 21.27
CA TYR I 456 20.97 45.35 22.06
C TYR I 456 21.00 44.25 23.10
N LEU I 457 19.88 44.10 23.84
CA LEU I 457 19.82 43.04 24.84
C LEU I 457 19.90 41.65 24.21
N LEU I 458 19.34 41.49 23.01
CA LEU I 458 19.41 40.20 22.34
C LEU I 458 20.83 39.87 21.89
N ARG I 459 21.54 40.87 21.36
CA ARG I 459 22.95 40.65 21.04
C ARG I 459 23.73 40.28 22.29
N LEU I 460 23.44 40.96 23.41
CA LEU I 460 24.11 40.65 24.67
C LEU I 460 23.88 39.19 25.07
N ARG I 461 22.62 38.76 25.08
CA ARG I 461 22.31 37.41 25.54
C ARG I 461 22.80 36.34 24.56
N ALA I 462 22.77 36.63 23.26
CA ALA I 462 23.30 35.67 22.30
C ALA I 462 24.80 35.52 22.43
N ALA I 463 25.52 36.63 22.62
CA ALA I 463 26.96 36.54 22.86
C ALA I 463 27.25 35.78 24.15
N ARG I 464 26.42 36.02 25.18
CA ARG I 464 26.59 35.30 26.44
C ARG I 464 26.47 33.80 26.23
N ALA I 465 25.40 33.37 25.56
CA ALA I 465 25.18 31.94 25.37
C ALA I 465 26.23 31.33 24.45
N TYR I 466 26.69 32.08 23.43
CA TYR I 466 27.75 31.60 22.57
C TYR I 466 29.04 31.39 23.35
N VAL I 467 29.37 32.32 24.25
CA VAL I 467 30.58 32.18 25.05
C VAL I 467 30.45 31.01 26.02
N GLN I 468 29.26 30.82 26.61
CA GLN I 468 29.05 29.69 27.51
C GLN I 468 29.18 28.36 26.77
N ALA I 469 28.65 28.30 25.54
CA ALA I 469 28.80 27.09 24.73
C ALA I 469 30.26 26.84 24.38
N LEU I 470 30.99 27.89 23.98
CA LEU I 470 32.42 27.73 23.73
C LEU I 470 33.15 27.22 24.96
N GLU I 471 32.80 27.74 26.13
CA GLU I 471 33.38 27.25 27.38
C GLU I 471 33.13 25.76 27.54
N SER I 472 31.87 25.36 27.60
CA SER I 472 31.55 23.94 27.76
C SER I 472 31.85 23.12 26.51
N SER I 473 32.12 23.77 25.38
CA SER I 473 32.36 23.08 24.11
C SER I 473 31.23 22.12 23.79
N LEU I 474 30.01 22.66 23.70
CA LEU I 474 28.81 21.88 23.48
C LEU I 474 28.30 21.98 22.06
N SER I 475 29.03 22.63 21.16
CA SER I 475 28.58 22.82 19.79
C SER I 475 29.01 21.63 18.94
N PRO I 476 28.08 20.90 18.32
CA PRO I 476 28.45 19.78 17.46
C PRO I 476 28.95 20.17 16.08
N VAL I 477 29.26 21.44 15.86
CA VAL I 477 29.67 21.90 14.54
C VAL I 477 31.09 22.47 14.53
N SER I 478 31.61 22.96 15.64
CA SER I 478 32.96 23.50 15.68
C SER I 478 33.99 22.42 15.39
N ARG I 482 40.02 26.70 10.60
CA ARG I 482 40.91 26.11 11.59
C ARG I 482 40.15 25.13 12.47
N GLU I 483 40.69 23.92 12.59
CA GLU I 483 40.06 22.82 13.32
C GLU I 483 38.68 22.54 12.74
N PRO I 484 38.60 22.02 11.51
CA PRO I 484 37.28 21.78 10.90
C PRO I 484 36.72 20.40 11.20
N LEU I 485 35.48 20.34 11.70
CA LEU I 485 34.84 19.07 12.02
C LEU I 485 33.33 19.29 12.05
N LYS I 486 32.59 18.19 12.11
CA LYS I 486 31.14 18.24 12.22
C LYS I 486 30.65 16.87 12.65
N LEU I 487 29.96 16.78 13.79
CA LEU I 487 29.52 15.50 14.30
C LEU I 487 28.08 15.59 14.80
N HIS I 488 27.29 14.55 14.54
CA HIS I 488 25.97 14.45 15.13
C HIS I 488 25.62 12.98 15.34
N ALA I 489 24.98 12.69 16.47
CA ALA I 489 24.75 11.32 16.90
C ALA I 489 23.28 10.96 16.73
N VAL I 490 23.02 9.87 16.02
CA VAL I 490 21.68 9.36 15.77
C VAL I 490 21.46 8.09 16.57
N VAL I 491 20.29 7.96 17.17
CA VAL I 491 19.91 6.77 17.92
C VAL I 491 18.83 6.05 17.13
N GLN I 492 18.92 4.73 17.08
CA GLN I 492 17.95 3.91 16.35
C GLN I 492 17.55 2.72 17.21
N GLY I 493 16.26 2.40 17.17
CA GLY I 493 15.78 1.17 17.77
C GLY I 493 15.07 1.36 19.10
N LEU I 494 13.96 0.66 19.27
CA LEU I 494 13.33 0.53 20.56
C LEU I 494 13.99 -0.64 21.30
N GLY I 495 13.40 -1.08 22.41
CA GLY I 495 13.92 -2.22 23.11
C GLY I 495 15.14 -1.87 23.93
N PRO I 496 15.60 -2.81 24.77
CA PRO I 496 16.71 -2.50 25.68
C PRO I 496 18.02 -2.17 24.98
N THR I 497 18.18 -2.53 23.71
CA THR I 497 19.43 -2.30 22.99
C THR I 497 19.19 -1.32 21.85
N PHE I 498 19.89 -0.19 21.90
CA PHE I 498 19.80 0.84 20.88
C PHE I 498 21.11 0.91 20.10
N LYS I 499 21.00 1.22 18.82
CA LYS I 499 22.18 1.43 17.97
C LYS I 499 22.44 2.92 17.90
N LEU I 500 23.61 3.33 18.38
CA LEU I 500 23.99 4.73 18.44
C LEU I 500 25.10 4.98 17.44
N THR I 501 24.78 5.65 16.34
CA THR I 501 25.73 5.88 15.27
C THR I 501 26.10 7.36 15.24
N LEU I 502 27.39 7.64 15.40
CA LEU I 502 27.92 8.99 15.32
C LEU I 502 28.34 9.25 13.89
N HIS I 503 27.67 10.20 13.24
CA HIS I 503 28.07 10.63 11.91
C HIS I 503 29.06 11.76 12.08
N LEU I 504 30.33 11.49 11.73
CA LEU I 504 31.40 12.46 11.88
C LEU I 504 31.93 12.83 10.50
N GLN I 505 32.38 14.07 10.34
CA GLN I 505 32.78 14.52 9.02
C GLN I 505 33.84 15.61 9.14
N ASN I 506 34.90 15.46 8.36
CA ASN I 506 35.89 16.50 8.19
C ASN I 506 35.45 17.45 7.07
N THR I 507 35.34 18.74 7.39
CA THR I 507 34.83 19.74 6.45
C THR I 507 35.95 20.72 6.15
N SER I 508 36.79 20.35 5.17
CA SER I 508 37.90 21.20 4.78
C SER I 508 38.20 20.95 3.31
N THR I 509 38.98 21.86 2.71
CA THR I 509 39.28 21.76 1.29
C THR I 509 40.03 20.48 0.99
N ALA I 510 41.26 20.35 1.48
CA ALA I 510 42.00 19.09 1.43
C ALA I 510 42.98 19.07 2.59
N ARG I 511 42.53 18.55 3.73
CA ARG I 511 43.41 18.35 4.87
C ARG I 511 42.84 17.29 5.79
N PRO I 512 43.49 16.14 5.94
CA PRO I 512 42.98 15.11 6.85
C PRO I 512 43.32 15.44 8.30
N ILE I 513 42.63 14.75 9.20
CA ILE I 513 42.80 14.93 10.64
C ILE I 513 43.27 13.61 11.21
N LEU I 514 44.52 13.55 11.66
CA LEU I 514 45.11 12.27 12.05
C LEU I 514 44.67 11.82 13.44
N GLY I 515 45.05 12.56 14.46
CA GLY I 515 44.84 12.11 15.82
C GLY I 515 43.60 12.65 16.50
N LEU I 516 42.51 11.88 16.47
CA LEU I 516 41.29 12.23 17.17
C LEU I 516 40.77 10.98 17.87
N VAL I 517 39.88 11.19 18.84
CA VAL I 517 39.36 10.09 19.62
C VAL I 517 38.04 10.51 20.24
N VAL I 518 37.13 9.55 20.41
CA VAL I 518 35.78 9.79 20.89
C VAL I 518 35.64 9.14 22.26
N CYS I 519 35.07 9.90 23.21
CA CYS I 519 34.82 9.44 24.56
C CYS I 519 33.38 9.69 24.93
N PHE I 520 32.69 8.68 25.42
CA PHE I 520 31.29 8.77 25.80
C PHE I 520 31.18 9.05 27.29
N LEU I 521 30.17 9.83 27.67
CA LEU I 521 29.86 10.11 29.06
C LEU I 521 28.42 9.69 29.30
N TYR I 522 28.22 8.67 30.15
CA TYR I 522 26.89 8.15 30.42
C TYR I 522 26.77 7.87 31.91
N ASN I 523 25.60 7.42 32.31
CA ASN I 523 25.34 7.02 33.69
C ASN I 523 25.52 5.50 33.76
N GLU I 524 26.61 5.07 34.39
CA GLU I 524 27.01 3.66 34.38
C GLU I 524 26.00 2.75 35.08
N VAL I 525 24.93 3.28 35.66
CA VAL I 525 23.90 2.46 36.27
C VAL I 525 22.70 2.28 35.37
N LEU I 526 22.60 3.05 34.28
CA LEU I 526 21.48 2.97 33.35
C LEU I 526 21.85 2.44 31.98
N TYR I 527 23.08 2.66 31.53
CA TYR I 527 23.50 2.27 30.19
C TYR I 527 24.82 1.54 30.25
N ALA I 528 24.92 0.44 29.52
CA ALA I 528 26.11 -0.41 29.49
C ALA I 528 26.77 -0.28 28.14
N LEU I 529 27.71 0.66 28.03
CA LEU I 529 28.44 0.86 26.78
C LEU I 529 29.65 -0.06 26.75
N PRO I 530 29.78 -0.94 25.75
CA PRO I 530 30.94 -1.82 25.68
C PRO I 530 32.26 -1.07 25.59
N ARG I 531 32.39 -0.20 24.59
CA ARG I 531 33.62 0.56 24.37
C ARG I 531 33.28 2.05 24.44
N ALA I 532 33.36 2.62 25.63
CA ALA I 532 33.03 4.02 25.84
C ALA I 532 34.14 4.97 25.41
N PHE I 533 35.12 4.50 24.65
CA PHE I 533 36.23 5.35 24.22
C PHE I 533 36.94 4.63 23.09
N PHE I 534 37.10 5.30 21.95
CA PHE I 534 37.76 4.64 20.83
C PHE I 534 38.34 5.68 19.87
N LYS I 535 39.43 5.32 19.23
CA LYS I 535 40.01 6.15 18.19
C LYS I 535 39.11 6.17 16.96
N VAL I 536 39.25 7.23 16.17
CA VAL I 536 38.49 7.41 14.95
C VAL I 536 39.43 7.26 13.77
N PRO I 537 38.98 6.75 12.63
CA PRO I 537 39.87 6.61 11.48
C PRO I 537 40.35 7.96 10.97
N LEU I 538 41.33 7.91 10.09
CA LEU I 538 41.80 9.12 9.42
C LEU I 538 40.65 9.73 8.62
N LEU I 539 40.21 10.91 9.02
CA LEU I 539 39.02 11.53 8.44
C LEU I 539 39.40 12.26 7.15
N VAL I 540 38.98 11.70 6.02
CA VAL I 540 39.27 12.32 4.72
C VAL I 540 38.25 13.41 4.46
N PRO I 541 38.68 14.61 4.03
CA PRO I 541 37.73 15.72 3.84
C PRO I 541 36.64 15.41 2.83
N GLY I 542 35.39 15.35 3.31
CA GLY I 542 34.24 15.18 2.43
C GLY I 542 33.43 13.92 2.67
N LEU I 543 33.88 12.99 3.51
CA LEU I 543 33.20 11.73 3.70
C LEU I 543 32.58 11.68 5.09
N ASN I 544 31.32 11.24 5.16
CA ASN I 544 30.63 11.05 6.42
C ASN I 544 30.96 9.66 6.96
N TYR I 545 31.69 9.60 8.07
CA TYR I 545 32.03 8.34 8.70
C TYR I 545 30.97 8.00 9.72
N PRO I 546 30.21 6.92 9.54
CA PRO I 546 29.32 6.44 10.61
C PRO I 546 30.05 5.50 11.56
N LEU I 547 30.20 5.91 12.81
CA LEU I 547 30.90 5.14 13.84
C LEU I 547 29.86 4.74 14.87
N GLU I 548 29.50 3.47 14.91
CA GLU I 548 28.34 3.08 15.70
C GLU I 548 28.74 2.21 16.89
N THR I 549 27.85 2.23 17.89
CA THR I 549 28.04 1.54 19.16
C THR I 549 26.67 0.98 19.56
N PHE I 550 26.66 0.12 20.57
CA PHE I 550 25.44 -0.52 21.04
C PHE I 550 25.19 -0.09 22.49
N VAL I 551 24.28 0.83 22.68
CA VAL I 551 23.89 1.23 24.03
C VAL I 551 22.86 0.22 24.53
N LYS I 552 22.85 -0.03 25.83
CA LYS I 552 21.92 -0.99 26.39
C LYS I 552 21.39 -0.50 27.72
N SER I 553 20.08 -0.43 27.85
CA SER I 553 19.45 0.05 29.07
C SER I 553 19.46 -1.05 30.12
N LEU I 554 19.88 -0.70 31.33
CA LEU I 554 19.99 -1.65 32.43
C LEU I 554 18.87 -1.50 33.47
N SER I 555 18.30 -0.31 33.58
CA SER I 555 17.23 -0.09 34.56
C SER I 555 16.01 -0.92 34.21
N ASP I 556 15.50 -1.65 35.21
CA ASP I 556 14.28 -2.42 34.99
C ASP I 556 13.07 -1.49 34.81
N LYS I 557 13.12 -0.32 35.42
CA LYS I 557 12.10 0.70 35.21
C LYS I 557 12.55 1.66 34.11
N GLY I 558 11.58 2.15 33.35
CA GLY I 558 11.89 3.07 32.28
C GLY I 558 12.50 4.36 32.77
N ILE I 559 13.78 4.57 32.48
CA ILE I 559 14.50 5.78 32.85
C ILE I 559 15.27 6.26 31.64
N SER I 560 15.01 7.50 31.23
CA SER I 560 15.65 8.11 30.06
C SER I 560 16.67 9.12 30.56
N ASP I 561 17.95 8.85 30.32
CA ASP I 561 19.02 9.72 30.76
C ASP I 561 19.87 10.13 29.56
N ILE I 562 20.42 11.34 29.63
CA ILE I 562 21.20 11.87 28.53
C ILE I 562 22.54 11.15 28.43
N ILE I 563 23.10 11.14 27.22
CA ILE I 563 24.44 10.63 26.97
C ILE I 563 25.22 11.70 26.22
N LYS I 564 26.38 12.07 26.75
CA LYS I 564 27.27 13.02 26.12
C LYS I 564 28.30 12.29 25.28
N VAL I 565 28.76 12.95 24.23
CA VAL I 565 29.84 12.45 23.37
C VAL I 565 30.83 13.58 23.20
N LEU I 566 32.11 13.28 23.41
CA LEU I 566 33.17 14.26 23.26
C LEU I 566 34.17 13.77 22.24
N VAL I 567 34.42 14.57 21.21
CA VAL I 567 35.46 14.32 20.24
C VAL I 567 36.63 15.23 20.57
N LEU I 568 37.82 14.63 20.75
CA LEU I 568 38.96 15.40 21.23
C LEU I 568 40.25 14.83 20.68
N ARG I 569 41.27 15.68 20.60
CA ARG I 569 42.60 15.27 20.19
C ARG I 569 43.16 14.27 21.21
N GLU I 570 44.28 13.65 20.85
CA GLU I 570 44.93 12.73 21.77
C GLU I 570 46.02 13.40 22.60
N GLY I 571 46.54 14.55 22.17
CA GLY I 571 47.47 15.32 22.95
C GLY I 571 46.86 16.40 23.81
N GLN I 572 45.57 16.68 23.62
CA GLN I 572 44.86 17.69 24.39
C GLN I 572 43.85 17.03 25.32
N SER I 573 43.39 17.81 26.30
CA SER I 573 42.39 17.35 27.25
C SER I 573 41.07 18.08 27.14
N THR I 574 41.00 19.18 26.39
CA THR I 574 39.74 19.88 26.18
C THR I 574 39.05 19.32 24.95
N PRO I 575 37.80 18.89 25.04
CA PRO I 575 37.11 18.32 23.88
C PRO I 575 37.09 19.28 22.69
N LEU I 576 37.43 18.74 21.51
CA LEU I 576 37.32 19.54 20.29
C LEU I 576 35.86 19.90 20.04
N LEU I 577 34.95 18.96 20.24
CA LEU I 577 33.52 19.27 20.14
C LEU I 577 32.76 18.22 20.93
N SER I 578 31.45 18.42 21.03
CA SER I 578 30.61 17.54 21.82
C SER I 578 29.24 17.42 21.19
N ALA I 579 28.47 16.47 21.72
CA ALA I 579 27.11 16.23 21.28
C ALA I 579 26.34 15.60 22.43
N HIS I 580 25.02 15.71 22.38
CA HIS I 580 24.14 15.15 23.39
C HIS I 580 23.08 14.30 22.73
N ILE I 581 22.64 13.26 23.44
CA ILE I 581 21.55 12.43 22.95
C ILE I 581 20.66 12.05 24.13
N ASN I 582 19.38 12.40 24.04
CA ASN I 582 18.40 11.93 25.02
C ASN I 582 17.98 10.52 24.63
N MET I 583 18.44 9.54 25.39
CA MET I 583 18.09 8.16 25.11
C MET I 583 16.60 7.95 25.37
N PRO I 584 15.87 7.34 24.45
CA PRO I 584 14.44 7.13 24.67
C PRO I 584 14.16 6.09 25.74
N MET I 585 12.89 5.77 25.96
CA MET I 585 12.52 4.80 26.97
C MET I 585 12.90 3.40 26.50
N SER I 586 13.00 2.49 27.47
CA SER I 586 13.60 1.18 27.21
C SER I 586 12.64 0.22 26.53
N GLU I 587 11.38 0.18 26.95
CA GLU I 587 10.45 -0.85 26.51
C GLU I 587 11.02 -2.25 26.76
N GLY I 588 11.53 -2.44 27.97
CA GLY I 588 12.25 -3.65 28.31
C GLY I 588 11.35 -4.83 28.60
N LEU I 589 11.79 -5.71 29.49
CA LEU I 589 11.04 -6.90 29.83
C LEU I 589 11.17 -7.24 31.32
#